data_2LAH
#
_entry.id   2LAH
#
_entity_poly.entity_id   1
_entity_poly.type   'polypeptide(L)'
_entity_poly.pdbx_seq_one_letter_code
;MGHHHHHHSHMDTPENVLQMLEAHMQSYKGNDPLGEWERYIQWVEENFPENKEYLITLLEHLMKEFLDKKKYHNDPRFIS
YCLKFAEYNSDLHQFFEFLYNHGIGTLSSPLYIAWAGHLEAQGELQHASAVLQRGIQNQAEPREFLQQQYRLFQTRLTET
;
_entity_poly.pdbx_strand_id   A
#
# COMPACT_ATOMS: atom_id res chain seq x y z
N MET A 1 -0.50 0.89 21.27
CA MET A 1 -0.80 0.08 22.48
C MET A 1 0.34 -0.94 22.73
N GLY A 2 1.30 -0.57 23.60
CA GLY A 2 2.49 -1.40 23.86
C GLY A 2 3.72 -0.58 24.29
N HIS A 3 3.56 0.76 24.41
CA HIS A 3 4.60 1.64 24.97
C HIS A 3 4.93 1.27 26.45
N HIS A 4 6.25 1.25 26.76
CA HIS A 4 6.81 0.85 28.09
C HIS A 4 6.63 -0.69 28.39
N HIS A 5 5.98 -1.43 27.47
CA HIS A 5 5.67 -2.87 27.67
C HIS A 5 6.86 -3.80 27.26
N HIS A 6 7.95 -3.19 26.70
CA HIS A 6 9.16 -3.94 26.27
C HIS A 6 9.78 -4.75 27.44
N HIS A 7 9.58 -6.08 27.40
CA HIS A 7 10.10 -7.05 28.39
C HIS A 7 11.50 -7.56 27.94
N HIS A 8 12.17 -8.36 28.78
CA HIS A 8 13.46 -9.02 28.44
C HIS A 8 13.32 -9.90 27.17
N SER A 9 13.76 -9.36 26.02
CA SER A 9 13.53 -9.96 24.68
C SER A 9 14.43 -9.29 23.62
N HIS A 10 14.71 -10.03 22.52
CA HIS A 10 15.43 -9.49 21.33
C HIS A 10 14.50 -8.56 20.49
N MET A 11 13.20 -8.59 20.79
CA MET A 11 12.16 -7.86 20.03
C MET A 11 11.38 -6.86 20.94
N ASP A 12 11.13 -5.65 20.42
CA ASP A 12 10.31 -4.61 21.11
C ASP A 12 8.83 -4.65 20.67
N THR A 13 8.07 -3.61 21.05
CA THR A 13 6.77 -3.31 20.41
C THR A 13 7.01 -2.78 18.96
N PRO A 14 6.11 -3.10 17.97
CA PRO A 14 6.23 -2.58 16.57
C PRO A 14 6.32 -1.04 16.51
N GLU A 15 5.69 -0.41 17.50
CA GLU A 15 5.74 1.04 17.73
C GLU A 15 7.19 1.58 17.82
N ASN A 16 8.08 0.93 18.62
CA ASN A 16 9.49 1.37 18.78
C ASN A 16 10.28 1.23 17.46
N VAL A 17 10.07 0.11 16.76
CA VAL A 17 10.69 -0.15 15.43
C VAL A 17 10.37 0.99 14.42
N LEU A 18 9.11 1.42 14.43
CA LEU A 18 8.64 2.59 13.65
C LEU A 18 9.20 3.92 14.22
N GLN A 19 9.27 4.06 15.55
CA GLN A 19 9.80 5.28 16.21
C GLN A 19 11.30 5.51 15.88
N MET A 20 12.02 4.42 15.55
CA MET A 20 13.44 4.51 15.13
C MET A 20 13.61 5.38 13.86
N LEU A 21 12.65 5.33 12.91
CA LEU A 21 12.66 6.27 11.75
C LEU A 21 11.97 7.61 12.11
N GLU A 22 10.93 7.58 12.98
CA GLU A 22 10.13 8.79 13.33
C GLU A 22 10.98 9.88 14.00
N ALA A 23 11.87 9.45 14.92
CA ALA A 23 12.84 10.34 15.58
C ALA A 23 13.78 11.04 14.56
N HIS A 24 14.09 10.29 13.48
CA HIS A 24 14.91 10.78 12.36
C HIS A 24 14.07 11.65 11.37
N MET A 25 12.75 11.39 11.32
CA MET A 25 11.79 12.12 10.46
C MET A 25 11.47 13.54 11.00
N GLN A 26 11.49 13.67 12.36
CA GLN A 26 11.20 14.97 13.06
C GLN A 26 12.01 16.16 12.49
N SER A 27 13.34 16.01 12.38
CA SER A 27 14.26 17.07 11.89
C SER A 27 14.87 16.71 10.52
N TYR A 28 14.19 15.81 9.77
CA TYR A 28 14.64 15.40 8.42
C TYR A 28 14.64 16.61 7.44
N LYS A 29 15.84 16.92 6.89
CA LYS A 29 16.07 18.12 6.04
C LYS A 29 15.28 18.06 4.71
N GLY A 30 15.73 17.17 3.79
CA GLY A 30 15.08 17.03 2.48
C GLY A 30 15.84 16.11 1.53
N ASN A 31 16.27 14.94 2.04
CA ASN A 31 16.98 13.91 1.24
C ASN A 31 15.98 12.78 0.86
N ASP A 32 14.72 13.17 0.60
CA ASP A 32 13.60 12.27 0.25
C ASP A 32 13.20 11.36 1.45
N PRO A 33 12.09 11.68 2.18
CA PRO A 33 11.63 10.88 3.37
C PRO A 33 11.20 9.42 3.04
N LEU A 34 10.69 9.16 1.80
CA LEU A 34 10.24 7.79 1.40
C LEU A 34 11.41 6.79 1.43
N GLY A 35 12.59 7.26 0.99
CA GLY A 35 13.82 6.47 0.98
C GLY A 35 14.27 5.97 2.36
N GLU A 36 13.78 6.62 3.44
CA GLU A 36 14.03 6.20 4.84
C GLU A 36 13.09 5.04 5.24
N TRP A 37 11.78 5.23 4.95
CA TRP A 37 10.73 4.24 5.28
C TRP A 37 10.95 2.89 4.57
N GLU A 38 11.32 2.93 3.27
CA GLU A 38 11.57 1.72 2.44
C GLU A 38 12.67 0.82 3.05
N ARG A 39 13.65 1.46 3.73
CA ARG A 39 14.74 0.75 4.45
C ARG A 39 14.18 -0.05 5.65
N TYR A 40 13.14 0.50 6.29
CA TYR A 40 12.48 -0.16 7.44
C TYR A 40 11.47 -1.23 7.00
N ILE A 41 10.84 -1.05 5.82
CA ILE A 41 9.96 -2.10 5.22
C ILE A 41 10.79 -3.36 4.87
N GLN A 42 11.97 -3.20 4.22
CA GLN A 42 12.87 -4.34 3.94
C GLN A 42 13.51 -4.90 5.24
N TRP A 43 13.86 -3.99 6.18
CA TRP A 43 14.52 -4.35 7.46
C TRP A 43 13.65 -5.30 8.30
N VAL A 44 12.36 -4.96 8.42
CA VAL A 44 11.41 -5.78 9.18
C VAL A 44 11.13 -7.14 8.46
N GLU A 45 11.23 -7.17 7.12
CA GLU A 45 11.03 -8.41 6.35
C GLU A 45 12.22 -9.39 6.50
N GLU A 46 13.44 -8.87 6.63
CA GLU A 46 14.66 -9.69 6.81
C GLU A 46 14.89 -10.08 8.31
N ASN A 47 14.58 -9.17 9.24
CA ASN A 47 14.75 -9.40 10.70
C ASN A 47 13.53 -10.15 11.31
N PHE A 48 12.33 -9.91 10.77
CA PHE A 48 11.06 -10.48 11.30
C PHE A 48 10.30 -11.23 10.16
N PRO A 49 10.64 -12.53 9.90
CA PRO A 49 10.07 -13.30 8.75
C PRO A 49 8.54 -13.60 8.89
N GLU A 50 8.11 -14.01 10.10
CA GLU A 50 6.68 -14.32 10.42
C GLU A 50 6.04 -13.26 11.34
N ASN A 51 6.86 -12.40 11.96
CA ASN A 51 6.39 -11.26 12.76
C ASN A 51 5.98 -10.08 11.83
N LYS A 52 4.88 -10.30 11.09
CA LYS A 52 4.31 -9.33 10.13
C LYS A 52 3.65 -8.13 10.84
N GLU A 53 3.30 -8.29 12.13
CA GLU A 53 2.66 -7.23 12.94
C GLU A 53 3.52 -5.94 12.99
N TYR A 54 4.86 -6.10 12.96
CA TYR A 54 5.81 -4.99 12.87
C TYR A 54 5.72 -4.31 11.47
N LEU A 55 5.81 -5.12 10.40
CA LEU A 55 5.72 -4.66 8.99
C LEU A 55 4.44 -3.83 8.74
N ILE A 56 3.29 -4.39 9.13
CA ILE A 56 1.96 -3.77 8.98
C ILE A 56 1.91 -2.40 9.67
N THR A 57 2.54 -2.28 10.86
CA THR A 57 2.68 -1.01 11.61
C THR A 57 3.41 0.07 10.76
N LEU A 58 4.52 -0.33 10.13
CA LEU A 58 5.29 0.55 9.22
C LEU A 58 4.45 0.96 7.97
N LEU A 59 3.66 0.00 7.43
CA LEU A 59 2.85 0.20 6.20
C LEU A 59 1.62 1.11 6.42
N GLU A 60 0.81 0.82 7.47
CA GLU A 60 -0.41 1.59 7.79
C GLU A 60 -0.09 3.06 8.17
N HIS A 61 1.09 3.28 8.77
CA HIS A 61 1.57 4.65 9.09
C HIS A 61 2.34 5.29 7.90
N LEU A 62 2.81 4.46 6.94
CA LEU A 62 3.45 4.93 5.68
C LEU A 62 2.43 5.72 4.82
N MET A 63 1.23 5.14 4.65
CA MET A 63 0.14 5.77 3.90
C MET A 63 -0.40 7.04 4.62
N LYS A 64 -0.22 7.11 5.95
CA LYS A 64 -0.56 8.30 6.75
C LYS A 64 0.46 9.45 6.53
N GLU A 65 1.78 9.15 6.64
CA GLU A 65 2.86 10.16 6.51
C GLU A 65 2.91 10.78 5.10
N PHE A 66 2.70 9.93 4.07
CA PHE A 66 2.77 10.37 2.65
C PHE A 66 1.38 10.61 2.03
N LEU A 67 0.33 10.57 2.87
CA LEU A 67 -1.06 10.88 2.49
C LEU A 67 -1.22 12.30 1.88
N ASP A 68 -0.92 13.32 2.69
CA ASP A 68 -1.10 14.75 2.31
C ASP A 68 0.20 15.31 1.69
N LYS A 69 1.23 14.46 1.57
CA LYS A 69 2.34 14.69 0.64
C LYS A 69 1.79 14.44 -0.78
N LYS A 70 1.16 15.49 -1.36
CA LYS A 70 0.34 15.36 -2.58
C LYS A 70 1.15 15.02 -3.85
N LYS A 71 2.47 15.18 -3.79
CA LYS A 71 3.38 14.79 -4.89
C LYS A 71 3.70 13.28 -4.89
N TYR A 72 3.38 12.58 -3.78
CA TYR A 72 3.51 11.10 -3.66
C TYR A 72 2.19 10.36 -4.00
N HIS A 73 1.13 11.10 -4.40
CA HIS A 73 -0.21 10.53 -4.74
C HIS A 73 -0.13 9.26 -5.62
N ASN A 74 0.64 9.32 -6.69
CA ASN A 74 0.64 8.29 -7.77
C ASN A 74 1.98 7.52 -7.83
N ASP A 75 2.79 7.65 -6.77
CA ASP A 75 4.13 7.01 -6.69
C ASP A 75 4.00 5.47 -6.78
N PRO A 76 4.54 4.80 -7.85
CA PRO A 76 4.32 3.35 -8.09
C PRO A 76 4.80 2.44 -6.93
N ARG A 77 5.86 2.90 -6.22
CA ARG A 77 6.44 2.18 -5.07
C ARG A 77 5.54 2.35 -3.82
N PHE A 78 5.17 3.60 -3.49
CA PHE A 78 4.25 3.93 -2.38
C PHE A 78 2.90 3.18 -2.50
N ILE A 79 2.33 3.16 -3.71
CA ILE A 79 1.11 2.38 -4.03
C ILE A 79 1.40 0.87 -3.94
N SER A 80 2.59 0.42 -4.39
CA SER A 80 3.02 -1.00 -4.29
C SER A 80 3.12 -1.45 -2.81
N TYR A 81 3.48 -0.53 -1.90
CA TYR A 81 3.51 -0.80 -0.43
C TYR A 81 2.10 -0.83 0.16
N CYS A 82 1.17 -0.09 -0.46
CA CYS A 82 -0.27 -0.20 -0.14
C CYS A 82 -0.83 -1.57 -0.60
N LEU A 83 -0.36 -2.06 -1.77
CA LEU A 83 -0.71 -3.40 -2.31
C LEU A 83 -0.11 -4.52 -1.42
N LYS A 84 1.12 -4.28 -0.95
CA LYS A 84 1.85 -5.16 -0.01
C LYS A 84 1.09 -5.25 1.33
N PHE A 85 0.62 -4.09 1.83
CA PHE A 85 -0.22 -3.99 3.04
C PHE A 85 -1.57 -4.73 2.86
N ALA A 86 -2.15 -4.62 1.65
CA ALA A 86 -3.48 -5.11 1.31
C ALA A 86 -3.70 -6.60 1.66
N GLU A 87 -2.71 -7.45 1.33
CA GLU A 87 -2.82 -8.92 1.53
C GLU A 87 -2.92 -9.34 3.02
N TYR A 88 -2.57 -8.41 3.94
CA TYR A 88 -2.61 -8.66 5.42
C TYR A 88 -3.92 -8.14 6.06
N ASN A 89 -4.77 -7.45 5.27
CA ASN A 89 -6.00 -6.79 5.78
C ASN A 89 -7.25 -7.24 4.99
N SER A 90 -8.34 -7.48 5.72
CA SER A 90 -9.65 -7.90 5.13
C SER A 90 -10.53 -6.69 4.73
N ASP A 91 -10.21 -5.49 5.27
CA ASP A 91 -10.95 -4.23 4.96
C ASP A 91 -10.43 -3.54 3.68
N LEU A 92 -10.36 -4.29 2.57
CA LEU A 92 -9.83 -3.77 1.28
C LEU A 92 -10.80 -2.81 0.56
N HIS A 93 -12.12 -2.97 0.76
CA HIS A 93 -13.11 -1.97 0.33
C HIS A 93 -12.76 -0.58 0.93
N GLN A 94 -12.76 -0.48 2.28
CA GLN A 94 -12.47 0.77 3.01
C GLN A 94 -11.06 1.31 2.67
N PHE A 95 -10.09 0.39 2.55
CA PHE A 95 -8.68 0.72 2.31
C PHE A 95 -8.47 1.39 0.93
N PHE A 96 -8.73 0.64 -0.16
CA PHE A 96 -8.52 1.14 -1.55
C PHE A 96 -9.46 2.33 -1.88
N GLU A 97 -10.65 2.37 -1.24
CA GLU A 97 -11.60 3.50 -1.39
C GLU A 97 -11.03 4.78 -0.78
N PHE A 98 -10.48 4.66 0.46
CA PHE A 98 -9.79 5.75 1.18
C PHE A 98 -8.64 6.35 0.34
N LEU A 99 -7.82 5.46 -0.24
CA LEU A 99 -6.72 5.84 -1.15
C LEU A 99 -7.25 6.66 -2.35
N TYR A 100 -8.27 6.11 -3.03
CA TYR A 100 -8.91 6.76 -4.20
C TYR A 100 -9.52 8.15 -3.85
N ASN A 101 -10.15 8.26 -2.66
CA ASN A 101 -10.75 9.53 -2.16
C ASN A 101 -9.68 10.60 -1.86
N HIS A 102 -8.49 10.16 -1.39
CA HIS A 102 -7.38 11.10 -1.06
C HIS A 102 -6.41 11.28 -2.27
N GLY A 103 -6.78 10.73 -3.45
CA GLY A 103 -5.97 10.91 -4.69
C GLY A 103 -4.81 9.93 -4.82
N ILE A 104 -4.64 9.04 -3.82
CA ILE A 104 -3.57 8.02 -3.82
C ILE A 104 -3.90 6.91 -4.87
N GLY A 105 -3.04 6.80 -5.91
CA GLY A 105 -3.15 5.76 -6.94
C GLY A 105 -4.13 6.08 -8.07
N THR A 106 -4.52 7.36 -8.25
CA THR A 106 -5.43 7.78 -9.35
C THR A 106 -4.81 7.58 -10.75
N LEU A 107 -3.48 7.75 -10.85
CA LEU A 107 -2.71 7.46 -12.09
C LEU A 107 -1.91 6.14 -11.97
N SER A 108 -2.30 5.28 -11.01
CA SER A 108 -1.68 3.94 -10.82
C SER A 108 -2.72 2.83 -11.10
N SER A 109 -2.63 2.21 -12.29
CA SER A 109 -3.47 1.04 -12.69
C SER A 109 -3.45 -0.13 -11.64
N PRO A 110 -2.24 -0.60 -11.14
CA PRO A 110 -2.16 -1.74 -10.15
C PRO A 110 -3.06 -1.58 -8.89
N LEU A 111 -3.44 -0.33 -8.55
CA LEU A 111 -4.37 -0.05 -7.43
C LEU A 111 -5.80 -0.59 -7.76
N TYR A 112 -6.32 -0.13 -8.92
CA TYR A 112 -7.67 -0.48 -9.40
C TYR A 112 -7.79 -1.99 -9.71
N ILE A 113 -6.73 -2.54 -10.33
CA ILE A 113 -6.62 -3.98 -10.65
C ILE A 113 -6.69 -4.84 -9.35
N ALA A 114 -5.95 -4.41 -8.30
CA ALA A 114 -5.90 -5.11 -6.99
C ALA A 114 -7.27 -5.13 -6.28
N TRP A 115 -7.93 -3.96 -6.23
CA TRP A 115 -9.25 -3.81 -5.60
C TRP A 115 -10.30 -4.66 -6.35
N ALA A 116 -10.32 -4.54 -7.71
CA ALA A 116 -11.22 -5.32 -8.58
C ALA A 116 -11.05 -6.86 -8.43
N GLY A 117 -9.78 -7.28 -8.27
CA GLY A 117 -9.44 -8.70 -8.00
C GLY A 117 -10.01 -9.22 -6.68
N HIS A 118 -9.92 -8.38 -5.64
CA HIS A 118 -10.55 -8.64 -4.33
C HIS A 118 -12.09 -8.79 -4.47
N LEU A 119 -12.72 -7.79 -5.11
CA LEU A 119 -14.18 -7.67 -5.21
C LEU A 119 -14.81 -8.85 -6.01
N GLU A 120 -14.15 -9.27 -7.10
CA GLU A 120 -14.52 -10.48 -7.88
C GLU A 120 -14.61 -11.72 -6.96
N ALA A 121 -13.57 -11.91 -6.13
CA ALA A 121 -13.46 -13.04 -5.19
C ALA A 121 -14.54 -12.99 -4.06
N GLN A 122 -15.18 -11.81 -3.89
CA GLN A 122 -16.30 -11.61 -2.94
C GLN A 122 -17.69 -11.77 -3.64
N GLY A 123 -17.74 -11.46 -4.95
CA GLY A 123 -19.00 -11.43 -5.72
C GLY A 123 -19.40 -10.02 -6.17
N GLU A 124 -18.58 -9.02 -5.79
CA GLU A 124 -18.72 -7.61 -6.20
C GLU A 124 -18.13 -7.37 -7.63
N LEU A 125 -18.55 -8.19 -8.59
CA LEU A 125 -18.16 -8.07 -10.01
C LEU A 125 -18.57 -6.73 -10.65
N GLN A 126 -19.82 -6.28 -10.40
CA GLN A 126 -20.35 -5.01 -10.93
C GLN A 126 -19.61 -3.78 -10.35
N HIS A 127 -19.32 -3.85 -9.03
CA HIS A 127 -18.57 -2.79 -8.31
C HIS A 127 -17.07 -2.77 -8.74
N ALA A 128 -16.50 -3.96 -8.97
CA ALA A 128 -15.12 -4.12 -9.44
C ALA A 128 -14.90 -3.53 -10.85
N SER A 129 -15.87 -3.81 -11.74
CA SER A 129 -15.96 -3.19 -13.07
C SER A 129 -16.04 -1.65 -12.95
N ALA A 130 -16.87 -1.19 -12.00
CA ALA A 130 -17.04 0.23 -11.66
C ALA A 130 -15.71 0.87 -11.17
N VAL A 131 -14.82 0.06 -10.57
CA VAL A 131 -13.47 0.52 -10.13
C VAL A 131 -12.49 0.59 -11.34
N LEU A 132 -12.55 -0.42 -12.22
CA LEU A 132 -11.65 -0.53 -13.40
C LEU A 132 -11.89 0.62 -14.41
N GLN A 133 -13.17 0.98 -14.60
CA GLN A 133 -13.56 2.11 -15.48
C GLN A 133 -13.11 3.47 -14.88
N ARG A 134 -13.06 3.56 -13.52
CA ARG A 134 -12.51 4.74 -12.81
C ARG A 134 -11.05 4.98 -13.20
N GLY A 135 -10.26 3.89 -13.25
CA GLY A 135 -8.88 3.95 -13.74
C GLY A 135 -8.76 4.45 -15.19
N ILE A 136 -9.56 3.84 -16.07
CA ILE A 136 -9.58 4.17 -17.53
C ILE A 136 -9.88 5.66 -17.80
N GLN A 137 -10.88 6.24 -17.11
CA GLN A 137 -11.26 7.67 -17.26
C GLN A 137 -10.25 8.62 -16.56
N ASN A 138 -9.66 8.17 -15.42
CA ASN A 138 -8.60 8.92 -14.70
C ASN A 138 -7.24 8.83 -15.42
N GLN A 139 -7.14 7.94 -16.45
CA GLN A 139 -5.92 7.73 -17.26
C GLN A 139 -4.77 7.08 -16.41
N ALA A 140 -5.14 6.09 -15.58
CA ALA A 140 -4.20 5.40 -14.68
C ALA A 140 -3.26 4.45 -15.45
N GLU A 141 -1.94 4.70 -15.34
CA GLU A 141 -0.91 3.96 -16.08
C GLU A 141 -0.47 2.66 -15.36
N PRO A 142 -0.29 1.50 -16.09
CA PRO A 142 -0.61 1.36 -17.55
C PRO A 142 -2.15 1.27 -17.87
N ARG A 143 -2.64 2.24 -18.67
CA ARG A 143 -4.06 2.30 -19.15
C ARG A 143 -4.46 1.05 -19.94
N GLU A 144 -3.55 0.57 -20.81
CA GLU A 144 -3.73 -0.65 -21.61
C GLU A 144 -4.01 -1.89 -20.74
N PHE A 145 -3.33 -1.96 -19.57
CA PHE A 145 -3.52 -3.06 -18.60
C PHE A 145 -4.94 -3.00 -17.97
N LEU A 146 -5.45 -1.77 -17.76
CA LEU A 146 -6.83 -1.55 -17.27
C LEU A 146 -7.87 -2.03 -18.29
N GLN A 147 -7.66 -1.69 -19.59
CA GLN A 147 -8.62 -2.00 -20.66
C GLN A 147 -8.64 -3.52 -20.99
N GLN A 148 -7.45 -4.16 -21.01
CA GLN A 148 -7.35 -5.62 -21.22
C GLN A 148 -7.94 -6.39 -20.03
N GLN A 149 -7.69 -5.93 -18.80
CA GLN A 149 -8.29 -6.54 -17.60
C GLN A 149 -9.79 -6.22 -17.50
N TYR A 150 -10.22 -5.07 -18.05
CA TYR A 150 -11.65 -4.67 -18.08
C TYR A 150 -12.45 -5.66 -18.94
N ARG A 151 -12.04 -5.84 -20.22
CA ARG A 151 -12.75 -6.70 -21.18
C ARG A 151 -12.72 -8.20 -20.79
N LEU A 152 -11.60 -8.65 -20.19
CA LEU A 152 -11.45 -10.03 -19.69
C LEU A 152 -12.33 -10.24 -18.43
N PHE A 153 -12.48 -9.18 -17.63
CA PHE A 153 -13.39 -9.16 -16.48
C PHE A 153 -14.88 -9.22 -16.93
N GLN A 154 -15.22 -8.48 -18.01
CA GLN A 154 -16.60 -8.39 -18.55
C GLN A 154 -17.05 -9.73 -19.16
N THR A 155 -16.10 -10.40 -19.87
CA THR A 155 -16.39 -11.72 -20.51
C THR A 155 -16.61 -12.82 -19.45
N ARG A 156 -16.17 -12.57 -18.20
CA ARG A 156 -16.45 -13.45 -17.04
C ARG A 156 -17.88 -13.24 -16.49
N LEU A 157 -18.18 -11.98 -16.08
CA LEU A 157 -19.47 -11.65 -15.40
C LEU A 157 -20.71 -11.81 -16.31
N THR A 158 -20.53 -11.67 -17.64
CA THR A 158 -21.61 -11.89 -18.63
C THR A 158 -22.04 -13.38 -18.70
N GLU A 159 -21.08 -14.29 -18.44
CA GLU A 159 -21.33 -15.75 -18.46
C GLU A 159 -21.87 -16.25 -17.11
N THR A 160 -21.41 -15.65 -16.00
CA THR A 160 -21.86 -15.99 -14.62
C THR A 160 -23.34 -15.55 -14.38
N MET A 1 20.34 -24.61 35.50
CA MET A 1 21.18 -25.71 34.94
C MET A 1 20.53 -26.31 33.66
N GLY A 2 21.27 -27.22 33.01
CA GLY A 2 20.77 -27.99 31.86
C GLY A 2 20.50 -27.14 30.61
N HIS A 3 19.24 -26.68 30.48
CA HIS A 3 18.78 -25.88 29.31
C HIS A 3 17.75 -24.80 29.75
N HIS A 4 18.03 -24.15 30.90
CA HIS A 4 17.16 -23.08 31.46
C HIS A 4 16.91 -21.95 30.42
N HIS A 5 15.66 -21.84 29.91
CA HIS A 5 15.33 -20.94 28.79
C HIS A 5 15.42 -19.45 29.17
N HIS A 6 15.88 -18.63 28.22
CA HIS A 6 16.07 -17.19 28.38
C HIS A 6 15.95 -16.48 27.01
N HIS A 7 15.04 -15.50 26.91
CA HIS A 7 14.75 -14.77 25.66
C HIS A 7 15.96 -13.90 25.22
N HIS A 8 16.86 -14.50 24.41
CA HIS A 8 18.13 -13.88 23.98
C HIS A 8 17.90 -12.71 23.00
N SER A 9 16.85 -12.82 22.16
CA SER A 9 16.48 -11.77 21.18
C SER A 9 16.11 -10.45 21.90
N HIS A 10 17.03 -9.44 21.86
CA HIS A 10 16.75 -8.09 22.38
C HIS A 10 15.75 -7.34 21.45
N MET A 11 14.47 -7.76 21.52
CA MET A 11 13.45 -7.36 20.55
C MET A 11 12.55 -6.25 21.13
N ASP A 12 12.72 -5.03 20.58
CA ASP A 12 11.90 -3.85 20.94
C ASP A 12 10.46 -3.97 20.40
N THR A 13 9.53 -3.19 20.96
CA THR A 13 8.13 -3.09 20.44
C THR A 13 8.12 -2.50 18.99
N PRO A 14 7.15 -2.94 18.10
CA PRO A 14 7.00 -2.39 16.71
C PRO A 14 7.03 -0.85 16.66
N GLU A 15 6.44 -0.26 17.72
CA GLU A 15 6.44 1.19 17.98
C GLU A 15 7.86 1.80 17.89
N ASN A 16 8.83 1.27 18.66
CA ASN A 16 10.23 1.81 18.70
C ASN A 16 10.94 1.72 17.32
N VAL A 17 10.78 0.56 16.64
CA VAL A 17 11.34 0.32 15.29
C VAL A 17 10.87 1.42 14.29
N LEU A 18 9.57 1.74 14.35
CA LEU A 18 8.95 2.81 13.54
C LEU A 18 9.37 4.24 14.03
N GLN A 19 9.45 4.43 15.37
CA GLN A 19 9.83 5.74 15.98
C GLN A 19 11.28 6.13 15.60
N MET A 20 12.10 5.12 15.28
CA MET A 20 13.46 5.30 14.76
C MET A 20 13.46 6.15 13.46
N LEU A 21 12.71 5.70 12.41
CA LEU A 21 12.64 6.47 11.14
C LEU A 21 11.86 7.80 11.33
N GLU A 22 10.87 7.80 12.26
CA GLU A 22 10.06 9.02 12.55
C GLU A 22 10.97 10.15 13.07
N ALA A 23 11.92 9.78 13.96
CA ALA A 23 12.92 10.70 14.51
C ALA A 23 13.84 11.28 13.41
N HIS A 24 14.11 10.49 12.36
CA HIS A 24 14.83 10.95 11.16
C HIS A 24 13.98 11.97 10.35
N MET A 25 12.70 11.61 10.11
CA MET A 25 11.73 12.42 9.32
C MET A 25 11.40 13.79 9.99
N GLN A 26 11.56 13.87 11.34
CA GLN A 26 11.39 15.14 12.10
C GLN A 26 12.20 16.32 11.49
N SER A 27 13.35 16.01 10.87
CA SER A 27 14.16 16.98 10.11
C SER A 27 14.03 16.74 8.59
N TYR A 28 14.23 15.48 8.17
CA TYR A 28 14.29 15.09 6.74
C TYR A 28 12.95 15.27 5.99
N LYS A 29 12.83 16.41 5.29
CA LYS A 29 11.89 16.60 4.17
C LYS A 29 12.73 16.81 2.90
N GLY A 30 13.27 15.70 2.36
CA GLY A 30 14.20 15.74 1.23
C GLY A 30 13.71 14.95 0.01
N ASN A 31 14.68 14.51 -0.81
CA ASN A 31 14.42 13.86 -2.12
C ASN A 31 13.67 12.50 -2.00
N ASP A 32 14.17 11.57 -1.14
CA ASP A 32 13.58 10.21 -0.98
C ASP A 32 13.25 9.89 0.51
N PRO A 33 12.12 10.43 1.07
CA PRO A 33 11.61 9.99 2.40
C PRO A 33 11.09 8.52 2.34
N LEU A 34 10.26 8.21 1.30
CA LEU A 34 9.76 6.84 1.04
C LEU A 34 10.92 5.84 0.89
N GLY A 35 12.05 6.32 0.30
CA GLY A 35 13.27 5.50 0.14
C GLY A 35 13.78 4.89 1.46
N GLU A 36 13.71 5.67 2.56
CA GLU A 36 14.11 5.20 3.91
C GLU A 36 13.08 4.22 4.51
N TRP A 37 11.79 4.49 4.27
CA TRP A 37 10.70 3.57 4.66
C TRP A 37 10.91 2.16 4.07
N GLU A 38 11.27 2.10 2.77
CA GLU A 38 11.55 0.83 2.05
C GLU A 38 12.65 0.01 2.75
N ARG A 39 13.68 0.73 3.27
CA ARG A 39 14.80 0.12 4.03
C ARG A 39 14.28 -0.53 5.33
N TYR A 40 13.33 0.14 6.01
CA TYR A 40 12.72 -0.35 7.28
C TYR A 40 11.72 -1.50 7.03
N ILE A 41 11.01 -1.46 5.89
CA ILE A 41 10.05 -2.52 5.49
C ILE A 41 10.79 -3.85 5.19
N GLN A 42 11.93 -3.78 4.48
CA GLN A 42 12.76 -4.99 4.22
C GLN A 42 13.60 -5.38 5.47
N TRP A 43 13.87 -4.39 6.36
CA TRP A 43 14.61 -4.62 7.62
C TRP A 43 13.79 -5.48 8.60
N VAL A 44 12.51 -5.15 8.76
CA VAL A 44 11.58 -5.96 9.56
C VAL A 44 11.35 -7.34 8.91
N GLU A 45 11.32 -7.43 7.57
CA GLU A 45 11.11 -8.71 6.87
C GLU A 45 12.31 -9.68 7.06
N GLU A 46 13.55 -9.13 7.08
CA GLU A 46 14.77 -9.96 7.26
C GLU A 46 15.04 -10.32 8.75
N ASN A 47 14.90 -9.33 9.67
CA ASN A 47 15.22 -9.52 11.11
C ASN A 47 14.01 -10.03 11.94
N PHE A 48 12.78 -9.76 11.45
CA PHE A 48 11.52 -10.20 12.12
C PHE A 48 10.54 -10.88 11.11
N PRO A 49 10.93 -12.04 10.46
CA PRO A 49 10.12 -12.68 9.37
C PRO A 49 8.67 -13.04 9.79
N GLU A 50 8.52 -13.75 10.92
CA GLU A 50 7.20 -14.20 11.42
C GLU A 50 6.51 -13.12 12.27
N ASN A 51 7.28 -12.12 12.74
CA ASN A 51 6.76 -10.98 13.52
C ASN A 51 6.15 -9.91 12.57
N LYS A 52 5.01 -10.27 11.97
CA LYS A 52 4.30 -9.43 10.97
C LYS A 52 3.63 -8.20 11.61
N GLU A 53 3.37 -8.25 12.93
CA GLU A 53 2.82 -7.09 13.69
C GLU A 53 3.74 -5.84 13.56
N TYR A 54 5.06 -6.08 13.45
CA TYR A 54 6.06 -5.00 13.21
C TYR A 54 5.89 -4.40 11.80
N LEU A 55 5.95 -5.28 10.78
CA LEU A 55 5.83 -4.89 9.35
C LEU A 55 4.58 -4.03 9.08
N ILE A 56 3.43 -4.52 9.58
CA ILE A 56 2.12 -3.86 9.41
C ILE A 56 2.09 -2.47 10.11
N THR A 57 2.76 -2.36 11.28
CA THR A 57 2.95 -1.07 12.00
C THR A 57 3.67 -0.03 11.10
N LEU A 58 4.74 -0.48 10.42
CA LEU A 58 5.50 0.34 9.45
C LEU A 58 4.62 0.72 8.21
N LEU A 59 3.81 -0.24 7.73
CA LEU A 59 2.97 -0.09 6.51
C LEU A 59 1.78 0.89 6.70
N GLU A 60 1.06 0.77 7.82
CA GLU A 60 -0.09 1.64 8.14
C GLU A 60 0.33 3.12 8.37
N HIS A 61 1.48 3.34 9.05
CA HIS A 61 2.04 4.71 9.23
C HIS A 61 2.57 5.25 7.89
N LEU A 62 3.01 4.35 7.00
CA LEU A 62 3.54 4.69 5.67
C LEU A 62 2.47 5.41 4.80
N MET A 63 1.26 4.82 4.73
CA MET A 63 0.13 5.44 3.99
C MET A 63 -0.36 6.72 4.68
N LYS A 64 -0.31 6.75 6.03
CA LYS A 64 -0.68 7.95 6.82
C LYS A 64 0.38 9.09 6.69
N GLU A 65 1.65 8.71 6.48
CA GLU A 65 2.76 9.65 6.31
C GLU A 65 2.67 10.37 4.96
N PHE A 66 2.48 9.60 3.88
CA PHE A 66 2.41 10.15 2.50
C PHE A 66 0.95 10.35 2.03
N LEU A 67 0.00 10.17 2.97
CA LEU A 67 -1.44 10.47 2.74
C LEU A 67 -1.63 11.90 2.18
N ASP A 68 -1.24 12.91 2.95
CA ASP A 68 -1.37 14.33 2.56
C ASP A 68 -0.10 14.86 1.86
N LYS A 69 0.97 14.03 1.78
CA LYS A 69 2.08 14.29 0.84
C LYS A 69 1.58 13.95 -0.58
N LYS A 70 0.90 14.94 -1.19
CA LYS A 70 0.20 14.78 -2.47
C LYS A 70 1.16 14.44 -3.63
N LYS A 71 2.43 14.77 -3.43
CA LYS A 71 3.54 14.45 -4.34
C LYS A 71 3.76 12.92 -4.57
N TYR A 72 3.28 12.06 -3.64
CA TYR A 72 3.41 10.55 -3.74
C TYR A 72 2.07 9.83 -4.08
N HIS A 73 0.98 10.56 -4.34
CA HIS A 73 -0.34 9.94 -4.65
C HIS A 73 -0.31 9.03 -5.89
N ASN A 74 0.49 9.39 -6.89
CA ASN A 74 0.55 8.65 -8.17
C ASN A 74 1.82 7.78 -8.29
N ASP A 75 2.53 7.63 -7.16
CA ASP A 75 3.80 6.87 -7.10
C ASP A 75 3.52 5.35 -7.01
N PRO A 76 3.95 4.53 -8.03
CA PRO A 76 3.65 3.07 -8.06
C PRO A 76 4.26 2.28 -6.87
N ARG A 77 5.32 2.83 -6.22
CA ARG A 77 5.99 2.16 -5.08
C ARG A 77 5.22 2.41 -3.77
N PHE A 78 4.78 3.67 -3.56
CA PHE A 78 3.91 4.03 -2.41
C PHE A 78 2.59 3.21 -2.45
N ILE A 79 1.95 3.18 -3.63
CA ILE A 79 0.74 2.37 -3.88
C ILE A 79 1.06 0.86 -3.75
N SER A 80 2.25 0.42 -4.21
CA SER A 80 2.71 -0.98 -4.06
C SER A 80 2.74 -1.43 -2.59
N TYR A 81 3.11 -0.50 -1.69
CA TYR A 81 3.15 -0.78 -0.23
C TYR A 81 1.76 -0.71 0.43
N CYS A 82 0.82 0.02 -0.19
CA CYS A 82 -0.61 -0.07 0.19
C CYS A 82 -1.20 -1.44 -0.21
N LEU A 83 -0.77 -1.98 -1.38
CA LEU A 83 -1.18 -3.34 -1.86
C LEU A 83 -0.54 -4.44 -0.98
N LYS A 84 0.74 -4.20 -0.61
CA LYS A 84 1.53 -5.03 0.30
C LYS A 84 0.87 -5.08 1.69
N PHE A 85 0.37 -3.95 2.17
CA PHE A 85 -0.39 -3.90 3.41
C PHE A 85 -1.76 -4.61 3.26
N ALA A 86 -2.40 -4.40 2.10
CA ALA A 86 -3.78 -4.86 1.81
C ALA A 86 -3.96 -6.38 1.96
N GLU A 87 -2.95 -7.16 1.55
CA GLU A 87 -3.01 -8.63 1.62
C GLU A 87 -3.04 -9.18 3.08
N TYR A 88 -2.69 -8.32 4.06
CA TYR A 88 -2.76 -8.64 5.51
C TYR A 88 -4.12 -8.23 6.13
N ASN A 89 -5.05 -7.71 5.29
CA ASN A 89 -6.38 -7.21 5.71
C ASN A 89 -7.51 -7.80 4.81
N SER A 90 -8.75 -7.84 5.32
CA SER A 90 -9.91 -8.44 4.60
C SER A 90 -10.87 -7.37 4.01
N ASP A 91 -11.06 -6.25 4.72
CA ASP A 91 -12.01 -5.17 4.31
C ASP A 91 -11.40 -4.20 3.27
N LEU A 92 -10.92 -4.78 2.14
CA LEU A 92 -10.23 -4.03 1.06
C LEU A 92 -11.20 -3.15 0.24
N HIS A 93 -12.52 -3.49 0.27
CA HIS A 93 -13.60 -2.59 -0.18
C HIS A 93 -13.41 -1.19 0.43
N GLN A 94 -13.37 -1.13 1.77
CA GLN A 94 -13.25 0.14 2.54
C GLN A 94 -11.83 0.73 2.45
N PHE A 95 -10.81 -0.16 2.44
CA PHE A 95 -9.39 0.25 2.37
C PHE A 95 -9.06 1.05 1.09
N PHE A 96 -9.23 0.41 -0.08
CA PHE A 96 -8.94 1.05 -1.38
C PHE A 96 -9.96 2.18 -1.71
N GLU A 97 -11.15 2.13 -1.10
CA GLU A 97 -12.16 3.21 -1.17
C GLU A 97 -11.61 4.51 -0.54
N PHE A 98 -11.12 4.39 0.70
CA PHE A 98 -10.45 5.50 1.44
C PHE A 98 -9.27 6.10 0.64
N LEU A 99 -8.45 5.21 0.04
CA LEU A 99 -7.31 5.59 -0.80
C LEU A 99 -7.79 6.47 -1.99
N TYR A 100 -8.70 5.93 -2.81
CA TYR A 100 -9.25 6.62 -3.99
C TYR A 100 -9.94 7.98 -3.61
N ASN A 101 -10.64 7.98 -2.46
CA ASN A 101 -11.32 9.19 -1.92
C ASN A 101 -10.32 10.28 -1.48
N HIS A 102 -9.12 9.87 -1.02
CA HIS A 102 -8.03 10.83 -0.67
C HIS A 102 -7.11 11.13 -1.89
N GLY A 103 -7.45 10.57 -3.07
CA GLY A 103 -6.65 10.79 -4.30
C GLY A 103 -5.41 9.89 -4.39
N ILE A 104 -5.28 8.92 -3.47
CA ILE A 104 -4.19 7.93 -3.50
C ILE A 104 -4.44 6.91 -4.64
N GLY A 105 -3.50 6.86 -5.59
CA GLY A 105 -3.51 5.86 -6.67
C GLY A 105 -4.38 6.21 -7.87
N THR A 106 -4.75 7.50 -8.03
CA THR A 106 -5.60 7.96 -9.15
C THR A 106 -4.91 7.81 -10.52
N LEU A 107 -3.57 7.99 -10.56
CA LEU A 107 -2.76 7.72 -11.77
C LEU A 107 -1.91 6.44 -11.64
N SER A 108 -2.33 5.53 -10.73
CA SER A 108 -1.67 4.22 -10.52
C SER A 108 -2.67 3.07 -10.78
N SER A 109 -2.52 2.42 -11.96
CA SER A 109 -3.32 1.21 -12.34
C SER A 109 -3.31 0.07 -11.26
N PRO A 110 -2.12 -0.35 -10.67
CA PRO A 110 -2.07 -1.45 -9.64
C PRO A 110 -3.07 -1.29 -8.45
N LEU A 111 -3.48 -0.03 -8.13
CA LEU A 111 -4.52 0.25 -7.13
C LEU A 111 -5.87 -0.42 -7.53
N TYR A 112 -6.32 -0.07 -8.75
CA TYR A 112 -7.62 -0.51 -9.30
C TYR A 112 -7.64 -2.03 -9.56
N ILE A 113 -6.51 -2.56 -10.08
CA ILE A 113 -6.38 -4.01 -10.39
C ILE A 113 -6.51 -4.89 -9.12
N ALA A 114 -5.86 -4.46 -8.02
CA ALA A 114 -5.92 -5.18 -6.72
C ALA A 114 -7.29 -5.03 -6.02
N TRP A 115 -7.90 -3.82 -6.13
CA TRP A 115 -9.24 -3.55 -5.57
C TRP A 115 -10.30 -4.43 -6.28
N ALA A 116 -10.41 -4.26 -7.60
CA ALA A 116 -11.34 -5.02 -8.46
C ALA A 116 -11.13 -6.54 -8.37
N GLY A 117 -9.85 -6.96 -8.24
CA GLY A 117 -9.49 -8.38 -8.03
C GLY A 117 -10.10 -8.95 -6.75
N HIS A 118 -10.05 -8.17 -5.65
CA HIS A 118 -10.66 -8.54 -4.36
C HIS A 118 -12.20 -8.61 -4.47
N LEU A 119 -12.81 -7.59 -5.10
CA LEU A 119 -14.29 -7.44 -5.17
C LEU A 119 -14.95 -8.59 -5.98
N GLU A 120 -14.32 -8.98 -7.11
CA GLU A 120 -14.71 -10.17 -7.92
C GLU A 120 -14.87 -11.45 -7.04
N ALA A 121 -13.89 -11.68 -6.15
CA ALA A 121 -13.90 -12.80 -5.19
C ALA A 121 -15.04 -12.67 -4.14
N GLN A 122 -15.49 -11.43 -3.87
CA GLN A 122 -16.61 -11.14 -2.96
C GLN A 122 -17.98 -11.29 -3.68
N GLY A 123 -17.98 -11.14 -5.02
CA GLY A 123 -19.23 -11.16 -5.81
C GLY A 123 -19.69 -9.76 -6.18
N GLU A 124 -18.78 -8.80 -6.02
CA GLU A 124 -18.95 -7.40 -6.44
C GLU A 124 -18.34 -7.19 -7.85
N LEU A 125 -18.70 -8.05 -8.81
CA LEU A 125 -18.25 -7.96 -10.23
C LEU A 125 -18.62 -6.60 -10.88
N GLN A 126 -19.84 -6.11 -10.59
CA GLN A 126 -20.34 -4.82 -11.13
C GLN A 126 -19.59 -3.61 -10.50
N HIS A 127 -19.33 -3.67 -9.19
CA HIS A 127 -18.57 -2.62 -8.48
C HIS A 127 -17.08 -2.63 -8.91
N ALA A 128 -16.52 -3.82 -9.12
CA ALA A 128 -15.14 -4.01 -9.59
C ALA A 128 -14.94 -3.49 -11.04
N SER A 129 -15.97 -3.69 -11.88
CA SER A 129 -16.06 -3.05 -13.22
C SER A 129 -16.08 -1.51 -13.08
N ALA A 130 -16.89 -1.04 -12.11
CA ALA A 130 -17.01 0.39 -11.75
C ALA A 130 -15.70 0.97 -11.17
N VAL A 131 -14.78 0.10 -10.72
CA VAL A 131 -13.43 0.49 -10.26
C VAL A 131 -12.43 0.60 -11.44
N LEU A 132 -12.38 -0.42 -12.31
CA LEU A 132 -11.43 -0.47 -13.44
C LEU A 132 -11.68 0.66 -14.47
N GLN A 133 -12.97 0.98 -14.71
CA GLN A 133 -13.36 2.12 -15.59
C GLN A 133 -12.86 3.48 -15.04
N ARG A 134 -12.78 3.61 -13.69
CA ARG A 134 -12.24 4.82 -13.03
C ARG A 134 -10.80 5.08 -13.48
N GLY A 135 -9.95 4.05 -13.40
CA GLY A 135 -8.54 4.16 -13.83
C GLY A 135 -8.39 4.57 -15.29
N ILE A 136 -9.21 3.95 -16.16
CA ILE A 136 -9.23 4.23 -17.61
C ILE A 136 -9.53 5.72 -17.91
N GLN A 137 -10.62 6.25 -17.32
CA GLN A 137 -11.04 7.66 -17.52
C GLN A 137 -10.15 8.68 -16.75
N ASN A 138 -9.49 8.23 -15.66
CA ASN A 138 -8.51 9.05 -14.91
C ASN A 138 -7.14 9.12 -15.64
N GLN A 139 -6.97 8.26 -16.67
CA GLN A 139 -5.71 8.14 -17.45
C GLN A 139 -4.55 7.59 -16.57
N ALA A 140 -4.88 6.64 -15.68
CA ALA A 140 -3.91 5.99 -14.76
C ALA A 140 -2.94 5.06 -15.52
N GLU A 141 -1.62 5.23 -15.29
CA GLU A 141 -0.59 4.41 -15.98
C GLU A 141 -0.31 3.06 -15.24
N PRO A 142 -0.17 1.90 -15.98
CA PRO A 142 -0.42 1.78 -17.44
C PRO A 142 -1.94 1.76 -17.80
N ARG A 143 -2.36 2.68 -18.69
CA ARG A 143 -3.76 2.76 -19.20
C ARG A 143 -4.16 1.47 -19.92
N GLU A 144 -3.32 1.04 -20.89
CA GLU A 144 -3.53 -0.18 -21.70
C GLU A 144 -3.73 -1.43 -20.80
N PHE A 145 -2.96 -1.50 -19.69
CA PHE A 145 -3.09 -2.58 -18.69
C PHE A 145 -4.47 -2.57 -18.01
N LEU A 146 -5.00 -1.37 -17.72
CA LEU A 146 -6.36 -1.18 -17.18
C LEU A 146 -7.45 -1.63 -18.16
N GLN A 147 -7.28 -1.26 -19.43
CA GLN A 147 -8.28 -1.50 -20.50
C GLN A 147 -8.35 -2.99 -20.90
N GLN A 148 -7.18 -3.67 -20.93
CA GLN A 148 -7.10 -5.12 -21.18
C GLN A 148 -7.65 -5.90 -19.97
N GLN A 149 -7.29 -5.49 -18.73
CA GLN A 149 -7.82 -6.12 -17.50
C GLN A 149 -9.34 -5.85 -17.34
N TYR A 150 -9.79 -4.69 -17.84
CA TYR A 150 -11.23 -4.33 -17.87
C TYR A 150 -12.01 -5.30 -18.77
N ARG A 151 -11.60 -5.42 -20.05
CA ARG A 151 -12.31 -6.27 -21.05
C ARG A 151 -12.19 -7.79 -20.72
N LEU A 152 -11.05 -8.21 -20.12
CA LEU A 152 -10.85 -9.61 -19.66
C LEU A 152 -11.73 -9.89 -18.41
N PHE A 153 -11.94 -8.85 -17.59
CA PHE A 153 -12.91 -8.89 -16.48
C PHE A 153 -14.38 -8.97 -16.99
N GLN A 154 -14.70 -8.19 -18.05
CA GLN A 154 -16.07 -8.11 -18.61
C GLN A 154 -16.48 -9.44 -19.28
N THR A 155 -15.51 -10.07 -19.98
CA THR A 155 -15.75 -11.36 -20.67
C THR A 155 -16.02 -12.49 -19.63
N ARG A 156 -15.53 -12.31 -18.38
CA ARG A 156 -15.83 -13.24 -17.26
C ARG A 156 -17.30 -13.12 -16.81
N LEU A 157 -17.71 -11.89 -16.40
CA LEU A 157 -19.03 -11.65 -15.79
C LEU A 157 -20.22 -11.84 -16.78
N THR A 158 -19.96 -11.63 -18.09
CA THR A 158 -21.01 -11.89 -19.13
C THR A 158 -21.27 -13.41 -19.30
N GLU A 159 -20.24 -14.25 -19.06
CA GLU A 159 -20.35 -15.73 -19.16
C GLU A 159 -20.91 -16.35 -17.87
N THR A 160 -20.46 -15.82 -16.72
CA THR A 160 -20.79 -16.35 -15.37
C THR A 160 -20.97 -15.21 -14.34
N MET A 1 31.69 11.30 25.97
CA MET A 1 31.32 10.41 27.10
C MET A 1 29.81 10.52 27.46
N GLY A 2 29.02 11.28 26.66
CA GLY A 2 27.57 11.41 26.87
C GLY A 2 26.84 10.07 26.85
N HIS A 3 26.41 9.60 28.04
CA HIS A 3 25.88 8.23 28.25
C HIS A 3 24.54 8.00 27.50
N HIS A 4 24.66 7.58 26.24
CA HIS A 4 23.53 7.24 25.35
C HIS A 4 23.86 5.93 24.61
N HIS A 5 23.42 4.79 25.17
CA HIS A 5 23.78 3.45 24.66
C HIS A 5 22.53 2.67 24.17
N HIS A 6 22.66 2.02 23.00
CA HIS A 6 21.64 1.11 22.46
C HIS A 6 22.10 -0.35 22.61
N HIS A 7 21.18 -1.25 23.00
CA HIS A 7 21.47 -2.70 23.09
C HIS A 7 21.52 -3.34 21.68
N HIS A 8 22.25 -4.45 21.54
CA HIS A 8 22.24 -5.25 20.28
C HIS A 8 20.85 -5.93 20.08
N SER A 9 20.02 -5.30 19.22
CA SER A 9 18.59 -5.67 19.02
C SER A 9 18.38 -7.08 18.44
N HIS A 10 17.72 -7.94 19.23
CA HIS A 10 17.29 -9.28 18.79
C HIS A 10 15.82 -9.21 18.32
N MET A 11 14.87 -9.05 19.26
CA MET A 11 13.43 -8.83 18.96
C MET A 11 12.82 -7.78 19.92
N ASP A 12 12.85 -6.50 19.52
CA ASP A 12 12.15 -5.39 20.23
C ASP A 12 10.67 -5.35 19.84
N THR A 13 9.89 -4.49 20.52
CA THR A 13 8.48 -4.26 20.17
C THR A 13 8.35 -3.47 18.83
N PRO A 14 7.35 -3.83 17.95
CA PRO A 14 7.07 -3.08 16.67
C PRO A 14 7.07 -1.54 16.82
N GLU A 15 6.51 -1.06 17.95
CA GLU A 15 6.46 0.37 18.31
C GLU A 15 7.84 1.06 18.26
N ASN A 16 8.87 0.49 18.93
CA ASN A 16 10.24 1.07 18.90
C ASN A 16 10.89 1.00 17.51
N VAL A 17 10.60 -0.10 16.77
CA VAL A 17 11.03 -0.29 15.36
C VAL A 17 10.59 0.90 14.47
N LEU A 18 9.39 1.43 14.75
CA LEU A 18 8.88 2.64 14.08
C LEU A 18 9.41 3.97 14.73
N GLN A 19 9.27 4.12 16.05
CA GLN A 19 9.60 5.39 16.77
C GLN A 19 11.08 5.81 16.61
N MET A 20 11.97 4.84 16.29
CA MET A 20 13.40 5.13 16.07
C MET A 20 13.62 6.00 14.80
N LEU A 21 12.89 5.69 13.69
CA LEU A 21 12.97 6.49 12.45
C LEU A 21 12.23 7.82 12.66
N GLU A 22 11.14 7.77 13.47
CA GLU A 22 10.27 8.93 13.75
C GLU A 22 10.97 10.01 14.57
N ALA A 23 11.83 9.62 15.53
CA ALA A 23 12.59 10.56 16.38
C ALA A 23 13.49 11.50 15.53
N HIS A 24 14.06 10.96 14.45
CA HIS A 24 14.82 11.72 13.45
C HIS A 24 13.89 12.40 12.43
N MET A 25 12.77 11.73 12.10
CA MET A 25 11.78 12.20 11.09
C MET A 25 11.12 13.54 11.52
N GLN A 26 11.02 13.76 12.86
CA GLN A 26 10.60 15.05 13.46
C GLN A 26 11.38 16.26 12.87
N SER A 27 12.67 16.05 12.59
CA SER A 27 13.59 17.11 12.08
C SER A 27 14.25 16.73 10.74
N TYR A 28 13.82 15.61 10.10
CA TYR A 28 14.42 15.14 8.83
C TYR A 28 13.80 15.85 7.61
N LYS A 29 14.65 16.45 6.77
CA LYS A 29 14.27 17.03 5.47
C LYS A 29 14.93 16.23 4.32
N GLY A 30 14.11 15.76 3.36
CA GLY A 30 14.61 14.98 2.21
C GLY A 30 13.70 15.04 0.99
N ASN A 31 14.29 15.01 -0.22
CA ASN A 31 13.56 14.92 -1.50
C ASN A 31 12.86 13.55 -1.66
N ASP A 32 13.41 12.54 -0.97
CA ASP A 32 12.84 11.18 -0.89
C ASP A 32 12.88 10.64 0.57
N PRO A 33 11.88 11.00 1.42
CA PRO A 33 11.70 10.35 2.73
C PRO A 33 11.11 8.92 2.63
N LEU A 34 10.53 8.56 1.45
CA LEU A 34 9.95 7.22 1.21
C LEU A 34 11.03 6.14 1.33
N GLY A 35 12.16 6.36 0.62
CA GLY A 35 13.32 5.46 0.67
C GLY A 35 13.86 5.20 2.08
N GLU A 36 13.77 6.23 2.94
CA GLU A 36 14.20 6.15 4.37
C GLU A 36 13.34 5.14 5.16
N TRP A 37 12.01 5.20 4.92
CA TRP A 37 11.04 4.22 5.45
C TRP A 37 11.27 2.83 4.86
N GLU A 38 11.53 2.78 3.53
CA GLU A 38 11.71 1.51 2.77
C GLU A 38 12.90 0.68 3.32
N ARG A 39 13.90 1.37 3.92
CA ARG A 39 15.03 0.71 4.65
C ARG A 39 14.52 -0.17 5.81
N TYR A 40 13.44 0.30 6.47
CA TYR A 40 12.78 -0.42 7.58
C TYR A 40 11.77 -1.47 7.07
N ILE A 41 10.93 -1.09 6.09
CA ILE A 41 10.01 -2.02 5.37
C ILE A 41 10.74 -3.33 4.91
N GLN A 42 11.98 -3.20 4.41
CA GLN A 42 12.80 -4.39 4.06
C GLN A 42 13.50 -5.00 5.31
N TRP A 43 13.93 -4.13 6.28
CA TRP A 43 14.63 -4.56 7.51
C TRP A 43 13.81 -5.59 8.33
N VAL A 44 12.50 -5.36 8.43
CA VAL A 44 11.55 -6.33 9.00
C VAL A 44 11.42 -7.60 8.12
N GLU A 45 11.31 -7.45 6.79
CA GLU A 45 11.10 -8.62 5.90
C GLU A 45 12.32 -9.58 5.87
N GLU A 46 13.52 -9.06 6.22
CA GLU A 46 14.77 -9.88 6.31
C GLU A 46 15.05 -10.39 7.76
N ASN A 47 14.93 -9.51 8.79
CA ASN A 47 15.25 -9.85 10.22
C ASN A 47 14.02 -10.43 10.98
N PHE A 48 12.81 -10.13 10.49
CA PHE A 48 11.51 -10.53 11.13
C PHE A 48 10.43 -10.99 10.08
N PRO A 49 10.75 -11.90 9.08
CA PRO A 49 9.78 -12.24 7.98
C PRO A 49 8.49 -12.90 8.51
N GLU A 50 8.64 -13.69 9.58
CA GLU A 50 7.53 -14.35 10.28
C GLU A 50 6.77 -13.32 11.15
N ASN A 51 7.51 -12.36 11.73
CA ASN A 51 6.96 -11.27 12.56
C ASN A 51 6.48 -10.10 11.66
N LYS A 52 5.34 -10.31 11.02
CA LYS A 52 4.76 -9.40 10.01
C LYS A 52 4.16 -8.11 10.63
N GLU A 53 3.75 -8.14 11.92
CA GLU A 53 3.14 -6.96 12.59
C GLU A 53 4.14 -5.79 12.75
N TYR A 54 5.45 -6.10 12.69
CA TYR A 54 6.52 -5.07 12.65
C TYR A 54 6.44 -4.26 11.33
N LEU A 55 6.21 -4.99 10.20
CA LEU A 55 6.04 -4.39 8.87
C LEU A 55 4.75 -3.56 8.79
N ILE A 56 3.63 -4.16 9.26
CA ILE A 56 2.29 -3.50 9.25
C ILE A 56 2.32 -2.18 10.06
N THR A 57 3.08 -2.19 11.18
CA THR A 57 3.40 -0.99 12.00
C THR A 57 4.06 0.15 11.16
N LEU A 58 4.93 -0.25 10.24
CA LEU A 58 5.60 0.68 9.32
C LEU A 58 4.68 1.08 8.15
N LEU A 59 3.75 0.18 7.75
CA LEU A 59 2.88 0.36 6.54
C LEU A 59 1.71 1.34 6.78
N GLU A 60 0.93 1.16 7.87
CA GLU A 60 -0.21 2.05 8.15
C GLU A 60 0.24 3.48 8.54
N HIS A 61 1.41 3.61 9.20
CA HIS A 61 2.04 4.93 9.44
C HIS A 61 2.74 5.48 8.17
N LEU A 62 3.18 4.59 7.26
CA LEU A 62 3.76 4.99 5.94
C LEU A 62 2.72 5.74 5.12
N MET A 63 1.54 5.14 4.98
CA MET A 63 0.45 5.71 4.18
C MET A 63 -0.22 6.91 4.86
N LYS A 64 -0.17 6.97 6.21
CA LYS A 64 -0.66 8.14 6.98
C LYS A 64 0.36 9.31 6.98
N GLU A 65 1.65 9.03 6.80
CA GLU A 65 2.72 10.07 6.66
C GLU A 65 2.72 10.67 5.23
N PHE A 66 2.68 9.77 4.22
CA PHE A 66 2.75 10.15 2.80
C PHE A 66 1.35 10.34 2.16
N LEU A 67 0.29 10.23 2.99
CA LEU A 67 -1.11 10.50 2.56
C LEU A 67 -1.24 11.89 1.92
N ASP A 68 -0.90 12.94 2.68
CA ASP A 68 -1.06 14.34 2.24
C ASP A 68 0.14 14.82 1.37
N LYS A 69 1.20 13.99 1.30
CA LYS A 69 2.30 14.22 0.33
C LYS A 69 1.79 13.97 -1.10
N LYS A 70 1.34 15.05 -1.76
CA LYS A 70 0.62 14.98 -3.06
C LYS A 70 1.53 14.58 -4.24
N LYS A 71 2.86 14.66 -4.04
CA LYS A 71 3.87 14.13 -4.98
C LYS A 71 3.88 12.58 -4.99
N TYR A 72 3.48 11.95 -3.87
CA TYR A 72 3.45 10.47 -3.71
C TYR A 72 2.07 9.84 -4.05
N HIS A 73 1.07 10.66 -4.39
CA HIS A 73 -0.31 10.16 -4.70
C HIS A 73 -0.33 9.21 -5.92
N ASN A 74 0.57 9.41 -6.90
CA ASN A 74 0.64 8.56 -8.11
C ASN A 74 2.03 7.87 -8.20
N ASP A 75 2.70 7.74 -7.05
CA ASP A 75 4.01 7.11 -6.93
C ASP A 75 3.86 5.56 -6.90
N PRO A 76 4.30 4.82 -7.97
CA PRO A 76 4.13 3.34 -8.05
C PRO A 76 4.70 2.56 -6.84
N ARG A 77 5.79 3.07 -6.22
CA ARG A 77 6.40 2.45 -5.01
C ARG A 77 5.48 2.63 -3.77
N PHE A 78 5.01 3.87 -3.53
CA PHE A 78 4.09 4.18 -2.41
C PHE A 78 2.75 3.39 -2.52
N ILE A 79 2.14 3.41 -3.72
CA ILE A 79 0.90 2.65 -4.04
C ILE A 79 1.14 1.13 -3.88
N SER A 80 2.33 0.65 -4.28
CA SER A 80 2.75 -0.77 -4.09
C SER A 80 2.70 -1.18 -2.61
N TYR A 81 3.06 -0.25 -1.69
CA TYR A 81 3.03 -0.50 -0.23
C TYR A 81 1.61 -0.44 0.35
N CYS A 82 0.71 0.30 -0.31
CA CYS A 82 -0.74 0.23 -0.01
C CYS A 82 -1.31 -1.14 -0.44
N LEU A 83 -0.84 -1.68 -1.59
CA LEU A 83 -1.22 -3.03 -2.08
C LEU A 83 -0.66 -4.14 -1.15
N LYS A 84 0.58 -3.93 -0.70
CA LYS A 84 1.28 -4.78 0.27
C LYS A 84 0.49 -4.84 1.59
N PHE A 85 0.16 -3.67 2.11
CA PHE A 85 -0.62 -3.52 3.35
C PHE A 85 -2.06 -4.06 3.20
N ALA A 86 -2.60 -3.95 1.96
CA ALA A 86 -3.99 -4.35 1.64
C ALA A 86 -4.32 -5.81 2.05
N GLU A 87 -3.46 -6.76 1.66
CA GLU A 87 -3.67 -8.20 1.95
C GLU A 87 -3.74 -8.51 3.47
N TYR A 88 -3.23 -7.58 4.31
CA TYR A 88 -3.27 -7.69 5.79
C TYR A 88 -4.57 -7.07 6.38
N ASN A 89 -5.55 -6.76 5.51
CA ASN A 89 -6.88 -6.20 5.88
C ASN A 89 -8.00 -6.96 5.13
N SER A 90 -9.21 -7.03 5.74
CA SER A 90 -10.40 -7.70 5.13
C SER A 90 -11.22 -6.73 4.25
N ASP A 91 -11.56 -5.56 4.82
CA ASP A 91 -12.43 -4.55 4.18
C ASP A 91 -11.66 -3.65 3.17
N LEU A 92 -11.20 -4.27 2.08
CA LEU A 92 -10.49 -3.58 0.99
C LEU A 92 -11.41 -2.73 0.10
N HIS A 93 -12.72 -3.05 0.09
CA HIS A 93 -13.74 -2.14 -0.48
C HIS A 93 -13.78 -0.76 0.24
N GLN A 94 -13.49 -0.72 1.55
CA GLN A 94 -13.41 0.56 2.32
C GLN A 94 -12.00 1.17 2.24
N PHE A 95 -10.99 0.29 2.22
CA PHE A 95 -9.56 0.65 2.17
C PHE A 95 -9.18 1.40 0.86
N PHE A 96 -9.28 0.71 -0.29
CA PHE A 96 -8.93 1.29 -1.60
C PHE A 96 -9.88 2.45 -2.00
N GLU A 97 -11.10 2.44 -1.44
CA GLU A 97 -12.05 3.56 -1.60
C GLU A 97 -11.49 4.84 -0.98
N PHE A 98 -11.06 4.75 0.30
CA PHE A 98 -10.42 5.85 1.05
C PHE A 98 -9.17 6.40 0.31
N LEU A 99 -8.35 5.47 -0.22
CA LEU A 99 -7.16 5.82 -1.04
C LEU A 99 -7.59 6.67 -2.27
N TYR A 100 -8.57 6.15 -3.04
CA TYR A 100 -9.11 6.84 -4.23
C TYR A 100 -9.71 8.22 -3.88
N ASN A 101 -10.40 8.30 -2.70
CA ASN A 101 -11.04 9.54 -2.20
C ASN A 101 -9.98 10.61 -1.82
N HIS A 102 -8.79 10.15 -1.35
CA HIS A 102 -7.68 11.06 -1.00
C HIS A 102 -6.79 11.40 -2.24
N GLY A 103 -6.94 10.66 -3.34
CA GLY A 103 -6.10 10.82 -4.54
C GLY A 103 -4.96 9.81 -4.66
N ILE A 104 -4.87 8.87 -3.70
CA ILE A 104 -3.87 7.78 -3.73
C ILE A 104 -4.24 6.73 -4.80
N GLY A 105 -3.38 6.60 -5.83
CA GLY A 105 -3.52 5.58 -6.88
C GLY A 105 -4.40 5.98 -8.06
N THR A 106 -4.73 7.28 -8.21
CA THR A 106 -5.64 7.77 -9.29
C THR A 106 -5.01 7.64 -10.71
N LEU A 107 -3.70 7.92 -10.83
CA LEU A 107 -2.94 7.68 -12.09
C LEU A 107 -2.08 6.40 -12.00
N SER A 108 -2.44 5.51 -11.05
CA SER A 108 -1.76 4.21 -10.86
C SER A 108 -2.73 3.05 -11.12
N SER A 109 -2.59 2.37 -12.28
CA SER A 109 -3.32 1.13 -12.64
C SER A 109 -3.27 0.01 -11.55
N PRO A 110 -2.05 -0.32 -10.92
CA PRO A 110 -1.96 -1.37 -9.85
C PRO A 110 -2.97 -1.22 -8.69
N LEU A 111 -3.44 0.03 -8.40
CA LEU A 111 -4.50 0.28 -7.39
C LEU A 111 -5.82 -0.39 -7.82
N TYR A 112 -6.26 -0.08 -9.05
CA TYR A 112 -7.56 -0.53 -9.61
C TYR A 112 -7.59 -2.05 -9.85
N ILE A 113 -6.49 -2.60 -10.41
CA ILE A 113 -6.36 -4.05 -10.67
C ILE A 113 -6.42 -4.87 -9.35
N ALA A 114 -5.76 -4.35 -8.29
CA ALA A 114 -5.77 -4.97 -6.94
C ALA A 114 -7.16 -4.90 -6.28
N TRP A 115 -7.81 -3.72 -6.34
CA TRP A 115 -9.15 -3.48 -5.75
C TRP A 115 -10.20 -4.40 -6.44
N ALA A 116 -10.29 -4.29 -7.77
CA ALA A 116 -11.22 -5.09 -8.60
C ALA A 116 -11.00 -6.61 -8.44
N GLY A 117 -9.72 -7.02 -8.41
CA GLY A 117 -9.35 -8.43 -8.21
C GLY A 117 -9.86 -9.00 -6.87
N HIS A 118 -9.77 -8.18 -5.81
CA HIS A 118 -10.30 -8.52 -4.47
C HIS A 118 -11.84 -8.69 -4.51
N LEU A 119 -12.54 -7.68 -5.03
CA LEU A 119 -14.03 -7.62 -5.01
C LEU A 119 -14.65 -8.80 -5.78
N GLU A 120 -14.05 -9.15 -6.94
CA GLU A 120 -14.41 -10.36 -7.73
C GLU A 120 -14.42 -11.64 -6.86
N ALA A 121 -13.33 -11.84 -6.09
CA ALA A 121 -13.17 -13.00 -5.19
C ALA A 121 -14.18 -13.00 -4.01
N GLN A 122 -14.84 -11.84 -3.78
CA GLN A 122 -15.89 -11.70 -2.72
C GLN A 122 -17.31 -11.76 -3.32
N GLY A 123 -17.44 -11.52 -4.64
CA GLY A 123 -18.74 -11.55 -5.35
C GLY A 123 -19.18 -10.19 -5.91
N GLU A 124 -18.40 -9.15 -5.57
CA GLU A 124 -18.64 -7.75 -6.02
C GLU A 124 -18.07 -7.50 -7.44
N LEU A 125 -18.48 -8.31 -8.43
CA LEU A 125 -18.11 -8.16 -9.85
C LEU A 125 -18.57 -6.80 -10.46
N GLN A 126 -19.77 -6.32 -10.06
CA GLN A 126 -20.35 -5.06 -10.58
C GLN A 126 -19.64 -3.81 -9.98
N HIS A 127 -19.21 -3.92 -8.71
CA HIS A 127 -18.43 -2.86 -8.05
C HIS A 127 -16.98 -2.82 -8.61
N ALA A 128 -16.40 -4.00 -8.80
CA ALA A 128 -15.03 -4.19 -9.33
C ALA A 128 -14.86 -3.70 -10.78
N SER A 129 -15.84 -4.00 -11.63
CA SER A 129 -15.92 -3.49 -13.01
C SER A 129 -16.05 -1.95 -13.03
N ALA A 130 -16.84 -1.42 -12.08
CA ALA A 130 -16.99 0.03 -11.84
C ALA A 130 -15.67 0.69 -11.37
N VAL A 131 -14.73 -0.12 -10.84
CA VAL A 131 -13.37 0.34 -10.45
C VAL A 131 -12.41 0.37 -11.67
N LEU A 132 -12.45 -0.70 -12.49
CA LEU A 132 -11.56 -0.84 -13.69
C LEU A 132 -11.85 0.26 -14.74
N GLN A 133 -13.16 0.57 -14.95
CA GLN A 133 -13.59 1.65 -15.85
C GLN A 133 -13.07 3.03 -15.36
N ARG A 134 -12.96 3.21 -14.02
CA ARG A 134 -12.40 4.45 -13.43
C ARG A 134 -10.97 4.68 -13.93
N GLY A 135 -10.09 3.68 -13.71
CA GLY A 135 -8.68 3.79 -14.13
C GLY A 135 -8.48 4.13 -15.61
N ILE A 136 -9.32 3.51 -16.46
CA ILE A 136 -9.33 3.76 -17.92
C ILE A 136 -9.64 5.25 -18.24
N GLN A 137 -10.78 5.75 -17.73
CA GLN A 137 -11.23 7.15 -17.99
C GLN A 137 -10.37 8.19 -17.23
N ASN A 138 -9.70 7.76 -16.14
CA ASN A 138 -8.74 8.59 -15.37
C ASN A 138 -7.36 8.65 -16.08
N GLN A 139 -7.19 7.83 -17.15
CA GLN A 139 -5.95 7.77 -17.98
C GLN A 139 -4.74 7.29 -17.12
N ALA A 140 -4.95 6.18 -16.37
CA ALA A 140 -3.98 5.65 -15.37
C ALA A 140 -3.09 4.53 -15.95
N GLU A 141 -1.77 4.79 -16.03
CA GLU A 141 -0.79 3.84 -16.60
C GLU A 141 -0.36 2.74 -15.58
N PRO A 142 -0.09 1.44 -16.04
CA PRO A 142 -0.35 0.96 -17.44
C PRO A 142 -1.88 0.86 -17.82
N ARG A 143 -2.31 1.78 -18.71
CA ARG A 143 -3.73 1.94 -19.11
C ARG A 143 -4.21 0.78 -19.99
N GLU A 144 -3.37 0.36 -20.96
CA GLU A 144 -3.67 -0.78 -21.86
C GLU A 144 -3.84 -2.08 -21.03
N PHE A 145 -3.03 -2.23 -19.96
CA PHE A 145 -3.16 -3.33 -19.00
C PHE A 145 -4.54 -3.27 -18.28
N LEU A 146 -4.99 -2.06 -17.94
CA LEU A 146 -6.33 -1.81 -17.33
C LEU A 146 -7.45 -2.25 -18.29
N GLN A 147 -7.31 -1.91 -19.58
CA GLN A 147 -8.33 -2.17 -20.61
C GLN A 147 -8.42 -3.67 -20.99
N GLN A 148 -7.27 -4.37 -21.08
CA GLN A 148 -7.26 -5.83 -21.34
C GLN A 148 -7.84 -6.60 -20.14
N GLN A 149 -7.46 -6.19 -18.89
CA GLN A 149 -8.01 -6.81 -17.67
C GLN A 149 -9.50 -6.46 -17.50
N TYR A 150 -9.90 -5.27 -18.00
CA TYR A 150 -11.30 -4.82 -18.01
C TYR A 150 -12.18 -5.77 -18.87
N ARG A 151 -11.85 -5.91 -20.17
CA ARG A 151 -12.67 -6.72 -21.12
C ARG A 151 -12.74 -8.22 -20.69
N LEU A 152 -11.60 -8.75 -20.19
CA LEU A 152 -11.50 -10.14 -19.69
C LEU A 152 -12.37 -10.29 -18.42
N PHE A 153 -12.42 -9.23 -17.60
CA PHE A 153 -13.29 -9.16 -16.40
C PHE A 153 -14.80 -9.10 -16.79
N GLN A 154 -15.14 -8.28 -17.82
CA GLN A 154 -16.55 -8.03 -18.20
C GLN A 154 -17.19 -9.28 -18.81
N THR A 155 -16.39 -10.08 -19.55
CA THR A 155 -16.88 -11.34 -20.16
C THR A 155 -17.27 -12.38 -19.07
N ARG A 156 -16.71 -12.22 -17.85
CA ARG A 156 -16.98 -13.11 -16.68
C ARG A 156 -18.35 -12.79 -16.03
N LEU A 157 -18.73 -11.50 -16.02
CA LEU A 157 -20.01 -11.05 -15.39
C LEU A 157 -21.20 -10.99 -16.37
N THR A 158 -20.93 -10.74 -17.68
CA THR A 158 -22.00 -10.76 -18.73
C THR A 158 -22.17 -12.18 -19.30
N GLU A 159 -21.05 -12.97 -19.28
CA GLU A 159 -21.01 -14.38 -19.73
C GLU A 159 -21.48 -14.55 -21.19
N THR A 160 -21.01 -13.64 -22.08
CA THR A 160 -21.42 -13.55 -23.52
C THR A 160 -22.92 -13.11 -23.64
N MET A 1 27.46 5.12 37.27
CA MET A 1 26.20 5.89 37.44
C MET A 1 24.98 5.12 36.87
N GLY A 2 25.16 4.47 35.71
CA GLY A 2 24.07 3.73 35.05
C GLY A 2 24.29 3.58 33.54
N HIS A 3 24.47 2.34 33.08
CA HIS A 3 24.57 1.98 31.65
C HIS A 3 24.08 0.54 31.43
N HIS A 4 23.60 0.24 30.21
CA HIS A 4 22.99 -1.07 29.88
C HIS A 4 24.05 -2.20 29.78
N HIS A 5 25.06 -2.00 28.89
CA HIS A 5 26.15 -2.97 28.60
C HIS A 5 25.65 -4.36 28.10
N HIS A 6 25.07 -5.17 29.00
CA HIS A 6 24.54 -6.51 28.68
C HIS A 6 23.42 -6.48 27.60
N HIS A 7 23.79 -6.81 26.36
CA HIS A 7 22.85 -6.89 25.23
C HIS A 7 22.01 -8.19 25.31
N HIS A 8 20.89 -8.14 26.04
CA HIS A 8 19.93 -9.25 26.10
C HIS A 8 19.17 -9.39 24.75
N SER A 9 19.11 -10.63 24.20
CA SER A 9 18.43 -10.90 22.91
C SER A 9 16.90 -10.73 23.05
N HIS A 10 16.43 -9.49 22.86
CA HIS A 10 15.01 -9.12 23.00
C HIS A 10 14.50 -8.46 21.70
N MET A 11 13.48 -9.06 21.09
CA MET A 11 12.79 -8.52 19.91
C MET A 11 11.85 -7.38 20.38
N ASP A 12 12.32 -6.14 20.23
CA ASP A 12 11.62 -4.93 20.71
C ASP A 12 10.36 -4.66 19.87
N THR A 13 9.32 -4.06 20.50
CA THR A 13 8.06 -3.70 19.80
C THR A 13 8.30 -2.82 18.55
N PRO A 14 7.54 -3.04 17.42
CA PRO A 14 7.69 -2.23 16.18
C PRO A 14 7.39 -0.73 16.38
N GLU A 15 6.78 -0.38 17.54
CA GLU A 15 6.60 1.01 17.97
C GLU A 15 7.96 1.75 18.07
N ASN A 16 8.93 1.12 18.76
CA ASN A 16 10.30 1.66 18.93
C ASN A 16 11.02 1.84 17.56
N VAL A 17 10.95 0.77 16.74
CA VAL A 17 11.50 0.73 15.36
C VAL A 17 10.95 1.90 14.49
N LEU A 18 9.65 2.15 14.65
CA LEU A 18 8.91 3.21 13.93
C LEU A 18 9.31 4.62 14.44
N GLN A 19 9.43 4.76 15.77
CA GLN A 19 9.86 6.03 16.41
C GLN A 19 11.32 6.41 16.04
N MET A 20 12.14 5.39 15.68
CA MET A 20 13.50 5.64 15.15
C MET A 20 13.47 6.48 13.85
N LEU A 21 12.70 6.01 12.82
CA LEU A 21 12.58 6.75 11.54
C LEU A 21 11.86 8.10 11.73
N GLU A 22 10.87 8.15 12.64
CA GLU A 22 10.13 9.38 12.97
C GLU A 22 11.07 10.46 13.53
N ALA A 23 11.99 10.05 14.42
CA ALA A 23 13.02 10.92 15.02
C ALA A 23 13.97 11.52 13.94
N HIS A 24 14.09 10.82 12.79
CA HIS A 24 14.82 11.33 11.61
C HIS A 24 13.91 12.28 10.76
N MET A 25 12.61 11.95 10.68
CA MET A 25 11.63 12.68 9.82
C MET A 25 11.32 14.10 10.34
N GLN A 26 11.30 14.28 11.68
CA GLN A 26 10.94 15.58 12.36
C GLN A 26 11.64 16.84 11.75
N SER A 27 12.87 16.68 11.23
CA SER A 27 13.64 17.79 10.59
C SER A 27 14.19 17.36 9.20
N TYR A 28 13.57 16.34 8.60
CA TYR A 28 13.95 15.81 7.25
C TYR A 28 13.18 16.56 6.12
N LYS A 29 11.98 17.09 6.48
CA LYS A 29 11.08 17.85 5.55
C LYS A 29 10.60 16.97 4.38
N GLY A 30 11.41 16.90 3.31
CA GLY A 30 11.11 16.09 2.12
C GLY A 30 12.27 15.16 1.78
N ASN A 31 13.03 15.49 0.69
CA ASN A 31 14.24 14.74 0.26
C ASN A 31 13.95 13.25 -0.02
N ASP A 32 12.70 12.98 -0.49
CA ASP A 32 12.15 11.61 -0.69
C ASP A 32 12.16 10.82 0.66
N PRO A 33 11.15 11.06 1.56
CA PRO A 33 11.04 10.29 2.83
C PRO A 33 10.78 8.79 2.60
N LEU A 34 10.22 8.44 1.42
CA LEU A 34 9.85 7.04 1.09
C LEU A 34 11.07 6.11 1.06
N GLY A 35 12.15 6.53 0.38
CA GLY A 35 13.40 5.77 0.33
C GLY A 35 13.98 5.47 1.71
N GLU A 36 13.77 6.41 2.64
CA GLU A 36 14.18 6.29 4.05
C GLU A 36 13.28 5.26 4.80
N TRP A 37 11.98 5.24 4.47
CA TRP A 37 11.02 4.23 4.97
C TRP A 37 11.37 2.80 4.46
N GLU A 38 11.76 2.71 3.17
CA GLU A 38 12.10 1.43 2.50
C GLU A 38 13.27 0.70 3.20
N ARG A 39 14.18 1.51 3.80
CA ARG A 39 15.28 0.99 4.65
C ARG A 39 14.70 0.14 5.81
N TYR A 40 13.62 0.65 6.42
CA TYR A 40 12.93 0.00 7.56
C TYR A 40 12.00 -1.16 7.12
N ILE A 41 11.31 -1.03 5.96
CA ILE A 41 10.40 -2.09 5.45
C ILE A 41 11.21 -3.36 5.09
N GLN A 42 12.35 -3.22 4.36
CA GLN A 42 13.23 -4.39 4.06
C GLN A 42 13.86 -4.96 5.34
N TRP A 43 14.21 -4.07 6.30
CA TRP A 43 14.83 -4.44 7.58
C TRP A 43 13.87 -5.34 8.39
N VAL A 44 12.65 -4.85 8.60
CA VAL A 44 11.64 -5.56 9.41
C VAL A 44 11.18 -6.89 8.76
N GLU A 45 11.36 -7.02 7.43
CA GLU A 45 11.14 -8.30 6.70
C GLU A 45 12.26 -9.33 6.97
N GLU A 46 13.53 -8.92 6.72
CA GLU A 46 14.71 -9.81 6.86
C GLU A 46 14.97 -10.24 8.34
N ASN A 47 14.66 -9.32 9.28
CA ASN A 47 14.81 -9.56 10.73
C ASN A 47 13.56 -10.23 11.34
N PHE A 48 12.34 -9.88 10.87
CA PHE A 48 11.06 -10.43 11.42
C PHE A 48 10.15 -10.98 10.29
N PRO A 49 10.45 -12.20 9.73
CA PRO A 49 9.63 -12.82 8.66
C PRO A 49 8.27 -13.35 9.18
N GLU A 50 8.27 -14.08 10.31
CA GLU A 50 7.06 -14.68 10.90
C GLU A 50 6.15 -13.61 11.55
N ASN A 51 6.74 -12.75 12.40
CA ASN A 51 6.02 -11.62 13.02
C ASN A 51 5.79 -10.49 11.99
N LYS A 52 4.69 -10.63 11.23
CA LYS A 52 4.24 -9.62 10.26
C LYS A 52 3.62 -8.40 10.95
N GLU A 53 3.17 -8.56 12.21
CA GLU A 53 2.62 -7.45 13.04
C GLU A 53 3.64 -6.29 13.14
N TYR A 54 4.93 -6.65 13.12
CA TYR A 54 6.03 -5.70 13.04
C TYR A 54 5.97 -4.88 11.72
N LEU A 55 6.07 -5.58 10.57
CA LEU A 55 6.02 -4.96 9.22
C LEU A 55 4.76 -4.07 9.03
N ILE A 56 3.59 -4.63 9.40
CA ILE A 56 2.28 -3.98 9.26
C ILE A 56 2.24 -2.62 9.98
N THR A 57 2.81 -2.55 11.21
CA THR A 57 2.90 -1.28 12.01
C THR A 57 3.55 -0.13 11.19
N LEU A 58 4.67 -0.45 10.52
CA LEU A 58 5.38 0.50 9.64
C LEU A 58 4.49 0.92 8.45
N LEU A 59 3.76 -0.05 7.87
CA LEU A 59 2.87 0.16 6.69
C LEU A 59 1.63 1.04 7.02
N GLU A 60 1.04 0.83 8.22
CA GLU A 60 -0.06 1.68 8.74
C GLU A 60 0.36 3.16 8.84
N HIS A 61 1.53 3.39 9.45
CA HIS A 61 2.08 4.74 9.67
C HIS A 61 2.66 5.32 8.36
N LEU A 62 3.03 4.42 7.42
CA LEU A 62 3.53 4.79 6.08
C LEU A 62 2.48 5.61 5.32
N MET A 63 1.28 5.03 5.14
CA MET A 63 0.19 5.72 4.43
C MET A 63 -0.26 6.99 5.17
N LYS A 64 -0.20 6.96 6.51
CA LYS A 64 -0.50 8.15 7.34
C LYS A 64 0.58 9.26 7.21
N GLU A 65 1.85 8.85 6.93
CA GLU A 65 2.98 9.78 6.66
C GLU A 65 2.77 10.49 5.29
N PHE A 66 2.61 9.67 4.24
CA PHE A 66 2.47 10.16 2.85
C PHE A 66 1.03 10.57 2.52
N LEU A 67 0.15 10.51 3.53
CA LEU A 67 -1.19 11.12 3.48
C LEU A 67 -1.07 12.65 3.27
N ASP A 68 -0.18 13.32 4.04
CA ASP A 68 0.03 14.78 3.90
C ASP A 68 1.13 15.10 2.86
N LYS A 69 1.95 14.09 2.50
CA LYS A 69 2.89 14.19 1.34
C LYS A 69 2.10 13.93 0.04
N LYS A 70 1.39 14.98 -0.45
CA LYS A 70 0.45 14.88 -1.59
C LYS A 70 1.16 14.71 -2.97
N LYS A 71 2.49 14.73 -2.96
CA LYS A 71 3.31 14.42 -4.16
C LYS A 71 3.39 12.88 -4.41
N TYR A 72 2.91 12.08 -3.42
CA TYR A 72 2.84 10.60 -3.53
C TYR A 72 1.43 10.10 -3.91
N HIS A 73 0.55 11.02 -4.34
CA HIS A 73 -0.83 10.69 -4.82
C HIS A 73 -0.84 9.63 -5.96
N ASN A 74 0.17 9.62 -6.81
CA ASN A 74 0.23 8.70 -7.97
C ASN A 74 1.46 7.76 -7.94
N ASP A 75 2.23 7.82 -6.83
CA ASP A 75 3.58 7.24 -6.78
C ASP A 75 3.57 5.68 -6.76
N PRO A 76 4.13 4.99 -7.81
CA PRO A 76 4.13 3.50 -7.89
C PRO A 76 4.87 2.81 -6.71
N ARG A 77 5.95 3.43 -6.20
CA ARG A 77 6.74 2.90 -5.06
C ARG A 77 5.89 2.87 -3.74
N PHE A 78 5.16 3.97 -3.50
CA PHE A 78 4.30 4.13 -2.29
C PHE A 78 3.05 3.21 -2.40
N ILE A 79 2.35 3.28 -3.55
CA ILE A 79 1.15 2.43 -3.83
C ILE A 79 1.50 0.92 -3.73
N SER A 80 2.73 0.55 -4.17
CA SER A 80 3.24 -0.84 -4.06
C SER A 80 3.21 -1.36 -2.60
N TYR A 81 3.54 -0.47 -1.64
CA TYR A 81 3.51 -0.79 -0.20
C TYR A 81 2.08 -0.76 0.40
N CYS A 82 1.18 0.04 -0.20
CA CYS A 82 -0.27 -0.03 0.12
C CYS A 82 -0.87 -1.38 -0.34
N LEU A 83 -0.34 -1.90 -1.49
CA LEU A 83 -0.70 -3.24 -2.02
C LEU A 83 -0.10 -4.36 -1.13
N LYS A 84 1.15 -4.16 -0.66
CA LYS A 84 1.82 -5.02 0.33
C LYS A 84 0.99 -5.09 1.64
N PHE A 85 0.57 -3.91 2.12
CA PHE A 85 -0.23 -3.78 3.34
C PHE A 85 -1.66 -4.35 3.17
N ALA A 86 -2.19 -4.26 1.93
CA ALA A 86 -3.55 -4.71 1.59
C ALA A 86 -3.85 -6.15 2.02
N GLU A 87 -2.99 -7.10 1.62
CA GLU A 87 -3.16 -8.55 1.92
C GLU A 87 -3.31 -8.85 3.44
N TYR A 88 -2.84 -7.91 4.28
CA TYR A 88 -2.92 -8.01 5.76
C TYR A 88 -4.27 -7.44 6.31
N ASN A 89 -4.89 -6.53 5.54
CA ASN A 89 -6.25 -5.99 5.84
C ASN A 89 -7.35 -6.95 5.33
N SER A 90 -8.44 -7.07 6.13
CA SER A 90 -9.59 -7.95 5.78
C SER A 90 -10.46 -7.33 4.67
N ASP A 91 -11.12 -6.19 4.98
CA ASP A 91 -12.04 -5.51 4.05
C ASP A 91 -11.26 -4.62 3.07
N LEU A 92 -10.88 -5.21 1.94
CA LEU A 92 -10.16 -4.50 0.86
C LEU A 92 -11.06 -3.56 0.05
N HIS A 93 -12.40 -3.69 0.16
CA HIS A 93 -13.32 -2.80 -0.54
C HIS A 93 -13.21 -1.39 0.08
N GLN A 94 -13.29 -1.34 1.42
CA GLN A 94 -13.16 -0.08 2.19
C GLN A 94 -11.68 0.39 2.29
N PHE A 95 -10.73 -0.57 2.28
CA PHE A 95 -9.28 -0.25 2.26
C PHE A 95 -8.87 0.56 0.99
N PHE A 96 -9.00 -0.07 -0.20
CA PHE A 96 -8.63 0.57 -1.48
C PHE A 96 -9.52 1.80 -1.81
N GLU A 97 -10.74 1.79 -1.25
CA GLU A 97 -11.67 2.94 -1.34
C GLU A 97 -11.10 4.17 -0.62
N PHE A 98 -10.59 4.00 0.62
CA PHE A 98 -9.95 5.08 1.41
C PHE A 98 -8.80 5.73 0.60
N LEU A 99 -7.95 4.88 0.01
CA LEU A 99 -6.82 5.30 -0.84
C LEU A 99 -7.30 6.21 -1.99
N TYR A 100 -8.19 5.66 -2.83
CA TYR A 100 -8.71 6.37 -4.02
C TYR A 100 -9.50 7.67 -3.64
N ASN A 101 -10.24 7.63 -2.51
CA ASN A 101 -10.97 8.81 -1.97
C ASN A 101 -9.99 9.93 -1.54
N HIS A 102 -8.80 9.52 -1.05
CA HIS A 102 -7.75 10.47 -0.62
C HIS A 102 -6.83 10.89 -1.82
N GLY A 103 -7.16 10.41 -3.04
CA GLY A 103 -6.36 10.72 -4.24
C GLY A 103 -5.13 9.82 -4.42
N ILE A 104 -4.99 8.81 -3.54
CA ILE A 104 -3.87 7.84 -3.59
C ILE A 104 -4.14 6.76 -4.69
N GLY A 105 -3.17 6.58 -5.60
CA GLY A 105 -3.23 5.57 -6.67
C GLY A 105 -4.19 5.85 -7.82
N THR A 106 -4.45 7.13 -8.11
CA THR A 106 -5.35 7.54 -9.23
C THR A 106 -4.72 7.32 -10.63
N LEU A 107 -3.36 7.40 -10.70
CA LEU A 107 -2.60 7.05 -11.93
C LEU A 107 -1.91 5.66 -11.79
N SER A 108 -2.33 4.88 -10.80
CA SER A 108 -1.74 3.56 -10.53
C SER A 108 -2.70 2.41 -10.92
N SER A 109 -2.47 1.82 -12.11
CA SER A 109 -3.24 0.63 -12.60
C SER A 109 -3.29 -0.55 -11.57
N PRO A 110 -2.13 -1.05 -10.99
CA PRO A 110 -2.14 -2.19 -10.02
C PRO A 110 -3.05 -1.98 -8.77
N LEU A 111 -3.38 -0.71 -8.45
CA LEU A 111 -4.34 -0.39 -7.36
C LEU A 111 -5.77 -0.86 -7.74
N TYR A 112 -6.24 -0.40 -8.92
CA TYR A 112 -7.58 -0.74 -9.46
C TYR A 112 -7.72 -2.25 -9.74
N ILE A 113 -6.63 -2.86 -10.24
CA ILE A 113 -6.56 -4.31 -10.52
C ILE A 113 -6.73 -5.14 -9.21
N ALA A 114 -6.00 -4.74 -8.15
CA ALA A 114 -6.09 -5.40 -6.82
C ALA A 114 -7.47 -5.20 -6.15
N TRP A 115 -8.05 -4.00 -6.33
CA TRP A 115 -9.37 -3.64 -5.79
C TRP A 115 -10.49 -4.48 -6.46
N ALA A 116 -10.60 -4.35 -7.80
CA ALA A 116 -11.58 -5.07 -8.63
C ALA A 116 -11.45 -6.61 -8.50
N GLY A 117 -10.21 -7.08 -8.32
CA GLY A 117 -9.92 -8.50 -8.05
C GLY A 117 -10.60 -9.01 -6.77
N HIS A 118 -10.52 -8.21 -5.69
CA HIS A 118 -11.18 -8.53 -4.41
C HIS A 118 -12.72 -8.55 -4.56
N LEU A 119 -13.27 -7.50 -5.20
CA LEU A 119 -14.72 -7.29 -5.33
C LEU A 119 -15.39 -8.45 -6.11
N GLU A 120 -14.76 -8.85 -7.24
CA GLU A 120 -15.17 -10.02 -8.06
C GLU A 120 -15.41 -11.29 -7.20
N ALA A 121 -14.41 -11.61 -6.35
CA ALA A 121 -14.44 -12.78 -5.45
C ALA A 121 -15.66 -12.75 -4.51
N GLN A 122 -16.01 -11.54 -4.02
CA GLN A 122 -17.16 -11.32 -3.11
C GLN A 122 -18.51 -11.44 -3.87
N GLY A 123 -18.50 -11.05 -5.16
CA GLY A 123 -19.72 -11.05 -6.00
C GLY A 123 -20.01 -9.68 -6.64
N GLU A 124 -19.19 -8.69 -6.26
CA GLU A 124 -19.30 -7.29 -6.71
C GLU A 124 -18.65 -7.07 -8.12
N LEU A 125 -19.07 -7.88 -9.10
CA LEU A 125 -18.58 -7.80 -10.50
C LEU A 125 -18.92 -6.44 -11.18
N GLN A 126 -20.14 -5.94 -10.98
CA GLN A 126 -20.58 -4.64 -11.55
C GLN A 126 -19.85 -3.43 -10.85
N HIS A 127 -19.60 -3.55 -9.54
CA HIS A 127 -18.85 -2.54 -8.76
C HIS A 127 -17.35 -2.52 -9.15
N ALA A 128 -16.80 -3.72 -9.38
CA ALA A 128 -15.39 -3.90 -9.81
C ALA A 128 -15.15 -3.39 -11.24
N SER A 129 -16.16 -3.58 -12.10
CA SER A 129 -16.19 -2.98 -13.45
C SER A 129 -16.18 -1.43 -13.34
N ALA A 130 -16.96 -0.92 -12.35
CA ALA A 130 -17.03 0.52 -12.02
C ALA A 130 -15.68 1.06 -11.47
N VAL A 131 -14.82 0.17 -10.94
CA VAL A 131 -13.46 0.53 -10.48
C VAL A 131 -12.44 0.57 -11.65
N LEU A 132 -12.49 -0.45 -12.51
CA LEU A 132 -11.56 -0.58 -13.67
C LEU A 132 -11.76 0.55 -14.71
N GLN A 133 -13.04 0.95 -14.92
CA GLN A 133 -13.37 2.10 -15.79
C GLN A 133 -12.77 3.42 -15.23
N ARG A 134 -12.69 3.55 -13.89
CA ARG A 134 -12.07 4.72 -13.22
C ARG A 134 -10.59 4.84 -13.62
N GLY A 135 -9.87 3.71 -13.60
CA GLY A 135 -8.47 3.70 -14.03
C GLY A 135 -8.27 4.17 -15.49
N ILE A 136 -9.13 3.68 -16.37
CA ILE A 136 -9.12 4.02 -17.81
C ILE A 136 -9.34 5.55 -18.05
N GLN A 137 -10.38 6.13 -17.42
CA GLN A 137 -10.74 7.57 -17.60
C GLN A 137 -9.78 8.53 -16.84
N ASN A 138 -9.27 8.10 -15.66
CA ASN A 138 -8.28 8.88 -14.87
C ASN A 138 -6.87 8.80 -15.49
N GLN A 139 -6.74 8.01 -16.60
CA GLN A 139 -5.49 7.88 -17.38
C GLN A 139 -4.39 7.12 -16.59
N ALA A 140 -4.83 6.24 -15.68
CA ALA A 140 -3.95 5.42 -14.82
C ALA A 140 -3.03 4.48 -15.62
N GLU A 141 -1.72 4.70 -15.51
CA GLU A 141 -0.70 3.92 -16.23
C GLU A 141 -0.34 2.60 -15.48
N PRO A 142 -0.11 1.46 -16.20
CA PRO A 142 -0.40 1.31 -17.66
C PRO A 142 -1.92 1.19 -18.00
N ARG A 143 -2.41 2.13 -18.82
CA ARG A 143 -3.81 2.18 -19.29
C ARG A 143 -4.19 0.89 -20.06
N GLU A 144 -3.27 0.43 -20.94
CA GLU A 144 -3.50 -0.74 -21.82
C GLU A 144 -3.73 -2.03 -21.00
N PHE A 145 -3.00 -2.16 -19.87
CA PHE A 145 -3.22 -3.25 -18.91
C PHE A 145 -4.62 -3.16 -18.25
N LEU A 146 -5.07 -1.93 -17.96
CA LEU A 146 -6.42 -1.67 -17.40
C LEU A 146 -7.54 -2.01 -18.40
N GLN A 147 -7.32 -1.70 -19.70
CA GLN A 147 -8.33 -1.92 -20.76
C GLN A 147 -8.46 -3.41 -21.11
N GLN A 148 -7.32 -4.15 -21.14
CA GLN A 148 -7.34 -5.62 -21.35
C GLN A 148 -7.99 -6.34 -20.14
N GLN A 149 -7.64 -5.91 -18.91
CA GLN A 149 -8.24 -6.48 -17.68
C GLN A 149 -9.73 -6.10 -17.54
N TYR A 150 -10.11 -4.91 -18.05
CA TYR A 150 -11.52 -4.46 -18.09
C TYR A 150 -12.36 -5.41 -18.97
N ARG A 151 -11.97 -5.56 -20.26
CA ARG A 151 -12.73 -6.37 -21.25
C ARG A 151 -12.76 -7.88 -20.89
N LEU A 152 -11.65 -8.40 -20.33
CA LEU A 152 -11.55 -9.80 -19.86
C LEU A 152 -12.40 -10.00 -18.59
N PHE A 153 -12.50 -8.96 -17.76
CA PHE A 153 -13.44 -8.90 -16.62
C PHE A 153 -14.92 -8.89 -17.10
N GLN A 154 -15.21 -8.16 -18.20
CA GLN A 154 -16.59 -8.03 -18.75
C GLN A 154 -17.08 -9.37 -19.34
N THR A 155 -16.17 -10.10 -20.01
CA THR A 155 -16.50 -11.41 -20.59
C THR A 155 -16.77 -12.47 -19.49
N ARG A 156 -16.21 -12.23 -18.27
CA ARG A 156 -16.51 -13.07 -17.09
C ARG A 156 -17.96 -12.84 -16.60
N LEU A 157 -18.27 -11.58 -16.21
CA LEU A 157 -19.58 -11.22 -15.59
C LEU A 157 -20.80 -11.44 -16.53
N THR A 158 -20.57 -11.34 -17.86
CA THR A 158 -21.65 -11.62 -18.85
C THR A 158 -21.94 -13.15 -19.02
N GLU A 159 -20.91 -13.99 -18.76
CA GLU A 159 -21.05 -15.48 -18.80
C GLU A 159 -21.47 -16.07 -17.42
N THR A 160 -21.01 -15.42 -16.33
CA THR A 160 -21.23 -15.90 -14.94
C THR A 160 -21.96 -14.80 -14.11
N MET A 1 22.50 11.29 33.26
CA MET A 1 21.54 10.77 34.26
C MET A 1 20.95 9.41 33.83
N GLY A 2 20.61 9.28 32.53
CA GLY A 2 19.98 8.06 31.98
C GLY A 2 20.98 6.90 31.79
N HIS A 3 21.06 6.01 32.79
CA HIS A 3 22.00 4.85 32.77
C HIS A 3 21.29 3.54 32.33
N HIS A 4 19.98 3.59 32.10
CA HIS A 4 19.19 2.48 31.55
C HIS A 4 19.60 2.25 30.07
N HIS A 5 20.47 1.24 29.83
CA HIS A 5 21.08 0.99 28.50
C HIS A 5 20.01 0.62 27.44
N HIS A 6 20.06 1.30 26.28
CA HIS A 6 19.09 1.11 25.19
C HIS A 6 19.38 -0.14 24.32
N HIS A 7 20.46 -0.88 24.63
CA HIS A 7 20.79 -2.15 23.96
C HIS A 7 19.70 -3.22 24.23
N HIS A 8 18.86 -3.51 23.23
CA HIS A 8 17.77 -4.52 23.32
C HIS A 8 17.67 -5.34 22.01
N SER A 9 17.75 -6.68 22.14
CA SER A 9 17.84 -7.61 20.98
C SER A 9 16.59 -8.52 20.85
N HIS A 10 15.97 -8.86 22.01
CA HIS A 10 14.69 -9.61 22.06
C HIS A 10 13.54 -8.75 21.45
N MET A 11 12.43 -9.42 21.05
CA MET A 11 11.25 -8.75 20.43
C MET A 11 10.63 -7.63 21.33
N ASP A 12 11.12 -6.38 21.18
CA ASP A 12 10.47 -5.17 21.78
C ASP A 12 9.25 -4.75 20.94
N THR A 13 8.49 -3.76 21.41
CA THR A 13 7.28 -3.28 20.69
C THR A 13 7.61 -2.72 19.27
N PRO A 14 6.73 -2.98 18.22
CA PRO A 14 6.92 -2.42 16.85
C PRO A 14 6.92 -0.87 16.83
N GLU A 15 6.31 -0.26 17.86
CA GLU A 15 6.36 1.19 18.11
C GLU A 15 7.81 1.71 18.16
N ASN A 16 8.72 0.98 18.85
CA ASN A 16 10.17 1.33 18.90
C ASN A 16 10.81 1.36 17.49
N VAL A 17 10.62 0.26 16.73
CA VAL A 17 11.14 0.10 15.34
C VAL A 17 10.79 1.34 14.47
N LEU A 18 9.50 1.69 14.51
CA LEU A 18 8.96 2.83 13.75
C LEU A 18 9.48 4.20 14.27
N GLN A 19 9.42 4.41 15.60
CA GLN A 19 9.84 5.68 16.24
C GLN A 19 11.34 5.98 16.07
N MET A 20 12.15 4.96 15.72
CA MET A 20 13.57 5.18 15.34
C MET A 20 13.67 6.06 14.05
N LEU A 21 12.93 5.71 12.97
CA LEU A 21 12.95 6.52 11.71
C LEU A 21 12.22 7.86 11.91
N GLU A 22 11.23 7.89 12.82
CA GLU A 22 10.41 9.10 13.11
C GLU A 22 11.22 10.18 13.83
N ALA A 23 12.01 9.76 14.85
CA ALA A 23 12.95 10.65 15.57
C ALA A 23 14.00 11.26 14.61
N HIS A 24 14.43 10.43 13.64
CA HIS A 24 15.27 10.88 12.51
C HIS A 24 14.50 11.86 11.59
N MET A 25 13.22 11.52 11.29
CA MET A 25 12.36 12.25 10.32
C MET A 25 12.01 13.67 10.83
N GLN A 26 12.01 13.87 12.17
CA GLN A 26 11.82 15.21 12.79
C GLN A 26 12.87 16.23 12.28
N SER A 27 14.10 15.75 12.08
CA SER A 27 15.24 16.57 11.58
C SER A 27 15.59 16.25 10.10
N TYR A 28 14.82 15.36 9.46
CA TYR A 28 15.04 14.94 8.05
C TYR A 28 13.82 15.29 7.16
N LYS A 29 14.10 16.02 6.07
CA LYS A 29 13.10 16.39 5.05
C LYS A 29 13.82 16.73 3.72
N GLY A 30 13.78 15.82 2.74
CA GLY A 30 14.46 16.04 1.45
C GLY A 30 13.99 15.10 0.34
N ASN A 31 14.90 14.77 -0.60
CA ASN A 31 14.60 13.92 -1.78
C ASN A 31 14.25 12.47 -1.37
N ASP A 32 13.02 12.04 -1.74
CA ASP A 32 12.48 10.69 -1.47
C ASP A 32 12.64 10.22 0.01
N PRO A 33 11.85 10.81 0.98
CA PRO A 33 11.85 10.36 2.40
C PRO A 33 11.31 8.92 2.56
N LEU A 34 10.63 8.41 1.51
CA LEU A 34 10.23 6.98 1.40
C LEU A 34 11.45 6.04 1.54
N GLY A 35 12.61 6.45 0.97
CA GLY A 35 13.87 5.70 1.10
C GLY A 35 14.26 5.37 2.55
N GLU A 36 14.03 6.35 3.46
CA GLU A 36 14.27 6.20 4.91
C GLU A 36 13.38 5.07 5.51
N TRP A 37 12.10 5.07 5.11
CA TRP A 37 11.12 4.05 5.51
C TRP A 37 11.52 2.64 5.00
N GLU A 38 11.92 2.56 3.72
CA GLU A 38 12.24 1.29 3.03
C GLU A 38 13.43 0.54 3.69
N ARG A 39 14.33 1.29 4.35
CA ARG A 39 15.46 0.70 5.10
C ARG A 39 15.00 0.02 6.40
N TYR A 40 13.84 0.46 6.93
CA TYR A 40 13.15 -0.20 8.04
C TYR A 40 12.21 -1.32 7.55
N ILE A 41 11.61 -1.15 6.36
CA ILE A 41 10.76 -2.19 5.71
C ILE A 41 11.59 -3.47 5.40
N GLN A 42 12.86 -3.30 5.00
CA GLN A 42 13.80 -4.44 4.81
C GLN A 42 14.31 -4.98 6.18
N TRP A 43 14.58 -4.05 7.12
CA TRP A 43 15.15 -4.37 8.44
C TRP A 43 14.21 -5.28 9.25
N VAL A 44 12.93 -4.94 9.24
CA VAL A 44 11.89 -5.70 9.95
C VAL A 44 11.67 -7.10 9.33
N GLU A 45 11.87 -7.24 8.01
CA GLU A 45 11.76 -8.54 7.31
C GLU A 45 12.90 -9.50 7.72
N GLU A 46 14.14 -8.99 7.71
CA GLU A 46 15.34 -9.78 8.06
C GLU A 46 15.42 -10.09 9.58
N ASN A 47 15.04 -9.11 10.42
CA ASN A 47 15.09 -9.23 11.91
C ASN A 47 13.84 -9.94 12.50
N PHE A 48 12.66 -9.78 11.88
CA PHE A 48 11.40 -10.44 12.33
C PHE A 48 10.77 -11.28 11.18
N PRO A 49 11.33 -12.51 10.88
CA PRO A 49 10.77 -13.40 9.82
C PRO A 49 9.44 -14.12 10.20
N GLU A 50 9.03 -13.99 11.48
CA GLU A 50 7.82 -14.67 12.01
C GLU A 50 6.71 -13.64 12.33
N ASN A 51 7.00 -12.72 13.26
CA ASN A 51 6.03 -11.70 13.71
C ASN A 51 5.84 -10.59 12.65
N LYS A 52 4.69 -10.66 11.94
CA LYS A 52 4.37 -9.74 10.83
C LYS A 52 3.80 -8.40 11.33
N GLU A 53 3.33 -8.39 12.60
CA GLU A 53 2.73 -7.22 13.28
C GLU A 53 3.66 -5.99 13.25
N TYR A 54 4.97 -6.26 13.20
CA TYR A 54 6.01 -5.24 13.11
C TYR A 54 6.01 -4.53 11.72
N LEU A 55 6.15 -5.32 10.62
CA LEU A 55 6.13 -4.78 9.23
C LEU A 55 4.86 -3.96 8.97
N ILE A 56 3.71 -4.52 9.40
CA ILE A 56 2.39 -3.87 9.25
C ILE A 56 2.35 -2.48 9.95
N THR A 57 2.92 -2.38 11.17
CA THR A 57 3.03 -1.10 11.93
C THR A 57 3.76 -0.01 11.11
N LEU A 58 4.83 -0.40 10.41
CA LEU A 58 5.61 0.48 9.52
C LEU A 58 4.77 0.91 8.27
N LEU A 59 4.02 -0.05 7.69
CA LEU A 59 3.23 0.14 6.43
C LEU A 59 2.00 1.06 6.61
N GLU A 60 1.24 0.85 7.69
CA GLU A 60 0.05 1.68 8.01
C GLU A 60 0.42 3.15 8.29
N HIS A 61 1.56 3.38 8.98
CA HIS A 61 2.03 4.75 9.27
C HIS A 61 2.75 5.37 8.03
N LEU A 62 3.23 4.49 7.15
CA LEU A 62 3.86 4.88 5.86
C LEU A 62 2.84 5.61 4.96
N MET A 63 1.61 5.08 4.89
CA MET A 63 0.52 5.69 4.11
C MET A 63 -0.09 6.91 4.82
N LYS A 64 -0.02 6.97 6.17
CA LYS A 64 -0.39 8.21 6.93
C LYS A 64 0.57 9.37 6.56
N GLU A 65 1.87 9.05 6.55
CA GLU A 65 2.97 10.00 6.26
C GLU A 65 2.81 10.65 4.86
N PHE A 66 2.69 9.80 3.83
CA PHE A 66 2.64 10.29 2.42
C PHE A 66 1.21 10.42 1.87
N LEU A 67 0.20 10.25 2.76
CA LEU A 67 -1.23 10.51 2.44
C LEU A 67 -1.44 11.94 1.91
N ASP A 68 -1.08 12.91 2.75
CA ASP A 68 -1.33 14.34 2.49
C ASP A 68 -0.17 14.97 1.69
N LYS A 69 0.93 14.21 1.52
CA LYS A 69 2.01 14.56 0.59
C LYS A 69 1.52 14.25 -0.84
N LYS A 70 1.00 15.29 -1.53
CA LYS A 70 0.21 15.15 -2.78
C LYS A 70 1.07 14.71 -4.01
N LYS A 71 2.39 14.75 -3.86
CA LYS A 71 3.34 14.24 -4.88
C LYS A 71 3.43 12.69 -4.86
N TYR A 72 2.87 12.06 -3.81
CA TYR A 72 2.75 10.59 -3.70
C TYR A 72 1.36 10.07 -4.15
N HIS A 73 0.50 10.97 -4.68
CA HIS A 73 -0.83 10.57 -5.23
C HIS A 73 -0.70 9.56 -6.39
N ASN A 74 0.30 9.75 -7.25
CA ASN A 74 0.55 8.87 -8.42
C ASN A 74 1.91 8.15 -8.33
N ASP A 75 2.54 8.17 -7.14
CA ASP A 75 3.84 7.52 -6.92
C ASP A 75 3.69 5.97 -6.90
N PRO A 76 4.15 5.24 -7.97
CA PRO A 76 3.86 3.80 -8.12
C PRO A 76 4.49 2.92 -7.00
N ARG A 77 5.60 3.39 -6.40
CA ARG A 77 6.25 2.69 -5.28
C ARG A 77 5.42 2.79 -3.99
N PHE A 78 4.89 4.00 -3.72
CA PHE A 78 4.04 4.27 -2.54
C PHE A 78 2.73 3.44 -2.60
N ILE A 79 2.06 3.46 -3.77
CA ILE A 79 0.85 2.65 -4.01
C ILE A 79 1.19 1.14 -3.92
N SER A 80 2.38 0.73 -4.39
CA SER A 80 2.88 -0.66 -4.25
C SER A 80 2.98 -1.11 -2.77
N TYR A 81 3.34 -0.16 -1.87
CA TYR A 81 3.38 -0.40 -0.40
C TYR A 81 1.98 -0.43 0.22
N CYS A 82 1.01 0.27 -0.39
CA CYS A 82 -0.42 0.14 -0.02
C CYS A 82 -0.97 -1.24 -0.47
N LEU A 83 -0.52 -1.72 -1.65
CA LEU A 83 -0.87 -3.08 -2.17
C LEU A 83 -0.24 -4.19 -1.30
N LYS A 84 0.96 -3.89 -0.79
CA LYS A 84 1.68 -4.72 0.19
C LYS A 84 0.91 -4.78 1.52
N PHE A 85 0.51 -3.63 2.05
CA PHE A 85 -0.27 -3.56 3.30
C PHE A 85 -1.68 -4.18 3.13
N ALA A 86 -2.20 -4.14 1.89
CA ALA A 86 -3.53 -4.66 1.53
C ALA A 86 -3.73 -6.15 1.88
N GLU A 87 -2.75 -7.00 1.55
CA GLU A 87 -2.83 -8.49 1.77
C GLU A 87 -3.04 -8.87 3.26
N TYR A 88 -2.72 -7.92 4.18
CA TYR A 88 -2.85 -8.12 5.65
C TYR A 88 -4.25 -7.72 6.17
N ASN A 89 -4.96 -6.84 5.43
CA ASN A 89 -6.29 -6.29 5.83
C ASN A 89 -7.44 -6.96 5.04
N SER A 90 -8.44 -7.53 5.75
CA SER A 90 -9.61 -8.19 5.11
C SER A 90 -10.66 -7.18 4.59
N ASP A 91 -10.63 -5.93 5.09
CA ASP A 91 -11.55 -4.86 4.63
C ASP A 91 -10.98 -4.07 3.43
N LEU A 92 -10.72 -4.78 2.31
CA LEU A 92 -10.15 -4.17 1.09
C LEU A 92 -11.15 -3.27 0.34
N HIS A 93 -12.44 -3.66 0.35
CA HIS A 93 -13.55 -2.78 -0.09
C HIS A 93 -13.48 -1.36 0.57
N GLN A 94 -13.18 -1.30 1.88
CA GLN A 94 -13.02 0.00 2.60
C GLN A 94 -11.63 0.63 2.35
N PHE A 95 -10.59 -0.23 2.27
CA PHE A 95 -9.17 0.20 2.17
C PHE A 95 -8.87 0.94 0.84
N PHE A 96 -9.05 0.25 -0.29
CA PHE A 96 -8.77 0.82 -1.62
C PHE A 96 -9.73 1.98 -1.96
N GLU A 97 -10.95 1.97 -1.33
CA GLU A 97 -11.91 3.08 -1.45
C GLU A 97 -11.34 4.35 -0.78
N PHE A 98 -10.80 4.19 0.44
CA PHE A 98 -10.13 5.27 1.23
C PHE A 98 -8.98 5.93 0.42
N LEU A 99 -8.14 5.07 -0.20
CA LEU A 99 -7.03 5.51 -1.05
C LEU A 99 -7.55 6.39 -2.22
N TYR A 100 -8.55 5.88 -2.95
CA TYR A 100 -9.18 6.58 -4.08
C TYR A 100 -9.87 7.91 -3.62
N ASN A 101 -10.38 7.94 -2.36
CA ASN A 101 -10.98 9.15 -1.75
C ASN A 101 -9.93 10.27 -1.55
N HIS A 102 -8.73 9.90 -1.03
CA HIS A 102 -7.62 10.89 -0.82
C HIS A 102 -6.70 11.02 -2.07
N GLY A 103 -7.17 10.50 -3.23
CA GLY A 103 -6.44 10.63 -4.50
C GLY A 103 -5.22 9.73 -4.65
N ILE A 104 -5.02 8.81 -3.70
CA ILE A 104 -3.93 7.83 -3.73
C ILE A 104 -4.21 6.76 -4.82
N GLY A 105 -3.33 6.68 -5.83
CA GLY A 105 -3.41 5.71 -6.93
C GLY A 105 -4.43 6.03 -8.03
N THR A 106 -4.73 7.32 -8.26
CA THR A 106 -5.66 7.75 -9.34
C THR A 106 -5.06 7.53 -10.75
N LEU A 107 -3.72 7.59 -10.87
CA LEU A 107 -3.00 7.28 -12.13
C LEU A 107 -2.16 5.98 -12.02
N SER A 108 -2.48 5.14 -11.01
CA SER A 108 -1.81 3.83 -10.81
C SER A 108 -2.80 2.67 -11.09
N SER A 109 -2.67 2.04 -12.27
CA SER A 109 -3.49 0.86 -12.68
C SER A 109 -3.49 -0.30 -11.65
N PRO A 110 -2.28 -0.82 -11.15
CA PRO A 110 -2.24 -1.98 -10.19
C PRO A 110 -3.08 -1.77 -8.89
N LEU A 111 -3.46 -0.51 -8.56
CA LEU A 111 -4.42 -0.22 -7.46
C LEU A 111 -5.84 -0.72 -7.84
N TYR A 112 -6.33 -0.24 -9.00
CA TYR A 112 -7.66 -0.61 -9.55
C TYR A 112 -7.76 -2.13 -9.79
N ILE A 113 -6.66 -2.73 -10.29
CA ILE A 113 -6.55 -4.17 -10.55
C ILE A 113 -6.67 -5.00 -9.23
N ALA A 114 -5.96 -4.54 -8.17
CA ALA A 114 -5.98 -5.20 -6.84
C ALA A 114 -7.36 -5.12 -6.15
N TRP A 115 -8.02 -3.95 -6.30
CA TRP A 115 -9.38 -3.73 -5.73
C TRP A 115 -10.42 -4.59 -6.49
N ALA A 116 -10.54 -4.34 -7.81
CA ALA A 116 -11.54 -4.99 -8.69
C ALA A 116 -11.41 -6.54 -8.72
N GLY A 117 -10.16 -7.03 -8.82
CA GLY A 117 -9.87 -8.48 -8.78
C GLY A 117 -10.33 -9.15 -7.48
N HIS A 118 -10.14 -8.42 -6.36
CA HIS A 118 -10.62 -8.85 -5.04
C HIS A 118 -12.17 -8.89 -4.98
N LEU A 119 -12.82 -7.82 -5.46
CA LEU A 119 -14.30 -7.67 -5.42
C LEU A 119 -14.99 -8.80 -6.22
N GLU A 120 -14.41 -9.11 -7.40
CA GLU A 120 -14.81 -10.25 -8.25
C GLU A 120 -14.83 -11.58 -7.46
N ALA A 121 -13.77 -11.81 -6.67
CA ALA A 121 -13.63 -13.00 -5.82
C ALA A 121 -14.69 -13.03 -4.67
N GLN A 122 -15.14 -11.83 -4.25
CA GLN A 122 -16.25 -11.67 -3.27
C GLN A 122 -17.64 -11.86 -3.96
N GLY A 123 -17.69 -11.63 -5.28
CA GLY A 123 -18.93 -11.72 -6.08
C GLY A 123 -19.37 -10.37 -6.64
N GLU A 124 -18.69 -9.30 -6.19
CA GLU A 124 -18.96 -7.90 -6.58
C GLU A 124 -18.37 -7.55 -7.98
N LEU A 125 -18.73 -8.32 -9.03
CA LEU A 125 -18.25 -8.05 -10.42
C LEU A 125 -18.76 -6.72 -11.00
N GLN A 126 -19.93 -6.24 -10.54
CA GLN A 126 -20.52 -4.96 -10.99
C GLN A 126 -19.78 -3.77 -10.34
N HIS A 127 -19.46 -3.90 -9.04
CA HIS A 127 -18.65 -2.93 -8.28
C HIS A 127 -17.21 -2.86 -8.84
N ALA A 128 -16.66 -4.05 -9.13
CA ALA A 128 -15.31 -4.22 -9.68
C ALA A 128 -15.16 -3.62 -11.10
N SER A 129 -16.18 -3.83 -11.96
CA SER A 129 -16.28 -3.18 -13.28
C SER A 129 -16.30 -1.64 -13.12
N ALA A 130 -17.07 -1.16 -12.12
CA ALA A 130 -17.16 0.27 -11.77
C ALA A 130 -15.82 0.86 -11.29
N VAL A 131 -14.89 0.00 -10.82
CA VAL A 131 -13.53 0.42 -10.42
C VAL A 131 -12.57 0.51 -11.63
N LEU A 132 -12.59 -0.52 -12.50
CA LEU A 132 -11.67 -0.61 -13.67
C LEU A 132 -11.95 0.52 -14.69
N GLN A 133 -13.24 0.86 -14.88
CA GLN A 133 -13.64 2.00 -15.76
C GLN A 133 -13.11 3.35 -15.23
N ARG A 134 -13.00 3.48 -13.88
CA ARG A 134 -12.44 4.69 -13.25
C ARG A 134 -10.98 4.91 -13.68
N GLY A 135 -10.18 3.83 -13.66
CA GLY A 135 -8.80 3.89 -14.16
C GLY A 135 -8.69 4.35 -15.62
N ILE A 136 -9.59 3.85 -16.46
CA ILE A 136 -9.62 4.16 -17.91
C ILE A 136 -9.96 5.65 -18.19
N GLN A 137 -11.04 6.16 -17.56
CA GLN A 137 -11.50 7.56 -17.75
C GLN A 137 -10.56 8.60 -17.08
N ASN A 138 -10.02 8.24 -15.89
CA ASN A 138 -9.03 9.10 -15.15
C ASN A 138 -7.66 9.11 -15.87
N GLN A 139 -7.49 8.26 -16.92
CA GLN A 139 -6.27 8.13 -17.75
C GLN A 139 -5.11 7.45 -16.98
N ALA A 140 -5.46 6.67 -15.93
CA ALA A 140 -4.50 5.89 -15.12
C ALA A 140 -3.70 4.88 -15.96
N GLU A 141 -2.41 4.71 -15.63
CA GLU A 141 -1.47 3.87 -16.40
C GLU A 141 -0.79 2.79 -15.51
N PRO A 142 -0.42 1.55 -16.06
CA PRO A 142 -0.64 1.11 -17.49
C PRO A 142 -2.15 1.05 -17.95
N ARG A 143 -2.49 1.93 -18.91
CA ARG A 143 -3.89 2.20 -19.34
C ARG A 143 -4.45 1.08 -20.26
N GLU A 144 -3.66 0.67 -21.28
CA GLU A 144 -4.04 -0.44 -22.19
C GLU A 144 -4.21 -1.75 -21.40
N PHE A 145 -3.44 -1.88 -20.30
CA PHE A 145 -3.60 -2.97 -19.34
C PHE A 145 -4.97 -2.89 -18.61
N LEU A 146 -5.41 -1.67 -18.25
CA LEU A 146 -6.73 -1.44 -17.61
C LEU A 146 -7.87 -1.81 -18.57
N GLN A 147 -7.67 -1.49 -19.85
CA GLN A 147 -8.65 -1.75 -20.92
C GLN A 147 -8.79 -3.25 -21.25
N GLN A 148 -7.65 -3.99 -21.30
CA GLN A 148 -7.66 -5.45 -21.52
C GLN A 148 -8.25 -6.18 -20.30
N GLN A 149 -7.90 -5.72 -19.08
CA GLN A 149 -8.46 -6.26 -17.83
C GLN A 149 -9.96 -5.99 -17.75
N TYR A 150 -10.39 -4.79 -18.21
CA TYR A 150 -11.81 -4.39 -18.23
C TYR A 150 -12.64 -5.32 -19.14
N ARG A 151 -12.28 -5.41 -20.45
CA ARG A 151 -13.05 -6.20 -21.46
C ARG A 151 -13.03 -7.73 -21.15
N LEU A 152 -11.88 -8.24 -20.66
CA LEU A 152 -11.73 -9.65 -20.24
C LEU A 152 -12.51 -9.92 -18.93
N PHE A 153 -12.72 -8.87 -18.11
CA PHE A 153 -13.64 -8.91 -16.97
C PHE A 153 -15.12 -8.92 -17.41
N GLN A 154 -15.45 -8.12 -18.46
CA GLN A 154 -16.85 -7.95 -18.95
C GLN A 154 -17.39 -9.24 -19.58
N THR A 155 -16.50 -9.97 -20.29
CA THR A 155 -16.86 -11.25 -20.91
C THR A 155 -17.22 -12.31 -19.82
N ARG A 156 -16.69 -12.13 -18.60
CA ARG A 156 -16.99 -13.01 -17.45
C ARG A 156 -18.39 -12.72 -16.88
N LEU A 157 -18.62 -11.44 -16.47
CA LEU A 157 -19.86 -11.03 -15.77
C LEU A 157 -21.13 -11.14 -16.65
N THR A 158 -20.98 -11.04 -17.99
CA THR A 158 -22.10 -11.26 -18.94
C THR A 158 -22.53 -12.76 -19.01
N GLU A 159 -21.60 -13.68 -18.65
CA GLU A 159 -21.89 -15.14 -18.58
C GLU A 159 -22.47 -15.54 -17.20
N THR A 160 -21.80 -15.09 -16.12
CA THR A 160 -22.23 -15.38 -14.72
C THR A 160 -23.35 -14.39 -14.25
N MET A 1 37.33 -13.17 9.98
CA MET A 1 36.35 -12.21 9.40
C MET A 1 35.00 -12.90 9.07
N GLY A 2 34.03 -12.09 8.59
CA GLY A 2 32.71 -12.59 8.19
C GLY A 2 31.80 -12.98 9.35
N HIS A 3 31.45 -11.98 10.19
CA HIS A 3 30.53 -12.17 11.34
C HIS A 3 29.09 -12.47 10.85
N HIS A 4 28.73 -13.77 10.78
CA HIS A 4 27.34 -14.22 10.48
C HIS A 4 26.70 -14.90 11.70
N HIS A 5 27.36 -14.79 12.87
CA HIS A 5 26.83 -15.31 14.15
C HIS A 5 25.44 -14.70 14.45
N HIS A 6 24.42 -15.59 14.63
CA HIS A 6 23.02 -15.18 14.90
C HIS A 6 22.94 -14.24 16.14
N HIS A 7 22.26 -13.10 15.98
CA HIS A 7 22.29 -12.00 16.97
C HIS A 7 21.64 -12.40 18.32
N HIS A 8 22.34 -12.07 19.43
CA HIS A 8 21.75 -12.15 20.78
C HIS A 8 20.97 -10.83 21.05
N SER A 9 19.64 -10.90 20.96
CA SER A 9 18.76 -9.72 21.06
C SER A 9 17.32 -10.14 21.43
N HIS A 10 16.45 -9.15 21.62
CA HIS A 10 15.02 -9.36 21.92
C HIS A 10 14.14 -8.69 20.85
N MET A 11 12.87 -9.08 20.80
CA MET A 11 11.87 -8.42 19.94
C MET A 11 11.29 -7.19 20.67
N ASP A 12 11.73 -5.99 20.26
CA ASP A 12 11.10 -4.71 20.69
C ASP A 12 9.74 -4.53 20.00
N THR A 13 8.86 -3.73 20.61
CA THR A 13 7.54 -3.38 20.03
C THR A 13 7.72 -2.69 18.65
N PRO A 14 6.81 -2.96 17.65
CA PRO A 14 6.90 -2.36 16.27
C PRO A 14 6.91 -0.81 16.31
N GLU A 15 6.35 -0.25 17.39
CA GLU A 15 6.46 1.17 17.74
C GLU A 15 7.93 1.66 17.73
N ASN A 16 8.81 1.00 18.54
CA ASN A 16 10.27 1.35 18.63
C ASN A 16 10.97 1.26 17.26
N VAL A 17 10.72 0.14 16.53
CA VAL A 17 11.23 -0.09 15.15
C VAL A 17 10.91 1.12 14.23
N LEU A 18 9.66 1.58 14.33
CA LEU A 18 9.14 2.74 13.60
C LEU A 18 9.72 4.10 14.13
N GLN A 19 9.86 4.23 15.45
CA GLN A 19 10.39 5.45 16.11
C GLN A 19 11.85 5.72 15.70
N MET A 20 12.58 4.65 15.32
CA MET A 20 13.97 4.76 14.80
C MET A 20 14.03 5.62 13.51
N LEU A 21 13.04 5.47 12.59
CA LEU A 21 12.96 6.35 11.39
C LEU A 21 12.32 7.71 11.74
N GLU A 22 11.33 7.71 12.67
CA GLU A 22 10.54 8.92 13.03
C GLU A 22 11.42 10.06 13.60
N ALA A 23 12.44 9.68 14.41
CA ALA A 23 13.46 10.61 14.91
C ALA A 23 14.18 11.36 13.76
N HIS A 24 14.45 10.62 12.66
CA HIS A 24 15.07 11.16 11.45
C HIS A 24 14.06 11.97 10.59
N MET A 25 12.77 11.55 10.63
CA MET A 25 11.67 12.22 9.88
C MET A 25 11.37 13.63 10.44
N GLN A 26 11.67 13.83 11.73
CA GLN A 26 11.61 15.18 12.36
C GLN A 26 12.51 16.21 11.61
N SER A 27 13.61 15.73 10.99
CA SER A 27 14.57 16.63 10.27
C SER A 27 15.00 16.06 8.87
N TYR A 28 14.15 15.22 8.23
CA TYR A 28 14.51 14.60 6.90
C TYR A 28 14.81 15.66 5.80
N LYS A 29 15.57 15.23 4.77
CA LYS A 29 15.92 16.08 3.63
C LYS A 29 14.72 16.22 2.66
N GLY A 30 14.53 17.46 2.13
CA GLY A 30 13.37 17.79 1.28
C GLY A 30 13.25 17.02 -0.05
N ASN A 31 14.27 16.21 -0.39
CA ASN A 31 14.21 15.28 -1.55
C ASN A 31 13.02 14.28 -1.39
N ASP A 32 13.08 13.44 -0.32
CA ASP A 32 11.98 12.52 0.07
C ASP A 32 12.33 11.76 1.38
N PRO A 33 11.35 11.51 2.30
CA PRO A 33 11.51 10.52 3.40
C PRO A 33 11.19 9.06 2.96
N LEU A 34 10.53 8.91 1.77
CA LEU A 34 9.96 7.63 1.28
C LEU A 34 11.00 6.50 1.12
N GLY A 35 12.18 6.87 0.61
CA GLY A 35 13.28 5.92 0.44
C GLY A 35 13.74 5.28 1.75
N GLU A 36 13.80 6.07 2.85
CA GLU A 36 14.18 5.57 4.19
C GLU A 36 13.08 4.65 4.78
N TRP A 37 11.80 4.98 4.50
CA TRP A 37 10.65 4.10 4.83
C TRP A 37 10.84 2.69 4.23
N GLU A 38 11.20 2.64 2.93
CA GLU A 38 11.46 1.37 2.20
C GLU A 38 12.55 0.52 2.90
N ARG A 39 13.59 1.22 3.43
CA ARG A 39 14.71 0.58 4.15
C ARG A 39 14.23 -0.13 5.45
N TYR A 40 13.15 0.38 6.06
CA TYR A 40 12.53 -0.24 7.24
C TYR A 40 11.55 -1.37 6.87
N ILE A 41 10.83 -1.22 5.73
CA ILE A 41 9.95 -2.30 5.20
C ILE A 41 10.78 -3.58 4.90
N GLN A 42 11.94 -3.44 4.24
CA GLN A 42 12.85 -4.60 3.98
C GLN A 42 13.47 -5.14 5.30
N TRP A 43 13.82 -4.23 6.22
CA TRP A 43 14.49 -4.56 7.48
C TRP A 43 13.60 -5.47 8.37
N VAL A 44 12.32 -5.16 8.43
CA VAL A 44 11.34 -5.98 9.18
C VAL A 44 11.02 -7.31 8.43
N GLU A 45 11.10 -7.31 7.09
CA GLU A 45 10.88 -8.55 6.29
C GLU A 45 12.04 -9.56 6.48
N GLU A 46 13.27 -9.06 6.72
CA GLU A 46 14.47 -9.93 6.95
C GLU A 46 14.68 -10.27 8.46
N ASN A 47 14.47 -9.29 9.37
CA ASN A 47 14.70 -9.49 10.84
C ASN A 47 13.45 -10.03 11.58
N PHE A 48 12.24 -9.80 11.03
CA PHE A 48 10.97 -10.32 11.61
C PHE A 48 10.06 -11.02 10.53
N PRO A 49 10.59 -12.02 9.72
CA PRO A 49 9.81 -12.65 8.62
C PRO A 49 8.61 -13.50 9.13
N GLU A 50 8.75 -14.06 10.34
CA GLU A 50 7.71 -14.88 11.01
C GLU A 50 6.47 -14.04 11.40
N ASN A 51 6.64 -12.71 11.59
CA ASN A 51 5.59 -11.82 12.15
C ASN A 51 5.41 -10.54 11.30
N LYS A 52 4.29 -10.48 10.56
CA LYS A 52 3.86 -9.30 9.76
C LYS A 52 3.41 -8.12 10.66
N GLU A 53 3.02 -8.43 11.92
CA GLU A 53 2.51 -7.43 12.91
C GLU A 53 3.48 -6.22 13.13
N TYR A 54 4.78 -6.43 12.88
CA TYR A 54 5.77 -5.35 12.88
C TYR A 54 5.69 -4.54 11.56
N LEU A 55 5.73 -5.25 10.41
CA LEU A 55 5.69 -4.66 9.04
C LEU A 55 4.44 -3.75 8.83
N ILE A 56 3.27 -4.27 9.23
CA ILE A 56 1.97 -3.59 9.07
C ILE A 56 1.95 -2.20 9.76
N THR A 57 2.61 -2.12 10.93
CA THR A 57 2.77 -0.86 11.69
C THR A 57 3.48 0.23 10.85
N LEU A 58 4.55 -0.19 10.14
CA LEU A 58 5.31 0.66 9.22
C LEU A 58 4.45 1.06 7.98
N LEU A 59 3.59 0.12 7.52
CA LEU A 59 2.79 0.29 6.28
C LEU A 59 1.60 1.27 6.44
N GLU A 60 0.83 1.14 7.54
CA GLU A 60 -0.29 2.08 7.79
C GLU A 60 0.22 3.50 8.16
N HIS A 61 1.32 3.58 8.92
CA HIS A 61 2.00 4.88 9.19
C HIS A 61 2.68 5.46 7.92
N LEU A 62 3.00 4.59 6.95
CA LEU A 62 3.51 5.00 5.62
C LEU A 62 2.43 5.79 4.85
N MET A 63 1.24 5.16 4.69
CA MET A 63 0.11 5.78 3.95
C MET A 63 -0.47 6.99 4.69
N LYS A 64 -0.27 7.05 6.02
CA LYS A 64 -0.65 8.22 6.85
C LYS A 64 0.41 9.36 6.76
N GLU A 65 1.71 9.00 6.69
CA GLU A 65 2.82 9.97 6.51
C GLU A 65 2.64 10.81 5.22
N PHE A 66 2.36 10.10 4.13
CA PHE A 66 2.24 10.69 2.78
C PHE A 66 0.77 10.94 2.38
N LEU A 67 -0.18 10.63 3.28
CA LEU A 67 -1.65 10.74 3.04
C LEU A 67 -2.06 12.06 2.39
N ASP A 68 -1.77 13.19 3.04
CA ASP A 68 -2.12 14.52 2.52
C ASP A 68 -0.96 15.17 1.73
N LYS A 69 0.27 14.62 1.84
CA LYS A 69 1.39 15.02 0.97
C LYS A 69 1.18 14.48 -0.46
N LYS A 70 0.55 15.33 -1.30
CA LYS A 70 -0.03 14.91 -2.59
C LYS A 70 1.01 14.47 -3.65
N LYS A 71 2.25 14.98 -3.56
CA LYS A 71 3.33 14.71 -4.57
C LYS A 71 3.77 13.21 -4.61
N TYR A 72 3.42 12.42 -3.58
CA TYR A 72 3.75 10.96 -3.51
C TYR A 72 2.57 10.05 -3.92
N HIS A 73 1.41 10.63 -4.28
CA HIS A 73 0.20 9.83 -4.60
C HIS A 73 0.26 9.18 -6.00
N ASN A 74 1.06 9.76 -6.90
CA ASN A 74 1.37 9.17 -8.22
C ASN A 74 2.62 8.25 -8.18
N ASP A 75 3.18 8.00 -6.96
CA ASP A 75 4.42 7.21 -6.80
C ASP A 75 4.10 5.69 -6.74
N PRO A 76 4.59 4.89 -7.75
CA PRO A 76 4.32 3.43 -7.84
C PRO A 76 4.78 2.63 -6.59
N ARG A 77 5.90 3.05 -5.95
CA ARG A 77 6.42 2.40 -4.71
C ARG A 77 5.46 2.61 -3.53
N PHE A 78 5.10 3.88 -3.27
CA PHE A 78 4.15 4.25 -2.20
C PHE A 78 2.82 3.45 -2.30
N ILE A 79 2.26 3.35 -3.52
CA ILE A 79 1.05 2.54 -3.79
C ILE A 79 1.32 1.02 -3.61
N SER A 80 2.49 0.56 -4.09
CA SER A 80 2.90 -0.87 -4.03
C SER A 80 2.89 -1.43 -2.58
N TYR A 81 3.35 -0.59 -1.62
CA TYR A 81 3.38 -0.96 -0.19
C TYR A 81 1.99 -0.94 0.46
N CYS A 82 1.08 -0.09 -0.08
CA CYS A 82 -0.35 -0.13 0.30
C CYS A 82 -1.04 -1.42 -0.22
N LEU A 83 -0.59 -1.91 -1.39
CA LEU A 83 -1.10 -3.17 -2.00
C LEU A 83 -0.66 -4.43 -1.20
N LYS A 84 0.63 -4.49 -0.83
CA LYS A 84 1.15 -5.60 0.01
C LYS A 84 0.58 -5.51 1.46
N PHE A 85 0.27 -4.28 1.93
CA PHE A 85 -0.49 -4.07 3.19
C PHE A 85 -1.91 -4.66 3.09
N ALA A 86 -2.54 -4.45 1.93
CA ALA A 86 -3.93 -4.85 1.66
C ALA A 86 -4.17 -6.35 1.93
N GLU A 87 -3.27 -7.21 1.42
CA GLU A 87 -3.43 -8.68 1.55
C GLU A 87 -3.33 -9.17 3.04
N TYR A 88 -2.79 -8.32 3.93
CA TYR A 88 -2.69 -8.63 5.39
C TYR A 88 -3.99 -8.29 6.15
N ASN A 89 -4.89 -7.52 5.50
CA ASN A 89 -6.14 -7.01 6.13
C ASN A 89 -7.41 -7.48 5.39
N SER A 90 -8.54 -7.47 6.13
CA SER A 90 -9.87 -7.95 5.63
C SER A 90 -10.89 -6.79 5.46
N ASP A 91 -10.44 -5.53 5.63
CA ASP A 91 -11.32 -4.33 5.52
C ASP A 91 -11.15 -3.60 4.15
N LEU A 92 -10.72 -4.35 3.12
CA LEU A 92 -10.28 -3.78 1.82
C LEU A 92 -11.37 -3.02 1.05
N HIS A 93 -12.65 -3.38 1.29
CA HIS A 93 -13.81 -2.64 0.76
C HIS A 93 -13.80 -1.15 1.22
N GLN A 94 -13.35 -0.93 2.47
CA GLN A 94 -13.16 0.42 3.03
C GLN A 94 -11.78 0.99 2.64
N PHE A 95 -10.73 0.14 2.69
CA PHE A 95 -9.32 0.54 2.47
C PHE A 95 -9.06 1.13 1.06
N PHE A 96 -9.29 0.32 0.02
CA PHE A 96 -9.07 0.76 -1.39
C PHE A 96 -9.97 1.96 -1.78
N GLU A 97 -11.19 2.00 -1.22
CA GLU A 97 -12.12 3.11 -1.43
C GLU A 97 -11.63 4.40 -0.72
N PHE A 98 -11.02 4.24 0.46
CA PHE A 98 -10.39 5.33 1.24
C PHE A 98 -9.23 5.98 0.44
N LEU A 99 -8.40 5.12 -0.17
CA LEU A 99 -7.31 5.55 -1.05
C LEU A 99 -7.85 6.35 -2.26
N TYR A 100 -8.82 5.75 -2.97
CA TYR A 100 -9.48 6.38 -4.14
C TYR A 100 -10.14 7.75 -3.78
N ASN A 101 -10.84 7.81 -2.63
CA ASN A 101 -11.54 9.03 -2.16
C ASN A 101 -10.56 10.14 -1.73
N HIS A 102 -9.35 9.76 -1.25
CA HIS A 102 -8.30 10.75 -0.91
C HIS A 102 -7.33 11.00 -2.11
N GLY A 103 -7.60 10.38 -3.27
CA GLY A 103 -6.75 10.55 -4.46
C GLY A 103 -5.39 9.82 -4.39
N ILE A 104 -5.26 8.87 -3.45
CA ILE A 104 -4.08 8.01 -3.34
C ILE A 104 -4.11 6.95 -4.48
N GLY A 105 -3.14 7.03 -5.41
CA GLY A 105 -2.99 6.03 -6.48
C GLY A 105 -4.07 6.03 -7.56
N THR A 106 -4.74 7.17 -7.76
CA THR A 106 -5.72 7.34 -8.86
C THR A 106 -5.04 7.43 -10.25
N LEU A 107 -3.70 7.63 -10.27
CA LEU A 107 -2.86 7.46 -11.50
C LEU A 107 -2.06 6.13 -11.46
N SER A 108 -2.47 5.20 -10.60
CA SER A 108 -1.84 3.86 -10.50
C SER A 108 -2.85 2.76 -10.92
N SER A 109 -2.60 2.14 -12.08
CA SER A 109 -3.35 0.95 -12.55
C SER A 109 -3.42 -0.19 -11.50
N PRO A 110 -2.25 -0.69 -10.93
CA PRO A 110 -2.26 -1.84 -9.96
C PRO A 110 -3.12 -1.61 -8.67
N LEU A 111 -3.47 -0.33 -8.38
CA LEU A 111 -4.45 -0.01 -7.31
C LEU A 111 -5.85 -0.54 -7.68
N TYR A 112 -6.34 -0.09 -8.85
CA TYR A 112 -7.66 -0.48 -9.40
C TYR A 112 -7.73 -1.99 -9.71
N ILE A 113 -6.59 -2.56 -10.16
CA ILE A 113 -6.46 -4.02 -10.45
C ILE A 113 -6.58 -4.86 -9.14
N ALA A 114 -5.83 -4.48 -8.09
CA ALA A 114 -5.86 -5.18 -6.78
C ALA A 114 -7.23 -5.01 -6.07
N TRP A 115 -7.86 -3.84 -6.25
CA TRP A 115 -9.21 -3.55 -5.74
C TRP A 115 -10.26 -4.46 -6.43
N ALA A 116 -10.27 -4.44 -7.77
CA ALA A 116 -11.22 -5.22 -8.60
C ALA A 116 -11.06 -6.75 -8.42
N GLY A 117 -9.80 -7.20 -8.24
CA GLY A 117 -9.49 -8.60 -7.95
C GLY A 117 -10.07 -9.07 -6.62
N HIS A 118 -9.95 -8.21 -5.60
CA HIS A 118 -10.56 -8.43 -4.28
C HIS A 118 -12.11 -8.50 -4.37
N LEU A 119 -12.71 -7.51 -5.06
CA LEU A 119 -14.18 -7.37 -5.17
C LEU A 119 -14.83 -8.58 -5.90
N GLU A 120 -14.17 -9.05 -6.98
CA GLU A 120 -14.58 -10.27 -7.72
C GLU A 120 -14.70 -11.50 -6.79
N ALA A 121 -13.67 -11.70 -5.94
CA ALA A 121 -13.61 -12.82 -4.98
C ALA A 121 -14.76 -12.76 -3.93
N GLN A 122 -15.30 -11.54 -3.71
CA GLN A 122 -16.45 -11.29 -2.80
C GLN A 122 -17.81 -11.46 -3.52
N GLY A 123 -17.83 -11.16 -4.83
CA GLY A 123 -19.09 -11.15 -5.62
C GLY A 123 -19.45 -9.77 -6.15
N GLU A 124 -18.63 -8.77 -5.81
CA GLU A 124 -18.76 -7.38 -6.30
C GLU A 124 -18.16 -7.22 -7.73
N LEU A 125 -18.60 -8.07 -8.67
CA LEU A 125 -18.19 -8.04 -10.09
C LEU A 125 -18.58 -6.73 -10.81
N GLN A 126 -19.85 -6.29 -10.68
CA GLN A 126 -20.35 -5.06 -11.34
C GLN A 126 -19.66 -3.79 -10.76
N HIS A 127 -19.44 -3.82 -9.43
CA HIS A 127 -18.69 -2.78 -8.68
C HIS A 127 -17.22 -2.72 -9.15
N ALA A 128 -16.58 -3.88 -9.28
CA ALA A 128 -15.17 -4.01 -9.72
C ALA A 128 -14.95 -3.56 -11.18
N SER A 129 -15.97 -3.80 -12.03
CA SER A 129 -16.01 -3.26 -13.42
C SER A 129 -16.07 -1.73 -13.40
N ALA A 130 -16.95 -1.22 -12.53
CA ALA A 130 -17.13 0.22 -12.27
C ALA A 130 -15.83 0.87 -11.72
N VAL A 131 -14.96 0.06 -11.10
CA VAL A 131 -13.63 0.49 -10.61
C VAL A 131 -12.58 0.53 -11.76
N LEU A 132 -12.53 -0.52 -12.59
CA LEU A 132 -11.53 -0.64 -13.68
C LEU A 132 -11.71 0.44 -14.78
N GLN A 133 -12.98 0.77 -15.08
CA GLN A 133 -13.31 1.89 -16.01
C GLN A 133 -12.85 3.26 -15.44
N ARG A 134 -12.86 3.41 -14.08
CA ARG A 134 -12.36 4.64 -13.40
C ARG A 134 -10.87 4.87 -13.70
N GLY A 135 -10.06 3.80 -13.58
CA GLY A 135 -8.64 3.88 -13.94
C GLY A 135 -8.39 4.36 -15.38
N ILE A 136 -9.16 3.78 -16.33
CA ILE A 136 -9.09 4.12 -17.76
C ILE A 136 -9.39 5.63 -18.03
N GLN A 137 -10.52 6.14 -17.49
CA GLN A 137 -10.96 7.55 -17.69
C GLN A 137 -10.11 8.56 -16.88
N ASN A 138 -9.58 8.13 -15.70
CA ASN A 138 -8.66 8.96 -14.88
C ASN A 138 -7.19 8.83 -15.38
N GLN A 139 -6.98 8.06 -16.48
CA GLN A 139 -5.67 8.00 -17.22
C GLN A 139 -4.55 7.34 -16.36
N ALA A 140 -4.95 6.45 -15.44
CA ALA A 140 -4.03 5.73 -14.54
C ALA A 140 -3.07 4.79 -15.30
N GLU A 141 -1.75 5.07 -15.20
CA GLU A 141 -0.71 4.26 -15.88
C GLU A 141 -0.31 3.01 -15.03
N PRO A 142 0.01 1.82 -15.66
CA PRO A 142 -0.16 1.54 -17.12
C PRO A 142 -1.65 1.39 -17.58
N ARG A 143 -2.08 2.29 -18.48
CA ARG A 143 -3.46 2.34 -19.02
C ARG A 143 -3.83 1.07 -19.81
N GLU A 144 -2.87 0.54 -20.61
CA GLU A 144 -3.05 -0.69 -21.41
C GLU A 144 -3.36 -1.91 -20.51
N PHE A 145 -2.69 -1.98 -19.34
CA PHE A 145 -2.92 -3.04 -18.34
C PHE A 145 -4.36 -2.95 -17.79
N LEU A 146 -4.85 -1.72 -17.60
CA LEU A 146 -6.24 -1.45 -17.14
C LEU A 146 -7.28 -1.90 -18.17
N GLN A 147 -7.03 -1.60 -19.46
CA GLN A 147 -7.97 -1.91 -20.55
C GLN A 147 -8.04 -3.43 -20.83
N GLN A 148 -6.87 -4.11 -20.82
CA GLN A 148 -6.80 -5.58 -21.03
C GLN A 148 -7.42 -6.34 -19.83
N GLN A 149 -7.17 -5.86 -18.60
CA GLN A 149 -7.78 -6.44 -17.38
C GLN A 149 -9.29 -6.15 -17.31
N TYR A 150 -9.70 -4.96 -17.80
CA TYR A 150 -11.12 -4.55 -17.86
C TYR A 150 -11.93 -5.50 -18.78
N ARG A 151 -11.49 -5.66 -20.04
CA ARG A 151 -12.21 -6.50 -21.05
C ARG A 151 -12.23 -8.00 -20.65
N LEU A 152 -11.11 -8.51 -20.10
CA LEU A 152 -11.02 -9.90 -19.63
C LEU A 152 -11.86 -10.09 -18.36
N PHE A 153 -12.04 -9.02 -17.59
CA PHE A 153 -13.00 -8.99 -16.48
C PHE A 153 -14.47 -8.93 -16.98
N GLN A 154 -14.71 -8.23 -18.11
CA GLN A 154 -16.06 -8.09 -18.69
C GLN A 154 -16.57 -9.43 -19.24
N THR A 155 -15.65 -10.22 -19.83
CA THR A 155 -16.01 -11.55 -20.40
C THR A 155 -16.37 -12.55 -19.27
N ARG A 156 -15.89 -12.29 -18.04
CA ARG A 156 -16.23 -13.09 -16.84
C ARG A 156 -17.68 -12.77 -16.38
N LEU A 157 -17.97 -11.48 -16.11
CA LEU A 157 -19.25 -11.03 -15.54
C LEU A 157 -20.45 -11.17 -16.52
N THR A 158 -20.19 -11.13 -17.84
CA THR A 158 -21.23 -11.37 -18.86
C THR A 158 -21.61 -12.87 -18.96
N GLU A 159 -20.64 -13.76 -18.64
CA GLU A 159 -20.85 -15.23 -18.72
C GLU A 159 -21.47 -15.83 -17.44
N THR A 160 -21.46 -15.09 -16.31
CA THR A 160 -22.19 -15.52 -15.08
C THR A 160 -23.69 -15.13 -15.17
N MET A 1 33.22 -5.24 30.93
CA MET A 1 32.24 -5.17 32.04
C MET A 1 31.11 -4.16 31.70
N GLY A 2 29.88 -4.65 31.57
CA GLY A 2 28.72 -3.81 31.21
C GLY A 2 28.30 -3.95 29.76
N HIS A 3 27.34 -3.10 29.35
CA HIS A 3 26.72 -3.15 28.01
C HIS A 3 26.05 -1.79 27.67
N HIS A 4 26.24 -1.32 26.43
CA HIS A 4 25.69 -0.03 25.94
C HIS A 4 24.99 -0.24 24.59
N HIS A 5 23.69 0.14 24.53
CA HIS A 5 22.81 -0.03 23.34
C HIS A 5 22.54 -1.52 22.99
N HIS A 6 22.93 -2.43 23.92
CA HIS A 6 22.80 -3.90 23.75
C HIS A 6 22.34 -4.51 25.10
N HIS A 7 21.03 -4.76 25.23
CA HIS A 7 20.43 -5.37 26.44
C HIS A 7 19.79 -6.74 26.11
N HIS A 8 19.13 -7.38 27.11
CA HIS A 8 18.44 -8.69 26.93
C HIS A 8 17.37 -8.60 25.81
N SER A 9 17.78 -8.95 24.57
CA SER A 9 16.97 -8.72 23.36
C SER A 9 17.44 -9.60 22.17
N HIS A 10 16.49 -10.34 21.57
CA HIS A 10 16.64 -10.98 20.24
C HIS A 10 15.57 -10.44 19.26
N MET A 11 14.56 -9.73 19.81
CA MET A 11 13.47 -9.12 19.02
C MET A 11 12.73 -8.06 19.89
N ASP A 12 13.08 -6.77 19.66
CA ASP A 12 12.55 -5.61 20.44
C ASP A 12 11.17 -5.14 19.91
N THR A 13 10.59 -4.11 20.53
CA THR A 13 9.28 -3.55 20.10
C THR A 13 9.37 -2.88 18.69
N PRO A 14 8.33 -3.07 17.80
CA PRO A 14 8.30 -2.45 16.44
C PRO A 14 8.06 -0.92 16.50
N GLU A 15 7.60 -0.45 17.67
CA GLU A 15 7.28 0.97 17.91
C GLU A 15 8.57 1.81 17.92
N ASN A 16 9.60 1.38 18.69
CA ASN A 16 10.93 2.04 18.71
C ASN A 16 11.64 1.95 17.32
N VAL A 17 11.48 0.79 16.63
CA VAL A 17 11.98 0.60 15.25
C VAL A 17 11.46 1.71 14.30
N LEU A 18 10.14 1.94 14.33
CA LEU A 18 9.48 3.01 13.57
C LEU A 18 9.93 4.42 14.05
N GLN A 19 10.04 4.60 15.38
CA GLN A 19 10.52 5.88 15.98
C GLN A 19 11.97 6.23 15.53
N MET A 20 12.77 5.21 15.11
CA MET A 20 14.14 5.45 14.60
C MET A 20 14.14 6.33 13.32
N LEU A 21 13.22 6.05 12.35
CA LEU A 21 13.10 6.91 11.14
C LEU A 21 12.39 8.24 11.48
N GLU A 22 11.40 8.19 12.40
CA GLU A 22 10.60 9.37 12.81
C GLU A 22 11.47 10.45 13.49
N ALA A 23 12.46 9.99 14.27
CA ALA A 23 13.46 10.86 14.93
C ALA A 23 14.22 11.70 13.89
N HIS A 24 14.61 11.05 12.78
CA HIS A 24 15.23 11.70 11.62
C HIS A 24 14.24 12.69 10.94
N MET A 25 12.96 12.25 10.77
CA MET A 25 11.88 13.03 10.08
C MET A 25 11.60 14.38 10.76
N GLN A 26 11.74 14.42 12.11
CA GLN A 26 11.60 15.68 12.92
C GLN A 26 12.51 16.82 12.37
N SER A 27 13.75 16.45 11.99
CA SER A 27 14.76 17.39 11.43
C SER A 27 14.86 17.29 9.89
N TYR A 28 14.04 16.42 9.26
CA TYR A 28 14.12 16.13 7.81
C TYR A 28 12.95 16.81 7.06
N LYS A 29 13.29 17.70 6.09
CA LYS A 29 12.29 18.45 5.29
C LYS A 29 11.49 17.52 4.35
N GLY A 30 12.20 16.55 3.75
CA GLY A 30 11.59 15.54 2.86
C GLY A 30 11.99 15.69 1.40
N ASN A 31 13.28 15.51 1.07
CA ASN A 31 13.73 15.35 -0.34
C ASN A 31 13.28 13.96 -0.88
N ASP A 32 13.55 12.94 -0.05
CA ASP A 32 13.08 11.56 -0.24
C ASP A 32 12.84 10.92 1.15
N PRO A 33 11.63 11.13 1.76
CA PRO A 33 11.26 10.44 3.01
C PRO A 33 10.86 8.96 2.78
N LEU A 34 10.25 8.65 1.61
CA LEU A 34 9.75 7.28 1.27
C LEU A 34 10.91 6.24 1.29
N GLY A 35 12.04 6.60 0.67
CA GLY A 35 13.24 5.74 0.65
C GLY A 35 13.73 5.34 2.05
N GLU A 36 13.65 6.29 3.00
CA GLU A 36 13.98 6.06 4.43
C GLU A 36 13.09 4.95 5.04
N TRP A 37 11.77 5.03 4.77
CA TRP A 37 10.76 4.03 5.21
C TRP A 37 11.05 2.63 4.63
N GLU A 38 11.30 2.57 3.29
CA GLU A 38 11.50 1.29 2.55
C GLU A 38 12.60 0.40 3.17
N ARG A 39 13.63 1.06 3.72
CA ARG A 39 14.72 0.37 4.46
C ARG A 39 14.19 -0.44 5.65
N TYR A 40 13.23 0.13 6.39
CA TYR A 40 12.62 -0.52 7.57
C TYR A 40 11.62 -1.62 7.15
N ILE A 41 10.86 -1.37 6.06
CA ILE A 41 9.91 -2.36 5.47
C ILE A 41 10.64 -3.67 5.07
N GLN A 42 11.77 -3.57 4.32
CA GLN A 42 12.58 -4.76 3.96
C GLN A 42 13.28 -5.37 5.19
N TRP A 43 13.69 -4.51 6.15
CA TRP A 43 14.46 -4.91 7.35
C TRP A 43 13.66 -5.89 8.24
N VAL A 44 12.38 -5.58 8.50
CA VAL A 44 11.47 -6.52 9.21
C VAL A 44 11.20 -7.79 8.36
N GLU A 45 11.04 -7.65 7.04
CA GLU A 45 10.74 -8.80 6.14
C GLU A 45 11.88 -9.84 6.09
N GLU A 46 13.13 -9.38 6.28
CA GLU A 46 14.31 -10.27 6.32
C GLU A 46 14.64 -10.78 7.77
N ASN A 47 14.65 -9.85 8.77
CA ASN A 47 15.08 -10.16 10.16
C ASN A 47 13.94 -10.80 11.00
N PHE A 48 12.71 -10.26 10.88
CA PHE A 48 11.53 -10.70 11.70
C PHE A 48 10.29 -11.05 10.80
N PRO A 49 10.43 -12.05 9.85
CA PRO A 49 9.31 -12.42 8.94
C PRO A 49 8.17 -13.18 9.67
N GLU A 50 8.52 -13.80 10.81
CA GLU A 50 7.61 -14.63 11.62
C GLU A 50 6.56 -13.77 12.37
N ASN A 51 6.86 -12.48 12.58
CA ASN A 51 5.93 -11.52 13.20
C ASN A 51 5.55 -10.40 12.21
N LYS A 52 4.38 -10.58 11.58
CA LYS A 52 3.84 -9.65 10.57
C LYS A 52 3.40 -8.30 11.18
N GLU A 53 3.02 -8.34 12.47
CA GLU A 53 2.63 -7.17 13.27
C GLU A 53 3.71 -6.03 13.22
N TYR A 54 5.00 -6.42 13.16
CA TYR A 54 6.15 -5.48 13.05
C TYR A 54 6.11 -4.69 11.73
N LEU A 55 5.91 -5.41 10.61
CA LEU A 55 5.83 -4.81 9.26
C LEU A 55 4.62 -3.85 9.16
N ILE A 56 3.46 -4.32 9.66
CA ILE A 56 2.19 -3.56 9.60
C ILE A 56 2.30 -2.21 10.37
N THR A 57 3.07 -2.21 11.50
CA THR A 57 3.39 -0.99 12.28
C THR A 57 3.95 0.13 11.36
N LEU A 58 4.88 -0.26 10.48
CA LEU A 58 5.51 0.63 9.49
C LEU A 58 4.51 1.01 8.35
N LEU A 59 3.74 0.02 7.85
CA LEU A 59 2.86 0.17 6.65
C LEU A 59 1.67 1.14 6.88
N GLU A 60 0.88 0.89 7.95
CA GLU A 60 -0.30 1.73 8.29
C GLU A 60 0.11 3.18 8.63
N HIS A 61 1.28 3.34 9.27
CA HIS A 61 1.84 4.68 9.60
C HIS A 61 2.44 5.35 8.33
N LEU A 62 2.88 4.56 7.35
CA LEU A 62 3.44 5.07 6.07
C LEU A 62 2.38 5.88 5.29
N MET A 63 1.19 5.29 5.10
CA MET A 63 0.09 5.94 4.35
C MET A 63 -0.51 7.14 5.12
N LYS A 64 -0.51 7.08 6.48
CA LYS A 64 -0.95 8.21 7.34
C LYS A 64 0.07 9.39 7.29
N GLU A 65 1.37 9.06 7.42
CA GLU A 65 2.49 10.04 7.41
C GLU A 65 2.60 10.73 6.03
N PHE A 66 2.25 9.97 4.98
CA PHE A 66 2.29 10.46 3.59
C PHE A 66 0.91 10.88 3.05
N LEU A 67 -0.14 10.79 3.90
CA LEU A 67 -1.53 11.12 3.49
C LEU A 67 -1.69 12.60 3.01
N ASP A 68 -1.01 13.56 3.67
CA ASP A 68 -1.02 14.97 3.20
C ASP A 68 0.20 15.28 2.27
N LYS A 69 1.12 14.30 2.08
CA LYS A 69 2.13 14.36 1.01
C LYS A 69 1.45 14.11 -0.36
N LYS A 70 0.83 15.16 -0.90
CA LYS A 70 -0.13 15.07 -2.02
C LYS A 70 0.52 14.60 -3.35
N LYS A 71 1.77 15.04 -3.62
CA LYS A 71 2.48 14.64 -4.86
C LYS A 71 3.03 13.19 -4.81
N TYR A 72 2.94 12.52 -3.64
CA TYR A 72 3.39 11.11 -3.46
C TYR A 72 2.24 10.12 -3.76
N HIS A 73 1.02 10.65 -3.96
CA HIS A 73 -0.20 9.84 -4.16
C HIS A 73 -0.28 9.18 -5.55
N ASN A 74 0.64 9.51 -6.47
CA ASN A 74 0.73 8.81 -7.77
C ASN A 74 2.06 8.03 -7.90
N ASP A 75 2.83 7.96 -6.80
CA ASP A 75 4.13 7.29 -6.77
C ASP A 75 3.93 5.76 -6.75
N PRO A 76 4.45 4.99 -7.78
CA PRO A 76 4.21 3.52 -7.90
C PRO A 76 4.69 2.72 -6.66
N ARG A 77 5.79 3.18 -6.01
CA ARG A 77 6.31 2.53 -4.79
C ARG A 77 5.37 2.76 -3.58
N PHE A 78 5.00 4.04 -3.30
CA PHE A 78 4.06 4.39 -2.20
C PHE A 78 2.74 3.57 -2.29
N ILE A 79 2.13 3.55 -3.50
CA ILE A 79 0.91 2.76 -3.78
C ILE A 79 1.18 1.25 -3.59
N SER A 80 2.35 0.76 -4.04
CA SER A 80 2.75 -0.65 -3.88
C SER A 80 2.78 -1.09 -2.40
N TYR A 81 3.19 -0.18 -1.49
CA TYR A 81 3.21 -0.47 -0.03
C TYR A 81 1.81 -0.40 0.60
N CYS A 82 0.89 0.38 -0.01
CA CYS A 82 -0.55 0.34 0.34
C CYS A 82 -1.18 -1.00 -0.15
N LEU A 83 -0.69 -1.53 -1.30
CA LEU A 83 -1.09 -2.86 -1.86
C LEU A 83 -0.51 -4.00 -0.99
N LYS A 84 0.71 -3.78 -0.49
CA LYS A 84 1.41 -4.68 0.44
C LYS A 84 0.66 -4.75 1.78
N PHE A 85 0.19 -3.61 2.26
CA PHE A 85 -0.66 -3.53 3.47
C PHE A 85 -2.08 -4.10 3.19
N ALA A 86 -2.56 -3.92 1.94
CA ALA A 86 -3.90 -4.36 1.49
C ALA A 86 -4.08 -5.89 1.62
N GLU A 87 -3.06 -6.65 1.23
CA GLU A 87 -3.10 -8.14 1.29
C GLU A 87 -3.11 -8.67 2.76
N TYR A 88 -2.94 -7.77 3.75
CA TYR A 88 -3.04 -8.11 5.20
C TYR A 88 -4.42 -7.70 5.79
N ASN A 89 -5.25 -7.01 4.99
CA ASN A 89 -6.62 -6.58 5.38
C ASN A 89 -7.69 -7.25 4.48
N SER A 90 -8.79 -7.69 5.10
CA SER A 90 -9.95 -8.31 4.40
C SER A 90 -10.87 -7.24 3.76
N ASP A 91 -11.09 -6.11 4.48
CA ASP A 91 -12.01 -5.02 4.05
C ASP A 91 -11.35 -4.07 3.01
N LEU A 92 -11.11 -4.61 1.81
CA LEU A 92 -10.50 -3.86 0.68
C LEU A 92 -11.52 -2.98 -0.08
N HIS A 93 -12.80 -3.39 -0.08
CA HIS A 93 -13.94 -2.52 -0.49
C HIS A 93 -13.87 -1.13 0.22
N GLN A 94 -13.57 -1.17 1.53
CA GLN A 94 -13.49 0.03 2.37
C GLN A 94 -12.10 0.71 2.26
N PHE A 95 -11.02 -0.09 2.33
CA PHE A 95 -9.62 0.40 2.33
C PHE A 95 -9.27 1.15 1.01
N PHE A 96 -9.44 0.47 -0.13
CA PHE A 96 -9.14 1.06 -1.46
C PHE A 96 -10.09 2.23 -1.81
N GLU A 97 -11.30 2.24 -1.22
CA GLU A 97 -12.24 3.36 -1.40
C GLU A 97 -11.72 4.63 -0.70
N PHE A 98 -11.19 4.47 0.52
CA PHE A 98 -10.48 5.53 1.28
C PHE A 98 -9.29 6.08 0.45
N LEU A 99 -8.51 5.16 -0.14
CA LEU A 99 -7.38 5.50 -1.01
C LEU A 99 -7.84 6.38 -2.20
N TYR A 100 -8.79 5.87 -3.00
CA TYR A 100 -9.30 6.56 -4.20
C TYR A 100 -9.91 7.94 -3.87
N ASN A 101 -10.67 8.02 -2.77
CA ASN A 101 -11.33 9.27 -2.33
C ASN A 101 -10.31 10.32 -1.83
N HIS A 102 -9.15 9.86 -1.28
CA HIS A 102 -8.05 10.78 -0.87
C HIS A 102 -7.06 11.04 -2.05
N GLY A 103 -7.35 10.50 -3.24
CA GLY A 103 -6.50 10.70 -4.43
C GLY A 103 -5.28 9.77 -4.49
N ILE A 104 -5.23 8.75 -3.62
CA ILE A 104 -4.16 7.75 -3.61
C ILE A 104 -4.38 6.74 -4.78
N GLY A 105 -3.39 6.64 -5.68
CA GLY A 105 -3.38 5.63 -6.76
C GLY A 105 -4.27 5.95 -7.96
N THR A 106 -4.54 7.25 -8.21
CA THR A 106 -5.36 7.68 -9.37
C THR A 106 -4.64 7.42 -10.71
N LEU A 107 -3.29 7.46 -10.68
CA LEU A 107 -2.44 7.16 -11.87
C LEU A 107 -1.69 5.83 -11.68
N SER A 108 -2.25 4.93 -10.85
CA SER A 108 -1.68 3.59 -10.59
C SER A 108 -2.69 2.49 -10.96
N SER A 109 -2.49 1.86 -12.14
CA SER A 109 -3.28 0.67 -12.60
C SER A 109 -3.36 -0.49 -11.54
N PRO A 110 -2.21 -0.99 -10.94
CA PRO A 110 -2.23 -2.13 -9.96
C PRO A 110 -3.15 -1.90 -8.73
N LEU A 111 -3.49 -0.63 -8.43
CA LEU A 111 -4.45 -0.27 -7.36
C LEU A 111 -5.87 -0.82 -7.73
N TYR A 112 -6.35 -0.41 -8.92
CA TYR A 112 -7.68 -0.79 -9.43
C TYR A 112 -7.76 -2.30 -9.75
N ILE A 113 -6.65 -2.87 -10.27
CA ILE A 113 -6.55 -4.31 -10.60
C ILE A 113 -6.66 -5.19 -9.32
N ALA A 114 -5.91 -4.81 -8.27
CA ALA A 114 -5.94 -5.52 -6.96
C ALA A 114 -7.32 -5.42 -6.28
N TRP A 115 -7.93 -4.22 -6.32
CA TRP A 115 -9.27 -3.97 -5.75
C TRP A 115 -10.36 -4.82 -6.48
N ALA A 116 -10.41 -4.67 -7.81
CA ALA A 116 -11.40 -5.37 -8.68
C ALA A 116 -11.32 -6.90 -8.57
N GLY A 117 -10.08 -7.43 -8.48
CA GLY A 117 -9.84 -8.87 -8.29
C GLY A 117 -10.40 -9.39 -6.95
N HIS A 118 -10.24 -8.58 -5.88
CA HIS A 118 -10.82 -8.86 -4.56
C HIS A 118 -12.36 -8.92 -4.63
N LEU A 119 -12.96 -7.87 -5.21
CA LEU A 119 -14.43 -7.72 -5.29
C LEU A 119 -15.08 -8.86 -6.12
N GLU A 120 -14.39 -9.25 -7.22
CA GLU A 120 -14.79 -10.41 -8.05
C GLU A 120 -14.89 -11.71 -7.20
N ALA A 121 -13.88 -11.92 -6.32
CA ALA A 121 -13.84 -13.07 -5.37
C ALA A 121 -15.00 -13.02 -4.35
N GLN A 122 -15.51 -11.81 -4.07
CA GLN A 122 -16.68 -11.58 -3.19
C GLN A 122 -18.01 -11.73 -3.96
N GLY A 123 -17.97 -11.47 -5.29
CA GLY A 123 -19.18 -11.49 -6.16
C GLY A 123 -19.58 -10.12 -6.68
N GLU A 124 -18.86 -9.07 -6.22
CA GLU A 124 -19.06 -7.66 -6.63
C GLU A 124 -18.44 -7.34 -8.03
N LEU A 125 -18.73 -8.14 -9.07
CA LEU A 125 -18.18 -7.89 -10.43
C LEU A 125 -18.71 -6.59 -11.06
N GLN A 126 -19.94 -6.19 -10.73
CA GLN A 126 -20.53 -4.94 -11.28
C GLN A 126 -19.87 -3.67 -10.67
N HIS A 127 -19.53 -3.73 -9.36
CA HIS A 127 -18.81 -2.64 -8.67
C HIS A 127 -17.30 -2.65 -9.03
N ALA A 128 -16.73 -3.85 -9.21
CA ALA A 128 -15.32 -4.05 -9.62
C ALA A 128 -15.06 -3.52 -11.05
N SER A 129 -16.07 -3.68 -11.93
CA SER A 129 -16.10 -3.02 -13.26
C SER A 129 -16.14 -1.49 -13.12
N ALA A 130 -16.99 -1.00 -12.18
CA ALA A 130 -17.09 0.43 -11.82
C ALA A 130 -15.77 0.98 -11.21
N VAL A 131 -14.89 0.08 -10.76
CA VAL A 131 -13.52 0.43 -10.28
C VAL A 131 -12.52 0.52 -11.46
N LEU A 132 -12.48 -0.51 -12.33
CA LEU A 132 -11.52 -0.57 -13.47
C LEU A 132 -11.72 0.57 -14.49
N GLN A 133 -13.00 0.94 -14.72
CA GLN A 133 -13.36 2.06 -15.62
C GLN A 133 -12.81 3.43 -15.10
N ARG A 134 -12.73 3.58 -13.75
CA ARG A 134 -12.13 4.77 -13.11
C ARG A 134 -10.67 4.93 -13.52
N GLY A 135 -9.90 3.84 -13.39
CA GLY A 135 -8.50 3.83 -13.78
C GLY A 135 -8.27 4.19 -15.26
N ILE A 136 -9.07 3.60 -16.15
CA ILE A 136 -9.00 3.86 -17.60
C ILE A 136 -9.20 5.36 -17.93
N GLN A 137 -10.28 5.97 -17.40
CA GLN A 137 -10.60 7.39 -17.66
C GLN A 137 -9.61 8.36 -16.92
N ASN A 138 -9.02 7.90 -15.79
CA ASN A 138 -7.96 8.65 -15.06
C ASN A 138 -6.60 8.55 -15.80
N GLN A 139 -6.52 7.66 -16.81
CA GLN A 139 -5.27 7.38 -17.60
C GLN A 139 -4.18 6.72 -16.70
N ALA A 140 -4.63 5.95 -15.69
CA ALA A 140 -3.77 5.29 -14.69
C ALA A 140 -2.81 4.26 -15.32
N GLU A 141 -1.50 4.49 -15.15
CA GLU A 141 -0.44 3.73 -15.84
C GLU A 141 -0.12 2.39 -15.10
N PRO A 142 0.09 1.23 -15.84
CA PRO A 142 -0.14 1.13 -17.32
C PRO A 142 -1.64 1.05 -17.71
N ARG A 143 -2.09 1.99 -18.56
CA ARG A 143 -3.52 2.13 -18.96
C ARG A 143 -4.00 0.92 -19.80
N GLU A 144 -3.16 0.48 -20.76
CA GLU A 144 -3.45 -0.72 -21.60
C GLU A 144 -3.68 -1.99 -20.75
N PHE A 145 -2.97 -2.09 -19.59
CA PHE A 145 -3.16 -3.19 -18.64
C PHE A 145 -4.57 -3.13 -17.99
N LEU A 146 -5.02 -1.91 -17.68
CA LEU A 146 -6.38 -1.66 -17.15
C LEU A 146 -7.46 -2.04 -18.18
N GLN A 147 -7.23 -1.70 -19.45
CA GLN A 147 -8.20 -1.91 -20.55
C GLN A 147 -8.28 -3.40 -20.96
N GLN A 148 -7.13 -4.10 -20.97
CA GLN A 148 -7.08 -5.54 -21.25
C GLN A 148 -7.75 -6.34 -20.10
N GLN A 149 -7.48 -5.96 -18.84
CA GLN A 149 -8.09 -6.61 -17.67
C GLN A 149 -9.57 -6.20 -17.51
N TYR A 150 -9.94 -5.00 -18.00
CA TYR A 150 -11.35 -4.54 -18.03
C TYR A 150 -12.18 -5.45 -18.95
N ARG A 151 -11.73 -5.63 -20.21
CA ARG A 151 -12.47 -6.45 -21.21
C ARG A 151 -12.50 -7.96 -20.83
N LEU A 152 -11.38 -8.47 -20.24
CA LEU A 152 -11.31 -9.86 -19.76
C LEU A 152 -12.22 -10.06 -18.54
N PHE A 153 -12.37 -9.01 -17.72
CA PHE A 153 -13.33 -8.97 -16.61
C PHE A 153 -14.80 -8.97 -17.12
N GLN A 154 -15.06 -8.15 -18.18
CA GLN A 154 -16.41 -8.00 -18.77
C GLN A 154 -16.91 -9.30 -19.40
N THR A 155 -16.00 -10.04 -20.06
CA THR A 155 -16.36 -11.32 -20.74
C THR A 155 -16.78 -12.40 -19.72
N ARG A 156 -16.30 -12.29 -18.45
CA ARG A 156 -16.67 -13.23 -17.36
C ARG A 156 -18.10 -12.95 -16.85
N LEU A 157 -18.38 -11.67 -16.53
CA LEU A 157 -19.68 -11.25 -15.92
C LEU A 157 -20.86 -11.26 -16.92
N THR A 158 -20.58 -11.04 -18.22
CA THR A 158 -21.64 -11.06 -19.27
C THR A 158 -22.14 -12.51 -19.51
N GLU A 159 -21.23 -13.50 -19.36
CA GLU A 159 -21.54 -14.94 -19.53
C GLU A 159 -22.07 -15.58 -18.23
N THR A 160 -21.68 -15.02 -17.07
CA THR A 160 -22.10 -15.52 -15.73
C THR A 160 -23.10 -14.55 -15.06
N MET A 1 39.36 5.75 26.03
CA MET A 1 38.79 4.39 26.14
C MET A 1 37.25 4.45 26.12
N GLY A 2 36.64 4.07 24.97
CA GLY A 2 35.17 4.04 24.80
C GLY A 2 34.63 2.62 24.62
N HIS A 3 33.41 2.36 25.12
CA HIS A 3 32.77 1.02 25.04
C HIS A 3 31.65 1.01 23.96
N HIS A 4 31.79 0.10 22.97
CA HIS A 4 30.83 -0.06 21.84
C HIS A 4 29.40 -0.42 22.34
N HIS A 5 28.43 0.45 22.04
CA HIS A 5 27.01 0.23 22.40
C HIS A 5 26.33 -0.72 21.39
N HIS A 6 26.33 -2.03 21.68
CA HIS A 6 25.64 -3.04 20.86
C HIS A 6 24.15 -3.15 21.28
N HIS A 7 23.25 -3.21 20.27
CA HIS A 7 21.79 -3.35 20.49
C HIS A 7 21.44 -4.66 21.25
N HIS A 8 20.68 -4.53 22.35
CA HIS A 8 20.36 -5.66 23.25
C HIS A 8 19.13 -6.47 22.76
N SER A 9 17.99 -5.79 22.50
CA SER A 9 16.69 -6.43 22.14
C SER A 9 16.79 -7.28 20.84
N HIS A 10 16.70 -8.61 20.97
CA HIS A 10 16.70 -9.55 19.82
C HIS A 10 15.31 -9.56 19.13
N MET A 11 14.24 -9.62 19.93
CA MET A 11 12.86 -9.36 19.45
C MET A 11 12.40 -7.95 19.92
N ASP A 12 12.50 -6.98 19.00
CA ASP A 12 12.16 -5.56 19.24
C ASP A 12 10.64 -5.33 19.48
N THR A 13 10.25 -4.06 19.57
CA THR A 13 8.84 -3.62 19.45
C THR A 13 8.68 -2.74 18.20
N PRO A 14 7.56 -2.88 17.43
CA PRO A 14 7.30 -2.07 16.20
C PRO A 14 7.35 -0.56 16.47
N GLU A 15 6.97 -0.18 17.71
CA GLU A 15 7.00 1.20 18.23
C GLU A 15 8.41 1.85 18.17
N ASN A 16 9.45 1.08 18.58
CA ASN A 16 10.86 1.56 18.53
C ASN A 16 11.43 1.49 17.09
N VAL A 17 11.18 0.36 16.39
CA VAL A 17 11.57 0.17 14.97
C VAL A 17 11.15 1.38 14.11
N LEU A 18 9.90 1.79 14.30
CA LEU A 18 9.28 2.91 13.59
C LEU A 18 9.79 4.28 14.11
N GLN A 19 9.88 4.47 15.45
CA GLN A 19 10.30 5.78 16.03
C GLN A 19 11.75 6.17 15.61
N MET A 20 12.56 5.16 15.22
CA MET A 20 13.92 5.40 14.68
C MET A 20 13.90 6.26 13.39
N LEU A 21 13.03 5.92 12.39
CA LEU A 21 12.91 6.71 11.15
C LEU A 21 12.15 8.04 11.38
N GLU A 22 11.16 8.00 12.31
CA GLU A 22 10.32 9.16 12.65
C GLU A 22 11.17 10.30 13.23
N ALA A 23 12.11 9.95 14.14
CA ALA A 23 13.02 10.90 14.81
C ALA A 23 13.92 11.65 13.80
N HIS A 24 14.21 11.01 12.67
CA HIS A 24 14.91 11.64 11.52
C HIS A 24 13.93 12.50 10.68
N MET A 25 12.69 12.01 10.54
CA MET A 25 11.69 12.58 9.62
C MET A 25 10.98 13.85 10.17
N GLN A 26 10.91 14.00 11.51
CA GLN A 26 10.30 15.19 12.19
C GLN A 26 10.84 16.54 11.64
N SER A 27 12.16 16.63 11.41
CA SER A 27 12.80 17.84 10.83
C SER A 27 13.34 17.56 9.41
N TYR A 28 12.76 16.56 8.73
CA TYR A 28 13.08 16.23 7.31
C TYR A 28 11.92 16.67 6.40
N LYS A 29 12.21 17.60 5.49
CA LYS A 29 11.27 18.06 4.44
C LYS A 29 12.12 18.28 3.17
N GLY A 30 12.12 17.29 2.26
CA GLY A 30 12.96 17.32 1.06
C GLY A 30 12.42 16.45 -0.09
N ASN A 31 13.35 15.88 -0.88
CA ASN A 31 13.03 15.15 -2.14
C ASN A 31 12.26 13.83 -1.89
N ASP A 32 12.77 12.98 -0.97
CA ASP A 32 12.26 11.61 -0.81
C ASP A 32 12.39 11.11 0.65
N PRO A 33 11.31 11.26 1.50
CA PRO A 33 11.23 10.59 2.81
C PRO A 33 10.85 9.08 2.73
N LEU A 34 10.32 8.62 1.57
CA LEU A 34 9.86 7.22 1.37
C LEU A 34 11.01 6.21 1.52
N GLY A 35 12.19 6.58 0.98
CA GLY A 35 13.40 5.75 1.04
C GLY A 35 13.76 5.29 2.44
N GLU A 36 13.62 6.21 3.42
CA GLU A 36 13.80 5.93 4.87
C GLU A 36 12.93 4.73 5.32
N TRP A 37 11.62 4.79 5.03
CA TRP A 37 10.66 3.72 5.38
C TRP A 37 11.02 2.38 4.75
N GLU A 38 11.28 2.40 3.43
CA GLU A 38 11.55 1.18 2.61
C GLU A 38 12.71 0.33 3.17
N ARG A 39 13.73 1.02 3.73
CA ARG A 39 14.88 0.35 4.41
C ARG A 39 14.36 -0.54 5.56
N TYR A 40 13.43 0.03 6.36
CA TYR A 40 12.83 -0.64 7.53
C TYR A 40 11.78 -1.70 7.11
N ILE A 41 11.04 -1.47 6.00
CA ILE A 41 10.03 -2.44 5.50
C ILE A 41 10.71 -3.78 5.09
N GLN A 42 11.73 -3.72 4.21
CA GLN A 42 12.46 -4.94 3.80
C GLN A 42 13.26 -5.56 4.98
N TRP A 43 13.84 -4.68 5.83
CA TRP A 43 14.62 -5.09 7.02
C TRP A 43 13.75 -5.92 7.98
N VAL A 44 12.58 -5.40 8.29
CA VAL A 44 11.67 -6.01 9.27
C VAL A 44 11.04 -7.31 8.72
N GLU A 45 11.03 -7.49 7.38
CA GLU A 45 10.59 -8.76 6.75
C GLU A 45 11.69 -9.83 6.79
N GLU A 46 12.97 -9.44 6.60
CA GLU A 46 14.10 -10.41 6.63
C GLU A 46 14.52 -10.76 8.09
N ASN A 47 14.33 -9.81 9.01
CA ASN A 47 14.65 -9.98 10.46
C ASN A 47 13.44 -10.48 11.28
N PHE A 48 12.21 -10.14 10.85
CA PHE A 48 10.94 -10.61 11.51
C PHE A 48 9.89 -11.10 10.45
N PRO A 49 10.20 -12.17 9.62
CA PRO A 49 9.23 -12.70 8.60
C PRO A 49 7.96 -13.31 9.23
N GLU A 50 8.18 -14.07 10.32
CA GLU A 50 7.11 -14.80 11.05
C GLU A 50 6.32 -13.84 11.99
N ASN A 51 6.81 -12.59 12.12
CA ASN A 51 6.18 -11.56 12.96
C ASN A 51 5.87 -10.30 12.10
N LYS A 52 4.78 -10.37 11.32
CA LYS A 52 4.35 -9.28 10.42
C LYS A 52 3.65 -8.13 11.15
N GLU A 53 3.32 -8.33 12.44
CA GLU A 53 2.76 -7.27 13.34
C GLU A 53 3.66 -5.99 13.33
N TYR A 54 4.98 -6.21 13.18
CA TYR A 54 5.96 -5.13 13.04
C TYR A 54 5.77 -4.38 11.71
N LEU A 55 5.83 -5.13 10.60
CA LEU A 55 5.74 -4.60 9.23
C LEU A 55 4.45 -3.78 9.01
N ILE A 56 3.33 -4.31 9.50
CA ILE A 56 1.99 -3.69 9.32
C ILE A 56 1.90 -2.34 10.08
N THR A 57 2.59 -2.22 11.23
CA THR A 57 2.76 -0.93 11.96
C THR A 57 3.48 0.13 11.08
N LEU A 58 4.57 -0.32 10.44
CA LEU A 58 5.37 0.51 9.49
C LEU A 58 4.53 0.92 8.26
N LEU A 59 3.67 -0.01 7.76
CA LEU A 59 2.87 0.19 6.54
C LEU A 59 1.64 1.12 6.75
N GLU A 60 0.88 0.90 7.86
CA GLU A 60 -0.29 1.75 8.19
C GLU A 60 0.15 3.22 8.45
N HIS A 61 1.28 3.41 9.16
CA HIS A 61 1.85 4.74 9.42
C HIS A 61 2.51 5.34 8.16
N LEU A 62 2.93 4.48 7.21
CA LEU A 62 3.46 4.92 5.91
C LEU A 62 2.37 5.64 5.10
N MET A 63 1.19 5.01 4.99
CA MET A 63 0.04 5.59 4.27
C MET A 63 -0.64 6.72 5.07
N LYS A 64 -0.47 6.74 6.40
CA LYS A 64 -0.85 7.92 7.24
C LYS A 64 0.04 9.16 6.91
N GLU A 65 1.37 8.97 6.96
CA GLU A 65 2.36 10.05 6.80
C GLU A 65 2.39 10.61 5.36
N PHE A 66 2.23 9.73 4.36
CA PHE A 66 2.30 10.11 2.93
C PHE A 66 0.91 10.29 2.29
N LEU A 67 -0.15 10.16 3.11
CA LEU A 67 -1.54 10.42 2.69
C LEU A 67 -1.72 11.83 2.11
N ASP A 68 -1.33 12.85 2.88
CA ASP A 68 -1.49 14.26 2.47
C ASP A 68 -0.27 14.77 1.67
N LYS A 69 0.83 13.97 1.63
CA LYS A 69 1.93 14.21 0.68
C LYS A 69 1.42 13.93 -0.76
N LYS A 70 0.87 14.99 -1.39
CA LYS A 70 0.17 14.91 -2.69
C LYS A 70 1.10 14.47 -3.87
N LYS A 71 2.43 14.64 -3.66
CA LYS A 71 3.48 14.12 -4.55
C LYS A 71 3.38 12.57 -4.73
N TYR A 72 3.12 11.87 -3.61
CA TYR A 72 3.19 10.39 -3.53
C TYR A 72 1.88 9.68 -3.94
N HIS A 73 0.86 10.44 -4.36
CA HIS A 73 -0.41 9.84 -4.82
C HIS A 73 -0.22 9.08 -6.15
N ASN A 74 0.67 9.58 -7.00
CA ASN A 74 0.99 8.94 -8.29
C ASN A 74 2.29 8.09 -8.21
N ASP A 75 2.81 7.89 -6.98
CA ASP A 75 4.05 7.12 -6.75
C ASP A 75 3.76 5.59 -6.73
N PRO A 76 4.35 4.79 -7.70
CA PRO A 76 4.06 3.34 -7.83
C PRO A 76 4.57 2.50 -6.63
N ARG A 77 5.65 2.97 -5.97
CA ARG A 77 6.19 2.33 -4.75
C ARG A 77 5.21 2.48 -3.58
N PHE A 78 4.85 3.74 -3.24
CA PHE A 78 3.90 4.06 -2.16
C PHE A 78 2.57 3.26 -2.30
N ILE A 79 2.00 3.25 -3.52
CA ILE A 79 0.80 2.44 -3.84
C ILE A 79 1.10 0.93 -3.70
N SER A 80 2.29 0.48 -4.15
CA SER A 80 2.73 -0.95 -4.04
C SER A 80 2.86 -1.40 -2.55
N TYR A 81 3.22 -0.46 -1.65
CA TYR A 81 3.29 -0.73 -0.19
C TYR A 81 1.90 -0.74 0.46
N CYS A 82 0.95 -0.01 -0.14
CA CYS A 82 -0.48 -0.12 0.20
C CYS A 82 -1.04 -1.50 -0.27
N LEU A 83 -0.60 -1.96 -1.45
CA LEU A 83 -0.96 -3.30 -2.00
C LEU A 83 -0.33 -4.43 -1.15
N LYS A 84 0.88 -4.15 -0.65
CA LYS A 84 1.64 -5.02 0.28
C LYS A 84 0.90 -5.09 1.64
N PHE A 85 0.42 -3.96 2.13
CA PHE A 85 -0.38 -3.87 3.38
C PHE A 85 -1.73 -4.61 3.23
N ALA A 86 -2.31 -4.51 2.02
CA ALA A 86 -3.65 -5.03 1.70
C ALA A 86 -3.81 -6.53 2.02
N GLU A 87 -2.83 -7.36 1.62
CA GLU A 87 -2.89 -8.83 1.80
C GLU A 87 -3.01 -9.26 3.29
N TYR A 88 -2.54 -8.40 4.21
CA TYR A 88 -2.58 -8.66 5.66
C TYR A 88 -3.94 -8.27 6.29
N ASN A 89 -4.68 -7.34 5.65
CA ASN A 89 -5.95 -6.79 6.18
C ASN A 89 -7.18 -7.37 5.44
N SER A 90 -8.28 -7.59 6.19
CA SER A 90 -9.58 -8.05 5.64
C SER A 90 -10.53 -6.87 5.36
N ASP A 91 -10.04 -5.62 5.55
CA ASP A 91 -10.84 -4.39 5.40
C ASP A 91 -10.58 -3.71 4.03
N LEU A 92 -10.54 -4.51 2.95
CA LEU A 92 -10.07 -4.07 1.60
C LEU A 92 -11.10 -3.20 0.84
N HIS A 93 -12.40 -3.58 0.86
CA HIS A 93 -13.51 -2.74 0.32
C HIS A 93 -13.45 -1.30 0.93
N GLN A 94 -13.10 -1.21 2.22
CA GLN A 94 -12.93 0.08 2.93
C GLN A 94 -11.59 0.76 2.56
N PHE A 95 -10.52 -0.04 2.54
CA PHE A 95 -9.12 0.41 2.38
C PHE A 95 -8.86 1.04 0.99
N PHE A 96 -9.04 0.24 -0.07
CA PHE A 96 -8.82 0.70 -1.46
C PHE A 96 -9.75 1.89 -1.84
N GLU A 97 -10.98 1.91 -1.27
CA GLU A 97 -11.91 3.06 -1.44
C GLU A 97 -11.34 4.32 -0.79
N PHE A 98 -10.88 4.19 0.47
CA PHE A 98 -10.29 5.29 1.27
C PHE A 98 -9.08 5.94 0.55
N LEU A 99 -8.23 5.08 -0.05
CA LEU A 99 -7.09 5.52 -0.88
C LEU A 99 -7.60 6.43 -2.03
N TYR A 100 -8.52 5.89 -2.82
CA TYR A 100 -9.10 6.60 -3.98
C TYR A 100 -9.93 7.87 -3.55
N ASN A 101 -10.46 7.85 -2.30
CA ASN A 101 -11.16 9.01 -1.68
C ASN A 101 -10.18 10.19 -1.42
N HIS A 102 -8.97 9.88 -0.92
CA HIS A 102 -7.94 10.91 -0.66
C HIS A 102 -7.06 11.19 -1.93
N GLY A 103 -7.42 10.58 -3.07
CA GLY A 103 -6.68 10.77 -4.34
C GLY A 103 -5.41 9.91 -4.46
N ILE A 104 -5.23 8.96 -3.54
CA ILE A 104 -4.10 8.00 -3.60
C ILE A 104 -4.30 7.00 -4.77
N GLY A 105 -3.34 6.95 -5.69
CA GLY A 105 -3.30 5.94 -6.76
C GLY A 105 -4.21 6.20 -7.96
N THR A 106 -4.53 7.48 -8.21
CA THR A 106 -5.39 7.87 -9.36
C THR A 106 -4.70 7.64 -10.72
N LEU A 107 -3.36 7.76 -10.75
CA LEU A 107 -2.53 7.42 -11.95
C LEU A 107 -1.77 6.07 -11.76
N SER A 108 -2.29 5.21 -10.86
CA SER A 108 -1.70 3.88 -10.60
C SER A 108 -2.71 2.77 -10.94
N SER A 109 -2.57 2.17 -12.14
CA SER A 109 -3.37 1.00 -12.60
C SER A 109 -3.37 -0.19 -11.60
N PRO A 110 -2.16 -0.68 -11.08
CA PRO A 110 -2.09 -1.77 -10.05
C PRO A 110 -3.09 -1.63 -8.85
N LEU A 111 -3.43 -0.38 -8.49
CA LEU A 111 -4.43 -0.11 -7.42
C LEU A 111 -5.84 -0.61 -7.82
N TYR A 112 -6.32 -0.14 -9.00
CA TYR A 112 -7.67 -0.49 -9.52
C TYR A 112 -7.79 -1.99 -9.81
N ILE A 113 -6.73 -2.58 -10.39
CA ILE A 113 -6.67 -4.02 -10.71
C ILE A 113 -6.73 -4.88 -9.41
N ALA A 114 -5.98 -4.47 -8.37
CA ALA A 114 -5.96 -5.17 -7.06
C ALA A 114 -7.32 -5.09 -6.33
N TRP A 115 -7.93 -3.89 -6.35
CA TRP A 115 -9.25 -3.64 -5.74
C TRP A 115 -10.33 -4.50 -6.44
N ALA A 116 -10.43 -4.36 -7.77
CA ALA A 116 -11.41 -5.09 -8.62
C ALA A 116 -11.25 -6.63 -8.51
N GLY A 117 -10.00 -7.10 -8.44
CA GLY A 117 -9.69 -8.53 -8.23
C GLY A 117 -10.24 -9.06 -6.90
N HIS A 118 -10.13 -8.24 -5.84
CA HIS A 118 -10.72 -8.54 -4.53
C HIS A 118 -12.27 -8.57 -4.59
N LEU A 119 -12.88 -7.55 -5.23
CA LEU A 119 -14.35 -7.39 -5.29
C LEU A 119 -15.02 -8.55 -6.06
N GLU A 120 -14.34 -9.01 -7.12
CA GLU A 120 -14.68 -10.24 -7.85
C GLU A 120 -14.86 -11.46 -6.90
N ALA A 121 -13.89 -11.66 -6.00
CA ALA A 121 -13.93 -12.73 -4.98
C ALA A 121 -15.11 -12.55 -3.98
N GLN A 122 -15.56 -11.28 -3.82
CA GLN A 122 -16.72 -10.94 -2.96
C GLN A 122 -18.07 -11.12 -3.68
N GLY A 123 -18.06 -11.00 -5.03
CA GLY A 123 -19.30 -11.06 -5.86
C GLY A 123 -19.71 -9.69 -6.40
N GLU A 124 -18.89 -8.68 -6.07
CA GLU A 124 -19.06 -7.27 -6.48
C GLU A 124 -18.39 -6.99 -7.86
N LEU A 125 -18.65 -7.88 -8.83
CA LEU A 125 -18.14 -7.79 -10.23
C LEU A 125 -18.54 -6.46 -10.95
N GLN A 126 -19.80 -6.03 -10.82
CA GLN A 126 -20.30 -4.78 -11.48
C GLN A 126 -19.69 -3.51 -10.87
N HIS A 127 -19.45 -3.52 -9.54
CA HIS A 127 -18.78 -2.42 -8.83
C HIS A 127 -17.27 -2.39 -9.15
N ALA A 128 -16.67 -3.56 -9.26
CA ALA A 128 -15.28 -3.74 -9.67
C ALA A 128 -15.02 -3.23 -11.10
N SER A 129 -16.00 -3.47 -11.98
CA SER A 129 -16.04 -2.89 -13.34
C SER A 129 -16.14 -1.35 -13.27
N ALA A 130 -17.02 -0.86 -12.35
CA ALA A 130 -17.19 0.58 -12.07
C ALA A 130 -15.90 1.21 -11.49
N VAL A 131 -15.00 0.38 -10.92
CA VAL A 131 -13.67 0.80 -10.44
C VAL A 131 -12.64 0.87 -11.60
N LEU A 132 -12.60 -0.18 -12.42
CA LEU A 132 -11.63 -0.31 -13.53
C LEU A 132 -11.83 0.81 -14.60
N GLN A 133 -13.11 1.12 -14.91
CA GLN A 133 -13.44 2.21 -15.86
C GLN A 133 -12.94 3.58 -15.38
N ARG A 134 -12.98 3.81 -14.03
CA ARG A 134 -12.44 5.04 -13.39
C ARG A 134 -10.97 5.23 -13.77
N GLY A 135 -10.16 4.17 -13.56
CA GLY A 135 -8.74 4.21 -13.90
C GLY A 135 -8.46 4.50 -15.37
N ILE A 136 -9.19 3.83 -16.26
CA ILE A 136 -9.08 4.02 -17.73
C ILE A 136 -9.30 5.50 -18.15
N GLN A 137 -10.35 6.15 -17.60
CA GLN A 137 -10.65 7.58 -17.89
C GLN A 137 -9.80 8.56 -17.04
N ASN A 138 -9.23 8.09 -15.91
CA ASN A 138 -8.24 8.87 -15.10
C ASN A 138 -6.84 8.81 -15.75
N GLN A 139 -6.66 7.92 -16.76
CA GLN A 139 -5.38 7.68 -17.48
C GLN A 139 -4.34 7.02 -16.54
N ALA A 140 -4.84 6.13 -15.66
CA ALA A 140 -4.03 5.43 -14.64
C ALA A 140 -3.01 4.46 -15.27
N GLU A 141 -1.73 4.83 -15.12
CA GLU A 141 -0.59 4.16 -15.77
C GLU A 141 -0.22 2.84 -15.04
N PRO A 142 0.00 1.69 -15.77
CA PRO A 142 -0.23 1.55 -17.25
C PRO A 142 -1.74 1.43 -17.67
N ARG A 143 -2.20 2.40 -18.50
CA ARG A 143 -3.62 2.52 -18.92
C ARG A 143 -4.09 1.32 -19.79
N GLU A 144 -3.29 0.97 -20.83
CA GLU A 144 -3.61 -0.16 -21.76
C GLU A 144 -3.69 -1.50 -21.01
N PHE A 145 -2.88 -1.65 -19.94
CA PHE A 145 -2.98 -2.80 -19.01
C PHE A 145 -4.34 -2.82 -18.29
N LEU A 146 -4.81 -1.64 -17.86
CA LEU A 146 -6.11 -1.49 -17.17
C LEU A 146 -7.28 -1.83 -18.11
N GLN A 147 -7.11 -1.49 -19.41
CA GLN A 147 -8.12 -1.75 -20.46
C GLN A 147 -8.19 -3.24 -20.85
N GLN A 148 -7.01 -3.89 -20.98
CA GLN A 148 -6.93 -5.35 -21.30
C GLN A 148 -7.43 -6.19 -20.10
N GLN A 149 -7.19 -5.71 -18.87
CA GLN A 149 -7.75 -6.35 -17.65
C GLN A 149 -9.24 -6.04 -17.49
N TYR A 150 -9.70 -4.86 -17.96
CA TYR A 150 -11.14 -4.50 -17.97
C TYR A 150 -11.94 -5.51 -18.81
N ARG A 151 -11.59 -5.65 -20.10
CA ARG A 151 -12.33 -6.51 -21.07
C ARG A 151 -12.31 -8.01 -20.64
N LEU A 152 -11.17 -8.50 -20.12
CA LEU A 152 -11.01 -9.89 -19.66
C LEU A 152 -11.78 -10.11 -18.34
N PHE A 153 -11.93 -9.05 -17.54
CA PHE A 153 -12.84 -9.04 -16.37
C PHE A 153 -14.33 -9.08 -16.80
N GLN A 154 -14.67 -8.37 -17.91
CA GLN A 154 -16.08 -8.26 -18.39
C GLN A 154 -16.59 -9.57 -19.00
N THR A 155 -15.70 -10.31 -19.69
CA THR A 155 -16.07 -11.62 -20.29
C THR A 155 -16.44 -12.66 -19.20
N ARG A 156 -15.86 -12.49 -17.99
CA ARG A 156 -16.16 -13.34 -16.83
C ARG A 156 -17.61 -13.14 -16.34
N LEU A 157 -17.97 -11.88 -16.07
CA LEU A 157 -19.27 -11.52 -15.46
C LEU A 157 -20.47 -11.63 -16.44
N THR A 158 -20.24 -11.39 -17.76
CA THR A 158 -21.33 -11.49 -18.78
C THR A 158 -21.74 -12.96 -19.04
N GLU A 159 -20.77 -13.89 -18.98
CA GLU A 159 -21.03 -15.33 -19.22
C GLU A 159 -21.57 -16.05 -17.97
N THR A 160 -21.15 -15.60 -16.77
CA THR A 160 -21.65 -16.18 -15.48
C THR A 160 -22.99 -15.51 -15.04
N MET A 1 43.03 -6.87 29.36
CA MET A 1 41.83 -6.04 29.06
C MET A 1 40.55 -6.69 29.62
N GLY A 2 40.18 -7.87 29.07
CA GLY A 2 38.93 -8.56 29.45
C GLY A 2 37.69 -7.93 28.82
N HIS A 3 37.34 -8.37 27.58
CA HIS A 3 36.14 -7.90 26.86
C HIS A 3 34.86 -8.48 27.48
N HIS A 4 34.04 -7.61 28.08
CA HIS A 4 32.76 -7.99 28.71
C HIS A 4 31.59 -7.54 27.81
N HIS A 5 30.93 -8.52 27.16
CA HIS A 5 29.81 -8.25 26.22
C HIS A 5 28.49 -7.88 26.95
N HIS A 6 27.53 -7.31 26.20
CA HIS A 6 26.18 -6.98 26.74
C HIS A 6 25.25 -8.22 26.70
N HIS A 7 24.10 -8.13 27.39
CA HIS A 7 23.11 -9.24 27.40
C HIS A 7 22.19 -9.19 26.15
N HIS A 8 21.90 -10.36 25.58
CA HIS A 8 21.04 -10.49 24.39
C HIS A 8 19.55 -10.62 24.79
N SER A 9 18.74 -9.64 24.36
CA SER A 9 17.28 -9.68 24.49
C SER A 9 16.67 -10.45 23.29
N HIS A 10 15.47 -11.06 23.49
CA HIS A 10 14.86 -11.97 22.47
C HIS A 10 14.51 -11.26 21.14
N MET A 11 13.60 -10.25 21.17
CA MET A 11 13.22 -9.46 19.96
C MET A 11 12.91 -7.99 20.35
N ASP A 12 12.80 -7.13 19.32
CA ASP A 12 12.43 -5.70 19.51
C ASP A 12 10.90 -5.52 19.66
N THR A 13 10.44 -4.26 19.73
CA THR A 13 9.00 -3.91 19.65
C THR A 13 8.77 -3.01 18.41
N PRO A 14 7.67 -3.27 17.61
CA PRO A 14 7.41 -2.55 16.33
C PRO A 14 7.18 -1.04 16.52
N GLU A 15 6.80 -0.66 17.75
CA GLU A 15 6.45 0.71 18.12
C GLU A 15 7.72 1.60 18.26
N ASN A 16 8.77 1.06 18.95
CA ASN A 16 10.09 1.75 19.06
C ASN A 16 10.85 1.73 17.72
N VAL A 17 10.81 0.58 17.00
CA VAL A 17 11.38 0.44 15.64
C VAL A 17 10.85 1.54 14.69
N LEU A 18 9.52 1.74 14.73
CA LEU A 18 8.84 2.83 14.01
C LEU A 18 9.35 4.22 14.47
N GLN A 19 9.37 4.45 15.81
CA GLN A 19 9.84 5.74 16.40
C GLN A 19 11.31 6.06 16.05
N MET A 20 12.11 5.03 15.69
CA MET A 20 13.50 5.24 15.22
C MET A 20 13.51 6.09 13.94
N LEU A 21 12.79 5.65 12.88
CA LEU A 21 12.71 6.42 11.62
C LEU A 21 11.98 7.77 11.83
N GLU A 22 10.96 7.78 12.73
CA GLU A 22 10.13 8.97 13.01
C GLU A 22 10.93 10.10 13.68
N ALA A 23 11.77 9.74 14.67
CA ALA A 23 12.63 10.70 15.41
C ALA A 23 13.61 11.42 14.46
N HIS A 24 14.19 10.65 13.52
CA HIS A 24 15.04 11.19 12.44
C HIS A 24 14.20 11.98 11.40
N MET A 25 12.96 11.50 11.14
CA MET A 25 12.05 12.06 10.12
C MET A 25 11.60 13.51 10.46
N GLN A 26 11.45 13.77 11.77
CA GLN A 26 11.11 15.12 12.31
C GLN A 26 12.03 16.23 11.74
N SER A 27 13.34 15.93 11.66
CA SER A 27 14.39 16.92 11.25
C SER A 27 15.10 16.49 9.94
N TYR A 28 14.63 15.39 9.30
CA TYR A 28 15.30 14.78 8.13
C TYR A 28 15.54 15.78 6.95
N LYS A 29 16.73 15.67 6.33
CA LYS A 29 17.16 16.47 5.18
C LYS A 29 18.23 15.70 4.35
N GLY A 30 17.80 15.09 3.23
CA GLY A 30 18.72 14.36 2.33
C GLY A 30 18.06 14.00 0.99
N ASN A 31 17.13 13.02 1.01
CA ASN A 31 16.42 12.54 -0.19
C ASN A 31 14.88 12.51 0.06
N ASP A 32 14.13 11.77 -0.79
CA ASP A 32 12.69 11.52 -0.56
C ASP A 32 12.49 10.51 0.61
N PRO A 33 11.85 10.94 1.76
CA PRO A 33 11.73 10.13 3.01
C PRO A 33 11.03 8.75 2.85
N LEU A 34 10.34 8.53 1.71
CA LEU A 34 9.71 7.22 1.38
C LEU A 34 10.76 6.08 1.40
N GLY A 35 11.95 6.37 0.86
CA GLY A 35 13.09 5.44 0.91
C GLY A 35 13.59 5.17 2.32
N GLU A 36 13.52 6.20 3.19
CA GLU A 36 13.96 6.11 4.60
C GLU A 36 13.00 5.26 5.46
N TRP A 37 11.74 5.17 5.01
CA TRP A 37 10.77 4.19 5.51
C TRP A 37 11.10 2.77 5.00
N GLU A 38 11.39 2.68 3.67
CA GLU A 38 11.73 1.40 2.98
C GLU A 38 12.95 0.69 3.61
N ARG A 39 13.85 1.45 4.25
CA ARG A 39 15.02 0.90 5.01
C ARG A 39 14.52 -0.10 6.10
N TYR A 40 13.42 0.28 6.76
CA TYR A 40 12.79 -0.49 7.86
C TYR A 40 11.84 -1.58 7.31
N ILE A 41 11.07 -1.24 6.25
CA ILE A 41 10.24 -2.21 5.48
C ILE A 41 11.06 -3.50 5.09
N GLN A 42 12.25 -3.32 4.51
CA GLN A 42 13.14 -4.46 4.17
C GLN A 42 13.76 -5.12 5.43
N TRP A 43 14.02 -4.30 6.47
CA TRP A 43 14.69 -4.72 7.73
C TRP A 43 13.87 -5.81 8.47
N VAL A 44 12.56 -5.60 8.57
CA VAL A 44 11.62 -6.61 9.13
C VAL A 44 11.50 -7.85 8.21
N GLU A 45 11.50 -7.65 6.87
CA GLU A 45 11.38 -8.76 5.91
C GLU A 45 12.59 -9.72 5.98
N GLU A 46 13.79 -9.18 6.30
CA GLU A 46 15.03 -9.98 6.42
C GLU A 46 15.24 -10.56 7.87
N ASN A 47 15.11 -9.71 8.93
CA ASN A 47 15.40 -10.12 10.33
C ASN A 47 14.21 -10.81 11.03
N PHE A 48 12.96 -10.42 10.66
CA PHE A 48 11.72 -10.91 11.34
C PHE A 48 10.67 -11.42 10.31
N PRO A 49 10.94 -12.56 9.57
CA PRO A 49 9.98 -13.09 8.56
C PRO A 49 8.67 -13.61 9.21
N GLU A 50 8.80 -14.23 10.40
CA GLU A 50 7.65 -14.80 11.17
C GLU A 50 6.95 -13.73 12.03
N ASN A 51 7.56 -12.53 12.14
CA ASN A 51 6.99 -11.38 12.86
C ASN A 51 6.68 -10.23 11.89
N LYS A 52 5.52 -10.34 11.23
CA LYS A 52 4.99 -9.32 10.29
C LYS A 52 4.54 -8.03 11.03
N GLU A 53 4.43 -8.13 12.37
CA GLU A 53 4.01 -7.03 13.28
C GLU A 53 4.79 -5.70 13.04
N TYR A 54 6.12 -5.78 12.76
CA TYR A 54 6.94 -4.58 12.49
C TYR A 54 6.57 -3.95 11.13
N LEU A 55 6.45 -4.81 10.08
CA LEU A 55 6.16 -4.35 8.70
C LEU A 55 4.83 -3.61 8.62
N ILE A 56 3.75 -4.29 9.07
CA ILE A 56 2.39 -3.74 9.06
C ILE A 56 2.33 -2.40 9.81
N THR A 57 2.97 -2.34 10.99
CA THR A 57 3.13 -1.11 11.82
C THR A 57 3.66 0.09 10.99
N LEU A 58 4.72 -0.16 10.21
CA LEU A 58 5.35 0.85 9.35
C LEU A 58 4.38 1.27 8.21
N LEU A 59 3.68 0.29 7.63
CA LEU A 59 2.74 0.50 6.49
C LEU A 59 1.50 1.34 6.89
N GLU A 60 0.95 1.07 8.11
CA GLU A 60 -0.14 1.87 8.72
C GLU A 60 0.20 3.37 8.73
N HIS A 61 1.39 3.68 9.28
CA HIS A 61 1.89 5.06 9.45
C HIS A 61 2.54 5.62 8.17
N LEU A 62 2.88 4.72 7.22
CA LEU A 62 3.48 5.07 5.91
C LEU A 62 2.47 5.84 5.05
N MET A 63 1.26 5.26 4.93
CA MET A 63 0.16 5.87 4.18
C MET A 63 -0.28 7.19 4.80
N LYS A 64 -0.19 7.32 6.15
CA LYS A 64 -0.55 8.55 6.89
C LYS A 64 0.54 9.63 6.75
N GLU A 65 1.82 9.20 6.70
CA GLU A 65 2.98 10.10 6.51
C GLU A 65 2.92 10.83 5.16
N PHE A 66 2.58 10.07 4.09
CA PHE A 66 2.50 10.63 2.71
C PHE A 66 1.05 10.88 2.25
N LEU A 67 0.07 10.69 3.16
CA LEU A 67 -1.38 10.90 2.91
C LEU A 67 -1.71 12.29 2.33
N ASP A 68 -1.11 13.34 2.89
CA ASP A 68 -1.30 14.73 2.41
C ASP A 68 -0.09 15.20 1.55
N LYS A 69 1.04 14.45 1.59
CA LYS A 69 2.20 14.71 0.71
C LYS A 69 1.84 14.38 -0.75
N LYS A 70 1.34 15.40 -1.48
CA LYS A 70 0.66 15.24 -2.78
C LYS A 70 1.53 14.61 -3.89
N LYS A 71 2.85 14.83 -3.87
CA LYS A 71 3.78 14.32 -4.91
C LYS A 71 4.03 12.78 -4.80
N TYR A 72 3.51 12.13 -3.72
CA TYR A 72 3.57 10.64 -3.56
C TYR A 72 2.23 9.95 -3.86
N HIS A 73 1.14 10.73 -4.03
CA HIS A 73 -0.23 10.18 -4.18
C HIS A 73 -0.41 9.28 -5.41
N ASN A 74 0.38 9.49 -6.47
CA ASN A 74 0.33 8.65 -7.69
C ASN A 74 1.67 7.92 -7.92
N ASP A 75 2.46 7.78 -6.85
CA ASP A 75 3.79 7.16 -6.89
C ASP A 75 3.67 5.62 -6.82
N PRO A 76 4.21 4.86 -7.83
CA PRO A 76 4.02 3.39 -7.91
C PRO A 76 4.60 2.62 -6.69
N ARG A 77 5.62 3.19 -6.03
CA ARG A 77 6.29 2.57 -4.85
C ARG A 77 5.35 2.68 -3.62
N PHE A 78 4.93 3.93 -3.34
CA PHE A 78 3.99 4.24 -2.23
C PHE A 78 2.68 3.42 -2.32
N ILE A 79 2.07 3.40 -3.52
CA ILE A 79 0.86 2.61 -3.80
C ILE A 79 1.13 1.09 -3.66
N SER A 80 2.30 0.62 -4.16
CA SER A 80 2.71 -0.81 -4.04
C SER A 80 2.77 -1.29 -2.59
N TYR A 81 3.12 -0.36 -1.66
CA TYR A 81 3.17 -0.66 -0.21
C TYR A 81 1.78 -0.61 0.47
N CYS A 82 0.84 0.17 -0.11
CA CYS A 82 -0.59 0.09 0.29
C CYS A 82 -1.21 -1.25 -0.18
N LEU A 83 -0.79 -1.72 -1.38
CA LEU A 83 -1.19 -3.04 -1.94
C LEU A 83 -0.59 -4.18 -1.09
N LYS A 84 0.66 -3.98 -0.66
CA LYS A 84 1.39 -4.88 0.26
C LYS A 84 0.66 -4.97 1.62
N PHE A 85 0.25 -3.81 2.15
CA PHE A 85 -0.52 -3.72 3.41
C PHE A 85 -1.92 -4.36 3.27
N ALA A 86 -2.49 -4.27 2.05
CA ALA A 86 -3.87 -4.70 1.75
C ALA A 86 -4.11 -6.21 1.99
N GLU A 87 -3.12 -7.07 1.68
CA GLU A 87 -3.24 -8.53 1.90
C GLU A 87 -3.33 -8.89 3.42
N TYR A 88 -2.95 -7.94 4.28
CA TYR A 88 -3.03 -8.08 5.76
C TYR A 88 -4.39 -7.55 6.30
N ASN A 89 -5.32 -7.19 5.38
CA ASN A 89 -6.66 -6.65 5.72
C ASN A 89 -7.77 -7.37 4.91
N SER A 90 -8.98 -7.50 5.50
CA SER A 90 -10.16 -8.12 4.85
C SER A 90 -11.06 -7.05 4.16
N ASP A 91 -11.22 -5.88 4.79
CA ASP A 91 -12.15 -4.80 4.33
C ASP A 91 -11.47 -3.88 3.27
N LEU A 92 -11.04 -4.50 2.16
CA LEU A 92 -10.34 -3.81 1.06
C LEU A 92 -11.24 -2.86 0.24
N HIS A 93 -12.54 -3.17 0.14
CA HIS A 93 -13.52 -2.26 -0.51
C HIS A 93 -13.66 -0.92 0.27
N GLN A 94 -13.31 -0.91 1.57
CA GLN A 94 -13.22 0.32 2.38
C GLN A 94 -11.81 0.95 2.26
N PHE A 95 -10.77 0.09 2.30
CA PHE A 95 -9.36 0.49 2.26
C PHE A 95 -8.99 1.23 0.93
N PHE A 96 -9.08 0.52 -0.22
CA PHE A 96 -8.78 1.10 -1.55
C PHE A 96 -9.73 2.27 -1.90
N GLU A 97 -10.94 2.25 -1.33
CA GLU A 97 -11.92 3.34 -1.46
C GLU A 97 -11.42 4.63 -0.80
N PHE A 98 -10.96 4.52 0.47
CA PHE A 98 -10.34 5.63 1.23
C PHE A 98 -9.16 6.26 0.45
N LEU A 99 -8.30 5.37 -0.09
CA LEU A 99 -7.17 5.78 -0.94
C LEU A 99 -7.68 6.62 -2.15
N TYR A 100 -8.63 6.07 -2.91
CA TYR A 100 -9.23 6.74 -4.08
C TYR A 100 -9.93 8.08 -3.71
N ASN A 101 -10.50 8.16 -2.50
CA ASN A 101 -11.15 9.39 -1.96
C ASN A 101 -10.12 10.51 -1.72
N HIS A 102 -8.89 10.14 -1.27
CA HIS A 102 -7.76 11.10 -1.14
C HIS A 102 -6.84 11.03 -2.41
N GLY A 103 -7.37 10.48 -3.52
CA GLY A 103 -6.66 10.43 -4.81
C GLY A 103 -5.38 9.56 -4.84
N ILE A 104 -5.17 8.76 -3.79
CA ILE A 104 -4.04 7.82 -3.70
C ILE A 104 -4.26 6.67 -4.73
N GLY A 105 -3.42 6.63 -5.76
CA GLY A 105 -3.47 5.61 -6.81
C GLY A 105 -4.40 5.89 -7.98
N THR A 106 -4.78 7.16 -8.21
CA THR A 106 -5.62 7.53 -9.38
C THR A 106 -4.85 7.40 -10.71
N LEU A 107 -3.51 7.54 -10.67
CA LEU A 107 -2.62 7.23 -11.83
C LEU A 107 -1.89 5.89 -11.64
N SER A 108 -2.42 5.02 -10.77
CA SER A 108 -1.85 3.68 -10.53
C SER A 108 -2.88 2.57 -10.86
N SER A 109 -2.70 1.93 -12.04
CA SER A 109 -3.48 0.75 -12.47
C SER A 109 -3.52 -0.40 -11.42
N PRO A 110 -2.34 -0.89 -10.84
CA PRO A 110 -2.33 -2.02 -9.85
C PRO A 110 -3.23 -1.79 -8.59
N LEU A 111 -3.61 -0.51 -8.32
CA LEU A 111 -4.60 -0.18 -7.28
C LEU A 111 -6.00 -0.72 -7.66
N TYR A 112 -6.47 -0.32 -8.86
CA TYR A 112 -7.80 -0.69 -9.39
C TYR A 112 -7.90 -2.21 -9.65
N ILE A 113 -6.79 -2.80 -10.14
CA ILE A 113 -6.71 -4.26 -10.39
C ILE A 113 -6.85 -5.08 -9.08
N ALA A 114 -6.23 -4.58 -7.99
CA ALA A 114 -6.33 -5.20 -6.64
C ALA A 114 -7.73 -5.00 -6.01
N TRP A 115 -8.30 -3.81 -6.20
CA TRP A 115 -9.64 -3.44 -5.69
C TRP A 115 -10.73 -4.31 -6.37
N ALA A 116 -10.74 -4.29 -7.71
CA ALA A 116 -11.64 -5.10 -8.56
C ALA A 116 -11.44 -6.61 -8.36
N GLY A 117 -10.17 -7.03 -8.15
CA GLY A 117 -9.83 -8.44 -7.84
C GLY A 117 -10.48 -8.93 -6.55
N HIS A 118 -10.48 -8.06 -5.51
CA HIS A 118 -11.12 -8.34 -4.23
C HIS A 118 -12.66 -8.40 -4.35
N LEU A 119 -13.24 -7.40 -5.05
CA LEU A 119 -14.70 -7.26 -5.21
C LEU A 119 -15.32 -8.48 -5.97
N GLU A 120 -14.65 -8.89 -7.06
CA GLU A 120 -14.98 -10.11 -7.82
C GLU A 120 -15.05 -11.37 -6.93
N ALA A 121 -14.06 -11.50 -6.02
CA ALA A 121 -13.98 -12.64 -5.07
C ALA A 121 -15.15 -12.66 -4.06
N GLN A 122 -15.78 -11.49 -3.85
CA GLN A 122 -16.95 -11.33 -2.95
C GLN A 122 -18.30 -11.47 -3.72
N GLY A 123 -18.31 -11.14 -5.02
CA GLY A 123 -19.55 -11.17 -5.85
C GLY A 123 -19.92 -9.80 -6.41
N GLU A 124 -19.12 -8.78 -6.05
CA GLU A 124 -19.25 -7.40 -6.52
C GLU A 124 -18.62 -7.21 -7.94
N LEU A 125 -19.00 -8.06 -8.90
CA LEU A 125 -18.53 -7.99 -10.31
C LEU A 125 -18.91 -6.68 -11.02
N GLN A 126 -20.18 -6.26 -10.87
CA GLN A 126 -20.70 -5.00 -11.48
C GLN A 126 -20.06 -3.74 -10.83
N HIS A 127 -19.61 -3.86 -9.56
CA HIS A 127 -18.93 -2.75 -8.86
C HIS A 127 -17.41 -2.73 -9.16
N ALA A 128 -16.83 -3.92 -9.33
CA ALA A 128 -15.40 -4.11 -9.68
C ALA A 128 -15.08 -3.59 -11.10
N SER A 129 -16.00 -3.84 -12.05
CA SER A 129 -15.94 -3.25 -13.40
C SER A 129 -16.14 -1.72 -13.34
N ALA A 130 -17.02 -1.28 -12.41
CA ALA A 130 -17.22 0.16 -12.09
C ALA A 130 -15.95 0.80 -11.46
N VAL A 131 -15.03 -0.03 -10.94
CA VAL A 131 -13.70 0.41 -10.46
C VAL A 131 -12.67 0.48 -11.62
N LEU A 132 -12.63 -0.56 -12.47
CA LEU A 132 -11.67 -0.64 -13.61
C LEU A 132 -11.88 0.49 -14.65
N GLN A 133 -13.16 0.85 -14.89
CA GLN A 133 -13.52 1.97 -15.79
C GLN A 133 -12.98 3.33 -15.25
N ARG A 134 -12.98 3.50 -13.90
CA ARG A 134 -12.42 4.69 -13.23
C ARG A 134 -10.96 4.90 -13.62
N GLY A 135 -10.16 3.82 -13.52
CA GLY A 135 -8.75 3.85 -13.92
C GLY A 135 -8.52 4.26 -15.37
N ILE A 136 -9.27 3.63 -16.29
CA ILE A 136 -9.20 3.90 -17.74
C ILE A 136 -9.44 5.41 -18.06
N GLN A 137 -10.52 5.99 -17.48
CA GLN A 137 -10.87 7.41 -17.71
C GLN A 137 -9.96 8.38 -16.91
N ASN A 138 -9.37 7.93 -15.79
CA ASN A 138 -8.37 8.71 -15.02
C ASN A 138 -6.96 8.62 -15.66
N GLN A 139 -6.80 7.75 -16.70
CA GLN A 139 -5.53 7.54 -17.45
C GLN A 139 -4.44 6.91 -16.53
N ALA A 140 -4.89 5.98 -15.66
CA ALA A 140 -4.06 5.35 -14.61
C ALA A 140 -3.02 4.36 -15.19
N GLU A 141 -1.75 4.67 -14.96
CA GLU A 141 -0.60 3.96 -15.56
C GLU A 141 -0.31 2.60 -14.84
N PRO A 142 -0.13 1.45 -15.58
CA PRO A 142 -0.34 1.35 -17.06
C PRO A 142 -1.84 1.24 -17.49
N ARG A 143 -2.31 2.22 -18.30
CA ARG A 143 -3.71 2.32 -18.76
C ARG A 143 -4.10 1.13 -19.68
N GLU A 144 -3.18 0.73 -20.58
CA GLU A 144 -3.37 -0.42 -21.48
C GLU A 144 -3.65 -1.72 -20.70
N PHE A 145 -2.93 -1.90 -19.57
CA PHE A 145 -3.12 -3.04 -18.67
C PHE A 145 -4.54 -3.04 -18.06
N LEU A 146 -5.06 -1.83 -17.74
CA LEU A 146 -6.43 -1.65 -17.24
C LEU A 146 -7.48 -2.04 -18.28
N GLN A 147 -7.26 -1.63 -19.55
CA GLN A 147 -8.20 -1.88 -20.65
C GLN A 147 -8.28 -3.37 -21.05
N GLN A 148 -7.12 -4.06 -21.07
CA GLN A 148 -7.07 -5.52 -21.33
C GLN A 148 -7.67 -6.33 -20.16
N GLN A 149 -7.38 -5.91 -18.90
CA GLN A 149 -7.97 -6.53 -17.69
C GLN A 149 -9.48 -6.22 -17.59
N TYR A 150 -9.91 -5.06 -18.13
CA TYR A 150 -11.33 -4.66 -18.17
C TYR A 150 -12.13 -5.58 -19.11
N ARG A 151 -11.67 -5.74 -20.36
CA ARG A 151 -12.38 -6.56 -21.38
C ARG A 151 -12.36 -8.07 -20.99
N LEU A 152 -11.26 -8.53 -20.35
CA LEU A 152 -11.17 -9.90 -19.81
C LEU A 152 -12.12 -10.06 -18.60
N PHE A 153 -12.25 -9.01 -17.80
CA PHE A 153 -13.21 -8.96 -16.69
C PHE A 153 -14.68 -9.00 -17.19
N GLN A 154 -14.94 -8.29 -18.31
CA GLN A 154 -16.28 -8.24 -18.93
C GLN A 154 -16.70 -9.58 -19.52
N THR A 155 -15.74 -10.31 -20.14
CA THR A 155 -16.03 -11.64 -20.73
C THR A 155 -16.35 -12.69 -19.62
N ARG A 156 -15.90 -12.42 -18.37
CA ARG A 156 -16.21 -13.26 -17.20
C ARG A 156 -17.70 -13.08 -16.79
N LEU A 157 -18.08 -11.84 -16.41
CA LEU A 157 -19.41 -11.53 -15.87
C LEU A 157 -20.56 -11.70 -16.89
N THR A 158 -20.27 -11.50 -18.20
CA THR A 158 -21.29 -11.71 -19.27
C THR A 158 -21.58 -13.23 -19.48
N GLU A 159 -20.60 -14.08 -19.08
CA GLU A 159 -20.72 -15.56 -19.16
C GLU A 159 -20.95 -16.19 -17.76
N THR A 160 -20.92 -15.36 -16.69
CA THR A 160 -21.07 -15.81 -15.28
C THR A 160 -22.06 -14.89 -14.49
N MET A 1 18.39 -2.64 34.86
CA MET A 1 19.39 -2.58 33.77
C MET A 1 20.12 -1.22 33.73
N GLY A 2 21.01 -1.04 32.73
CA GLY A 2 21.79 0.20 32.55
C GLY A 2 22.38 0.31 31.14
N HIS A 3 23.61 0.85 31.03
CA HIS A 3 24.29 1.08 29.73
C HIS A 3 24.78 -0.23 29.04
N HIS A 4 24.91 -1.32 29.81
CA HIS A 4 25.31 -2.64 29.25
C HIS A 4 24.18 -3.25 28.39
N HIS A 5 23.00 -3.47 29.02
CA HIS A 5 21.72 -3.91 28.38
C HIS A 5 21.86 -5.07 27.34
N HIS A 6 22.79 -6.03 27.59
CA HIS A 6 23.03 -7.16 26.64
C HIS A 6 21.83 -8.17 26.62
N HIS A 7 20.92 -7.99 25.63
CA HIS A 7 19.75 -8.88 25.45
C HIS A 7 19.69 -9.41 24.00
N HIS A 8 20.87 -9.46 23.32
CA HIS A 8 21.02 -9.84 21.87
C HIS A 8 19.92 -9.21 20.97
N SER A 9 19.63 -7.92 21.26
CA SER A 9 18.47 -7.17 20.76
C SER A 9 18.36 -7.15 19.21
N HIS A 10 17.58 -8.11 18.69
CA HIS A 10 17.23 -8.21 17.25
C HIS A 10 15.71 -8.52 17.08
N MET A 11 14.93 -8.38 18.18
CA MET A 11 13.46 -8.51 18.15
C MET A 11 12.85 -7.59 19.23
N ASP A 12 13.20 -6.31 19.12
CA ASP A 12 12.66 -5.22 19.95
C ASP A 12 11.23 -4.87 19.46
N THR A 13 10.36 -4.35 20.37
CA THR A 13 8.94 -3.98 20.03
C THR A 13 8.85 -3.09 18.73
N PRO A 14 7.78 -3.27 17.86
CA PRO A 14 7.64 -2.51 16.58
C PRO A 14 7.72 -0.97 16.77
N GLU A 15 7.33 -0.53 17.98
CA GLU A 15 7.43 0.87 18.44
C GLU A 15 8.88 1.41 18.41
N ASN A 16 9.86 0.59 18.82
CA ASN A 16 11.30 0.96 18.76
C ASN A 16 11.80 1.00 17.29
N VAL A 17 11.48 -0.07 16.54
CA VAL A 17 11.79 -0.18 15.09
C VAL A 17 11.33 1.09 14.30
N LEU A 18 10.12 1.54 14.63
CA LEU A 18 9.48 2.69 13.98
C LEU A 18 10.04 4.05 14.52
N GLN A 19 10.26 4.18 15.85
CA GLN A 19 10.79 5.44 16.44
C GLN A 19 12.23 5.76 15.95
N MET A 20 12.96 4.71 15.48
CA MET A 20 14.31 4.90 14.88
C MET A 20 14.26 5.81 13.63
N LEU A 21 13.20 5.71 12.80
CA LEU A 21 13.01 6.65 11.66
C LEU A 21 12.21 7.91 12.08
N GLU A 22 11.26 7.75 13.03
CA GLU A 22 10.39 8.88 13.49
C GLU A 22 11.20 10.01 14.13
N ALA A 23 12.31 9.66 14.81
CA ALA A 23 13.27 10.62 15.37
C ALA A 23 13.85 11.56 14.28
N HIS A 24 13.95 11.03 13.05
CA HIS A 24 14.36 11.80 11.86
C HIS A 24 13.15 12.57 11.26
N MET A 25 11.98 11.91 11.17
CA MET A 25 10.73 12.52 10.64
C MET A 25 10.23 13.73 11.49
N GLN A 26 10.69 13.83 12.75
CA GLN A 26 10.53 15.07 13.57
C GLN A 26 10.93 16.35 12.79
N SER A 27 12.14 16.34 12.20
CA SER A 27 12.71 17.50 11.45
C SER A 27 13.34 17.03 10.10
N TYR A 28 12.70 16.05 9.44
CA TYR A 28 13.19 15.51 8.13
C TYR A 28 13.22 16.58 7.03
N LYS A 29 14.19 16.46 6.11
CA LYS A 29 14.44 17.46 5.05
C LYS A 29 13.26 17.54 4.06
N GLY A 30 12.75 16.37 3.66
CA GLY A 30 11.63 16.27 2.70
C GLY A 30 12.10 16.29 1.25
N ASN A 31 13.30 15.75 0.99
CA ASN A 31 13.79 15.51 -0.38
C ASN A 31 13.30 14.13 -0.89
N ASP A 32 13.55 13.10 -0.07
CA ASP A 32 13.25 11.68 -0.42
C ASP A 32 12.86 10.81 0.83
N PRO A 33 11.88 11.27 1.71
CA PRO A 33 11.53 10.55 2.98
C PRO A 33 11.02 9.10 2.75
N LEU A 34 10.38 8.84 1.58
CA LEU A 34 9.83 7.52 1.21
C LEU A 34 10.91 6.42 1.28
N GLY A 35 12.08 6.73 0.68
CA GLY A 35 13.21 5.80 0.63
C GLY A 35 13.72 5.35 2.00
N GLU A 36 13.62 6.25 2.99
CA GLU A 36 14.00 5.95 4.39
C GLU A 36 13.05 4.90 5.01
N TRP A 37 11.73 5.09 4.82
CA TRP A 37 10.72 4.10 5.25
C TRP A 37 10.97 2.73 4.59
N GLU A 38 11.27 2.75 3.26
CA GLU A 38 11.54 1.53 2.46
C GLU A 38 12.68 0.68 3.05
N ARG A 39 13.73 1.36 3.56
CA ARG A 39 14.89 0.69 4.21
C ARG A 39 14.47 -0.06 5.49
N TYR A 40 13.39 0.39 6.14
CA TYR A 40 12.79 -0.31 7.29
C TYR A 40 11.82 -1.43 6.84
N ILE A 41 11.06 -1.21 5.73
CA ILE A 41 10.12 -2.24 5.20
C ILE A 41 10.89 -3.51 4.70
N GLN A 42 11.99 -3.32 3.95
CA GLN A 42 12.84 -4.46 3.51
C GLN A 42 13.48 -5.18 4.73
N TRP A 43 13.93 -4.37 5.70
CA TRP A 43 14.64 -4.83 6.91
C TRP A 43 13.71 -5.69 7.80
N VAL A 44 12.47 -5.21 7.98
CA VAL A 44 11.47 -5.89 8.82
C VAL A 44 10.94 -7.19 8.17
N GLU A 45 11.07 -7.32 6.85
CA GLU A 45 10.72 -8.57 6.13
C GLU A 45 11.83 -9.63 6.28
N GLU A 46 13.09 -9.23 6.02
CA GLU A 46 14.25 -10.15 6.10
C GLU A 46 14.58 -10.55 7.58
N ASN A 47 14.27 -9.66 8.54
CA ASN A 47 14.50 -9.91 9.99
C ASN A 47 13.23 -10.40 10.73
N PHE A 48 12.02 -10.07 10.23
CA PHE A 48 10.73 -10.50 10.88
C PHE A 48 9.72 -11.08 9.85
N PRO A 49 10.01 -12.28 9.23
CA PRO A 49 9.01 -12.98 8.36
C PRO A 49 7.84 -13.57 9.17
N GLU A 50 8.12 -13.94 10.43
CA GLU A 50 7.12 -14.49 11.37
C GLU A 50 6.33 -13.36 12.06
N ASN A 51 7.06 -12.33 12.53
CA ASN A 51 6.48 -11.19 13.28
C ASN A 51 6.01 -10.10 12.29
N LYS A 52 4.88 -10.40 11.63
CA LYS A 52 4.31 -9.58 10.54
C LYS A 52 3.70 -8.25 11.05
N GLU A 53 3.26 -8.24 12.32
CA GLU A 53 2.70 -7.05 13.00
C GLU A 53 3.66 -5.83 12.94
N TYR A 54 4.99 -6.13 12.97
CA TYR A 54 6.06 -5.12 12.83
C TYR A 54 5.97 -4.38 11.48
N LEU A 55 5.94 -5.15 10.37
CA LEU A 55 5.81 -4.61 9.00
C LEU A 55 4.55 -3.74 8.86
N ILE A 56 3.41 -4.29 9.29
CA ILE A 56 2.10 -3.61 9.22
C ILE A 56 2.09 -2.27 10.01
N THR A 57 2.82 -2.23 11.15
CA THR A 57 3.04 -1.00 11.96
C THR A 57 3.72 0.11 11.10
N LEU A 58 4.77 -0.30 10.36
CA LEU A 58 5.56 0.59 9.48
C LEU A 58 4.73 1.05 8.24
N LEU A 59 3.81 0.19 7.76
CA LEU A 59 2.97 0.45 6.57
C LEU A 59 1.78 1.40 6.86
N GLU A 60 1.04 1.16 7.96
CA GLU A 60 -0.09 2.01 8.37
C GLU A 60 0.38 3.42 8.78
N HIS A 61 1.65 3.53 9.21
CA HIS A 61 2.31 4.80 9.53
C HIS A 61 2.79 5.52 8.24
N LEU A 62 3.36 4.72 7.32
CA LEU A 62 3.83 5.17 5.99
C LEU A 62 2.75 5.95 5.21
N MET A 63 1.54 5.36 5.14
CA MET A 63 0.41 5.97 4.41
C MET A 63 -0.11 7.25 5.10
N LYS A 64 -0.06 7.30 6.45
CA LYS A 64 -0.44 8.52 7.22
C LYS A 64 0.54 9.69 6.95
N GLU A 65 1.84 9.38 6.80
CA GLU A 65 2.87 10.37 6.44
C GLU A 65 2.61 10.91 5.01
N PHE A 66 2.55 10.01 4.01
CA PHE A 66 2.43 10.40 2.59
C PHE A 66 0.99 10.61 2.12
N LEU A 67 0.03 10.53 3.07
CA LEU A 67 -1.35 10.94 2.85
C LEU A 67 -1.41 12.44 2.47
N ASP A 68 -0.75 13.31 3.25
CA ASP A 68 -0.79 14.77 3.02
C ASP A 68 0.37 15.21 2.08
N LYS A 69 1.38 14.32 1.86
CA LYS A 69 2.46 14.55 0.88
C LYS A 69 1.88 14.28 -0.55
N LYS A 70 1.26 15.33 -1.13
CA LYS A 70 0.41 15.19 -2.33
C LYS A 70 1.16 14.74 -3.60
N LYS A 71 2.48 14.98 -3.67
CA LYS A 71 3.31 14.58 -4.82
C LYS A 71 3.68 13.06 -4.80
N TYR A 72 3.33 12.36 -3.71
CA TYR A 72 3.50 10.88 -3.60
C TYR A 72 2.18 10.11 -3.84
N HIS A 73 1.07 10.84 -4.11
CA HIS A 73 -0.26 10.21 -4.36
C HIS A 73 -0.27 9.31 -5.61
N ASN A 74 0.61 9.58 -6.58
CA ASN A 74 0.71 8.76 -7.82
C ASN A 74 2.11 8.13 -7.95
N ASP A 75 2.78 7.95 -6.80
CA ASP A 75 4.11 7.31 -6.72
C ASP A 75 3.95 5.77 -6.82
N PRO A 76 4.50 5.09 -7.88
CA PRO A 76 4.39 3.61 -8.04
C PRO A 76 4.92 2.80 -6.81
N ARG A 77 6.01 3.32 -6.20
CA ARG A 77 6.66 2.69 -5.01
C ARG A 77 5.70 2.77 -3.78
N PHE A 78 5.30 4.01 -3.40
CA PHE A 78 4.38 4.26 -2.26
C PHE A 78 3.06 3.47 -2.38
N ILE A 79 2.42 3.53 -3.57
CA ILE A 79 1.17 2.79 -3.85
C ILE A 79 1.40 1.26 -3.73
N SER A 80 2.56 0.76 -4.21
CA SER A 80 2.93 -0.66 -4.09
C SER A 80 3.04 -1.12 -2.61
N TYR A 81 3.36 -0.19 -1.70
CA TYR A 81 3.39 -0.45 -0.23
C TYR A 81 1.99 -0.42 0.40
N CYS A 82 1.07 0.37 -0.18
CA CYS A 82 -0.37 0.31 0.19
C CYS A 82 -1.00 -1.02 -0.29
N LEU A 83 -0.54 -1.51 -1.46
CA LEU A 83 -0.93 -2.83 -2.03
C LEU A 83 -0.36 -3.98 -1.16
N LYS A 84 0.89 -3.78 -0.72
CA LYS A 84 1.59 -4.66 0.24
C LYS A 84 0.79 -4.75 1.57
N PHE A 85 0.37 -3.59 2.08
CA PHE A 85 -0.44 -3.49 3.31
C PHE A 85 -1.84 -4.11 3.12
N ALA A 86 -2.39 -3.98 1.90
CA ALA A 86 -3.77 -4.42 1.56
C ALA A 86 -4.03 -5.91 1.91
N GLU A 87 -3.08 -6.79 1.55
CA GLU A 87 -3.22 -8.26 1.80
C GLU A 87 -3.24 -8.64 3.31
N TYR A 88 -2.96 -7.66 4.19
CA TYR A 88 -3.03 -7.83 5.66
C TYR A 88 -4.34 -7.22 6.24
N ASN A 89 -5.29 -6.89 5.35
CA ASN A 89 -6.62 -6.30 5.72
C ASN A 89 -7.75 -7.08 5.03
N SER A 90 -8.85 -7.32 5.77
CA SER A 90 -10.02 -8.06 5.26
C SER A 90 -10.93 -7.17 4.40
N ASP A 91 -11.33 -6.01 4.95
CA ASP A 91 -12.25 -5.04 4.29
C ASP A 91 -11.49 -4.15 3.27
N LEU A 92 -11.09 -4.77 2.14
CA LEU A 92 -10.41 -4.08 1.03
C LEU A 92 -11.31 -3.06 0.31
N HIS A 93 -12.63 -3.35 0.23
CA HIS A 93 -13.62 -2.37 -0.29
C HIS A 93 -13.57 -1.02 0.48
N GLN A 94 -13.28 -1.09 1.80
CA GLN A 94 -13.14 0.11 2.66
C GLN A 94 -11.75 0.77 2.48
N PHE A 95 -10.69 -0.06 2.48
CA PHE A 95 -9.28 0.39 2.35
C PHE A 95 -9.03 1.15 1.01
N PHE A 96 -9.20 0.45 -0.12
CA PHE A 96 -8.96 1.01 -1.46
C PHE A 96 -9.90 2.20 -1.80
N GLU A 97 -11.13 2.19 -1.23
CA GLU A 97 -12.08 3.32 -1.40
C GLU A 97 -11.53 4.60 -0.73
N PHE A 98 -11.01 4.45 0.50
CA PHE A 98 -10.36 5.54 1.25
C PHE A 98 -9.18 6.16 0.43
N LEU A 99 -8.35 5.27 -0.14
CA LEU A 99 -7.21 5.69 -1.00
C LEU A 99 -7.71 6.52 -2.20
N TYR A 100 -8.62 5.95 -3.00
CA TYR A 100 -9.18 6.58 -4.21
C TYR A 100 -9.89 7.93 -3.88
N ASN A 101 -10.60 7.99 -2.73
CA ASN A 101 -11.29 9.22 -2.27
C ASN A 101 -10.29 10.33 -1.85
N HIS A 102 -9.11 9.92 -1.33
CA HIS A 102 -8.04 10.88 -0.94
C HIS A 102 -7.09 11.19 -2.15
N GLY A 103 -7.33 10.55 -3.30
CA GLY A 103 -6.48 10.73 -4.51
C GLY A 103 -5.25 9.82 -4.56
N ILE A 104 -5.12 8.90 -3.59
CA ILE A 104 -4.02 7.92 -3.57
C ILE A 104 -4.26 6.82 -4.65
N GLY A 105 -3.30 6.71 -5.59
CA GLY A 105 -3.31 5.67 -6.63
C GLY A 105 -4.20 5.95 -7.84
N THR A 106 -4.52 7.23 -8.11
CA THR A 106 -5.39 7.61 -9.24
C THR A 106 -4.69 7.52 -10.61
N LEU A 107 -3.34 7.70 -10.63
CA LEU A 107 -2.50 7.39 -11.82
C LEU A 107 -1.78 6.02 -11.66
N SER A 108 -2.28 5.17 -10.75
CA SER A 108 -1.72 3.82 -10.53
C SER A 108 -2.74 2.71 -10.88
N SER A 109 -2.54 2.07 -12.06
CA SER A 109 -3.33 0.88 -12.50
C SER A 109 -3.39 -0.29 -11.45
N PRO A 110 -2.22 -0.76 -10.85
CA PRO A 110 -2.23 -1.92 -9.91
C PRO A 110 -3.14 -1.74 -8.66
N LEU A 111 -3.51 -0.48 -8.35
CA LEU A 111 -4.47 -0.16 -7.28
C LEU A 111 -5.88 -0.69 -7.63
N TYR A 112 -6.37 -0.25 -8.81
CA TYR A 112 -7.71 -0.61 -9.33
C TYR A 112 -7.79 -2.13 -9.65
N ILE A 113 -6.68 -2.70 -10.15
CA ILE A 113 -6.54 -4.14 -10.44
C ILE A 113 -6.69 -5.01 -9.16
N ALA A 114 -5.97 -4.62 -8.09
CA ALA A 114 -5.97 -5.35 -6.79
C ALA A 114 -7.35 -5.23 -6.07
N TRP A 115 -8.01 -4.07 -6.21
CA TRP A 115 -9.35 -3.84 -5.66
C TRP A 115 -10.41 -4.71 -6.39
N ALA A 116 -10.45 -4.57 -7.73
CA ALA A 116 -11.42 -5.28 -8.61
C ALA A 116 -11.30 -6.82 -8.53
N GLY A 117 -10.03 -7.30 -8.47
CA GLY A 117 -9.73 -8.74 -8.30
C GLY A 117 -10.35 -9.33 -7.03
N HIS A 118 -10.33 -8.54 -5.95
CA HIS A 118 -10.96 -8.91 -4.68
C HIS A 118 -12.51 -8.88 -4.76
N LEU A 119 -13.06 -7.78 -5.34
CA LEU A 119 -14.52 -7.54 -5.40
C LEU A 119 -15.28 -8.65 -6.18
N GLU A 120 -14.70 -9.09 -7.30
CA GLU A 120 -15.22 -10.24 -8.10
C GLU A 120 -15.45 -11.50 -7.22
N ALA A 121 -14.44 -11.82 -6.39
CA ALA A 121 -14.50 -12.96 -5.43
C ALA A 121 -15.62 -12.78 -4.38
N GLN A 122 -15.91 -11.51 -4.01
CA GLN A 122 -17.02 -11.17 -3.07
C GLN A 122 -18.40 -11.33 -3.77
N GLY A 123 -18.43 -11.05 -5.08
CA GLY A 123 -19.68 -11.04 -5.87
C GLY A 123 -19.96 -9.67 -6.47
N GLU A 124 -19.10 -8.68 -6.13
CA GLU A 124 -19.24 -7.27 -6.55
C GLU A 124 -18.61 -7.04 -7.96
N LEU A 125 -19.04 -7.83 -8.95
CA LEU A 125 -18.60 -7.72 -10.37
C LEU A 125 -18.93 -6.34 -10.98
N GLN A 126 -20.14 -5.81 -10.71
CA GLN A 126 -20.59 -4.50 -11.23
C GLN A 126 -19.76 -3.33 -10.67
N HIS A 127 -19.39 -3.41 -9.38
CA HIS A 127 -18.55 -2.38 -8.71
C HIS A 127 -17.07 -2.49 -9.17
N ALA A 128 -16.57 -3.71 -9.26
CA ALA A 128 -15.16 -4.01 -9.66
C ALA A 128 -14.85 -3.52 -11.09
N SER A 129 -15.76 -3.82 -12.03
CA SER A 129 -15.69 -3.29 -13.41
C SER A 129 -15.83 -1.76 -13.42
N ALA A 130 -16.73 -1.24 -12.56
CA ALA A 130 -16.93 0.22 -12.35
C ALA A 130 -15.67 0.89 -11.75
N VAL A 131 -14.79 0.10 -11.10
CA VAL A 131 -13.48 0.58 -10.58
C VAL A 131 -12.42 0.59 -11.72
N LEU A 132 -12.38 -0.47 -12.53
CA LEU A 132 -11.40 -0.62 -13.65
C LEU A 132 -11.55 0.50 -14.69
N GLN A 133 -12.81 0.80 -15.05
CA GLN A 133 -13.14 1.90 -16.00
C GLN A 133 -12.71 3.28 -15.44
N ARG A 134 -12.79 3.45 -14.08
CA ARG A 134 -12.33 4.67 -13.40
C ARG A 134 -10.84 4.91 -13.65
N GLY A 135 -10.02 3.85 -13.47
CA GLY A 135 -8.59 3.94 -13.77
C GLY A 135 -8.27 4.41 -15.19
N ILE A 136 -8.96 3.81 -16.16
CA ILE A 136 -8.81 4.13 -17.60
C ILE A 136 -9.09 5.64 -17.90
N GLN A 137 -10.22 6.17 -17.37
CA GLN A 137 -10.59 7.62 -17.57
C GLN A 137 -9.78 8.57 -16.66
N ASN A 138 -9.26 8.07 -15.52
CA ASN A 138 -8.36 8.85 -14.61
C ASN A 138 -6.89 8.78 -15.08
N GLN A 139 -6.63 8.02 -16.17
CA GLN A 139 -5.31 7.93 -16.84
C GLN A 139 -4.28 7.10 -16.02
N ALA A 140 -4.81 6.21 -15.16
CA ALA A 140 -4.01 5.30 -14.31
C ALA A 140 -3.10 4.36 -15.15
N GLU A 141 -1.82 4.74 -15.21
CA GLU A 141 -0.80 3.98 -15.96
C GLU A 141 -0.33 2.74 -15.17
N PRO A 142 -0.09 1.56 -15.84
CA PRO A 142 -0.41 1.31 -17.29
C PRO A 142 -1.93 1.11 -17.61
N ARG A 143 -2.48 2.00 -18.48
CA ARG A 143 -3.91 1.98 -18.87
C ARG A 143 -4.27 0.74 -19.71
N GLU A 144 -3.37 0.34 -20.65
CA GLU A 144 -3.57 -0.86 -21.50
C GLU A 144 -3.77 -2.12 -20.64
N PHE A 145 -3.02 -2.20 -19.51
CA PHE A 145 -3.17 -3.29 -18.53
C PHE A 145 -4.58 -3.28 -17.90
N LEU A 146 -5.11 -2.08 -17.57
CA LEU A 146 -6.49 -1.90 -17.06
C LEU A 146 -7.54 -2.37 -18.09
N GLN A 147 -7.34 -2.01 -19.37
CA GLN A 147 -8.31 -2.29 -20.45
C GLN A 147 -8.34 -3.78 -20.85
N GLN A 148 -7.17 -4.43 -20.90
CA GLN A 148 -7.08 -5.88 -21.17
C GLN A 148 -7.66 -6.70 -20.00
N GLN A 149 -7.41 -6.25 -18.74
CA GLN A 149 -8.01 -6.89 -17.55
C GLN A 149 -9.51 -6.53 -17.42
N TYR A 150 -9.94 -5.39 -18.02
CA TYR A 150 -11.36 -4.96 -18.07
C TYR A 150 -12.17 -5.91 -18.97
N ARG A 151 -11.72 -6.11 -20.24
CA ARG A 151 -12.44 -6.99 -21.22
C ARG A 151 -12.43 -8.47 -20.78
N LEU A 152 -11.33 -8.91 -20.13
CA LEU A 152 -11.21 -10.28 -19.58
C LEU A 152 -12.14 -10.43 -18.36
N PHE A 153 -12.26 -9.37 -17.55
CA PHE A 153 -13.25 -9.28 -16.46
C PHE A 153 -14.70 -9.33 -17.01
N GLN A 154 -14.95 -8.62 -18.12
CA GLN A 154 -16.29 -8.53 -18.76
C GLN A 154 -16.75 -9.89 -19.31
N THR A 155 -15.83 -10.64 -19.95
CA THR A 155 -16.15 -11.96 -20.54
C THR A 155 -16.51 -13.00 -19.44
N ARG A 156 -16.08 -12.73 -18.19
CA ARG A 156 -16.45 -13.55 -17.02
C ARG A 156 -17.90 -13.27 -16.57
N LEU A 157 -18.20 -11.98 -16.28
CA LEU A 157 -19.52 -11.58 -15.73
C LEU A 157 -20.69 -11.80 -16.72
N THR A 158 -20.42 -11.72 -18.04
CA THR A 158 -21.45 -11.98 -19.08
C THR A 158 -21.68 -13.49 -19.34
N GLU A 159 -20.69 -14.34 -18.96
CA GLU A 159 -20.75 -15.81 -19.21
C GLU A 159 -20.65 -16.65 -17.90
N THR A 160 -20.84 -16.01 -16.72
CA THR A 160 -20.81 -16.74 -15.41
C THR A 160 -22.12 -17.56 -15.18
N MET A 1 21.92 -5.82 39.45
CA MET A 1 21.03 -6.80 38.77
C MET A 1 19.89 -6.06 38.02
N GLY A 2 19.91 -6.13 36.67
CA GLY A 2 18.87 -5.49 35.82
C GLY A 2 18.91 -3.96 35.81
N HIS A 3 18.08 -3.35 34.92
CA HIS A 3 17.96 -1.87 34.76
C HIS A 3 19.33 -1.19 34.48
N HIS A 4 19.75 -1.17 33.20
CA HIS A 4 21.04 -0.58 32.76
C HIS A 4 20.82 0.28 31.49
N HIS A 5 21.89 0.50 30.69
CA HIS A 5 21.84 1.28 29.42
C HIS A 5 20.80 0.68 28.43
N HIS A 6 20.61 -0.65 28.48
CA HIS A 6 19.65 -1.38 27.61
C HIS A 6 19.26 -2.77 28.20
N HIS A 7 18.46 -3.54 27.44
CA HIS A 7 18.10 -4.94 27.77
C HIS A 7 18.20 -5.83 26.49
N HIS A 8 19.07 -6.86 26.53
CA HIS A 8 19.25 -7.79 25.39
C HIS A 8 18.00 -8.70 25.20
N SER A 9 17.51 -8.80 23.96
CA SER A 9 16.27 -9.52 23.61
C SER A 9 16.30 -9.99 22.13
N HIS A 10 15.37 -10.86 21.73
CA HIS A 10 15.23 -11.32 20.33
C HIS A 10 14.21 -10.45 19.53
N MET A 11 13.72 -9.36 20.15
CA MET A 11 12.80 -8.38 19.49
C MET A 11 12.86 -6.98 20.16
N ASP A 12 12.83 -5.92 19.35
CA ASP A 12 12.67 -4.51 19.81
C ASP A 12 11.26 -4.02 19.42
N THR A 13 10.59 -3.26 20.31
CA THR A 13 9.17 -2.83 20.09
C THR A 13 8.97 -2.07 18.74
N PRO A 14 7.86 -2.39 17.98
CA PRO A 14 7.58 -1.78 16.66
C PRO A 14 7.51 -0.23 16.73
N GLU A 15 7.13 0.27 17.92
CA GLU A 15 7.01 1.71 18.20
C GLU A 15 8.38 2.41 18.13
N ASN A 16 9.37 1.96 18.95
CA ASN A 16 10.74 2.55 18.95
C ASN A 16 11.43 2.35 17.58
N VAL A 17 11.28 1.14 16.98
CA VAL A 17 11.81 0.83 15.63
C VAL A 17 11.39 1.90 14.58
N LEU A 18 10.08 2.13 14.51
CA LEU A 18 9.47 3.13 13.61
C LEU A 18 9.82 4.59 14.03
N GLN A 19 9.90 4.86 15.35
CA GLN A 19 10.27 6.19 15.88
C GLN A 19 11.74 6.56 15.63
N MET A 20 12.59 5.54 15.32
CA MET A 20 13.99 5.78 14.86
C MET A 20 14.00 6.63 13.56
N LEU A 21 13.20 6.22 12.54
CA LEU A 21 13.09 6.99 11.28
C LEU A 21 12.25 8.28 11.50
N GLU A 22 11.21 8.22 12.36
CA GLU A 22 10.33 9.40 12.66
C GLU A 22 11.14 10.55 13.30
N ALA A 23 12.16 10.20 14.10
CA ALA A 23 13.14 11.15 14.68
C ALA A 23 13.84 11.99 13.59
N HIS A 24 14.00 11.39 12.39
CA HIS A 24 14.54 12.07 11.20
C HIS A 24 13.45 12.92 10.51
N MET A 25 12.26 12.29 10.30
CA MET A 25 11.08 12.89 9.62
C MET A 25 10.60 14.23 10.24
N GLN A 26 10.82 14.42 11.56
CA GLN A 26 10.59 15.71 12.27
C GLN A 26 11.18 16.95 11.51
N SER A 27 12.38 16.78 10.90
CA SER A 27 13.10 17.85 10.15
C SER A 27 13.66 17.34 8.79
N TYR A 28 13.10 16.22 8.26
CA TYR A 28 13.64 15.54 7.05
C TYR A 28 13.39 16.39 5.77
N LYS A 29 14.40 17.18 5.40
CA LYS A 29 14.36 18.01 4.18
C LYS A 29 14.92 17.23 2.95
N GLY A 30 15.52 16.04 3.22
CA GLY A 30 16.10 15.18 2.17
C GLY A 30 15.07 14.63 1.16
N ASN A 31 15.46 14.60 -0.13
CA ASN A 31 14.62 14.12 -1.25
C ASN A 31 14.20 12.64 -1.07
N ASP A 32 12.90 12.39 -1.20
CA ASP A 32 12.27 11.05 -1.08
C ASP A 32 12.62 10.35 0.26
N PRO A 33 11.89 10.68 1.38
CA PRO A 33 11.99 9.94 2.66
C PRO A 33 11.52 8.48 2.56
N LEU A 34 10.70 8.16 1.52
CA LEU A 34 10.16 6.80 1.25
C LEU A 34 11.31 5.76 1.16
N GLY A 35 12.44 6.13 0.53
CA GLY A 35 13.63 5.26 0.45
C GLY A 35 14.17 4.77 1.81
N GLU A 36 14.14 5.66 2.83
CA GLU A 36 14.53 5.32 4.22
C GLU A 36 13.53 4.34 4.87
N TRP A 37 12.22 4.60 4.64
CA TRP A 37 11.13 3.69 5.08
C TRP A 37 11.32 2.26 4.51
N GLU A 38 11.63 2.16 3.19
CA GLU A 38 11.82 0.88 2.47
C GLU A 38 12.94 0.02 3.12
N ARG A 39 13.98 0.69 3.66
CA ARG A 39 15.08 0.00 4.38
C ARG A 39 14.61 -0.61 5.72
N TYR A 40 13.56 -0.01 6.33
CA TYR A 40 12.92 -0.57 7.54
C TYR A 40 11.92 -1.71 7.17
N ILE A 41 11.21 -1.56 6.02
CA ILE A 41 10.26 -2.59 5.51
C ILE A 41 11.02 -3.90 5.15
N GLN A 42 12.18 -3.79 4.45
CA GLN A 42 13.01 -4.98 4.13
C GLN A 42 13.63 -5.59 5.42
N TRP A 43 14.05 -4.71 6.35
CA TRP A 43 14.71 -5.11 7.61
C TRP A 43 13.76 -5.96 8.50
N VAL A 44 12.50 -5.54 8.61
CA VAL A 44 11.48 -6.28 9.37
C VAL A 44 11.03 -7.58 8.63
N GLU A 45 11.13 -7.61 7.29
CA GLU A 45 10.82 -8.84 6.52
C GLU A 45 11.90 -9.93 6.70
N GLU A 46 13.16 -9.52 6.70
CA GLU A 46 14.31 -10.44 6.84
C GLU A 46 14.53 -10.88 8.32
N ASN A 47 14.40 -9.95 9.28
CA ASN A 47 14.64 -10.23 10.72
C ASN A 47 13.36 -10.67 11.48
N PHE A 48 12.16 -10.25 11.01
CA PHE A 48 10.86 -10.62 11.65
C PHE A 48 9.85 -11.26 10.62
N PRO A 49 10.12 -12.47 10.04
CA PRO A 49 9.16 -13.15 9.14
C PRO A 49 7.89 -13.67 9.88
N GLU A 50 8.08 -14.16 11.12
CA GLU A 50 6.98 -14.64 11.99
C GLU A 50 6.23 -13.46 12.65
N ASN A 51 7.00 -12.45 13.09
CA ASN A 51 6.46 -11.24 13.75
C ASN A 51 6.06 -10.17 12.68
N LYS A 52 4.93 -10.46 12.00
CA LYS A 52 4.42 -9.65 10.87
C LYS A 52 3.81 -8.30 11.32
N GLU A 53 3.31 -8.26 12.57
CA GLU A 53 2.69 -7.04 13.16
C GLU A 53 3.67 -5.83 13.19
N TYR A 54 4.98 -6.12 13.24
CA TYR A 54 6.05 -5.11 13.18
C TYR A 54 6.07 -4.43 11.79
N LEU A 55 6.02 -5.25 10.71
CA LEU A 55 5.92 -4.75 9.31
C LEU A 55 4.66 -3.89 9.13
N ILE A 56 3.52 -4.43 9.59
CA ILE A 56 2.22 -3.75 9.51
C ILE A 56 2.26 -2.37 10.20
N THR A 57 2.95 -2.28 11.35
CA THR A 57 3.21 -1.01 12.07
C THR A 57 3.90 0.03 11.14
N LEU A 58 4.97 -0.40 10.46
CA LEU A 58 5.71 0.44 9.48
C LEU A 58 4.79 0.86 8.29
N LEU A 59 3.91 -0.05 7.83
CA LEU A 59 3.04 0.15 6.64
C LEU A 59 1.84 1.10 6.88
N GLU A 60 1.10 0.89 7.98
CA GLU A 60 -0.08 1.73 8.33
C GLU A 60 0.34 3.20 8.65
N HIS A 61 1.54 3.39 9.23
CA HIS A 61 2.11 4.72 9.48
C HIS A 61 2.71 5.31 8.17
N LEU A 62 3.18 4.42 7.28
CA LEU A 62 3.74 4.78 5.96
C LEU A 62 2.70 5.54 5.11
N MET A 63 1.51 4.94 4.99
CA MET A 63 0.40 5.55 4.23
C MET A 63 -0.19 6.78 4.95
N LYS A 64 -0.18 6.78 6.30
CA LYS A 64 -0.57 7.95 7.12
C LYS A 64 0.41 9.13 6.94
N GLU A 65 1.71 8.82 6.82
CA GLU A 65 2.79 9.82 6.68
C GLU A 65 2.70 10.52 5.30
N PHE A 66 2.70 9.70 4.24
CA PHE A 66 2.65 10.18 2.85
C PHE A 66 1.20 10.45 2.38
N LEU A 67 0.23 10.32 3.31
CA LEU A 67 -1.14 10.80 3.13
C LEU A 67 -1.17 12.33 2.93
N ASP A 68 -0.38 13.07 3.73
CA ASP A 68 -0.30 14.55 3.64
C ASP A 68 0.80 14.98 2.64
N LYS A 69 1.71 14.05 2.30
CA LYS A 69 2.71 14.28 1.24
C LYS A 69 2.03 13.99 -0.11
N LYS A 70 1.34 15.01 -0.64
CA LYS A 70 0.41 14.87 -1.79
C LYS A 70 1.12 14.53 -3.12
N LYS A 71 2.44 14.73 -3.17
CA LYS A 71 3.29 14.30 -4.30
C LYS A 71 3.39 12.75 -4.42
N TYR A 72 3.03 12.03 -3.32
CA TYR A 72 3.02 10.55 -3.29
C TYR A 72 1.63 9.96 -3.60
N HIS A 73 0.65 10.81 -3.95
CA HIS A 73 -0.71 10.35 -4.36
C HIS A 73 -0.65 9.30 -5.48
N ASN A 74 0.25 9.50 -6.45
CA ASN A 74 0.39 8.62 -7.62
C ASN A 74 1.85 8.11 -7.76
N ASP A 75 2.50 7.88 -6.61
CA ASP A 75 3.84 7.28 -6.55
C ASP A 75 3.72 5.73 -6.57
N PRO A 76 4.09 5.03 -7.69
CA PRO A 76 3.89 3.55 -7.84
C PRO A 76 4.54 2.69 -6.71
N ARG A 77 5.73 3.12 -6.22
CA ARG A 77 6.42 2.48 -5.06
C ARG A 77 5.55 2.55 -3.78
N PHE A 78 5.07 3.76 -3.46
CA PHE A 78 4.24 4.02 -2.27
C PHE A 78 2.90 3.24 -2.31
N ILE A 79 2.18 3.32 -3.45
CA ILE A 79 0.93 2.56 -3.69
C ILE A 79 1.17 1.04 -3.56
N SER A 80 2.33 0.56 -4.06
CA SER A 80 2.73 -0.86 -3.97
C SER A 80 2.86 -1.34 -2.49
N TYR A 81 3.24 -0.43 -1.58
CA TYR A 81 3.32 -0.74 -0.12
C TYR A 81 1.94 -0.69 0.56
N CYS A 82 1.01 0.12 0.02
CA CYS A 82 -0.41 0.06 0.43
C CYS A 82 -1.04 -1.29 -0.01
N LEU A 83 -0.65 -1.77 -1.20
CA LEU A 83 -1.07 -3.10 -1.73
C LEU A 83 -0.43 -4.25 -0.90
N LYS A 84 0.82 -4.03 -0.46
CA LYS A 84 1.55 -4.93 0.45
C LYS A 84 0.86 -4.99 1.83
N PHE A 85 0.36 -3.85 2.32
CA PHE A 85 -0.42 -3.77 3.57
C PHE A 85 -1.82 -4.43 3.37
N ALA A 86 -2.37 -4.26 2.15
CA ALA A 86 -3.72 -4.74 1.78
C ALA A 86 -3.90 -6.27 1.98
N GLU A 87 -2.88 -7.05 1.62
CA GLU A 87 -2.92 -8.54 1.75
C GLU A 87 -2.99 -9.01 3.24
N TYR A 88 -2.76 -8.09 4.19
CA TYR A 88 -2.85 -8.35 5.66
C TYR A 88 -4.18 -7.82 6.27
N ASN A 89 -5.09 -7.30 5.43
CA ASN A 89 -6.39 -6.73 5.87
C ASN A 89 -7.58 -7.41 5.13
N SER A 90 -8.64 -7.73 5.89
CA SER A 90 -9.86 -8.40 5.38
C SER A 90 -10.81 -7.38 4.70
N ASP A 91 -10.90 -6.17 5.27
CA ASP A 91 -11.83 -5.11 4.82
C ASP A 91 -11.19 -4.22 3.71
N LEU A 92 -10.90 -4.84 2.56
CA LEU A 92 -10.33 -4.16 1.38
C LEU A 92 -11.35 -3.27 0.66
N HIS A 93 -12.65 -3.62 0.79
CA HIS A 93 -13.75 -2.75 0.32
C HIS A 93 -13.72 -1.35 1.01
N GLN A 94 -13.25 -1.32 2.28
CA GLN A 94 -13.07 -0.06 3.03
C GLN A 94 -11.70 0.59 2.69
N PHE A 95 -10.65 -0.25 2.66
CA PHE A 95 -9.25 0.19 2.47
C PHE A 95 -9.01 0.88 1.10
N PHE A 96 -9.22 0.14 0.00
CA PHE A 96 -9.00 0.65 -1.37
C PHE A 96 -9.94 1.82 -1.73
N GLU A 97 -11.16 1.82 -1.14
CA GLU A 97 -12.12 2.93 -1.31
C GLU A 97 -11.58 4.22 -0.67
N PHE A 98 -11.03 4.11 0.56
CA PHE A 98 -10.35 5.22 1.26
C PHE A 98 -9.18 5.79 0.43
N LEU A 99 -8.34 4.88 -0.13
CA LEU A 99 -7.19 5.28 -0.97
C LEU A 99 -7.63 6.14 -2.17
N TYR A 100 -8.53 5.58 -3.01
CA TYR A 100 -9.06 6.26 -4.20
C TYR A 100 -9.74 7.61 -3.86
N ASN A 101 -10.55 7.64 -2.78
CA ASN A 101 -11.25 8.86 -2.31
C ASN A 101 -10.26 9.94 -1.83
N HIS A 102 -9.12 9.51 -1.27
CA HIS A 102 -8.07 10.45 -0.80
C HIS A 102 -7.15 10.91 -1.98
N GLY A 103 -7.31 10.31 -3.17
CA GLY A 103 -6.46 10.60 -4.33
C GLY A 103 -5.26 9.66 -4.46
N ILE A 104 -5.11 8.72 -3.52
CA ILE A 104 -4.03 7.71 -3.54
C ILE A 104 -4.36 6.61 -4.59
N GLY A 105 -3.46 6.43 -5.57
CA GLY A 105 -3.61 5.40 -6.61
C GLY A 105 -4.55 5.74 -7.76
N THR A 106 -4.93 7.03 -7.91
CA THR A 106 -5.84 7.48 -9.00
C THR A 106 -5.17 7.43 -10.40
N LEU A 107 -3.83 7.57 -10.43
CA LEU A 107 -3.03 7.33 -11.66
C LEU A 107 -2.20 6.01 -11.57
N SER A 108 -2.55 5.15 -10.61
CA SER A 108 -1.90 3.84 -10.44
C SER A 108 -2.85 2.70 -10.81
N SER A 109 -2.64 2.09 -12.00
CA SER A 109 -3.38 0.87 -12.44
C SER A 109 -3.33 -0.29 -11.39
N PRO A 110 -2.13 -0.67 -10.79
CA PRO A 110 -2.04 -1.71 -9.72
C PRO A 110 -3.06 -1.55 -8.54
N LEU A 111 -3.55 -0.32 -8.27
CA LEU A 111 -4.62 -0.09 -7.26
C LEU A 111 -5.96 -0.70 -7.75
N TYR A 112 -6.41 -0.28 -8.94
CA TYR A 112 -7.70 -0.69 -9.53
C TYR A 112 -7.75 -2.21 -9.81
N ILE A 113 -6.63 -2.75 -10.32
CA ILE A 113 -6.49 -4.18 -10.64
C ILE A 113 -6.59 -5.05 -9.36
N ALA A 114 -5.90 -4.61 -8.28
CA ALA A 114 -5.95 -5.26 -6.95
C ALA A 114 -7.37 -5.21 -6.34
N TRP A 115 -7.97 -4.01 -6.39
CA TRP A 115 -9.32 -3.75 -5.84
C TRP A 115 -10.39 -4.60 -6.56
N ALA A 116 -10.48 -4.43 -7.89
CA ALA A 116 -11.46 -5.13 -8.75
C ALA A 116 -11.28 -6.67 -8.74
N GLY A 117 -10.00 -7.13 -8.69
CA GLY A 117 -9.69 -8.56 -8.57
C GLY A 117 -10.23 -9.18 -7.27
N HIS A 118 -10.06 -8.44 -6.17
CA HIS A 118 -10.61 -8.80 -4.85
C HIS A 118 -12.16 -8.83 -4.87
N LEU A 119 -12.78 -7.75 -5.40
CA LEU A 119 -14.24 -7.56 -5.43
C LEU A 119 -14.94 -8.69 -6.22
N GLU A 120 -14.36 -9.03 -7.39
CA GLU A 120 -14.81 -10.14 -8.24
C GLU A 120 -14.90 -11.48 -7.46
N ALA A 121 -13.84 -11.78 -6.69
CA ALA A 121 -13.77 -12.99 -5.83
C ALA A 121 -14.90 -13.01 -4.77
N GLN A 122 -15.29 -11.81 -4.31
CA GLN A 122 -16.38 -11.63 -3.33
C GLN A 122 -17.79 -11.67 -4.00
N GLY A 123 -17.87 -11.33 -5.31
CA GLY A 123 -19.14 -11.30 -6.06
C GLY A 123 -19.58 -9.90 -6.48
N GLU A 124 -18.74 -8.90 -6.18
CA GLU A 124 -18.98 -7.48 -6.52
C GLU A 124 -18.45 -7.14 -7.95
N LEU A 125 -18.88 -7.95 -8.93
CA LEU A 125 -18.47 -7.85 -10.36
C LEU A 125 -18.82 -6.51 -11.02
N GLN A 126 -20.08 -6.06 -10.89
CA GLN A 126 -20.57 -4.81 -11.52
C GLN A 126 -19.92 -3.55 -10.86
N HIS A 127 -19.66 -3.61 -9.55
CA HIS A 127 -18.95 -2.53 -8.83
C HIS A 127 -17.45 -2.48 -9.23
N ALA A 128 -16.84 -3.67 -9.39
CA ALA A 128 -15.43 -3.82 -9.79
C ALA A 128 -15.22 -3.41 -11.27
N SER A 129 -16.25 -3.61 -12.10
CA SER A 129 -16.32 -3.06 -13.48
C SER A 129 -16.35 -1.52 -13.43
N ALA A 130 -17.18 -0.99 -12.49
CA ALA A 130 -17.28 0.45 -12.19
C ALA A 130 -15.98 1.02 -11.59
N VAL A 131 -15.08 0.14 -11.08
CA VAL A 131 -13.74 0.52 -10.59
C VAL A 131 -12.70 0.59 -11.75
N LEU A 132 -12.66 -0.45 -12.61
CA LEU A 132 -11.69 -0.53 -13.72
C LEU A 132 -11.91 0.57 -14.79
N GLN A 133 -13.21 0.93 -15.04
CA GLN A 133 -13.55 2.04 -15.97
C GLN A 133 -13.01 3.40 -15.44
N ARG A 134 -12.99 3.58 -14.09
CA ARG A 134 -12.41 4.80 -13.46
C ARG A 134 -10.97 5.01 -13.92
N GLY A 135 -10.14 3.96 -13.78
CA GLY A 135 -8.72 4.01 -14.15
C GLY A 135 -8.48 4.40 -15.62
N ILE A 136 -9.31 3.86 -16.51
CA ILE A 136 -9.27 4.17 -17.95
C ILE A 136 -9.56 5.67 -18.21
N GLN A 137 -10.69 6.18 -17.68
CA GLN A 137 -11.10 7.60 -17.89
C GLN A 137 -10.28 8.61 -17.04
N ASN A 138 -9.60 8.14 -15.97
CA ASN A 138 -8.70 8.98 -15.14
C ASN A 138 -7.27 9.02 -15.72
N GLN A 139 -6.99 8.16 -16.75
CA GLN A 139 -5.65 8.04 -17.39
C GLN A 139 -4.61 7.37 -16.46
N ALA A 140 -5.08 6.48 -15.58
CA ALA A 140 -4.23 5.71 -14.66
C ALA A 140 -3.31 4.72 -15.40
N GLU A 141 -1.99 4.93 -15.28
CA GLU A 141 -0.96 4.15 -15.98
C GLU A 141 -0.47 2.94 -15.12
N PRO A 142 -0.13 1.73 -15.72
CA PRO A 142 -0.32 1.41 -17.18
C PRO A 142 -1.80 1.35 -17.66
N ARG A 143 -2.13 2.21 -18.65
CA ARG A 143 -3.52 2.44 -19.14
C ARG A 143 -4.05 1.24 -19.97
N GLU A 144 -3.26 0.82 -20.98
CA GLU A 144 -3.63 -0.30 -21.87
C GLU A 144 -3.72 -1.63 -21.08
N PHE A 145 -2.98 -1.71 -19.94
CA PHE A 145 -3.11 -2.84 -19.00
C PHE A 145 -4.50 -2.82 -18.31
N LEU A 146 -4.96 -1.63 -17.93
CA LEU A 146 -6.31 -1.44 -17.32
C LEU A 146 -7.41 -1.82 -18.33
N GLN A 147 -7.19 -1.48 -19.61
CA GLN A 147 -8.15 -1.75 -20.70
C GLN A 147 -8.20 -3.25 -21.09
N GLN A 148 -7.02 -3.92 -21.13
CA GLN A 148 -6.96 -5.38 -21.42
C GLN A 148 -7.58 -6.20 -20.26
N GLN A 149 -7.35 -5.77 -19.01
CA GLN A 149 -7.97 -6.42 -17.82
C GLN A 149 -9.46 -6.05 -17.68
N TYR A 150 -9.86 -4.86 -18.19
CA TYR A 150 -11.27 -4.41 -18.21
C TYR A 150 -12.12 -5.32 -19.12
N ARG A 151 -11.69 -5.45 -20.40
CA ARG A 151 -12.43 -6.27 -21.41
C ARG A 151 -12.49 -7.77 -21.01
N LEU A 152 -11.40 -8.27 -20.39
CA LEU A 152 -11.35 -9.66 -19.85
C LEU A 152 -12.28 -9.80 -18.63
N PHE A 153 -12.36 -8.76 -17.80
CA PHE A 153 -13.31 -8.68 -16.68
C PHE A 153 -14.78 -8.71 -17.18
N GLN A 154 -15.04 -7.98 -18.28
CA GLN A 154 -16.40 -7.88 -18.88
C GLN A 154 -16.86 -9.23 -19.46
N THR A 155 -15.94 -9.92 -20.16
CA THR A 155 -16.28 -11.21 -20.83
C THR A 155 -16.63 -12.32 -19.80
N ARG A 156 -16.15 -12.15 -18.54
CA ARG A 156 -16.47 -13.07 -17.42
C ARG A 156 -17.91 -12.85 -16.91
N LEU A 157 -18.25 -11.59 -16.60
CA LEU A 157 -19.56 -11.25 -15.99
C LEU A 157 -20.74 -11.32 -17.01
N THR A 158 -20.49 -11.00 -18.30
CA THR A 158 -21.57 -11.00 -19.33
C THR A 158 -21.79 -12.41 -19.92
N GLU A 159 -20.69 -13.14 -20.15
CA GLU A 159 -20.67 -14.43 -20.90
C GLU A 159 -21.59 -14.42 -22.17
N THR A 160 -21.21 -13.65 -23.20
CA THR A 160 -21.95 -13.57 -24.48
C THR A 160 -21.80 -14.87 -25.34
N MET A 1 3.48 -2.85 29.89
CA MET A 1 3.40 -2.41 31.30
C MET A 1 4.74 -1.79 31.76
N GLY A 2 4.83 -0.44 31.82
CA GLY A 2 6.00 0.28 32.34
C GLY A 2 7.14 0.49 31.32
N HIS A 3 8.28 1.03 31.80
CA HIS A 3 9.49 1.32 30.98
C HIS A 3 10.79 0.90 31.71
N HIS A 4 10.79 -0.31 32.30
CA HIS A 4 11.98 -0.87 32.97
C HIS A 4 13.04 -1.30 31.93
N HIS A 5 14.08 -0.47 31.74
CA HIS A 5 15.17 -0.75 30.78
C HIS A 5 16.03 -1.97 31.23
N HIS A 6 15.52 -3.16 30.89
CA HIS A 6 16.20 -4.46 31.13
C HIS A 6 17.38 -4.68 30.14
N HIS A 7 18.25 -5.68 30.44
CA HIS A 7 19.41 -6.03 29.58
C HIS A 7 18.96 -6.34 28.13
N HIS A 8 19.37 -5.47 27.18
CA HIS A 8 18.87 -5.50 25.79
C HIS A 8 19.45 -6.70 24.99
N SER A 9 18.81 -7.86 25.19
CA SER A 9 19.20 -9.13 24.52
C SER A 9 18.19 -9.50 23.41
N HIS A 10 16.92 -9.12 23.60
CA HIS A 10 15.83 -9.36 22.63
C HIS A 10 15.51 -8.08 21.81
N MET A 11 14.52 -8.23 20.89
CA MET A 11 14.05 -7.13 20.02
C MET A 11 13.26 -6.01 20.76
N ASP A 12 12.74 -5.04 19.98
CA ASP A 12 11.87 -3.96 20.47
C ASP A 12 10.50 -4.02 19.78
N THR A 13 9.48 -3.45 20.44
CA THR A 13 8.12 -3.28 19.86
C THR A 13 8.15 -2.54 18.49
N PRO A 14 7.23 -2.89 17.52
CA PRO A 14 7.11 -2.19 16.20
C PRO A 14 7.14 -0.65 16.33
N GLU A 15 6.53 -0.16 17.43
CA GLU A 15 6.50 1.26 17.80
C GLU A 15 7.91 1.90 17.86
N ASN A 16 8.84 1.32 18.68
CA ASN A 16 10.24 1.84 18.83
C ASN A 16 10.99 1.86 17.47
N VAL A 17 10.91 0.71 16.76
CA VAL A 17 11.54 0.51 15.42
C VAL A 17 11.18 1.68 14.46
N LEU A 18 9.88 1.93 14.40
CA LEU A 18 9.27 3.01 13.61
C LEU A 18 9.67 4.42 14.11
N GLN A 19 9.65 4.63 15.44
CA GLN A 19 9.99 5.93 16.07
C GLN A 19 11.46 6.35 15.80
N MET A 20 12.33 5.37 15.49
CA MET A 20 13.71 5.64 15.05
C MET A 20 13.73 6.44 13.72
N LEU A 21 12.96 5.99 12.70
CA LEU A 21 12.90 6.71 11.40
C LEU A 21 12.12 8.04 11.55
N GLU A 22 11.07 8.03 12.42
CA GLU A 22 10.19 9.19 12.65
C GLU A 22 10.98 10.38 13.24
N ALA A 23 11.85 10.08 14.22
CA ALA A 23 12.69 11.10 14.89
C ALA A 23 13.65 11.80 13.90
N HIS A 24 14.16 11.05 12.90
CA HIS A 24 14.98 11.63 11.81
C HIS A 24 14.08 12.36 10.78
N MET A 25 12.83 11.87 10.61
CA MET A 25 11.87 12.42 9.63
C MET A 25 11.27 13.77 10.10
N GLN A 26 11.26 14.01 11.43
CA GLN A 26 10.95 15.36 11.99
C GLN A 26 11.92 16.46 11.45
N SER A 27 13.08 16.02 10.94
CA SER A 27 14.11 16.91 10.32
C SER A 27 14.58 16.36 8.94
N TYR A 28 13.71 15.56 8.26
CA TYR A 28 14.00 14.95 6.92
C TYR A 28 14.41 16.01 5.84
N LYS A 29 15.04 15.55 4.76
CA LYS A 29 15.58 16.44 3.70
C LYS A 29 14.52 16.83 2.65
N GLY A 30 13.57 15.93 2.38
CA GLY A 30 12.54 16.13 1.34
C GLY A 30 12.77 15.28 0.09
N ASN A 31 14.05 14.92 -0.18
CA ASN A 31 14.43 14.10 -1.34
C ASN A 31 13.96 12.64 -1.17
N ASP A 32 12.72 12.37 -1.59
CA ASP A 32 12.04 11.06 -1.44
C ASP A 32 12.09 10.51 0.01
N PRO A 33 11.22 11.03 0.94
CA PRO A 33 11.13 10.52 2.33
C PRO A 33 10.70 9.03 2.40
N LEU A 34 10.00 8.54 1.34
CA LEU A 34 9.66 7.10 1.20
C LEU A 34 10.93 6.25 1.13
N GLY A 35 11.98 6.77 0.47
CA GLY A 35 13.28 6.09 0.39
C GLY A 35 13.84 5.67 1.75
N GLU A 36 13.56 6.48 2.80
CA GLU A 36 13.96 6.21 4.19
C GLU A 36 13.09 5.09 4.83
N TRP A 37 11.78 5.10 4.53
CA TRP A 37 10.84 4.05 4.98
C TRP A 37 11.14 2.68 4.35
N GLU A 38 11.45 2.68 3.03
CA GLU A 38 11.72 1.46 2.25
C GLU A 38 12.87 0.63 2.87
N ARG A 39 13.83 1.35 3.49
CA ARG A 39 14.96 0.74 4.23
C ARG A 39 14.44 -0.09 5.44
N TYR A 40 13.44 0.47 6.15
CA TYR A 40 12.82 -0.17 7.32
C TYR A 40 11.81 -1.27 6.92
N ILE A 41 11.05 -1.09 5.81
CA ILE A 41 10.09 -2.10 5.32
C ILE A 41 10.84 -3.40 4.91
N GLN A 42 11.90 -3.29 4.09
CA GLN A 42 12.72 -4.46 3.68
C GLN A 42 13.42 -5.11 4.92
N TRP A 43 13.93 -4.26 5.82
CA TRP A 43 14.69 -4.69 7.02
C TRP A 43 13.79 -5.49 7.98
N VAL A 44 12.57 -4.99 8.19
CA VAL A 44 11.60 -5.60 9.12
C VAL A 44 11.00 -6.91 8.53
N GLU A 45 11.07 -7.09 7.20
CA GLU A 45 10.71 -8.36 6.54
C GLU A 45 11.81 -9.42 6.74
N GLU A 46 13.07 -9.04 6.45
CA GLU A 46 14.23 -9.96 6.49
C GLU A 46 14.65 -10.33 7.94
N ASN A 47 14.52 -9.36 8.87
CA ASN A 47 14.83 -9.56 10.32
C ASN A 47 13.63 -10.12 11.09
N PHE A 48 12.39 -9.74 10.69
CA PHE A 48 11.15 -10.23 11.37
C PHE A 48 10.13 -10.83 10.36
N PRO A 49 10.45 -11.98 9.68
CA PRO A 49 9.48 -12.67 8.78
C PRO A 49 8.39 -13.44 9.58
N GLU A 50 8.72 -13.77 10.84
CA GLU A 50 7.81 -14.46 11.77
C GLU A 50 6.91 -13.45 12.52
N ASN A 51 7.36 -12.19 12.60
CA ASN A 51 6.65 -11.10 13.32
C ASN A 51 6.04 -10.12 12.28
N LYS A 52 4.83 -10.46 11.76
CA LYS A 52 4.17 -9.67 10.68
C LYS A 52 3.60 -8.33 11.20
N GLU A 53 3.20 -8.30 12.47
CA GLU A 53 2.65 -7.10 13.15
C GLU A 53 3.62 -5.89 13.04
N TYR A 54 4.93 -6.18 13.07
CA TYR A 54 5.99 -5.20 12.87
C TYR A 54 5.85 -4.50 11.48
N LEU A 55 5.93 -5.31 10.42
CA LEU A 55 5.81 -4.86 9.01
C LEU A 55 4.52 -4.04 8.79
N ILE A 56 3.38 -4.59 9.24
CA ILE A 56 2.05 -3.95 9.12
C ILE A 56 2.02 -2.54 9.80
N THR A 57 2.63 -2.42 11.00
CA THR A 57 2.75 -1.12 11.72
C THR A 57 3.50 -0.06 10.87
N LEU A 58 4.57 -0.49 10.20
CA LEU A 58 5.35 0.36 9.27
C LEU A 58 4.52 0.73 8.01
N LEU A 59 3.62 -0.17 7.57
CA LEU A 59 2.79 0.02 6.36
C LEU A 59 1.60 0.99 6.57
N GLU A 60 0.81 0.78 7.64
CA GLU A 60 -0.35 1.63 7.97
C GLU A 60 0.08 3.05 8.47
N HIS A 61 1.26 3.15 9.13
CA HIS A 61 1.87 4.47 9.44
C HIS A 61 2.49 5.12 8.19
N LEU A 62 2.87 4.31 7.19
CA LEU A 62 3.38 4.82 5.89
C LEU A 62 2.28 5.64 5.17
N MET A 63 1.08 5.07 5.05
CA MET A 63 -0.05 5.74 4.40
C MET A 63 -0.60 6.89 5.26
N LYS A 64 -0.47 6.79 6.61
CA LYS A 64 -0.82 7.90 7.54
C LYS A 64 0.14 9.11 7.42
N GLU A 65 1.44 8.84 7.35
CA GLU A 65 2.48 9.90 7.24
C GLU A 65 2.43 10.58 5.85
N PHE A 66 2.34 9.75 4.80
CA PHE A 66 2.31 10.20 3.40
C PHE A 66 0.90 10.56 2.92
N LEU A 67 -0.06 10.53 3.85
CA LEU A 67 -1.42 11.06 3.62
C LEU A 67 -1.38 12.59 3.39
N ASP A 68 -0.51 13.31 4.13
CA ASP A 68 -0.32 14.76 3.96
C ASP A 68 0.70 15.04 2.82
N LYS A 69 1.50 14.02 2.45
CA LYS A 69 2.47 14.13 1.33
C LYS A 69 1.74 13.81 0.00
N LYS A 70 1.06 14.84 -0.52
CA LYS A 70 0.21 14.75 -1.73
C LYS A 70 1.03 14.54 -3.03
N LYS A 71 2.36 14.71 -2.90
CA LYS A 71 3.35 14.30 -3.92
C LYS A 71 3.26 12.77 -4.24
N TYR A 72 2.90 11.98 -3.21
CA TYR A 72 2.85 10.50 -3.28
C TYR A 72 1.47 9.95 -3.73
N HIS A 73 0.60 10.83 -4.24
CA HIS A 73 -0.67 10.41 -4.88
C HIS A 73 -0.46 9.34 -5.96
N ASN A 74 0.48 9.59 -6.89
CA ASN A 74 0.68 8.73 -8.08
C ASN A 74 1.98 7.91 -8.00
N ASP A 75 2.53 7.74 -6.78
CA ASP A 75 3.80 7.03 -6.56
C ASP A 75 3.61 5.48 -6.64
N PRO A 76 4.21 4.79 -7.67
CA PRO A 76 4.00 3.32 -7.86
C PRO A 76 4.47 2.48 -6.65
N ARG A 77 5.54 2.94 -5.95
CA ARG A 77 6.09 2.25 -4.77
C ARG A 77 5.13 2.38 -3.57
N PHE A 78 4.77 3.62 -3.21
CA PHE A 78 3.86 3.93 -2.08
C PHE A 78 2.53 3.17 -2.20
N ILE A 79 1.95 3.17 -3.41
CA ILE A 79 0.74 2.39 -3.75
C ILE A 79 1.03 0.87 -3.60
N SER A 80 2.19 0.41 -4.09
CA SER A 80 2.61 -1.03 -4.00
C SER A 80 2.74 -1.51 -2.53
N TYR A 81 3.17 -0.60 -1.63
CA TYR A 81 3.27 -0.88 -0.17
C TYR A 81 1.88 -0.89 0.50
N CYS A 82 0.96 -0.06 -0.02
CA CYS A 82 -0.46 -0.09 0.37
C CYS A 82 -1.13 -1.41 -0.10
N LEU A 83 -0.73 -1.91 -1.29
CA LEU A 83 -1.19 -3.21 -1.83
C LEU A 83 -0.60 -4.38 -0.99
N LYS A 84 0.67 -4.22 -0.58
CA LYS A 84 1.40 -5.17 0.28
C LYS A 84 0.75 -5.23 1.69
N PHE A 85 0.23 -4.08 2.16
CA PHE A 85 -0.57 -4.00 3.40
C PHE A 85 -1.94 -4.69 3.21
N ALA A 86 -2.57 -4.44 2.04
CA ALA A 86 -3.93 -4.89 1.72
C ALA A 86 -4.12 -6.42 1.86
N GLU A 87 -3.21 -7.19 1.27
CA GLU A 87 -3.26 -8.68 1.29
C GLU A 87 -3.30 -9.27 2.73
N TYR A 88 -2.75 -8.54 3.71
CA TYR A 88 -2.76 -8.94 5.13
C TYR A 88 -4.12 -8.62 5.81
N ASN A 89 -4.82 -7.61 5.28
CA ASN A 89 -6.13 -7.16 5.81
C ASN A 89 -7.32 -7.81 5.04
N SER A 90 -8.50 -7.81 5.69
CA SER A 90 -9.77 -8.30 5.10
C SER A 90 -10.73 -7.11 4.77
N ASP A 91 -10.46 -5.94 5.36
CA ASP A 91 -11.32 -4.73 5.23
C ASP A 91 -10.98 -3.90 3.96
N LEU A 92 -10.85 -4.59 2.82
CA LEU A 92 -10.29 -4.03 1.57
C LEU A 92 -11.25 -3.07 0.83
N HIS A 93 -12.57 -3.34 0.83
CA HIS A 93 -13.54 -2.40 0.19
C HIS A 93 -13.62 -1.05 0.95
N GLN A 94 -13.27 -1.06 2.25
CA GLN A 94 -13.05 0.19 3.03
C GLN A 94 -11.70 0.85 2.65
N PHE A 95 -10.63 0.04 2.72
CA PHE A 95 -9.23 0.48 2.54
C PHE A 95 -8.95 1.09 1.14
N PHE A 96 -9.14 0.29 0.07
CA PHE A 96 -8.91 0.73 -1.33
C PHE A 96 -9.78 1.95 -1.72
N GLU A 97 -11.01 2.02 -1.17
CA GLU A 97 -11.92 3.15 -1.44
C GLU A 97 -11.43 4.44 -0.74
N PHE A 98 -10.85 4.29 0.46
CA PHE A 98 -10.17 5.37 1.19
C PHE A 98 -9.00 5.93 0.35
N LEU A 99 -8.15 5.03 -0.18
CA LEU A 99 -7.00 5.39 -1.04
C LEU A 99 -7.45 6.23 -2.25
N TYR A 100 -8.34 5.64 -3.08
CA TYR A 100 -8.85 6.28 -4.31
C TYR A 100 -9.47 7.68 -4.04
N ASN A 101 -10.37 7.75 -3.03
CA ASN A 101 -11.06 9.01 -2.68
C ASN A 101 -10.12 10.06 -2.03
N HIS A 102 -8.98 9.61 -1.47
CA HIS A 102 -7.95 10.53 -0.93
C HIS A 102 -6.97 11.01 -2.06
N GLY A 103 -7.14 10.49 -3.29
CA GLY A 103 -6.27 10.82 -4.43
C GLY A 103 -5.09 9.85 -4.59
N ILE A 104 -5.01 8.85 -3.69
CA ILE A 104 -3.94 7.84 -3.70
C ILE A 104 -4.23 6.77 -4.80
N GLY A 105 -3.29 6.62 -5.74
CA GLY A 105 -3.35 5.60 -6.79
C GLY A 105 -4.22 5.93 -8.00
N THR A 106 -4.47 7.22 -8.26
CA THR A 106 -5.31 7.65 -9.41
C THR A 106 -4.59 7.44 -10.77
N LEU A 107 -3.24 7.60 -10.78
CA LEU A 107 -2.40 7.25 -11.97
C LEU A 107 -1.69 5.89 -11.78
N SER A 108 -2.21 5.04 -10.87
CA SER A 108 -1.63 3.71 -10.58
C SER A 108 -2.64 2.58 -10.91
N SER A 109 -2.48 1.96 -12.09
CA SER A 109 -3.30 0.79 -12.54
C SER A 109 -3.31 -0.39 -11.52
N PRO A 110 -2.12 -0.87 -10.97
CA PRO A 110 -2.10 -2.02 -9.98
C PRO A 110 -3.03 -1.83 -8.74
N LEU A 111 -3.39 -0.56 -8.42
CA LEU A 111 -4.39 -0.28 -7.36
C LEU A 111 -5.79 -0.79 -7.76
N TYR A 112 -6.25 -0.34 -8.95
CA TYR A 112 -7.58 -0.69 -9.50
C TYR A 112 -7.70 -2.20 -9.78
N ILE A 113 -6.60 -2.80 -10.28
CA ILE A 113 -6.51 -4.25 -10.56
C ILE A 113 -6.64 -5.09 -9.25
N ALA A 114 -5.97 -4.64 -8.17
CA ALA A 114 -6.01 -5.30 -6.85
C ALA A 114 -7.40 -5.16 -6.17
N TRP A 115 -7.98 -3.95 -6.26
CA TRP A 115 -9.31 -3.64 -5.71
C TRP A 115 -10.40 -4.49 -6.42
N ALA A 116 -10.43 -4.40 -7.75
CA ALA A 116 -11.37 -5.16 -8.60
C ALA A 116 -11.20 -6.69 -8.48
N GLY A 117 -9.94 -7.13 -8.30
CA GLY A 117 -9.62 -8.55 -8.05
C GLY A 117 -10.22 -9.07 -6.74
N HIS A 118 -10.14 -8.24 -5.68
CA HIS A 118 -10.78 -8.53 -4.38
C HIS A 118 -12.32 -8.60 -4.50
N LEU A 119 -12.92 -7.58 -5.13
CA LEU A 119 -14.39 -7.47 -5.29
C LEU A 119 -14.95 -8.67 -6.11
N GLU A 120 -14.24 -9.02 -7.19
CA GLU A 120 -14.53 -10.21 -8.02
C GLU A 120 -14.60 -11.51 -7.19
N ALA A 121 -13.63 -11.68 -6.26
CA ALA A 121 -13.57 -12.84 -5.34
C ALA A 121 -14.80 -12.90 -4.40
N GLN A 122 -15.33 -11.72 -4.04
CA GLN A 122 -16.53 -11.58 -3.19
C GLN A 122 -17.84 -11.71 -4.00
N GLY A 123 -17.77 -11.42 -5.32
CA GLY A 123 -18.95 -11.45 -6.22
C GLY A 123 -19.39 -10.06 -6.70
N GLU A 124 -18.68 -9.03 -6.22
CA GLU A 124 -18.97 -7.60 -6.49
C GLU A 124 -18.38 -7.10 -7.84
N LEU A 125 -18.60 -7.86 -8.93
CA LEU A 125 -18.08 -7.53 -10.30
C LEU A 125 -18.67 -6.23 -10.90
N GLN A 126 -19.87 -5.83 -10.46
CA GLN A 126 -20.53 -4.60 -10.97
C GLN A 126 -19.83 -3.34 -10.44
N HIS A 127 -19.34 -3.41 -9.18
CA HIS A 127 -18.55 -2.34 -8.57
C HIS A 127 -17.06 -2.44 -8.97
N ALA A 128 -16.57 -3.67 -9.14
CA ALA A 128 -15.18 -3.95 -9.57
C ALA A 128 -14.88 -3.40 -10.97
N SER A 129 -15.80 -3.63 -11.92
CA SER A 129 -15.75 -3.03 -13.26
C SER A 129 -15.93 -1.50 -13.19
N ALA A 130 -16.80 -1.04 -12.27
CA ALA A 130 -16.98 0.40 -11.94
C ALA A 130 -15.69 1.04 -11.41
N VAL A 131 -14.78 0.23 -10.84
CA VAL A 131 -13.44 0.66 -10.40
C VAL A 131 -12.45 0.72 -11.59
N LEU A 132 -12.46 -0.33 -12.43
CA LEU A 132 -11.52 -0.48 -13.57
C LEU A 132 -11.72 0.65 -14.64
N GLN A 133 -12.99 0.98 -14.93
CA GLN A 133 -13.35 2.07 -15.85
C GLN A 133 -12.85 3.44 -15.33
N ARG A 134 -12.83 3.60 -13.98
CA ARG A 134 -12.29 4.81 -13.30
C ARG A 134 -10.79 4.98 -13.60
N GLY A 135 -10.02 3.88 -13.50
CA GLY A 135 -8.60 3.92 -13.83
C GLY A 135 -8.32 4.32 -15.29
N ILE A 136 -9.07 3.71 -16.21
CA ILE A 136 -8.98 3.98 -17.65
C ILE A 136 -9.22 5.49 -17.99
N GLN A 137 -10.29 6.08 -17.43
CA GLN A 137 -10.61 7.51 -17.65
C GLN A 137 -9.64 8.46 -16.87
N ASN A 138 -9.14 8.00 -15.70
CA ASN A 138 -8.15 8.76 -14.88
C ASN A 138 -6.71 8.63 -15.46
N GLN A 139 -6.53 7.79 -16.50
CA GLN A 139 -5.22 7.59 -17.20
C GLN A 139 -4.19 6.88 -16.29
N ALA A 140 -4.66 5.86 -15.55
CA ALA A 140 -3.84 5.12 -14.57
C ALA A 140 -2.85 4.15 -15.26
N GLU A 141 -1.55 4.43 -15.08
CA GLU A 141 -0.46 3.69 -15.73
C GLU A 141 -0.11 2.37 -14.97
N PRO A 142 0.08 1.20 -15.68
CA PRO A 142 -0.10 1.06 -17.17
C PRO A 142 -1.60 1.03 -17.65
N ARG A 143 -1.94 1.95 -18.59
CA ARG A 143 -3.33 2.16 -19.12
C ARG A 143 -3.86 0.96 -19.96
N GLU A 144 -3.09 0.55 -20.99
CA GLU A 144 -3.47 -0.58 -21.90
C GLU A 144 -3.66 -1.89 -21.10
N PHE A 145 -2.86 -2.04 -20.04
CA PHE A 145 -2.99 -3.15 -19.08
C PHE A 145 -4.35 -3.11 -18.34
N LEU A 146 -4.76 -1.91 -17.91
CA LEU A 146 -6.05 -1.72 -17.20
C LEU A 146 -7.24 -2.04 -18.14
N GLN A 147 -7.10 -1.67 -19.42
CA GLN A 147 -8.13 -1.88 -20.44
C GLN A 147 -8.24 -3.37 -20.86
N GLN A 148 -7.08 -4.07 -21.00
CA GLN A 148 -7.07 -5.51 -21.34
C GLN A 148 -7.67 -6.34 -20.18
N GLN A 149 -7.36 -5.93 -18.92
CA GLN A 149 -7.95 -6.57 -17.73
C GLN A 149 -9.45 -6.23 -17.59
N TYR A 150 -9.83 -5.01 -18.03
CA TYR A 150 -11.25 -4.55 -18.04
C TYR A 150 -12.12 -5.42 -18.96
N ARG A 151 -11.72 -5.58 -20.23
CA ARG A 151 -12.51 -6.37 -21.23
C ARG A 151 -12.56 -7.88 -20.89
N LEU A 152 -11.44 -8.43 -20.37
CA LEU A 152 -11.38 -9.83 -19.91
C LEU A 152 -12.25 -10.00 -18.65
N PHE A 153 -12.36 -8.94 -17.85
CA PHE A 153 -13.30 -8.86 -16.71
C PHE A 153 -14.78 -8.76 -17.18
N GLN A 154 -15.02 -8.00 -18.27
CA GLN A 154 -16.38 -7.79 -18.83
C GLN A 154 -16.98 -9.09 -19.39
N THR A 155 -16.13 -9.92 -20.04
CA THR A 155 -16.57 -11.21 -20.60
C THR A 155 -16.98 -12.20 -19.46
N ARG A 156 -16.43 -12.00 -18.24
CA ARG A 156 -16.79 -12.78 -17.05
C ARG A 156 -18.18 -12.38 -16.50
N LEU A 157 -18.35 -11.07 -16.20
CA LEU A 157 -19.58 -10.55 -15.55
C LEU A 157 -20.84 -10.63 -16.46
N THR A 158 -20.66 -10.55 -17.80
CA THR A 158 -21.79 -10.70 -18.76
C THR A 158 -22.37 -12.13 -18.75
N GLU A 159 -21.52 -13.12 -18.42
CA GLU A 159 -21.91 -14.54 -18.34
C GLU A 159 -22.27 -14.96 -16.90
N THR A 160 -22.21 -14.00 -15.94
CA THR A 160 -22.50 -14.25 -14.50
C THR A 160 -23.60 -13.28 -13.97
N MET A 1 36.89 -11.03 14.81
CA MET A 1 35.91 -10.51 15.80
C MET A 1 34.87 -11.62 16.12
N GLY A 2 35.01 -12.27 17.30
CA GLY A 2 34.19 -13.42 17.66
C GLY A 2 34.05 -13.62 19.17
N HIS A 3 33.00 -13.03 19.78
CA HIS A 3 32.67 -13.20 21.22
C HIS A 3 31.22 -13.69 21.41
N HIS A 4 30.84 -13.98 22.66
CA HIS A 4 29.47 -14.43 23.00
C HIS A 4 28.51 -13.20 23.09
N HIS A 5 27.85 -12.89 21.97
CA HIS A 5 26.90 -11.74 21.88
C HIS A 5 25.81 -11.98 20.80
N HIS A 6 25.95 -13.06 20.00
CA HIS A 6 24.94 -13.46 18.98
C HIS A 6 23.69 -14.03 19.70
N HIS A 7 22.88 -13.12 20.25
CA HIS A 7 21.78 -13.47 21.17
C HIS A 7 20.48 -13.88 20.46
N HIS A 8 19.69 -14.69 21.17
CA HIS A 8 18.39 -15.24 20.70
C HIS A 8 17.31 -14.99 21.78
N SER A 9 16.03 -15.25 21.40
CA SER A 9 14.83 -15.06 22.28
C SER A 9 14.55 -13.56 22.64
N HIS A 10 15.40 -12.63 22.16
CA HIS A 10 15.27 -11.20 22.45
C HIS A 10 14.71 -10.46 21.20
N MET A 11 13.39 -10.55 21.02
CA MET A 11 12.70 -9.81 19.95
C MET A 11 12.29 -8.41 20.47
N ASP A 12 12.76 -7.37 19.77
CA ASP A 12 12.44 -5.95 20.11
C ASP A 12 10.98 -5.60 19.75
N THR A 13 10.50 -4.41 20.18
CA THR A 13 9.14 -3.91 19.83
C THR A 13 9.12 -3.20 18.45
N PRO A 14 8.02 -3.32 17.62
CA PRO A 14 7.91 -2.59 16.32
C PRO A 14 7.66 -1.08 16.52
N GLU A 15 7.27 -0.71 17.76
CA GLU A 15 6.92 0.65 18.14
C GLU A 15 8.17 1.57 18.11
N ASN A 16 9.23 1.18 18.85
CA ASN A 16 10.53 1.91 18.84
C ASN A 16 11.20 1.87 17.44
N VAL A 17 11.15 0.69 16.75
CA VAL A 17 11.69 0.54 15.37
C VAL A 17 11.14 1.64 14.42
N LEU A 18 9.81 1.78 14.41
CA LEU A 18 9.08 2.79 13.61
C LEU A 18 9.39 4.24 14.09
N GLN A 19 9.43 4.45 15.41
CA GLN A 19 9.70 5.79 16.01
C GLN A 19 11.16 6.27 15.79
N MET A 20 12.10 5.34 15.46
CA MET A 20 13.48 5.70 15.08
C MET A 20 13.50 6.59 13.80
N LEU A 21 12.86 6.12 12.71
CA LEU A 21 12.76 6.93 11.45
C LEU A 21 11.92 8.21 11.65
N GLU A 22 10.90 8.13 12.55
CA GLU A 22 10.00 9.25 12.84
C GLU A 22 10.71 10.41 13.56
N ALA A 23 11.64 10.07 14.48
CA ALA A 23 12.47 11.06 15.18
C ALA A 23 13.28 11.92 14.17
N HIS A 24 13.80 11.25 13.12
CA HIS A 24 14.49 11.93 12.01
C HIS A 24 13.50 12.65 11.07
N MET A 25 12.28 12.09 10.91
CA MET A 25 11.25 12.63 9.99
C MET A 25 10.71 14.02 10.46
N GLN A 26 10.69 14.23 11.80
CA GLN A 26 10.39 15.56 12.41
C GLN A 26 11.36 16.66 11.90
N SER A 27 12.62 16.29 11.69
CA SER A 27 13.70 17.20 11.21
C SER A 27 14.21 16.82 9.80
N TYR A 28 13.36 16.08 9.06
CA TYR A 28 13.65 15.58 7.68
C TYR A 28 14.38 16.62 6.75
N LYS A 29 15.70 16.40 6.53
CA LYS A 29 16.54 17.16 5.57
C LYS A 29 17.62 16.22 4.96
N GLY A 30 17.51 15.89 3.65
CA GLY A 30 18.48 15.01 2.98
C GLY A 30 17.95 14.36 1.70
N ASN A 31 18.03 13.01 1.62
CA ASN A 31 17.49 12.21 0.48
C ASN A 31 15.95 12.06 0.56
N ASP A 32 15.33 11.33 -0.40
CA ASP A 32 13.87 11.09 -0.46
C ASP A 32 13.33 10.38 0.83
N PRO A 33 12.13 10.81 1.37
CA PRO A 33 11.60 10.30 2.67
C PRO A 33 11.19 8.80 2.60
N LEU A 34 10.50 8.41 1.51
CA LEU A 34 10.08 7.00 1.28
C LEU A 34 11.27 6.03 1.23
N GLY A 35 12.39 6.49 0.62
CA GLY A 35 13.65 5.72 0.59
C GLY A 35 14.16 5.35 1.99
N GLU A 36 14.07 6.32 2.92
CA GLU A 36 14.38 6.12 4.36
C GLU A 36 13.50 4.99 4.98
N TRP A 37 12.19 5.02 4.67
CA TRP A 37 11.24 4.00 5.12
C TRP A 37 11.55 2.60 4.53
N GLU A 38 11.91 2.54 3.23
CA GLU A 38 12.23 1.28 2.51
C GLU A 38 13.41 0.52 3.18
N ARG A 39 14.30 1.29 3.84
CA ARG A 39 15.42 0.73 4.63
C ARG A 39 14.90 -0.06 5.85
N TYR A 40 13.81 0.44 6.47
CA TYR A 40 13.14 -0.24 7.62
C TYR A 40 12.22 -1.38 7.16
N ILE A 41 11.59 -1.23 5.97
CA ILE A 41 10.72 -2.27 5.37
C ILE A 41 11.54 -3.56 5.07
N GLN A 42 12.75 -3.41 4.49
CA GLN A 42 13.68 -4.56 4.28
C GLN A 42 14.28 -5.06 5.62
N TRP A 43 14.57 -4.10 6.54
CA TRP A 43 15.28 -4.38 7.81
C TRP A 43 14.44 -5.30 8.71
N VAL A 44 13.17 -4.93 8.88
CA VAL A 44 12.22 -5.72 9.69
C VAL A 44 11.95 -7.12 9.05
N GLU A 45 12.09 -7.20 7.72
CA GLU A 45 11.91 -8.45 6.95
C GLU A 45 13.16 -9.36 6.96
N GLU A 46 14.35 -8.80 7.22
CA GLU A 46 15.59 -9.60 7.36
C GLU A 46 15.85 -10.03 8.84
N ASN A 47 15.53 -9.13 9.80
CA ASN A 47 15.75 -9.38 11.26
C ASN A 47 14.52 -10.05 11.94
N PHE A 48 13.28 -9.67 11.54
CA PHE A 48 12.02 -10.16 12.18
C PHE A 48 10.93 -10.68 11.15
N PRO A 49 11.30 -11.47 10.05
CA PRO A 49 10.31 -11.88 8.98
C PRO A 49 9.15 -12.75 9.50
N GLU A 50 9.44 -13.59 10.51
CA GLU A 50 8.46 -14.51 11.12
C GLU A 50 7.26 -13.76 11.75
N ASN A 51 7.54 -12.57 12.31
CA ASN A 51 6.49 -11.67 12.83
C ASN A 51 6.19 -10.56 11.78
N LYS A 52 5.29 -10.88 10.85
CA LYS A 52 4.87 -9.94 9.78
C LYS A 52 4.13 -8.70 10.34
N GLU A 53 3.46 -8.89 11.50
CA GLU A 53 2.77 -7.82 12.27
C GLU A 53 3.68 -6.57 12.50
N TYR A 54 5.00 -6.80 12.60
CA TYR A 54 6.02 -5.73 12.68
C TYR A 54 6.07 -4.88 11.39
N LEU A 55 6.26 -5.56 10.23
CA LEU A 55 6.25 -4.90 8.89
C LEU A 55 4.94 -4.14 8.67
N ILE A 56 3.82 -4.79 9.06
CA ILE A 56 2.46 -4.21 8.98
C ILE A 56 2.37 -2.89 9.77
N THR A 57 2.96 -2.84 10.98
CA THR A 57 3.06 -1.59 11.79
C THR A 57 3.76 -0.46 11.00
N LEU A 58 4.89 -0.79 10.36
CA LEU A 58 5.63 0.15 9.48
C LEU A 58 4.75 0.61 8.27
N LEU A 59 3.92 -0.31 7.72
CA LEU A 59 3.02 -0.04 6.56
C LEU A 59 1.82 0.88 6.93
N GLU A 60 1.22 0.63 8.12
CA GLU A 60 0.10 1.45 8.67
C GLU A 60 0.49 2.94 8.77
N HIS A 61 1.66 3.21 9.36
CA HIS A 61 2.15 4.60 9.50
C HIS A 61 2.79 5.12 8.20
N LEU A 62 3.23 4.22 7.31
CA LEU A 62 3.82 4.57 5.99
C LEU A 62 2.80 5.32 5.12
N MET A 63 1.62 4.70 4.99
CA MET A 63 0.52 5.25 4.20
C MET A 63 -0.08 6.51 4.83
N LYS A 64 -0.12 6.56 6.18
CA LYS A 64 -0.60 7.73 6.94
C LYS A 64 0.38 8.93 6.87
N GLU A 65 1.70 8.62 6.96
CA GLU A 65 2.78 9.64 6.95
C GLU A 65 2.81 10.39 5.62
N PHE A 66 2.63 9.65 4.52
CA PHE A 66 2.65 10.19 3.14
C PHE A 66 1.25 10.37 2.51
N LEU A 67 0.19 10.10 3.30
CA LEU A 67 -1.22 10.26 2.87
C LEU A 67 -1.52 11.68 2.34
N ASP A 68 -1.32 12.67 3.23
CA ASP A 68 -1.62 14.09 2.95
C ASP A 68 -0.43 14.76 2.26
N LYS A 69 0.76 14.08 2.27
CA LYS A 69 1.89 14.45 1.41
C LYS A 69 1.52 14.05 -0.03
N LYS A 70 0.78 14.95 -0.71
CA LYS A 70 0.10 14.67 -2.00
C LYS A 70 1.09 14.33 -3.16
N LYS A 71 2.38 14.59 -2.93
CA LYS A 71 3.48 14.20 -3.83
C LYS A 71 3.61 12.65 -3.99
N TYR A 72 3.01 11.90 -3.05
CA TYR A 72 2.94 10.42 -3.09
C TYR A 72 1.60 9.88 -3.60
N HIS A 73 0.71 10.76 -4.09
CA HIS A 73 -0.64 10.35 -4.61
C HIS A 73 -0.59 9.15 -5.56
N ASN A 74 0.32 9.19 -6.54
CA ASN A 74 0.37 8.19 -7.64
C ASN A 74 1.74 7.49 -7.70
N ASP A 75 2.53 7.59 -6.61
CA ASP A 75 3.89 7.02 -6.56
C ASP A 75 3.83 5.47 -6.57
N PRO A 76 4.51 4.79 -7.56
CA PRO A 76 4.37 3.31 -7.76
C PRO A 76 4.80 2.48 -6.53
N ARG A 77 5.84 2.95 -5.80
CA ARG A 77 6.37 2.26 -4.60
C ARG A 77 5.41 2.40 -3.40
N PHE A 78 4.90 3.63 -3.20
CA PHE A 78 3.96 3.96 -2.11
C PHE A 78 2.63 3.18 -2.26
N ILE A 79 2.07 3.20 -3.48
CA ILE A 79 0.84 2.42 -3.82
C ILE A 79 1.12 0.90 -3.71
N SER A 80 2.32 0.46 -4.14
CA SER A 80 2.76 -0.97 -3.99
C SER A 80 2.75 -1.42 -2.52
N TYR A 81 3.12 -0.50 -1.61
CA TYR A 81 3.10 -0.77 -0.15
C TYR A 81 1.66 -0.75 0.43
N CYS A 82 0.74 0.00 -0.20
CA CYS A 82 -0.70 -0.08 0.12
C CYS A 82 -1.31 -1.43 -0.39
N LEU A 83 -0.79 -1.93 -1.53
CA LEU A 83 -1.18 -3.25 -2.10
C LEU A 83 -0.62 -4.40 -1.23
N LYS A 84 0.61 -4.21 -0.74
CA LYS A 84 1.28 -5.10 0.22
C LYS A 84 0.47 -5.18 1.52
N PHE A 85 0.10 -4.01 2.05
CA PHE A 85 -0.69 -3.88 3.27
C PHE A 85 -2.15 -4.38 3.06
N ALA A 86 -2.64 -4.31 1.80
CA ALA A 86 -4.02 -4.71 1.42
C ALA A 86 -4.35 -6.17 1.75
N GLU A 87 -3.43 -7.10 1.50
CA GLU A 87 -3.66 -8.54 1.78
C GLU A 87 -3.81 -8.83 3.31
N TYR A 88 -3.40 -7.87 4.15
CA TYR A 88 -3.54 -7.94 5.62
C TYR A 88 -4.87 -7.31 6.11
N ASN A 89 -5.71 -6.86 5.16
CA ASN A 89 -7.05 -6.28 5.42
C ASN A 89 -8.12 -7.04 4.60
N SER A 90 -9.25 -7.39 5.24
CA SER A 90 -10.38 -8.08 4.56
C SER A 90 -11.31 -7.08 3.84
N ASP A 91 -11.58 -5.93 4.50
CA ASP A 91 -12.50 -4.87 3.99
C ASP A 91 -11.84 -3.96 2.92
N LEU A 92 -11.32 -4.56 1.85
CA LEU A 92 -10.66 -3.83 0.76
C LEU A 92 -11.65 -2.93 -0.03
N HIS A 93 -12.96 -3.27 0.05
CA HIS A 93 -14.05 -2.38 -0.43
C HIS A 93 -14.00 -0.94 0.18
N GLN A 94 -13.63 -0.83 1.48
CA GLN A 94 -13.48 0.46 2.19
C GLN A 94 -12.05 1.01 2.04
N PHE A 95 -11.07 0.09 2.13
CA PHE A 95 -9.62 0.39 2.07
C PHE A 95 -9.23 1.14 0.77
N PHE A 96 -9.38 0.47 -0.38
CA PHE A 96 -9.01 1.06 -1.69
C PHE A 96 -9.94 2.23 -2.09
N GLU A 97 -11.17 2.24 -1.55
CA GLU A 97 -12.11 3.37 -1.72
C GLU A 97 -11.52 4.65 -1.11
N PHE A 98 -11.16 4.57 0.18
CA PHE A 98 -10.52 5.67 0.94
C PHE A 98 -9.25 6.20 0.23
N LEU A 99 -8.42 5.26 -0.28
CA LEU A 99 -7.23 5.60 -1.08
C LEU A 99 -7.62 6.43 -2.33
N TYR A 100 -8.58 5.90 -3.12
CA TYR A 100 -9.09 6.55 -4.35
C TYR A 100 -9.67 7.97 -4.06
N ASN A 101 -10.40 8.11 -2.93
CA ASN A 101 -11.00 9.39 -2.49
C ASN A 101 -9.94 10.38 -1.93
N HIS A 102 -8.81 9.86 -1.43
CA HIS A 102 -7.68 10.73 -0.96
C HIS A 102 -6.67 11.01 -2.12
N GLY A 103 -6.97 10.47 -3.32
CA GLY A 103 -6.10 10.66 -4.51
C GLY A 103 -4.98 9.62 -4.65
N ILE A 104 -4.90 8.69 -3.68
CA ILE A 104 -3.90 7.61 -3.66
C ILE A 104 -4.27 6.53 -4.73
N GLY A 105 -3.38 6.35 -5.73
CA GLY A 105 -3.52 5.33 -6.77
C GLY A 105 -4.40 5.72 -7.96
N THR A 106 -4.75 7.01 -8.11
CA THR A 106 -5.64 7.46 -9.22
C THR A 106 -4.95 7.41 -10.61
N LEU A 107 -3.61 7.51 -10.64
CA LEU A 107 -2.80 7.27 -11.87
C LEU A 107 -1.98 5.97 -11.77
N SER A 108 -2.34 5.10 -10.82
CA SER A 108 -1.70 3.79 -10.63
C SER A 108 -2.72 2.65 -10.91
N SER A 109 -2.57 2.01 -12.08
CA SER A 109 -3.39 0.83 -12.50
C SER A 109 -3.47 -0.31 -11.45
N PRO A 110 -2.32 -0.82 -10.86
CA PRO A 110 -2.36 -1.96 -9.89
C PRO A 110 -3.28 -1.73 -8.65
N LEU A 111 -3.61 -0.46 -8.33
CA LEU A 111 -4.61 -0.12 -7.28
C LEU A 111 -6.01 -0.63 -7.68
N TYR A 112 -6.45 -0.21 -8.89
CA TYR A 112 -7.76 -0.57 -9.47
C TYR A 112 -7.88 -2.09 -9.72
N ILE A 113 -6.79 -2.69 -10.22
CA ILE A 113 -6.71 -4.15 -10.52
C ILE A 113 -6.88 -4.99 -9.22
N ALA A 114 -6.21 -4.56 -8.12
CA ALA A 114 -6.28 -5.24 -6.81
C ALA A 114 -7.67 -5.04 -6.13
N TRP A 115 -8.24 -3.82 -6.27
CA TRP A 115 -9.58 -3.48 -5.74
C TRP A 115 -10.66 -4.35 -6.43
N ALA A 116 -10.73 -4.23 -7.77
CA ALA A 116 -11.69 -4.97 -8.61
C ALA A 116 -11.56 -6.50 -8.48
N GLY A 117 -10.30 -6.98 -8.39
CA GLY A 117 -10.01 -8.40 -8.18
C GLY A 117 -10.58 -8.95 -6.87
N HIS A 118 -10.51 -8.12 -5.82
CA HIS A 118 -11.12 -8.44 -4.52
C HIS A 118 -12.66 -8.39 -4.57
N LEU A 119 -13.23 -7.34 -5.20
CA LEU A 119 -14.70 -7.12 -5.24
C LEU A 119 -15.43 -8.28 -5.96
N GLU A 120 -14.78 -8.81 -7.02
CA GLU A 120 -15.23 -10.04 -7.72
C GLU A 120 -15.47 -11.22 -6.74
N ALA A 121 -14.46 -11.46 -5.85
CA ALA A 121 -14.52 -12.51 -4.81
C ALA A 121 -15.68 -12.25 -3.80
N GLN A 122 -15.98 -10.96 -3.57
CA GLN A 122 -17.10 -10.53 -2.68
C GLN A 122 -18.47 -10.67 -3.39
N GLY A 123 -18.48 -10.61 -4.74
CA GLY A 123 -19.71 -10.69 -5.55
C GLY A 123 -20.04 -9.38 -6.28
N GLU A 124 -19.22 -8.36 -6.01
CA GLU A 124 -19.37 -6.99 -6.55
C GLU A 124 -18.66 -6.83 -7.92
N LEU A 125 -19.05 -7.63 -8.93
CA LEU A 125 -18.51 -7.49 -10.31
C LEU A 125 -19.02 -6.22 -11.03
N GLN A 126 -20.22 -5.73 -10.68
CA GLN A 126 -20.74 -4.45 -11.20
C GLN A 126 -19.89 -3.26 -10.66
N HIS A 127 -19.59 -3.29 -9.35
CA HIS A 127 -18.77 -2.24 -8.68
C HIS A 127 -17.28 -2.32 -9.13
N ALA A 128 -16.78 -3.55 -9.29
CA ALA A 128 -15.41 -3.83 -9.75
C ALA A 128 -15.17 -3.38 -11.21
N SER A 129 -16.15 -3.67 -12.07
CA SER A 129 -16.19 -3.17 -13.47
C SER A 129 -16.16 -1.64 -13.52
N ALA A 130 -16.97 -1.02 -12.62
CA ALA A 130 -17.04 0.44 -12.44
C ALA A 130 -15.69 1.03 -12.00
N VAL A 131 -14.93 0.29 -11.19
CA VAL A 131 -13.57 0.69 -10.73
C VAL A 131 -12.54 0.66 -11.88
N LEU A 132 -12.60 -0.39 -12.71
CA LEU A 132 -11.66 -0.59 -13.83
C LEU A 132 -11.83 0.48 -14.93
N GLN A 133 -13.11 0.81 -15.26
CA GLN A 133 -13.41 1.89 -16.23
C GLN A 133 -12.99 3.29 -15.68
N ARG A 134 -13.03 3.47 -14.32
CA ARG A 134 -12.49 4.68 -13.66
C ARG A 134 -11.00 4.84 -13.96
N GLY A 135 -10.23 3.76 -13.79
CA GLY A 135 -8.80 3.78 -14.10
C GLY A 135 -8.49 4.16 -15.54
N ILE A 136 -9.27 3.59 -16.47
CA ILE A 136 -9.16 3.88 -17.91
C ILE A 136 -9.38 5.38 -18.22
N GLN A 137 -10.52 5.95 -17.77
CA GLN A 137 -10.88 7.37 -18.03
C GLN A 137 -9.95 8.37 -17.28
N ASN A 138 -9.41 7.95 -16.11
CA ASN A 138 -8.45 8.76 -15.31
C ASN A 138 -7.03 8.74 -15.93
N GLN A 139 -6.83 7.88 -16.95
CA GLN A 139 -5.53 7.70 -17.67
C GLN A 139 -4.46 7.08 -16.73
N ALA A 140 -4.92 6.18 -15.84
CA ALA A 140 -4.07 5.52 -14.82
C ALA A 140 -3.11 4.48 -15.45
N GLU A 141 -1.80 4.71 -15.26
CA GLU A 141 -0.72 3.90 -15.88
C GLU A 141 -0.31 2.69 -14.98
N PRO A 142 -0.05 1.46 -15.56
CA PRO A 142 -0.20 1.13 -17.03
C PRO A 142 -1.69 1.12 -17.55
N ARG A 143 -1.96 2.02 -18.52
CA ARG A 143 -3.32 2.28 -19.09
C ARG A 143 -3.87 1.06 -19.88
N GLU A 144 -3.05 0.56 -20.82
CA GLU A 144 -3.38 -0.62 -21.65
C GLU A 144 -3.64 -1.87 -20.78
N PHE A 145 -2.87 -2.01 -19.69
CA PHE A 145 -3.05 -3.10 -18.70
C PHE A 145 -4.44 -3.02 -18.03
N LEU A 146 -4.90 -1.79 -17.74
CA LEU A 146 -6.24 -1.55 -17.16
C LEU A 146 -7.35 -1.92 -18.16
N GLN A 147 -7.15 -1.57 -19.44
CA GLN A 147 -8.14 -1.85 -20.51
C GLN A 147 -8.25 -3.36 -20.83
N GLN A 148 -7.11 -4.08 -20.86
CA GLN A 148 -7.11 -5.54 -21.12
C GLN A 148 -7.66 -6.33 -19.91
N GLN A 149 -7.36 -5.89 -18.68
CA GLN A 149 -7.94 -6.49 -17.44
C GLN A 149 -9.43 -6.17 -17.31
N TYR A 150 -9.84 -4.99 -17.79
CA TYR A 150 -11.26 -4.57 -17.86
C TYR A 150 -12.07 -5.52 -18.76
N ARG A 151 -11.67 -5.65 -20.04
CA ARG A 151 -12.42 -6.47 -21.04
C ARG A 151 -12.44 -7.98 -20.66
N LEU A 152 -11.32 -8.47 -20.06
CA LEU A 152 -11.23 -9.85 -19.54
C LEU A 152 -12.16 -10.03 -18.31
N PHE A 153 -12.30 -8.98 -17.51
CA PHE A 153 -13.28 -8.95 -16.41
C PHE A 153 -14.74 -8.91 -16.94
N GLN A 154 -14.96 -8.22 -18.08
CA GLN A 154 -16.30 -8.10 -18.69
C GLN A 154 -16.79 -9.44 -19.28
N THR A 155 -15.84 -10.21 -19.87
CA THR A 155 -16.17 -11.55 -20.42
C THR A 155 -16.51 -12.55 -19.28
N ARG A 156 -15.99 -12.28 -18.06
CA ARG A 156 -16.35 -13.06 -16.86
C ARG A 156 -17.80 -12.77 -16.42
N LEU A 157 -18.08 -11.49 -16.09
CA LEU A 157 -19.39 -11.08 -15.53
C LEU A 157 -20.58 -11.33 -16.50
N THR A 158 -20.34 -11.22 -17.83
CA THR A 158 -21.40 -11.50 -18.84
C THR A 158 -21.69 -13.02 -18.97
N GLU A 159 -20.69 -13.86 -18.61
CA GLU A 159 -20.83 -15.34 -18.59
C GLU A 159 -21.17 -15.87 -17.17
N THR A 160 -21.19 -14.98 -16.16
CA THR A 160 -21.55 -15.35 -14.76
C THR A 160 -22.90 -14.71 -14.36
N MET A 1 34.41 -1.42 5.02
CA MET A 1 33.13 -2.15 5.24
C MET A 1 33.05 -2.73 6.68
N GLY A 2 31.81 -2.91 7.19
CA GLY A 2 31.60 -3.44 8.55
C GLY A 2 30.19 -4.02 8.74
N HIS A 3 29.83 -4.98 7.87
CA HIS A 3 28.47 -5.60 7.86
C HIS A 3 28.33 -6.74 8.91
N HIS A 4 29.36 -6.93 9.77
CA HIS A 4 29.36 -7.97 10.82
C HIS A 4 28.10 -7.92 11.74
N HIS A 5 27.31 -9.01 11.67
CA HIS A 5 26.06 -9.17 12.45
C HIS A 5 26.31 -9.23 13.98
N HIS A 6 25.82 -8.22 14.70
CA HIS A 6 25.71 -8.24 16.18
C HIS A 6 24.24 -8.06 16.55
N HIS A 7 23.71 -9.00 17.37
CA HIS A 7 22.32 -8.97 17.86
C HIS A 7 22.06 -7.69 18.70
N HIS A 8 21.61 -6.60 18.02
CA HIS A 8 21.40 -5.28 18.63
C HIS A 8 20.45 -5.35 19.85
N SER A 9 19.42 -6.20 19.73
CA SER A 9 18.50 -6.55 20.85
C SER A 9 17.62 -7.76 20.47
N HIS A 10 16.82 -8.25 21.43
CA HIS A 10 15.87 -9.37 21.20
C HIS A 10 14.57 -8.85 20.51
N MET A 11 13.47 -9.63 20.58
CA MET A 11 12.17 -9.22 19.98
C MET A 11 11.56 -7.95 20.67
N ASP A 12 11.99 -6.76 20.20
CA ASP A 12 11.45 -5.44 20.66
C ASP A 12 10.06 -5.21 20.03
N THR A 13 9.25 -4.32 20.63
CA THR A 13 7.97 -3.91 20.01
C THR A 13 8.24 -3.16 18.66
N PRO A 14 7.43 -3.44 17.58
CA PRO A 14 7.61 -2.78 16.24
C PRO A 14 7.50 -1.24 16.29
N GLU A 15 6.83 -0.74 17.35
CA GLU A 15 6.73 0.70 17.64
C GLU A 15 8.13 1.36 17.76
N ASN A 16 9.07 0.71 18.49
CA ASN A 16 10.47 1.21 18.65
C ASN A 16 11.17 1.35 17.28
N VAL A 17 11.09 0.27 16.47
CA VAL A 17 11.66 0.21 15.10
C VAL A 17 11.16 1.40 14.24
N LEU A 18 9.86 1.66 14.35
CA LEU A 18 9.18 2.78 13.67
C LEU A 18 9.61 4.18 14.24
N GLN A 19 9.75 4.27 15.58
CA GLN A 19 10.16 5.53 16.26
C GLN A 19 11.61 5.94 15.88
N MET A 20 12.45 4.95 15.49
CA MET A 20 13.83 5.22 15.02
C MET A 20 13.82 6.15 13.77
N LEU A 21 12.93 5.89 12.79
CA LEU A 21 12.83 6.75 11.57
C LEU A 21 12.10 8.08 11.86
N GLU A 22 11.12 8.06 12.79
CA GLU A 22 10.33 9.26 13.17
C GLU A 22 11.25 10.34 13.80
N ALA A 23 12.20 9.87 14.62
CA ALA A 23 13.28 10.70 15.21
C ALA A 23 14.09 11.46 14.12
N HIS A 24 14.21 10.85 12.93
CA HIS A 24 14.84 11.47 11.75
C HIS A 24 13.88 12.44 11.04
N MET A 25 12.61 12.03 10.85
CA MET A 25 11.58 12.84 10.10
C MET A 25 11.29 14.20 10.78
N GLN A 26 11.60 14.30 12.10
CA GLN A 26 11.57 15.59 12.86
C GLN A 26 12.25 16.77 12.11
N SER A 27 13.30 16.48 11.30
CA SER A 27 14.02 17.51 10.49
C SER A 27 14.27 17.04 9.02
N TYR A 28 14.44 15.71 8.82
CA TYR A 28 14.66 15.10 7.47
C TYR A 28 13.39 15.17 6.59
N LYS A 29 13.22 16.30 5.88
CA LYS A 29 12.06 16.58 4.99
C LYS A 29 12.51 17.33 3.71
N GLY A 30 13.78 17.13 3.31
CA GLY A 30 14.41 17.92 2.24
C GLY A 30 13.84 17.68 0.83
N ASN A 31 13.92 16.43 0.35
CA ASN A 31 13.46 16.04 -1.01
C ASN A 31 12.57 14.77 -0.97
N ASP A 32 13.03 13.72 -0.25
CA ASP A 32 12.33 12.42 -0.16
C ASP A 32 12.65 11.72 1.19
N PRO A 33 11.67 11.63 2.15
CA PRO A 33 11.80 10.77 3.34
C PRO A 33 11.32 9.30 3.13
N LEU A 34 10.69 8.99 1.97
CA LEU A 34 10.14 7.62 1.67
C LEU A 34 11.23 6.54 1.64
N GLY A 35 12.41 6.88 1.09
CA GLY A 35 13.54 5.94 0.98
C GLY A 35 13.99 5.37 2.32
N GLU A 36 13.93 6.22 3.37
CA GLU A 36 14.18 5.81 4.78
C GLU A 36 13.19 4.74 5.23
N TRP A 37 11.89 4.96 4.95
CA TRP A 37 10.82 3.99 5.22
C TRP A 37 11.10 2.63 4.53
N GLU A 38 11.49 2.69 3.24
CA GLU A 38 11.82 1.49 2.45
C GLU A 38 12.96 0.68 3.10
N ARG A 39 13.96 1.40 3.67
CA ARG A 39 15.08 0.79 4.43
C ARG A 39 14.60 0.00 5.67
N TYR A 40 13.51 0.46 6.31
CA TYR A 40 12.92 -0.20 7.50
C TYR A 40 11.97 -1.35 7.09
N ILE A 41 11.19 -1.15 6.02
CA ILE A 41 10.26 -2.18 5.48
C ILE A 41 11.06 -3.42 5.01
N GLN A 42 12.12 -3.22 4.19
CA GLN A 42 13.00 -4.32 3.76
C GLN A 42 13.68 -5.00 4.97
N TRP A 43 14.17 -4.18 5.93
CA TRP A 43 14.92 -4.65 7.11
C TRP A 43 14.06 -5.57 7.99
N VAL A 44 12.79 -5.19 8.17
CA VAL A 44 11.85 -5.95 9.00
C VAL A 44 11.32 -7.22 8.27
N GLU A 45 11.40 -7.25 6.93
CA GLU A 45 11.05 -8.48 6.15
C GLU A 45 12.19 -9.52 6.21
N GLU A 46 13.45 -9.05 6.10
CA GLU A 46 14.65 -9.94 6.12
C GLU A 46 14.98 -10.42 7.56
N ASN A 47 14.91 -9.50 8.55
CA ASN A 47 15.23 -9.79 9.98
C ASN A 47 14.01 -10.36 10.73
N PHE A 48 12.78 -10.11 10.24
CA PHE A 48 11.54 -10.68 10.83
C PHE A 48 10.59 -11.26 9.71
N PRO A 49 10.94 -12.42 9.05
CA PRO A 49 10.04 -13.05 8.04
C PRO A 49 8.76 -13.66 8.67
N GLU A 50 8.89 -14.18 9.90
CA GLU A 50 7.76 -14.81 10.64
C GLU A 50 6.89 -13.74 11.35
N ASN A 51 7.56 -12.75 11.98
CA ASN A 51 6.89 -11.63 12.69
C ASN A 51 6.31 -10.61 11.68
N LYS A 52 5.03 -10.81 11.33
CA LYS A 52 4.36 -10.03 10.27
C LYS A 52 3.85 -8.67 10.77
N GLU A 53 3.30 -8.63 12.01
CA GLU A 53 2.71 -7.41 12.59
C GLU A 53 3.75 -6.27 12.75
N TYR A 54 5.04 -6.66 12.83
CA TYR A 54 6.17 -5.73 12.79
C TYR A 54 6.20 -4.95 11.45
N LEU A 55 6.21 -5.69 10.35
CA LEU A 55 6.14 -5.17 8.97
C LEU A 55 4.88 -4.30 8.76
N ILE A 56 3.74 -4.78 9.28
CA ILE A 56 2.44 -4.09 9.18
C ILE A 56 2.47 -2.71 9.87
N THR A 57 3.05 -2.64 11.10
CA THR A 57 3.14 -1.39 11.91
C THR A 57 3.80 -0.24 11.11
N LEU A 58 4.90 -0.56 10.44
CA LEU A 58 5.65 0.36 9.56
C LEU A 58 4.78 0.84 8.36
N LEU A 59 4.01 -0.10 7.77
CA LEU A 59 3.11 0.17 6.60
C LEU A 59 1.88 1.03 6.99
N GLU A 60 1.34 0.82 8.20
CA GLU A 60 0.23 1.62 8.76
C GLU A 60 0.60 3.13 8.82
N HIS A 61 1.68 3.44 9.56
CA HIS A 61 2.19 4.83 9.73
C HIS A 61 2.71 5.41 8.39
N LEU A 62 3.11 4.52 7.46
CA LEU A 62 3.62 4.89 6.12
C LEU A 62 2.55 5.63 5.29
N MET A 63 1.35 5.02 5.18
CA MET A 63 0.23 5.63 4.43
C MET A 63 -0.38 6.82 5.18
N LYS A 64 -0.29 6.81 6.52
CA LYS A 64 -0.69 7.97 7.36
C LYS A 64 0.28 9.16 7.17
N GLU A 65 1.57 8.85 6.98
CA GLU A 65 2.66 9.84 6.79
C GLU A 65 2.50 10.58 5.45
N PHE A 66 2.35 9.78 4.37
CA PHE A 66 2.35 10.31 2.99
C PHE A 66 0.94 10.46 2.38
N LEU A 67 -0.11 10.25 3.21
CA LEU A 67 -1.53 10.46 2.82
C LEU A 67 -1.78 11.86 2.21
N ASP A 68 -1.56 12.91 3.02
CA ASP A 68 -1.80 14.31 2.64
C ASP A 68 -0.64 14.88 1.81
N LYS A 69 0.47 14.13 1.74
CA LYS A 69 1.58 14.42 0.82
C LYS A 69 1.10 14.12 -0.62
N LYS A 70 0.57 15.16 -1.28
CA LYS A 70 -0.16 15.02 -2.57
C LYS A 70 0.76 14.68 -3.76
N LYS A 71 2.08 14.85 -3.57
CA LYS A 71 3.11 14.43 -4.52
C LYS A 71 3.29 12.88 -4.54
N TYR A 72 2.75 12.19 -3.50
CA TYR A 72 2.77 10.71 -3.38
C TYR A 72 1.47 10.05 -3.89
N HIS A 73 0.50 10.85 -4.37
CA HIS A 73 -0.80 10.33 -4.89
C HIS A 73 -0.61 9.40 -6.11
N ASN A 74 0.37 9.71 -6.96
CA ASN A 74 0.67 8.93 -8.18
C ASN A 74 2.03 8.19 -8.05
N ASP A 75 2.59 8.16 -6.83
CA ASP A 75 3.90 7.53 -6.59
C ASP A 75 3.77 5.97 -6.57
N PRO A 76 4.34 5.25 -7.59
CA PRO A 76 4.11 3.79 -7.76
C PRO A 76 4.59 2.95 -6.55
N ARG A 77 5.65 3.43 -5.86
CA ARG A 77 6.23 2.74 -4.69
C ARG A 77 5.32 2.84 -3.46
N PHE A 78 4.89 4.09 -3.15
CA PHE A 78 3.97 4.38 -2.04
C PHE A 78 2.65 3.57 -2.17
N ILE A 79 2.03 3.62 -3.37
CA ILE A 79 0.80 2.87 -3.68
C ILE A 79 1.04 1.34 -3.57
N SER A 80 2.18 0.84 -4.12
CA SER A 80 2.55 -0.60 -4.03
C SER A 80 2.62 -1.10 -2.58
N TYR A 81 3.08 -0.22 -1.66
CA TYR A 81 3.12 -0.50 -0.22
C TYR A 81 1.70 -0.56 0.40
N CYS A 82 0.79 0.33 -0.05
CA CYS A 82 -0.64 0.29 0.33
C CYS A 82 -1.30 -1.05 -0.11
N LEU A 83 -0.94 -1.50 -1.32
CA LEU A 83 -1.47 -2.74 -1.95
C LEU A 83 -0.97 -4.00 -1.22
N LYS A 84 0.34 -4.05 -0.91
CA LYS A 84 0.96 -5.21 -0.22
C LYS A 84 0.55 -5.23 1.29
N PHE A 85 0.17 -4.05 1.82
CA PHE A 85 -0.41 -3.91 3.17
C PHE A 85 -1.89 -4.36 3.20
N ALA A 86 -2.59 -4.24 2.06
CA ALA A 86 -4.02 -4.58 1.93
C ALA A 86 -4.34 -6.02 2.43
N GLU A 87 -3.52 -7.00 2.01
CA GLU A 87 -3.71 -8.42 2.40
C GLU A 87 -3.65 -8.64 3.94
N TYR A 88 -3.04 -7.69 4.67
CA TYR A 88 -2.93 -7.72 6.15
C TYR A 88 -4.19 -7.15 6.86
N ASN A 89 -5.16 -6.64 6.06
CA ASN A 89 -6.42 -6.01 6.55
C ASN A 89 -7.65 -6.86 6.16
N SER A 90 -8.79 -6.59 6.81
CA SER A 90 -10.07 -7.30 6.55
C SER A 90 -10.88 -6.61 5.43
N ASP A 91 -11.36 -5.37 5.69
CA ASP A 91 -12.30 -4.67 4.80
C ASP A 91 -11.54 -3.93 3.66
N LEU A 92 -11.32 -4.64 2.55
CA LEU A 92 -10.60 -4.10 1.39
C LEU A 92 -11.49 -3.19 0.51
N HIS A 93 -12.83 -3.30 0.60
CA HIS A 93 -13.72 -2.45 -0.25
C HIS A 93 -13.72 -1.00 0.26
N GLN A 94 -13.68 -0.84 1.60
CA GLN A 94 -13.53 0.48 2.26
C GLN A 94 -12.05 0.93 2.26
N PHE A 95 -11.10 -0.03 2.34
CA PHE A 95 -9.65 0.27 2.28
C PHE A 95 -9.25 0.99 0.97
N PHE A 96 -9.42 0.30 -0.18
CA PHE A 96 -9.05 0.86 -1.50
C PHE A 96 -9.96 2.07 -1.89
N GLU A 97 -11.19 2.12 -1.33
CA GLU A 97 -12.11 3.28 -1.47
C GLU A 97 -11.51 4.53 -0.81
N PHE A 98 -11.02 4.36 0.44
CA PHE A 98 -10.37 5.41 1.23
C PHE A 98 -9.18 6.03 0.46
N LEU A 99 -8.36 5.14 -0.12
CA LEU A 99 -7.22 5.53 -0.96
C LEU A 99 -7.68 6.42 -2.15
N TYR A 100 -8.60 5.89 -2.98
CA TYR A 100 -9.10 6.59 -4.19
C TYR A 100 -9.79 7.94 -3.85
N ASN A 101 -10.52 7.99 -2.71
CA ASN A 101 -11.21 9.21 -2.23
C ASN A 101 -10.20 10.30 -1.80
N HIS A 102 -9.06 9.88 -1.19
CA HIS A 102 -7.98 10.82 -0.82
C HIS A 102 -6.98 11.02 -2.01
N GLY A 103 -7.32 10.49 -3.20
CA GLY A 103 -6.50 10.66 -4.41
C GLY A 103 -5.29 9.71 -4.52
N ILE A 104 -5.15 8.80 -3.55
CA ILE A 104 -4.06 7.80 -3.54
C ILE A 104 -4.32 6.74 -4.66
N GLY A 105 -3.39 6.65 -5.62
CA GLY A 105 -3.44 5.65 -6.71
C GLY A 105 -4.30 6.02 -7.91
N THR A 106 -4.50 7.32 -8.18
CA THR A 106 -5.32 7.77 -9.35
C THR A 106 -4.59 7.54 -10.69
N LEU A 107 -3.24 7.54 -10.67
CA LEU A 107 -2.41 7.17 -11.86
C LEU A 107 -1.64 5.84 -11.64
N SER A 108 -2.17 5.00 -10.74
CA SER A 108 -1.61 3.67 -10.45
C SER A 108 -2.65 2.57 -10.78
N SER A 109 -2.50 1.96 -11.97
CA SER A 109 -3.36 0.82 -12.43
C SER A 109 -3.44 -0.37 -11.43
N PRO A 110 -2.28 -0.89 -10.84
CA PRO A 110 -2.31 -2.01 -9.85
C PRO A 110 -3.25 -1.76 -8.62
N LEU A 111 -3.60 -0.48 -8.34
CA LEU A 111 -4.63 -0.14 -7.32
C LEU A 111 -6.01 -0.68 -7.75
N TYR A 112 -6.45 -0.26 -8.95
CA TYR A 112 -7.76 -0.63 -9.51
C TYR A 112 -7.86 -2.16 -9.77
N ILE A 113 -6.72 -2.78 -10.16
CA ILE A 113 -6.62 -4.23 -10.38
C ILE A 113 -6.80 -5.02 -9.04
N ALA A 114 -6.13 -4.54 -7.97
CA ALA A 114 -6.23 -5.15 -6.61
C ALA A 114 -7.64 -4.97 -5.99
N TRP A 115 -8.24 -3.78 -6.22
CA TRP A 115 -9.60 -3.45 -5.72
C TRP A 115 -10.66 -4.31 -6.43
N ALA A 116 -10.63 -4.30 -7.77
CA ALA A 116 -11.55 -5.10 -8.62
C ALA A 116 -11.42 -6.61 -8.37
N GLY A 117 -10.18 -7.07 -8.15
CA GLY A 117 -9.91 -8.48 -7.80
C GLY A 117 -10.56 -8.91 -6.48
N HIS A 118 -10.51 -8.01 -5.50
CA HIS A 118 -11.21 -8.19 -4.21
C HIS A 118 -12.75 -8.27 -4.39
N LEU A 119 -13.35 -7.24 -5.02
CA LEU A 119 -14.83 -7.09 -5.13
C LEU A 119 -15.47 -8.25 -5.91
N GLU A 120 -14.86 -8.62 -7.06
CA GLU A 120 -15.25 -9.78 -7.89
C GLU A 120 -15.36 -11.08 -7.05
N ALA A 121 -14.36 -11.32 -6.18
CA ALA A 121 -14.33 -12.48 -5.26
C ALA A 121 -15.56 -12.51 -4.33
N GLN A 122 -15.94 -11.32 -3.84
CA GLN A 122 -17.11 -11.13 -2.96
C GLN A 122 -18.44 -11.27 -3.75
N GLY A 123 -18.42 -10.91 -5.05
CA GLY A 123 -19.61 -10.94 -5.92
C GLY A 123 -19.92 -9.60 -6.59
N GLU A 124 -19.18 -8.56 -6.19
CA GLU A 124 -19.35 -7.17 -6.70
C GLU A 124 -18.67 -6.94 -8.06
N LEU A 125 -19.15 -7.67 -9.08
CA LEU A 125 -18.68 -7.56 -10.47
C LEU A 125 -19.03 -6.19 -11.10
N GLN A 126 -20.21 -5.61 -10.78
CA GLN A 126 -20.62 -4.28 -11.28
C GLN A 126 -19.78 -3.14 -10.65
N HIS A 127 -19.53 -3.22 -9.34
CA HIS A 127 -18.69 -2.24 -8.61
C HIS A 127 -17.22 -2.29 -9.10
N ALA A 128 -16.70 -3.52 -9.23
CA ALA A 128 -15.30 -3.80 -9.62
C ALA A 128 -14.97 -3.40 -11.08
N SER A 129 -15.86 -3.74 -12.01
CA SER A 129 -15.74 -3.31 -13.43
C SER A 129 -15.83 -1.77 -13.54
N ALA A 130 -16.73 -1.19 -12.73
CA ALA A 130 -16.89 0.27 -12.59
C ALA A 130 -15.64 0.93 -11.96
N VAL A 131 -14.79 0.14 -11.26
CA VAL A 131 -13.48 0.60 -10.75
C VAL A 131 -12.41 0.60 -11.87
N LEU A 132 -12.37 -0.48 -12.67
CA LEU A 132 -11.37 -0.64 -13.77
C LEU A 132 -11.53 0.45 -14.85
N GLN A 133 -12.80 0.79 -15.18
CA GLN A 133 -13.09 1.89 -16.13
C GLN A 133 -12.66 3.27 -15.59
N ARG A 134 -12.71 3.47 -14.23
CA ARG A 134 -12.24 4.74 -13.61
C ARG A 134 -10.77 4.96 -13.95
N GLY A 135 -9.93 3.93 -13.74
CA GLY A 135 -8.50 4.02 -14.06
C GLY A 135 -8.21 4.31 -15.54
N ILE A 136 -8.99 3.69 -16.44
CA ILE A 136 -8.90 3.92 -17.90
C ILE A 136 -9.15 5.41 -18.24
N GLN A 137 -10.25 5.98 -17.70
CA GLN A 137 -10.64 7.38 -17.95
C GLN A 137 -9.84 8.39 -17.06
N ASN A 138 -9.12 7.88 -16.04
CA ASN A 138 -8.14 8.67 -15.24
C ASN A 138 -6.74 8.66 -15.91
N GLN A 139 -6.56 7.79 -16.96
CA GLN A 139 -5.29 7.64 -17.71
C GLN A 139 -4.18 6.93 -16.87
N ALA A 140 -4.61 6.21 -15.80
CA ALA A 140 -3.70 5.52 -14.85
C ALA A 140 -2.75 4.52 -15.53
N GLU A 141 -1.45 4.61 -15.21
CA GLU A 141 -0.39 3.76 -15.83
C GLU A 141 -0.07 2.51 -14.96
N PRO A 142 0.14 1.29 -15.56
CA PRO A 142 0.00 1.03 -17.04
C PRO A 142 -1.48 0.90 -17.54
N ARG A 143 -1.92 1.87 -18.37
CA ARG A 143 -3.33 1.98 -18.84
C ARG A 143 -3.77 0.77 -19.70
N GLU A 144 -2.88 0.32 -20.61
CA GLU A 144 -3.16 -0.85 -21.49
C GLU A 144 -3.40 -2.14 -20.66
N PHE A 145 -2.72 -2.26 -19.50
CA PHE A 145 -2.95 -3.35 -18.55
C PHE A 145 -4.37 -3.26 -17.92
N LEU A 146 -4.83 -2.02 -17.65
CA LEU A 146 -6.22 -1.77 -17.14
C LEU A 146 -7.28 -2.20 -18.18
N GLN A 147 -7.04 -1.84 -19.45
CA GLN A 147 -7.99 -2.09 -20.56
C GLN A 147 -8.11 -3.60 -20.87
N GLN A 148 -6.97 -4.33 -20.85
CA GLN A 148 -6.98 -5.81 -21.05
C GLN A 148 -7.65 -6.52 -19.84
N GLN A 149 -7.35 -6.06 -18.60
CA GLN A 149 -7.98 -6.62 -17.37
C GLN A 149 -9.47 -6.25 -17.28
N TYR A 150 -9.86 -5.13 -17.91
CA TYR A 150 -11.26 -4.69 -17.99
C TYR A 150 -12.08 -5.64 -18.90
N ARG A 151 -11.63 -5.85 -20.15
CA ARG A 151 -12.34 -6.73 -21.12
C ARG A 151 -12.34 -8.21 -20.64
N LEU A 152 -11.25 -8.63 -19.96
CA LEU A 152 -11.12 -9.99 -19.40
C LEU A 152 -12.03 -10.17 -18.16
N PHE A 153 -12.17 -9.11 -17.37
CA PHE A 153 -13.17 -9.04 -16.30
C PHE A 153 -14.61 -9.17 -16.86
N GLN A 154 -14.89 -8.40 -17.93
CA GLN A 154 -16.20 -8.37 -18.61
C GLN A 154 -16.59 -9.75 -19.19
N THR A 155 -15.62 -10.48 -19.80
CA THR A 155 -15.90 -11.79 -20.44
C THR A 155 -16.27 -12.86 -19.38
N ARG A 156 -15.74 -12.71 -18.14
CA ARG A 156 -16.06 -13.58 -16.99
C ARG A 156 -17.55 -13.43 -16.57
N LEU A 157 -18.03 -12.16 -16.48
CA LEU A 157 -19.38 -11.86 -15.94
C LEU A 157 -20.51 -12.02 -17.00
N THR A 158 -20.19 -11.78 -18.29
CA THR A 158 -21.20 -11.85 -19.38
C THR A 158 -21.30 -13.27 -20.00
N GLU A 159 -20.13 -13.94 -20.11
CA GLU A 159 -19.96 -15.29 -20.71
C GLU A 159 -20.74 -15.51 -22.04
N THR A 160 -20.15 -15.00 -23.16
CA THR A 160 -20.66 -15.16 -24.55
C THR A 160 -22.02 -14.41 -24.76
N MET A 1 18.34 11.82 35.97
CA MET A 1 18.92 10.73 35.15
C MET A 1 18.21 9.37 35.44
N GLY A 2 17.71 8.75 34.36
CA GLY A 2 17.07 7.42 34.43
C GLY A 2 17.17 6.65 33.11
N HIS A 3 18.15 7.04 32.25
CA HIS A 3 18.36 6.41 30.93
C HIS A 3 19.07 5.03 31.08
N HIS A 4 18.43 3.96 30.60
CA HIS A 4 18.99 2.60 30.63
C HIS A 4 19.52 2.22 29.23
N HIS A 5 20.87 2.22 29.07
CA HIS A 5 21.51 1.82 27.79
C HIS A 5 21.41 0.29 27.57
N HIS A 6 20.26 -0.13 27.05
CA HIS A 6 19.96 -1.53 26.72
C HIS A 6 20.58 -1.90 25.34
N HIS A 7 21.44 -2.93 25.30
CA HIS A 7 22.21 -3.28 24.07
C HIS A 7 22.30 -4.83 23.85
N HIS A 8 21.51 -5.60 24.61
CA HIS A 8 21.37 -7.06 24.38
C HIS A 8 20.48 -7.31 23.13
N SER A 9 21.10 -7.82 22.05
CA SER A 9 20.43 -8.01 20.73
C SER A 9 19.25 -9.02 20.80
N HIS A 10 18.02 -8.48 20.93
CA HIS A 10 16.78 -9.30 21.03
C HIS A 10 15.63 -8.67 20.19
N MET A 11 14.43 -9.28 20.28
CA MET A 11 13.24 -8.83 19.53
C MET A 11 12.53 -7.66 20.25
N ASP A 12 13.04 -6.43 20.03
CA ASP A 12 12.47 -5.20 20.62
C ASP A 12 11.14 -4.81 19.92
N THR A 13 10.21 -4.22 20.69
CA THR A 13 8.86 -3.79 20.21
C THR A 13 8.91 -2.99 18.87
N PRO A 14 7.92 -3.25 17.93
CA PRO A 14 7.86 -2.55 16.61
C PRO A 14 7.60 -1.05 16.73
N GLU A 15 7.15 -0.62 17.94
CA GLU A 15 6.90 0.79 18.25
C GLU A 15 8.22 1.58 18.21
N ASN A 16 9.23 1.14 19.01
CA ASN A 16 10.56 1.79 19.06
C ASN A 16 11.28 1.76 17.69
N VAL A 17 11.20 0.58 17.00
CA VAL A 17 11.75 0.39 15.63
C VAL A 17 11.22 1.48 14.66
N LEU A 18 9.90 1.62 14.64
CA LEU A 18 9.19 2.64 13.84
C LEU A 18 9.55 4.08 14.30
N GLN A 19 9.61 4.31 15.62
CA GLN A 19 9.95 5.63 16.21
C GLN A 19 11.35 6.11 15.80
N MET A 20 12.27 5.16 15.52
CA MET A 20 13.64 5.50 15.04
C MET A 20 13.59 6.35 13.74
N LEU A 21 12.75 5.95 12.75
CA LEU A 21 12.58 6.77 11.53
C LEU A 21 11.68 8.01 11.77
N GLU A 22 10.68 7.89 12.68
CA GLU A 22 9.68 8.96 12.95
C GLU A 22 10.32 10.19 13.60
N ALA A 23 11.19 9.96 14.60
CA ALA A 23 11.91 11.02 15.32
C ALA A 23 12.84 11.80 14.37
N HIS A 24 13.42 11.09 13.40
CA HIS A 24 14.24 11.67 12.31
C HIS A 24 13.32 12.40 11.29
N MET A 25 12.12 11.83 11.05
CA MET A 25 11.15 12.33 10.05
C MET A 25 10.47 13.64 10.53
N GLN A 26 10.46 13.88 11.85
CA GLN A 26 10.05 15.19 12.43
C GLN A 26 10.90 16.36 11.86
N SER A 27 12.19 16.07 11.57
CA SER A 27 13.16 17.08 11.06
C SER A 27 13.78 16.65 9.70
N TYR A 28 13.05 15.80 8.94
CA TYR A 28 13.49 15.32 7.59
C TYR A 28 13.93 16.48 6.64
N LYS A 29 15.00 16.25 5.86
CA LYS A 29 15.60 17.28 4.97
C LYS A 29 14.73 17.54 3.71
N GLY A 30 13.76 16.66 3.44
CA GLY A 30 12.88 16.77 2.27
C GLY A 30 13.32 15.90 1.09
N ASN A 31 14.65 15.74 0.92
CA ASN A 31 15.24 14.86 -0.12
C ASN A 31 15.08 13.38 0.28
N ASP A 32 14.13 12.70 -0.40
CA ASP A 32 13.77 11.28 -0.19
C ASP A 32 13.36 10.95 1.27
N PRO A 33 12.17 11.45 1.75
CA PRO A 33 11.60 11.03 3.06
C PRO A 33 11.22 9.52 3.06
N LEU A 34 10.65 9.05 1.93
CA LEU A 34 10.24 7.63 1.74
C LEU A 34 11.45 6.67 1.78
N GLY A 35 12.62 7.14 1.32
CA GLY A 35 13.85 6.31 1.24
C GLY A 35 14.24 5.61 2.54
N GLU A 36 14.20 6.36 3.66
CA GLU A 36 14.52 5.82 5.00
C GLU A 36 13.44 4.83 5.48
N TRP A 37 12.15 5.14 5.20
CA TRP A 37 11.01 4.24 5.51
C TRP A 37 11.19 2.85 4.86
N GLU A 38 11.52 2.83 3.56
CA GLU A 38 11.70 1.58 2.77
C GLU A 38 12.80 0.69 3.37
N ARG A 39 13.86 1.32 3.92
CA ARG A 39 14.94 0.63 4.64
C ARG A 39 14.43 -0.16 5.85
N TYR A 40 13.42 0.39 6.56
CA TYR A 40 12.81 -0.28 7.74
C TYR A 40 11.79 -1.36 7.32
N ILE A 41 11.04 -1.11 6.21
CA ILE A 41 10.07 -2.08 5.65
C ILE A 41 10.80 -3.39 5.20
N GLN A 42 11.94 -3.25 4.50
CA GLN A 42 12.76 -4.43 4.12
C GLN A 42 13.49 -5.04 5.35
N TRP A 43 13.84 -4.17 6.32
CA TRP A 43 14.60 -4.57 7.53
C TRP A 43 13.78 -5.54 8.42
N VAL A 44 12.47 -5.28 8.55
CA VAL A 44 11.55 -6.23 9.21
C VAL A 44 11.35 -7.50 8.33
N GLU A 45 11.36 -7.34 7.00
CA GLU A 45 11.19 -8.50 6.08
C GLU A 45 12.39 -9.49 6.15
N GLU A 46 13.57 -8.98 6.53
CA GLU A 46 14.79 -9.82 6.68
C GLU A 46 15.03 -10.28 8.17
N ASN A 47 14.85 -9.37 9.16
CA ASN A 47 15.13 -9.67 10.60
C ASN A 47 13.90 -10.20 11.38
N PHE A 48 12.68 -9.84 10.94
CA PHE A 48 11.39 -10.28 11.59
C PHE A 48 10.33 -10.80 10.58
N PRO A 49 10.66 -11.73 9.60
CA PRO A 49 9.65 -12.24 8.62
C PRO A 49 8.56 -13.10 9.32
N GLU A 50 8.93 -13.60 10.50
CA GLU A 50 8.10 -14.42 11.39
C GLU A 50 7.07 -13.55 12.14
N ASN A 51 7.49 -12.35 12.55
CA ASN A 51 6.63 -11.38 13.25
C ASN A 51 6.14 -10.30 12.25
N LYS A 52 5.02 -10.61 11.56
CA LYS A 52 4.43 -9.70 10.55
C LYS A 52 3.83 -8.43 11.22
N GLU A 53 3.52 -8.56 12.52
CA GLU A 53 3.01 -7.47 13.38
C GLU A 53 3.95 -6.24 13.39
N TYR A 54 5.27 -6.47 13.16
CA TYR A 54 6.26 -5.38 13.04
C TYR A 54 6.06 -4.61 11.71
N LEU A 55 6.06 -5.38 10.59
CA LEU A 55 5.92 -4.82 9.22
C LEU A 55 4.66 -3.93 9.07
N ILE A 56 3.52 -4.48 9.51
CA ILE A 56 2.21 -3.81 9.40
C ILE A 56 2.15 -2.50 10.21
N THR A 57 2.79 -2.50 11.41
CA THR A 57 2.98 -1.29 12.25
C THR A 57 3.69 -0.15 11.47
N LEU A 58 4.73 -0.54 10.71
CA LEU A 58 5.49 0.37 9.82
C LEU A 58 4.62 0.84 8.60
N LEU A 59 3.82 -0.08 8.03
CA LEU A 59 3.02 0.15 6.80
C LEU A 59 1.83 1.12 6.99
N GLU A 60 1.07 0.94 8.10
CA GLU A 60 -0.06 1.84 8.43
C GLU A 60 0.42 3.29 8.67
N HIS A 61 1.51 3.46 9.45
CA HIS A 61 2.14 4.80 9.68
C HIS A 61 2.79 5.36 8.39
N LEU A 62 3.16 4.47 7.46
CA LEU A 62 3.74 4.87 6.16
C LEU A 62 2.72 5.61 5.29
N MET A 63 1.53 5.01 5.13
CA MET A 63 0.44 5.61 4.34
C MET A 63 -0.25 6.77 5.08
N LYS A 64 -0.13 6.84 6.42
CA LYS A 64 -0.58 8.01 7.23
C LYS A 64 0.38 9.21 7.08
N GLU A 65 1.70 8.97 7.21
CA GLU A 65 2.75 10.02 7.10
C GLU A 65 2.79 10.63 5.69
N PHE A 66 2.61 9.77 4.67
CA PHE A 66 2.64 10.18 3.25
C PHE A 66 1.23 10.34 2.66
N LEU A 67 0.17 10.21 3.49
CA LEU A 67 -1.23 10.38 3.04
C LEU A 67 -1.47 11.71 2.30
N ASP A 68 -1.05 12.83 2.88
CA ASP A 68 -1.22 14.17 2.29
C ASP A 68 0.05 14.67 1.56
N LYS A 69 1.14 13.86 1.53
CA LYS A 69 2.30 14.10 0.63
C LYS A 69 1.90 13.71 -0.82
N LYS A 70 1.17 14.62 -1.50
CA LYS A 70 0.51 14.33 -2.80
C LYS A 70 1.47 13.91 -3.93
N LYS A 71 2.75 14.27 -3.78
CA LYS A 71 3.85 13.93 -4.71
C LYS A 71 4.14 12.40 -4.81
N TYR A 72 3.55 11.57 -3.92
CA TYR A 72 3.77 10.10 -3.89
C TYR A 72 2.53 9.29 -4.33
N HIS A 73 1.42 9.97 -4.64
CA HIS A 73 0.12 9.30 -4.89
C HIS A 73 0.01 8.64 -6.28
N ASN A 74 0.87 9.02 -7.21
CA ASN A 74 0.96 8.32 -8.51
C ASN A 74 2.26 7.48 -8.60
N ASP A 75 2.95 7.34 -7.45
CA ASP A 75 4.25 6.67 -7.37
C ASP A 75 4.10 5.14 -7.15
N PRO A 76 4.72 4.29 -8.05
CA PRO A 76 4.58 2.81 -7.99
C PRO A 76 5.06 2.17 -6.66
N ARG A 77 6.02 2.82 -5.97
CA ARG A 77 6.58 2.32 -4.69
C ARG A 77 5.59 2.53 -3.52
N PHE A 78 5.10 3.78 -3.37
CA PHE A 78 4.10 4.14 -2.33
C PHE A 78 2.81 3.30 -2.47
N ILE A 79 2.30 3.19 -3.71
CA ILE A 79 1.12 2.35 -4.03
C ILE A 79 1.43 0.86 -3.77
N SER A 80 2.64 0.38 -4.16
CA SER A 80 3.08 -1.02 -3.90
C SER A 80 3.02 -1.39 -2.40
N TYR A 81 3.32 -0.42 -1.53
CA TYR A 81 3.27 -0.59 -0.06
C TYR A 81 1.83 -0.62 0.50
N CYS A 82 0.91 0.10 -0.17
CA CYS A 82 -0.53 -0.01 0.14
C CYS A 82 -1.10 -1.38 -0.33
N LEU A 83 -0.62 -1.88 -1.49
CA LEU A 83 -1.00 -3.20 -2.04
C LEU A 83 -0.40 -4.35 -1.18
N LYS A 84 0.79 -4.09 -0.63
CA LYS A 84 1.50 -4.98 0.32
C LYS A 84 0.72 -5.06 1.66
N PHE A 85 0.38 -3.89 2.22
CA PHE A 85 -0.42 -3.77 3.46
C PHE A 85 -1.83 -4.38 3.30
N ALA A 86 -2.38 -4.26 2.08
CA ALA A 86 -3.74 -4.67 1.72
C ALA A 86 -4.06 -6.13 2.13
N GLU A 87 -3.20 -7.08 1.74
CA GLU A 87 -3.44 -8.52 1.96
C GLU A 87 -3.51 -8.92 3.47
N TYR A 88 -3.06 -8.02 4.36
CA TYR A 88 -3.08 -8.22 5.83
C TYR A 88 -4.40 -7.69 6.47
N ASN A 89 -5.32 -7.16 5.63
CA ASN A 89 -6.61 -6.56 6.08
C ASN A 89 -7.80 -7.17 5.32
N SER A 90 -8.92 -7.37 6.03
CA SER A 90 -10.16 -7.95 5.48
C SER A 90 -10.92 -6.95 4.58
N ASP A 91 -11.26 -5.78 5.15
CA ASP A 91 -12.11 -4.76 4.51
C ASP A 91 -11.34 -3.87 3.49
N LEU A 92 -10.91 -4.51 2.39
CA LEU A 92 -10.24 -3.82 1.27
C LEU A 92 -11.22 -3.03 0.39
N HIS A 93 -12.51 -3.43 0.43
CA HIS A 93 -13.61 -2.61 -0.15
C HIS A 93 -13.74 -1.22 0.53
N GLN A 94 -13.27 -1.12 1.79
CA GLN A 94 -13.14 0.16 2.51
C GLN A 94 -11.75 0.80 2.26
N PHE A 95 -10.69 -0.04 2.32
CA PHE A 95 -9.28 0.40 2.25
C PHE A 95 -8.91 1.04 0.88
N PHE A 96 -9.00 0.27 -0.21
CA PHE A 96 -8.68 0.76 -1.57
C PHE A 96 -9.60 1.94 -2.00
N GLU A 97 -10.82 1.98 -1.42
CA GLU A 97 -11.79 3.06 -1.67
C GLU A 97 -11.37 4.34 -0.93
N PHE A 98 -10.90 4.20 0.33
CA PHE A 98 -10.32 5.29 1.14
C PHE A 98 -9.14 5.95 0.37
N LEU A 99 -8.30 5.09 -0.23
CA LEU A 99 -7.20 5.51 -1.11
C LEU A 99 -7.74 6.36 -2.28
N TYR A 100 -8.68 5.80 -3.06
CA TYR A 100 -9.27 6.46 -4.25
C TYR A 100 -9.91 7.84 -3.89
N ASN A 101 -10.65 7.89 -2.77
CA ASN A 101 -11.32 9.13 -2.29
C ASN A 101 -10.31 10.18 -1.75
N HIS A 102 -9.12 9.74 -1.27
CA HIS A 102 -8.04 10.68 -0.88
C HIS A 102 -7.15 11.06 -2.11
N GLY A 103 -7.38 10.43 -3.27
CA GLY A 103 -6.57 10.68 -4.47
C GLY A 103 -5.27 9.87 -4.52
N ILE A 104 -5.20 8.79 -3.72
CA ILE A 104 -4.08 7.83 -3.76
C ILE A 104 -4.28 6.85 -4.97
N GLY A 105 -3.27 6.77 -5.83
CA GLY A 105 -3.19 5.75 -6.90
C GLY A 105 -4.07 6.04 -8.11
N THR A 106 -4.35 7.33 -8.37
CA THR A 106 -5.24 7.76 -9.47
C THR A 106 -4.62 7.51 -10.86
N LEU A 107 -3.28 7.66 -10.96
CA LEU A 107 -2.52 7.34 -12.19
C LEU A 107 -1.77 5.99 -12.07
N SER A 108 -2.19 5.14 -11.11
CA SER A 108 -1.56 3.82 -10.88
C SER A 108 -2.55 2.67 -11.19
N SER A 109 -2.36 2.04 -12.37
CA SER A 109 -3.17 0.85 -12.81
C SER A 109 -3.19 -0.32 -11.78
N PRO A 110 -2.01 -0.80 -11.20
CA PRO A 110 -1.97 -1.91 -10.20
C PRO A 110 -2.95 -1.74 -9.01
N LEU A 111 -3.26 -0.48 -8.63
CA LEU A 111 -4.25 -0.19 -7.56
C LEU A 111 -5.65 -0.70 -7.95
N TYR A 112 -6.13 -0.26 -9.13
CA TYR A 112 -7.48 -0.61 -9.65
C TYR A 112 -7.61 -2.12 -9.95
N ILE A 113 -6.52 -2.73 -10.48
CA ILE A 113 -6.48 -4.19 -10.74
C ILE A 113 -6.57 -5.01 -9.43
N ALA A 114 -5.86 -4.54 -8.37
CA ALA A 114 -5.86 -5.17 -7.04
C ALA A 114 -7.21 -4.99 -6.31
N TRP A 115 -7.82 -3.81 -6.49
CA TRP A 115 -9.11 -3.45 -5.89
C TRP A 115 -10.26 -4.27 -6.53
N ALA A 116 -10.41 -4.12 -7.85
CA ALA A 116 -11.43 -4.83 -8.65
C ALA A 116 -11.24 -6.36 -8.60
N GLY A 117 -9.98 -6.81 -8.61
CA GLY A 117 -9.62 -8.23 -8.46
C GLY A 117 -10.09 -8.79 -7.11
N HIS A 118 -9.90 -8.00 -6.03
CA HIS A 118 -10.40 -8.34 -4.69
C HIS A 118 -11.95 -8.40 -4.68
N LEU A 119 -12.60 -7.36 -5.25
CA LEU A 119 -14.07 -7.22 -5.26
C LEU A 119 -14.77 -8.42 -5.95
N GLU A 120 -14.19 -8.90 -7.06
CA GLU A 120 -14.66 -10.11 -7.77
C GLU A 120 -14.78 -11.32 -6.82
N ALA A 121 -13.73 -11.55 -6.00
CA ALA A 121 -13.70 -12.64 -5.00
C ALA A 121 -14.75 -12.42 -3.88
N GLN A 122 -15.09 -11.14 -3.61
CA GLN A 122 -16.16 -10.78 -2.64
C GLN A 122 -17.57 -11.03 -3.27
N GLY A 123 -17.66 -10.94 -4.61
CA GLY A 123 -18.93 -11.09 -5.35
C GLY A 123 -19.44 -9.78 -5.95
N GLU A 124 -18.59 -8.74 -5.88
CA GLU A 124 -18.89 -7.37 -6.34
C GLU A 124 -18.32 -7.11 -7.76
N LEU A 125 -18.68 -7.96 -8.74
CA LEU A 125 -18.19 -7.81 -10.14
C LEU A 125 -18.74 -6.52 -10.83
N GLN A 126 -19.90 -6.04 -10.41
CA GLN A 126 -20.47 -4.79 -10.95
C GLN A 126 -19.69 -3.56 -10.46
N HIS A 127 -19.34 -3.55 -9.16
CA HIS A 127 -18.54 -2.46 -8.58
C HIS A 127 -17.06 -2.54 -9.02
N ALA A 128 -16.57 -3.77 -9.20
CA ALA A 128 -15.21 -4.04 -9.71
C ALA A 128 -15.03 -3.57 -11.16
N SER A 129 -16.05 -3.80 -12.00
CA SER A 129 -16.16 -3.20 -13.35
C SER A 129 -16.13 -1.67 -13.25
N ALA A 130 -16.95 -1.14 -12.32
CA ALA A 130 -17.06 0.29 -12.02
C ALA A 130 -15.75 0.90 -11.49
N VAL A 131 -14.82 0.04 -10.99
CA VAL A 131 -13.47 0.45 -10.54
C VAL A 131 -12.46 0.51 -11.73
N LEU A 132 -12.46 -0.55 -12.57
CA LEU A 132 -11.52 -0.67 -13.72
C LEU A 132 -11.74 0.47 -14.74
N GLN A 133 -13.03 0.83 -14.98
CA GLN A 133 -13.39 1.97 -15.87
C GLN A 133 -12.90 3.32 -15.31
N ARG A 134 -12.84 3.46 -13.96
CA ARG A 134 -12.30 4.67 -13.30
C ARG A 134 -10.85 4.90 -13.71
N GLY A 135 -10.03 3.85 -13.65
CA GLY A 135 -8.64 3.93 -14.09
C GLY A 135 -8.46 4.33 -15.56
N ILE A 136 -9.36 3.81 -16.42
CA ILE A 136 -9.39 4.14 -17.86
C ILE A 136 -9.64 5.67 -18.10
N GLN A 137 -10.68 6.22 -17.46
CA GLN A 137 -11.04 7.66 -17.59
C GLN A 137 -10.08 8.59 -16.79
N ASN A 138 -9.45 8.06 -15.72
CA ASN A 138 -8.46 8.82 -14.89
C ASN A 138 -7.03 8.75 -15.51
N GLN A 139 -6.86 7.96 -16.59
CA GLN A 139 -5.57 7.82 -17.33
C GLN A 139 -4.49 7.10 -16.50
N ALA A 140 -4.93 6.18 -15.63
CA ALA A 140 -4.04 5.35 -14.79
C ALA A 140 -3.18 4.38 -15.63
N GLU A 141 -1.88 4.70 -15.72
CA GLU A 141 -0.93 3.98 -16.56
C GLU A 141 -0.34 2.75 -15.82
N PRO A 142 -0.14 1.55 -16.49
CA PRO A 142 -0.53 1.29 -17.93
C PRO A 142 -2.06 1.26 -18.19
N ARG A 143 -2.51 2.15 -19.12
CA ARG A 143 -3.95 2.39 -19.40
C ARG A 143 -4.60 1.24 -20.18
N GLU A 144 -3.94 0.82 -21.30
CA GLU A 144 -4.43 -0.28 -22.15
C GLU A 144 -4.48 -1.62 -21.37
N PHE A 145 -3.61 -1.76 -20.35
CA PHE A 145 -3.64 -2.89 -19.41
C PHE A 145 -4.95 -2.89 -18.59
N LEU A 146 -5.38 -1.69 -18.17
CA LEU A 146 -6.65 -1.49 -17.43
C LEU A 146 -7.86 -1.76 -18.33
N GLN A 147 -7.74 -1.40 -19.62
CA GLN A 147 -8.80 -1.61 -20.63
C GLN A 147 -8.93 -3.11 -21.02
N GLN A 148 -7.79 -3.81 -21.17
CA GLN A 148 -7.78 -5.24 -21.54
C GLN A 148 -8.24 -6.10 -20.34
N GLN A 149 -7.87 -5.70 -19.11
CA GLN A 149 -8.37 -6.35 -17.87
C GLN A 149 -9.85 -6.01 -17.63
N TYR A 150 -10.30 -4.82 -18.08
CA TYR A 150 -11.72 -4.42 -18.06
C TYR A 150 -12.56 -5.37 -18.93
N ARG A 151 -12.22 -5.48 -20.24
CA ARG A 151 -13.00 -6.29 -21.21
C ARG A 151 -12.92 -7.81 -20.89
N LEU A 152 -11.76 -8.27 -20.35
CA LEU A 152 -11.60 -9.67 -19.87
C LEU A 152 -12.44 -9.90 -18.61
N PHE A 153 -12.60 -8.87 -17.78
CA PHE A 153 -13.51 -8.88 -16.63
C PHE A 153 -15.00 -8.92 -17.08
N GLN A 154 -15.33 -8.18 -18.16
CA GLN A 154 -16.72 -8.08 -18.67
C GLN A 154 -17.19 -9.39 -19.30
N THR A 155 -16.26 -10.08 -20.00
CA THR A 155 -16.58 -11.38 -20.64
C THR A 155 -16.85 -12.48 -19.58
N ARG A 156 -16.42 -12.24 -18.32
CA ARG A 156 -16.72 -13.14 -17.17
C ARG A 156 -18.19 -12.96 -16.71
N LEU A 157 -18.53 -11.73 -16.25
CA LEU A 157 -19.85 -11.41 -15.67
C LEU A 157 -21.01 -11.57 -16.70
N THR A 158 -20.76 -11.24 -17.98
CA THR A 158 -21.79 -11.32 -19.05
C THR A 158 -22.09 -12.77 -19.50
N GLU A 159 -21.24 -13.73 -19.08
CA GLU A 159 -21.41 -15.17 -19.42
C GLU A 159 -21.72 -16.05 -18.19
N THR A 160 -22.04 -15.43 -17.04
CA THR A 160 -22.44 -16.16 -15.79
C THR A 160 -23.77 -15.61 -15.20
N MET A 1 20.22 8.39 23.14
CA MET A 1 18.81 7.94 23.31
C MET A 1 18.78 6.59 24.09
N GLY A 2 17.58 6.18 24.59
CA GLY A 2 17.41 4.91 25.30
C GLY A 2 17.84 3.66 24.51
N HIS A 3 19.06 3.18 24.79
CA HIS A 3 19.68 2.04 24.07
C HIS A 3 18.96 0.70 24.43
N HIS A 4 18.16 0.17 23.49
CA HIS A 4 17.39 -1.08 23.67
C HIS A 4 18.24 -2.35 23.45
N HIS A 5 19.49 -2.16 23.00
CA HIS A 5 20.50 -3.24 22.94
C HIS A 5 21.12 -3.45 24.35
N HIS A 6 21.37 -4.73 24.69
CA HIS A 6 21.82 -5.16 26.05
C HIS A 6 20.76 -4.78 27.13
N HIS A 7 19.48 -5.02 26.80
CA HIS A 7 18.33 -4.73 27.68
C HIS A 7 17.36 -5.95 27.73
N HIS A 8 17.91 -7.16 27.47
CA HIS A 8 17.18 -8.47 27.53
C HIS A 8 15.98 -8.54 26.54
N SER A 9 16.02 -7.72 25.47
CA SER A 9 14.90 -7.61 24.50
C SER A 9 15.43 -7.43 23.05
N HIS A 10 15.25 -8.45 22.21
CA HIS A 10 15.65 -8.40 20.77
C HIS A 10 14.51 -7.84 19.89
N MET A 11 13.26 -7.99 20.35
CA MET A 11 12.06 -7.52 19.64
C MET A 11 11.48 -6.25 20.30
N ASP A 12 11.81 -5.07 19.76
CA ASP A 12 11.10 -3.80 20.09
C ASP A 12 9.63 -3.91 19.67
N THR A 13 8.72 -3.26 20.40
CA THR A 13 7.32 -3.09 19.96
C THR A 13 7.30 -2.35 18.59
N PRO A 14 6.42 -2.76 17.61
CA PRO A 14 6.37 -2.16 16.26
C PRO A 14 6.42 -0.61 16.24
N GLU A 15 5.80 -0.02 17.29
CA GLU A 15 5.87 1.42 17.58
C GLU A 15 7.34 1.94 17.69
N ASN A 16 8.16 1.34 18.59
CA ASN A 16 9.61 1.72 18.76
C ASN A 16 10.44 1.49 17.48
N VAL A 17 10.23 0.31 16.84
CA VAL A 17 10.85 -0.05 15.53
C VAL A 17 10.69 1.11 14.51
N LEU A 18 9.45 1.61 14.45
CA LEU A 18 9.05 2.73 13.58
C LEU A 18 9.57 4.11 14.09
N GLN A 19 9.56 4.32 15.43
CA GLN A 19 10.04 5.59 16.06
C GLN A 19 11.52 5.87 15.74
N MET A 20 12.30 4.80 15.45
CA MET A 20 13.71 4.93 15.07
C MET A 20 13.90 5.78 13.76
N LEU A 21 12.98 5.67 12.79
CA LEU A 21 13.00 6.56 11.59
C LEU A 21 12.26 7.90 11.86
N GLU A 22 11.19 7.86 12.68
CA GLU A 22 10.32 9.04 12.95
C GLU A 22 11.06 10.15 13.74
N ALA A 23 11.94 9.73 14.66
CA ALA A 23 12.84 10.61 15.42
C ALA A 23 13.76 11.41 14.47
N HIS A 24 14.21 10.74 13.39
CA HIS A 24 15.01 11.36 12.31
C HIS A 24 14.13 12.30 11.45
N MET A 25 12.85 11.90 11.22
CA MET A 25 11.87 12.70 10.45
C MET A 25 11.58 14.08 11.10
N GLN A 26 11.64 14.13 12.45
CA GLN A 26 11.43 15.39 13.22
C GLN A 26 12.23 16.62 12.68
N SER A 27 13.45 16.38 12.12
CA SER A 27 14.31 17.47 11.57
C SER A 27 14.92 17.13 10.17
N TYR A 28 14.39 16.12 9.45
CA TYR A 28 14.90 15.79 8.08
C TYR A 28 14.41 16.85 7.04
N LYS A 29 13.18 17.39 7.29
CA LYS A 29 12.47 18.37 6.43
C LYS A 29 12.18 17.82 4.99
N GLY A 30 13.18 17.89 4.10
CA GLY A 30 13.01 17.50 2.69
C GLY A 30 14.25 16.84 2.11
N ASN A 31 14.64 15.69 2.67
CA ASN A 31 15.87 14.97 2.28
C ASN A 31 15.67 13.43 2.36
N ASP A 32 14.97 12.87 1.35
CA ASP A 32 14.67 11.41 1.22
C ASP A 32 13.86 10.84 2.43
N PRO A 33 12.50 10.80 2.35
CA PRO A 33 11.66 10.12 3.35
C PRO A 33 11.40 8.62 3.02
N LEU A 34 10.76 8.33 1.84
CA LEU A 34 10.31 6.96 1.46
C LEU A 34 11.47 5.96 1.40
N GLY A 35 12.65 6.40 0.94
CA GLY A 35 13.86 5.57 0.92
C GLY A 35 14.26 5.05 2.30
N GLU A 36 14.21 5.96 3.31
CA GLU A 36 14.42 5.62 4.74
C GLU A 36 13.34 4.63 5.26
N TRP A 37 12.07 4.85 4.87
CA TRP A 37 10.95 3.93 5.21
C TRP A 37 11.18 2.51 4.65
N GLU A 38 11.55 2.42 3.36
CA GLU A 38 11.77 1.15 2.64
C GLU A 38 12.90 0.32 3.28
N ARG A 39 13.92 1.02 3.79
CA ARG A 39 15.01 0.41 4.59
C ARG A 39 14.44 -0.35 5.81
N TYR A 40 13.43 0.24 6.47
CA TYR A 40 12.75 -0.37 7.64
C TYR A 40 11.73 -1.44 7.23
N ILE A 41 11.07 -1.29 6.05
CA ILE A 41 10.09 -2.30 5.55
C ILE A 41 10.82 -3.65 5.25
N GLN A 42 11.94 -3.62 4.51
CA GLN A 42 12.73 -4.84 4.24
C GLN A 42 13.41 -5.39 5.54
N TRP A 43 13.84 -4.46 6.42
CA TRP A 43 14.55 -4.79 7.68
C TRP A 43 13.64 -5.56 8.65
N VAL A 44 12.41 -5.08 8.82
CA VAL A 44 11.42 -5.67 9.73
C VAL A 44 10.92 -7.06 9.22
N GLU A 45 11.05 -7.30 7.89
CA GLU A 45 10.79 -8.62 7.28
C GLU A 45 11.92 -9.63 7.61
N GLU A 46 13.17 -9.23 7.33
CA GLU A 46 14.36 -10.11 7.49
C GLU A 46 14.68 -10.41 8.99
N ASN A 47 14.49 -9.41 9.87
CA ASN A 47 14.75 -9.55 11.33
C ASN A 47 13.52 -10.02 12.12
N PHE A 48 12.29 -9.81 11.59
CA PHE A 48 11.04 -10.31 12.25
C PHE A 48 10.11 -11.02 11.20
N PRO A 49 10.52 -12.21 10.65
CA PRO A 49 9.67 -13.00 9.71
C PRO A 49 8.60 -13.87 10.44
N GLU A 50 8.71 -13.90 11.78
CA GLU A 50 7.81 -14.68 12.65
C GLU A 50 6.45 -13.98 12.81
N ASN A 51 6.51 -12.64 12.98
CA ASN A 51 5.34 -11.81 13.26
C ASN A 51 5.22 -10.65 12.24
N LYS A 52 4.11 -10.65 11.48
CA LYS A 52 3.82 -9.64 10.43
C LYS A 52 3.28 -8.31 11.04
N GLU A 53 2.77 -8.40 12.28
CA GLU A 53 2.17 -7.26 13.04
C GLU A 53 3.14 -6.05 13.15
N TYR A 54 4.46 -6.36 13.10
CA TYR A 54 5.52 -5.35 13.07
C TYR A 54 5.49 -4.54 11.76
N LEU A 55 5.64 -5.25 10.61
CA LEU A 55 5.64 -4.66 9.25
C LEU A 55 4.37 -3.80 8.98
N ILE A 56 3.21 -4.35 9.36
CA ILE A 56 1.89 -3.70 9.13
C ILE A 56 1.81 -2.29 9.78
N THR A 57 2.41 -2.15 10.98
CA THR A 57 2.57 -0.84 11.66
C THR A 57 3.36 0.17 10.79
N LEU A 58 4.50 -0.30 10.27
CA LEU A 58 5.37 0.48 9.33
C LEU A 58 4.57 0.93 8.08
N LEU A 59 3.67 0.05 7.58
CA LEU A 59 2.89 0.26 6.34
C LEU A 59 1.68 1.22 6.52
N GLU A 60 0.90 1.05 7.60
CA GLU A 60 -0.29 1.92 7.88
C GLU A 60 0.11 3.38 8.22
N HIS A 61 1.26 3.57 8.92
CA HIS A 61 1.81 4.93 9.16
C HIS A 61 2.59 5.46 7.93
N LEU A 62 2.95 4.55 7.00
CA LEU A 62 3.61 4.89 5.71
C LEU A 62 2.63 5.63 4.78
N MET A 63 1.41 5.06 4.62
CA MET A 63 0.34 5.69 3.83
C MET A 63 -0.12 7.01 4.44
N LYS A 64 -0.05 7.12 5.79
CA LYS A 64 -0.35 8.37 6.51
C LYS A 64 0.80 9.40 6.41
N GLU A 65 2.07 8.93 6.30
CA GLU A 65 3.24 9.81 6.09
C GLU A 65 3.10 10.64 4.79
N PHE A 66 2.82 9.92 3.69
CA PHE A 66 2.70 10.52 2.34
C PHE A 66 1.24 10.79 1.95
N LEU A 67 0.32 10.63 2.92
CA LEU A 67 -1.07 11.08 2.80
C LEU A 67 -1.11 12.62 2.59
N ASP A 68 -0.30 13.35 3.38
CA ASP A 68 -0.26 14.83 3.31
C ASP A 68 0.78 15.31 2.27
N LYS A 69 1.68 14.37 1.84
CA LYS A 69 2.65 14.64 0.75
C LYS A 69 1.96 14.31 -0.59
N LYS A 70 1.28 15.31 -1.16
CA LYS A 70 0.39 15.14 -2.32
C LYS A 70 1.13 14.77 -3.63
N LYS A 71 2.46 14.94 -3.68
CA LYS A 71 3.26 14.51 -4.85
C LYS A 71 3.49 12.97 -4.88
N TYR A 72 3.08 12.27 -3.81
CA TYR A 72 3.05 10.79 -3.76
C TYR A 72 1.67 10.21 -4.15
N HIS A 73 0.74 11.06 -4.64
CA HIS A 73 -0.60 10.59 -5.12
C HIS A 73 -0.47 9.40 -6.10
N ASN A 74 0.37 9.55 -7.12
CA ASN A 74 0.48 8.56 -8.22
C ASN A 74 1.85 7.86 -8.22
N ASP A 75 2.54 7.92 -7.06
CA ASP A 75 3.88 7.32 -6.88
C ASP A 75 3.80 5.77 -6.91
N PRO A 76 4.43 5.08 -7.92
CA PRO A 76 4.31 3.60 -8.08
C PRO A 76 4.83 2.79 -6.86
N ARG A 77 5.85 3.34 -6.14
CA ARG A 77 6.44 2.68 -4.95
C ARG A 77 5.49 2.81 -3.74
N PHE A 78 5.00 4.03 -3.51
CA PHE A 78 4.05 4.35 -2.42
C PHE A 78 2.77 3.48 -2.53
N ILE A 79 2.20 3.43 -3.76
CA ILE A 79 1.02 2.58 -4.07
C ILE A 79 1.38 1.08 -3.91
N SER A 80 2.59 0.67 -4.37
CA SER A 80 3.09 -0.73 -4.23
C SER A 80 3.10 -1.23 -2.76
N TYR A 81 3.48 -0.34 -1.82
CA TYR A 81 3.52 -0.68 -0.38
C TYR A 81 2.14 -0.65 0.29
N CYS A 82 1.19 0.08 -0.32
CA CYS A 82 -0.25 -0.01 0.05
C CYS A 82 -0.85 -1.36 -0.44
N LEU A 83 -0.41 -1.82 -1.64
CA LEU A 83 -0.81 -3.14 -2.21
C LEU A 83 -0.19 -4.31 -1.38
N LYS A 84 1.03 -4.05 -0.88
CA LYS A 84 1.75 -4.97 0.05
C LYS A 84 1.00 -5.06 1.41
N PHE A 85 0.57 -3.91 1.94
CA PHE A 85 -0.26 -3.82 3.17
C PHE A 85 -1.62 -4.53 2.99
N ALA A 86 -2.18 -4.39 1.78
CA ALA A 86 -3.52 -4.85 1.41
C ALA A 86 -3.76 -6.34 1.73
N GLU A 87 -2.85 -7.20 1.28
CA GLU A 87 -2.99 -8.67 1.43
C GLU A 87 -3.00 -9.14 2.93
N TYR A 88 -2.61 -8.25 3.85
CA TYR A 88 -2.60 -8.53 5.32
C TYR A 88 -3.91 -8.04 6.01
N ASN A 89 -4.82 -7.48 5.21
CA ASN A 89 -6.13 -6.95 5.68
C ASN A 89 -7.28 -7.60 4.89
N SER A 90 -8.38 -7.93 5.58
CA SER A 90 -9.57 -8.55 4.95
C SER A 90 -10.49 -7.50 4.28
N ASP A 91 -10.68 -6.34 4.94
CA ASP A 91 -11.63 -5.27 4.51
C ASP A 91 -11.01 -4.31 3.44
N LEU A 92 -10.58 -4.88 2.32
CA LEU A 92 -9.92 -4.15 1.22
C LEU A 92 -10.87 -3.30 0.36
N HIS A 93 -12.16 -3.68 0.29
CA HIS A 93 -13.20 -2.80 -0.32
C HIS A 93 -13.28 -1.44 0.43
N GLN A 94 -12.89 -1.43 1.72
CA GLN A 94 -12.81 -0.20 2.53
C GLN A 94 -11.43 0.48 2.35
N PHE A 95 -10.36 -0.32 2.42
CA PHE A 95 -8.96 0.16 2.31
C PHE A 95 -8.68 0.90 0.98
N PHE A 96 -8.84 0.19 -0.15
CA PHE A 96 -8.62 0.77 -1.49
C PHE A 96 -9.60 1.93 -1.80
N GLU A 97 -10.79 1.90 -1.15
CA GLU A 97 -11.77 3.01 -1.24
C GLU A 97 -11.22 4.29 -0.59
N PHE A 98 -10.62 4.14 0.60
CA PHE A 98 -9.93 5.23 1.33
C PHE A 98 -8.82 5.87 0.47
N LEU A 99 -8.00 5.00 -0.16
CA LEU A 99 -6.92 5.42 -1.07
C LEU A 99 -7.47 6.28 -2.23
N TYR A 100 -8.47 5.74 -2.96
CA TYR A 100 -9.09 6.43 -4.11
C TYR A 100 -9.75 7.78 -3.70
N ASN A 101 -10.45 7.78 -2.55
CA ASN A 101 -11.11 8.99 -2.01
C ASN A 101 -10.07 10.08 -1.61
N HIS A 102 -8.86 9.64 -1.21
CA HIS A 102 -7.76 10.57 -0.88
C HIS A 102 -6.87 10.90 -2.13
N GLY A 103 -7.27 10.42 -3.31
CA GLY A 103 -6.54 10.68 -4.57
C GLY A 103 -5.26 9.85 -4.73
N ILE A 104 -5.09 8.84 -3.86
CA ILE A 104 -3.97 7.89 -3.91
C ILE A 104 -4.24 6.82 -5.00
N GLY A 105 -3.35 6.76 -5.99
CA GLY A 105 -3.36 5.75 -7.06
C GLY A 105 -4.28 6.05 -8.23
N THR A 106 -4.65 7.33 -8.43
CA THR A 106 -5.57 7.74 -9.52
C THR A 106 -4.95 7.58 -10.93
N LEU A 107 -3.60 7.73 -11.03
CA LEU A 107 -2.85 7.43 -12.29
C LEU A 107 -2.01 6.14 -12.17
N SER A 108 -2.32 5.30 -11.15
CA SER A 108 -1.63 4.01 -10.92
C SER A 108 -2.62 2.85 -11.18
N SER A 109 -2.52 2.24 -12.38
CA SER A 109 -3.33 1.06 -12.76
C SER A 109 -3.23 -0.14 -11.77
N PRO A 110 -1.98 -0.57 -11.30
CA PRO A 110 -1.82 -1.68 -10.29
C PRO A 110 -2.75 -1.58 -9.05
N LEU A 111 -3.17 -0.34 -8.68
CA LEU A 111 -4.15 -0.12 -7.59
C LEU A 111 -5.53 -0.71 -7.96
N TYR A 112 -6.05 -0.25 -9.12
CA TYR A 112 -7.39 -0.65 -9.64
C TYR A 112 -7.46 -2.17 -9.92
N ILE A 113 -6.37 -2.70 -10.48
CA ILE A 113 -6.23 -4.14 -10.80
C ILE A 113 -6.27 -5.02 -9.52
N ALA A 114 -5.60 -4.54 -8.44
CA ALA A 114 -5.59 -5.23 -7.12
C ALA A 114 -6.95 -5.12 -6.39
N TRP A 115 -7.60 -3.94 -6.49
CA TRP A 115 -8.93 -3.68 -5.89
C TRP A 115 -10.00 -4.57 -6.57
N ALA A 116 -10.10 -4.45 -7.90
CA ALA A 116 -11.04 -5.22 -8.74
C ALA A 116 -10.79 -6.75 -8.65
N GLY A 117 -9.51 -7.14 -8.59
CA GLY A 117 -9.10 -8.54 -8.42
C GLY A 117 -9.55 -9.14 -7.09
N HIS A 118 -9.43 -8.36 -6.00
CA HIS A 118 -9.94 -8.75 -4.67
C HIS A 118 -11.49 -8.93 -4.70
N LEU A 119 -12.19 -7.90 -5.22
CA LEU A 119 -13.67 -7.85 -5.24
C LEU A 119 -14.29 -9.00 -6.06
N GLU A 120 -13.67 -9.32 -7.20
CA GLU A 120 -14.03 -10.48 -8.04
C GLU A 120 -14.06 -11.80 -7.24
N ALA A 121 -12.98 -12.05 -6.47
CA ALA A 121 -12.84 -13.24 -5.60
C ALA A 121 -13.97 -13.31 -4.53
N GLN A 122 -14.51 -12.14 -4.15
CA GLN A 122 -15.61 -12.02 -3.17
C GLN A 122 -17.01 -12.17 -3.84
N GLY A 123 -17.15 -11.71 -5.09
CA GLY A 123 -18.44 -11.68 -5.82
C GLY A 123 -18.94 -10.26 -6.13
N GLU A 124 -18.13 -9.25 -5.75
CA GLU A 124 -18.38 -7.81 -6.01
C GLU A 124 -17.92 -7.38 -7.43
N LEU A 125 -18.21 -8.24 -8.44
CA LEU A 125 -17.84 -8.05 -9.86
C LEU A 125 -18.31 -6.69 -10.44
N GLN A 126 -19.58 -6.31 -10.22
CA GLN A 126 -20.15 -5.05 -10.75
C GLN A 126 -19.44 -3.80 -10.16
N HIS A 127 -19.14 -3.84 -8.84
CA HIS A 127 -18.42 -2.73 -8.17
C HIS A 127 -16.95 -2.67 -8.63
N ALA A 128 -16.36 -3.85 -8.86
CA ALA A 128 -14.99 -3.99 -9.38
C ALA A 128 -14.86 -3.50 -10.85
N SER A 129 -15.94 -3.69 -11.64
CA SER A 129 -16.08 -3.08 -12.98
C SER A 129 -16.16 -1.54 -12.86
N ALA A 130 -16.92 -1.08 -11.84
CA ALA A 130 -17.06 0.34 -11.48
C ALA A 130 -15.71 0.94 -10.98
N VAL A 131 -14.76 0.08 -10.61
CA VAL A 131 -13.37 0.46 -10.24
C VAL A 131 -12.46 0.59 -11.50
N LEU A 132 -12.49 -0.42 -12.38
CA LEU A 132 -11.62 -0.46 -13.59
C LEU A 132 -11.96 0.67 -14.58
N GLN A 133 -13.27 1.00 -14.72
CA GLN A 133 -13.75 2.11 -15.58
C GLN A 133 -13.23 3.48 -15.05
N ARG A 134 -13.10 3.61 -13.70
CA ARG A 134 -12.50 4.82 -13.08
C ARG A 134 -11.09 5.04 -13.62
N GLY A 135 -10.26 4.00 -13.55
CA GLY A 135 -8.87 4.07 -14.02
C GLY A 135 -8.74 4.46 -15.51
N ILE A 136 -9.62 3.91 -16.34
CA ILE A 136 -9.67 4.23 -17.80
C ILE A 136 -9.96 5.75 -18.04
N GLN A 137 -11.06 6.27 -17.45
CA GLN A 137 -11.47 7.70 -17.62
C GLN A 137 -10.51 8.68 -16.87
N ASN A 138 -9.84 8.16 -15.81
CA ASN A 138 -8.82 8.92 -15.05
C ASN A 138 -7.46 8.96 -15.79
N GLN A 139 -7.32 8.10 -16.83
CA GLN A 139 -6.08 7.96 -17.65
C GLN A 139 -4.93 7.30 -16.86
N ALA A 140 -5.29 6.43 -15.91
CA ALA A 140 -4.33 5.68 -15.07
C ALA A 140 -3.49 4.66 -15.87
N GLU A 141 -2.15 4.71 -15.71
CA GLU A 141 -1.20 3.92 -16.51
C GLU A 141 -0.62 2.71 -15.70
N PRO A 142 -0.38 1.49 -16.36
CA PRO A 142 -0.65 1.22 -17.81
C PRO A 142 -2.17 1.24 -18.19
N ARG A 143 -2.50 2.14 -19.14
CA ARG A 143 -3.87 2.54 -19.48
C ARG A 143 -4.62 1.47 -20.31
N GLU A 144 -4.01 1.06 -21.45
CA GLU A 144 -4.59 0.01 -22.33
C GLU A 144 -4.63 -1.37 -21.61
N PHE A 145 -3.74 -1.54 -20.61
CA PHE A 145 -3.78 -2.69 -19.70
C PHE A 145 -5.07 -2.67 -18.86
N LEU A 146 -5.44 -1.48 -18.33
CA LEU A 146 -6.70 -1.28 -17.56
C LEU A 146 -7.93 -1.60 -18.43
N GLN A 147 -7.87 -1.21 -19.71
CA GLN A 147 -8.94 -1.44 -20.69
C GLN A 147 -9.08 -2.94 -21.07
N GLN A 148 -7.93 -3.63 -21.29
CA GLN A 148 -7.92 -5.07 -21.64
C GLN A 148 -8.38 -5.93 -20.43
N GLN A 149 -7.99 -5.52 -19.20
CA GLN A 149 -8.45 -6.17 -17.96
C GLN A 149 -9.95 -5.92 -17.74
N TYR A 150 -10.41 -4.71 -18.12
CA TYR A 150 -11.83 -4.31 -18.05
C TYR A 150 -12.72 -5.25 -18.90
N ARG A 151 -12.39 -5.40 -20.21
CA ARG A 151 -13.20 -6.21 -21.14
C ARG A 151 -13.18 -7.72 -20.79
N LEU A 152 -12.02 -8.25 -20.34
CA LEU A 152 -11.88 -9.64 -19.86
C LEU A 152 -12.70 -9.83 -18.57
N PHE A 153 -12.72 -8.79 -17.74
CA PHE A 153 -13.56 -8.75 -16.52
C PHE A 153 -15.07 -8.76 -16.88
N GLN A 154 -15.46 -8.05 -17.97
CA GLN A 154 -16.87 -7.94 -18.42
C GLN A 154 -17.39 -9.29 -18.93
N THR A 155 -16.52 -10.06 -19.63
CA THR A 155 -16.90 -11.40 -20.13
C THR A 155 -17.11 -12.38 -18.95
N ARG A 156 -16.42 -12.15 -17.81
CA ARG A 156 -16.57 -12.97 -16.59
C ARG A 156 -17.93 -12.72 -15.91
N LEU A 157 -18.23 -11.44 -15.61
CA LEU A 157 -19.46 -11.05 -14.87
C LEU A 157 -20.76 -11.30 -15.67
N THR A 158 -20.69 -11.26 -17.02
CA THR A 158 -21.84 -11.62 -17.88
C THR A 158 -22.06 -13.17 -17.95
N GLU A 159 -20.98 -13.95 -17.77
CA GLU A 159 -21.05 -15.44 -17.78
C GLU A 159 -21.29 -16.05 -16.38
N THR A 160 -21.17 -15.23 -15.30
CA THR A 160 -21.53 -15.65 -13.91
C THR A 160 -23.07 -15.59 -13.68
N MET A 1 16.88 14.45 26.10
CA MET A 1 17.99 13.98 26.98
C MET A 1 17.54 12.74 27.81
N GLY A 2 18.51 12.13 28.52
CA GLY A 2 18.24 11.00 29.43
C GLY A 2 17.98 9.67 28.73
N HIS A 3 19.03 9.14 28.04
CA HIS A 3 18.97 7.83 27.34
C HIS A 3 19.96 6.84 28.01
N HIS A 4 19.42 5.91 28.81
CA HIS A 4 20.21 4.86 29.49
C HIS A 4 20.27 3.59 28.61
N HIS A 5 21.40 3.41 27.90
CA HIS A 5 21.59 2.30 26.94
C HIS A 5 21.94 0.97 27.65
N HIS A 6 21.31 -0.11 27.18
CA HIS A 6 21.49 -1.48 27.72
C HIS A 6 21.59 -2.49 26.55
N HIS A 7 22.43 -3.54 26.69
CA HIS A 7 22.50 -4.63 25.69
C HIS A 7 21.25 -5.56 25.81
N HIS A 8 20.23 -5.27 24.99
CA HIS A 8 18.92 -5.94 25.03
C HIS A 8 18.66 -6.74 23.73
N SER A 9 19.01 -8.03 23.74
CA SER A 9 18.85 -8.93 22.57
C SER A 9 17.43 -9.54 22.54
N HIS A 10 16.52 -8.91 21.76
CA HIS A 10 15.08 -9.27 21.75
C HIS A 10 14.33 -8.61 20.57
N MET A 11 13.23 -9.25 20.11
CA MET A 11 12.29 -8.63 19.15
C MET A 11 11.27 -7.74 19.90
N ASP A 12 11.58 -6.44 20.00
CA ASP A 12 10.74 -5.45 20.70
C ASP A 12 9.65 -4.89 19.78
N THR A 13 8.55 -4.44 20.42
CA THR A 13 7.32 -3.98 19.74
C THR A 13 7.59 -3.02 18.54
N PRO A 14 6.86 -3.19 17.39
CA PRO A 14 7.02 -2.34 16.19
C PRO A 14 6.79 -0.83 16.44
N GLU A 15 6.13 -0.51 17.57
CA GLU A 15 6.09 0.86 18.12
C GLU A 15 7.50 1.49 18.21
N ASN A 16 8.43 0.80 18.92
CA ASN A 16 9.85 1.22 19.07
C ASN A 16 10.56 1.32 17.71
N VAL A 17 10.44 0.24 16.91
CA VAL A 17 11.05 0.11 15.55
C VAL A 17 10.71 1.33 14.65
N LEU A 18 9.42 1.69 14.66
CA LEU A 18 8.88 2.83 13.89
C LEU A 18 9.38 4.18 14.48
N GLN A 19 9.30 4.36 15.81
CA GLN A 19 9.77 5.60 16.50
C GLN A 19 11.26 5.89 16.21
N MET A 20 12.05 4.85 15.90
CA MET A 20 13.47 5.00 15.55
C MET A 20 13.66 5.83 14.24
N LEU A 21 12.90 5.50 13.16
CA LEU A 21 12.96 6.31 11.90
C LEU A 21 12.29 7.68 12.10
N GLU A 22 11.25 7.73 12.99
CA GLU A 22 10.49 8.96 13.30
C GLU A 22 11.36 9.99 14.03
N ALA A 23 12.36 9.50 14.80
CA ALA A 23 13.37 10.35 15.46
C ALA A 23 14.17 11.20 14.45
N HIS A 24 14.41 10.61 13.26
CA HIS A 24 15.03 11.31 12.12
C HIS A 24 13.98 12.16 11.38
N MET A 25 12.75 11.61 11.25
CA MET A 25 11.65 12.22 10.47
C MET A 25 11.20 13.59 11.05
N GLN A 26 11.43 13.79 12.37
CA GLN A 26 11.28 15.12 13.04
C GLN A 26 11.96 16.27 12.22
N SER A 27 13.17 15.99 11.69
CA SER A 27 13.98 16.97 10.92
C SER A 27 14.31 16.49 9.48
N TYR A 28 13.71 15.37 9.03
CA TYR A 28 13.97 14.80 7.68
C TYR A 28 12.94 15.37 6.68
N LYS A 29 13.21 16.57 6.17
CA LYS A 29 12.23 17.37 5.39
C LYS A 29 12.22 16.98 3.88
N GLY A 30 13.42 16.69 3.33
CA GLY A 30 13.56 16.27 1.92
C GLY A 30 14.32 14.96 1.76
N ASN A 31 15.13 14.86 0.68
CA ASN A 31 15.98 13.67 0.36
C ASN A 31 15.14 12.39 0.12
N ASP A 32 13.89 12.58 -0.37
CA ASP A 32 12.90 11.50 -0.62
C ASP A 32 12.64 10.64 0.67
N PRO A 33 11.76 11.12 1.60
CA PRO A 33 11.46 10.42 2.88
C PRO A 33 10.91 8.98 2.70
N LEU A 34 10.29 8.67 1.53
CA LEU A 34 9.80 7.30 1.24
C LEU A 34 10.97 6.29 1.24
N GLY A 35 12.09 6.68 0.58
CA GLY A 35 13.32 5.87 0.54
C GLY A 35 13.89 5.57 1.93
N GLU A 36 13.72 6.53 2.87
CA GLU A 36 14.12 6.38 4.29
C GLU A 36 13.29 5.27 4.99
N TRP A 37 11.97 5.28 4.73
CA TRP A 37 11.04 4.23 5.19
C TRP A 37 11.35 2.85 4.54
N GLU A 38 11.70 2.85 3.23
CA GLU A 38 11.96 1.62 2.45
C GLU A 38 13.09 0.78 3.06
N ARG A 39 14.08 1.48 3.66
CA ARG A 39 15.19 0.83 4.40
C ARG A 39 14.67 0.04 5.62
N TYR A 40 13.60 0.55 6.26
CA TYR A 40 12.92 -0.13 7.39
C TYR A 40 11.95 -1.22 6.94
N ILE A 41 11.29 -1.05 5.77
CA ILE A 41 10.37 -2.08 5.21
C ILE A 41 11.17 -3.36 4.85
N GLN A 42 12.32 -3.22 4.17
CA GLN A 42 13.21 -4.38 3.89
C GLN A 42 13.85 -4.93 5.20
N TRP A 43 14.16 -4.01 6.14
CA TRP A 43 14.80 -4.38 7.42
C TRP A 43 13.87 -5.26 8.29
N VAL A 44 12.59 -4.88 8.37
CA VAL A 44 11.57 -5.65 9.13
C VAL A 44 11.21 -6.97 8.39
N GLU A 45 11.44 -7.02 7.08
CA GLU A 45 11.24 -8.25 6.27
C GLU A 45 12.41 -9.25 6.40
N GLU A 46 13.64 -8.76 6.64
CA GLU A 46 14.83 -9.63 6.83
C GLU A 46 15.02 -10.03 8.32
N ASN A 47 14.60 -9.14 9.26
CA ASN A 47 14.69 -9.38 10.72
C ASN A 47 13.41 -10.06 11.27
N PHE A 48 12.23 -9.65 10.78
CA PHE A 48 10.91 -10.12 11.33
C PHE A 48 9.92 -10.62 10.20
N PRO A 49 10.34 -11.56 9.28
CA PRO A 49 9.46 -12.03 8.18
C PRO A 49 8.23 -12.82 8.70
N GLU A 50 8.43 -13.64 9.76
CA GLU A 50 7.38 -14.46 10.37
C GLU A 50 6.38 -13.59 11.18
N ASN A 51 6.89 -12.50 11.79
CA ASN A 51 6.08 -11.54 12.57
C ASN A 51 5.69 -10.31 11.71
N LYS A 52 4.65 -10.48 10.87
CA LYS A 52 4.15 -9.42 9.96
C LYS A 52 3.54 -8.22 10.70
N GLU A 53 3.01 -8.44 11.93
CA GLU A 53 2.48 -7.37 12.82
C GLU A 53 3.47 -6.17 12.94
N TYR A 54 4.77 -6.48 12.83
CA TYR A 54 5.83 -5.46 12.79
C TYR A 54 5.77 -4.63 11.48
N LEU A 55 5.89 -5.34 10.34
CA LEU A 55 5.85 -4.74 8.98
C LEU A 55 4.59 -3.85 8.76
N ILE A 56 3.44 -4.38 9.16
CA ILE A 56 2.12 -3.72 9.02
C ILE A 56 2.07 -2.35 9.74
N THR A 57 2.69 -2.27 10.94
CA THR A 57 2.82 -1.00 11.70
C THR A 57 3.53 0.11 10.88
N LEU A 58 4.59 -0.29 10.17
CA LEU A 58 5.34 0.62 9.27
C LEU A 58 4.45 1.05 8.06
N LEU A 59 3.73 0.08 7.48
CA LEU A 59 2.89 0.30 6.27
C LEU A 59 1.67 1.22 6.53
N GLU A 60 0.94 0.96 7.63
CA GLU A 60 -0.25 1.75 8.01
C GLU A 60 0.12 3.20 8.36
N HIS A 61 1.24 3.40 9.10
CA HIS A 61 1.71 4.75 9.45
C HIS A 61 2.42 5.43 8.26
N LEU A 62 2.87 4.63 7.27
CA LEU A 62 3.46 5.14 6.01
C LEU A 62 2.42 5.95 5.21
N MET A 63 1.21 5.38 5.05
CA MET A 63 0.11 6.05 4.30
C MET A 63 -0.52 7.21 5.09
N LYS A 64 -0.42 7.20 6.44
CA LYS A 64 -0.88 8.35 7.28
C LYS A 64 0.16 9.50 7.29
N GLU A 65 1.44 9.13 7.24
CA GLU A 65 2.57 10.09 7.21
C GLU A 65 2.60 10.83 5.85
N PHE A 66 2.48 10.02 4.77
CA PHE A 66 2.52 10.51 3.38
C PHE A 66 1.12 10.83 2.82
N LEU A 67 0.10 10.79 3.70
CA LEU A 67 -1.27 11.21 3.39
C LEU A 67 -1.33 12.69 2.95
N ASP A 68 -0.63 13.58 3.66
CA ASP A 68 -0.57 15.01 3.32
C ASP A 68 0.49 15.30 2.20
N LYS A 69 1.39 14.32 1.98
CA LYS A 69 2.43 14.41 0.93
C LYS A 69 1.82 14.08 -0.45
N LYS A 70 1.24 15.09 -1.10
CA LYS A 70 0.43 14.91 -2.33
C LYS A 70 1.27 14.46 -3.55
N LYS A 71 2.59 14.73 -3.51
CA LYS A 71 3.53 14.28 -4.57
C LYS A 71 3.74 12.73 -4.58
N TYR A 72 3.37 12.07 -3.47
CA TYR A 72 3.46 10.59 -3.33
C TYR A 72 2.13 9.86 -3.62
N HIS A 73 1.05 10.62 -3.85
CA HIS A 73 -0.30 10.02 -4.06
C HIS A 73 -0.38 9.13 -5.31
N ASN A 74 0.47 9.35 -6.31
CA ASN A 74 0.53 8.51 -7.53
C ASN A 74 1.94 7.93 -7.72
N ASP A 75 2.68 7.80 -6.61
CA ASP A 75 4.02 7.20 -6.58
C ASP A 75 3.91 5.65 -6.64
N PRO A 76 4.48 4.97 -7.68
CA PRO A 76 4.32 3.49 -7.86
C PRO A 76 4.87 2.66 -6.67
N ARG A 77 5.95 3.16 -6.02
CA ARG A 77 6.56 2.53 -4.82
C ARG A 77 5.57 2.60 -3.63
N PHE A 78 5.12 3.85 -3.32
CA PHE A 78 4.17 4.12 -2.21
C PHE A 78 2.85 3.30 -2.36
N ILE A 79 2.26 3.29 -3.58
CA ILE A 79 1.06 2.49 -3.91
C ILE A 79 1.35 0.98 -3.76
N SER A 80 2.55 0.53 -4.19
CA SER A 80 3.00 -0.88 -4.05
C SER A 80 3.05 -1.31 -2.57
N TYR A 81 3.39 -0.37 -1.67
CA TYR A 81 3.40 -0.60 -0.20
C TYR A 81 1.98 -0.62 0.40
N CYS A 82 1.04 0.11 -0.24
CA CYS A 82 -0.39 0.04 0.10
C CYS A 82 -1.00 -1.33 -0.33
N LEU A 83 -0.57 -1.85 -1.50
CA LEU A 83 -0.95 -3.20 -2.00
C LEU A 83 -0.39 -4.30 -1.07
N LYS A 84 0.89 -4.12 -0.70
CA LYS A 84 1.61 -4.93 0.29
C LYS A 84 0.85 -4.97 1.65
N PHE A 85 0.36 -3.80 2.10
CA PHE A 85 -0.45 -3.69 3.33
C PHE A 85 -1.83 -4.36 3.17
N ALA A 86 -2.40 -4.24 1.96
CA ALA A 86 -3.74 -4.73 1.62
C ALA A 86 -3.88 -6.27 1.75
N GLU A 87 -2.83 -6.98 1.33
CA GLU A 87 -2.85 -8.47 1.32
C GLU A 87 -2.70 -9.10 2.74
N TYR A 88 -2.62 -8.26 3.78
CA TYR A 88 -2.65 -8.70 5.20
C TYR A 88 -4.01 -8.39 5.87
N ASN A 89 -4.94 -7.78 5.11
CA ASN A 89 -6.21 -7.22 5.65
C ASN A 89 -7.45 -7.66 4.82
N SER A 90 -8.63 -7.69 5.47
CA SER A 90 -9.92 -8.03 4.82
C SER A 90 -10.85 -6.80 4.70
N ASP A 91 -10.38 -5.60 5.11
CA ASP A 91 -11.19 -4.35 5.03
C ASP A 91 -10.86 -3.55 3.74
N LEU A 92 -10.56 -4.28 2.65
CA LEU A 92 -10.00 -3.70 1.41
C LEU A 92 -11.03 -2.89 0.59
N HIS A 93 -12.31 -3.27 0.67
CA HIS A 93 -13.41 -2.52 0.04
C HIS A 93 -13.53 -1.09 0.64
N GLN A 94 -13.08 -0.94 1.90
CA GLN A 94 -12.96 0.37 2.59
C GLN A 94 -11.58 1.02 2.32
N PHE A 95 -10.53 0.18 2.28
CA PHE A 95 -9.13 0.61 2.12
C PHE A 95 -8.85 1.25 0.75
N PHE A 96 -9.00 0.47 -0.33
CA PHE A 96 -8.79 0.95 -1.72
C PHE A 96 -9.76 2.10 -2.09
N GLU A 97 -10.93 2.12 -1.45
CA GLU A 97 -11.89 3.24 -1.53
C GLU A 97 -11.29 4.53 -0.93
N PHE A 98 -10.75 4.41 0.30
CA PHE A 98 -10.05 5.50 1.03
C PHE A 98 -8.88 6.05 0.19
N LEU A 99 -8.09 5.13 -0.40
CA LEU A 99 -6.97 5.47 -1.29
C LEU A 99 -7.46 6.33 -2.47
N TYR A 100 -8.38 5.78 -3.28
CA TYR A 100 -8.91 6.44 -4.49
C TYR A 100 -9.52 7.83 -4.17
N ASN A 101 -10.35 7.90 -3.12
CA ASN A 101 -11.04 9.14 -2.70
C ASN A 101 -10.04 10.21 -2.18
N HIS A 102 -8.89 9.76 -1.63
CA HIS A 102 -7.83 10.70 -1.19
C HIS A 102 -6.82 11.04 -2.35
N GLY A 103 -6.95 10.38 -3.50
CA GLY A 103 -6.06 10.61 -4.66
C GLY A 103 -4.92 9.60 -4.77
N ILE A 104 -4.84 8.66 -3.80
CA ILE A 104 -3.83 7.59 -3.79
C ILE A 104 -4.16 6.53 -4.88
N GLY A 105 -3.26 6.36 -5.86
CA GLY A 105 -3.39 5.34 -6.90
C GLY A 105 -4.24 5.72 -8.10
N THR A 106 -4.65 7.01 -8.20
CA THR A 106 -5.51 7.48 -9.31
C THR A 106 -4.81 7.44 -10.70
N LEU A 107 -3.47 7.62 -10.69
CA LEU A 107 -2.62 7.42 -11.89
C LEU A 107 -1.83 6.09 -11.82
N SER A 108 -2.27 5.18 -10.95
CA SER A 108 -1.68 3.84 -10.78
C SER A 108 -2.72 2.74 -11.05
N SER A 109 -2.62 2.06 -12.21
CA SER A 109 -3.42 0.85 -12.56
C SER A 109 -3.40 -0.24 -11.43
N PRO A 110 -2.20 -0.60 -10.81
CA PRO A 110 -2.10 -1.53 -9.63
C PRO A 110 -3.20 -1.33 -8.53
N LEU A 111 -3.64 -0.08 -8.30
CA LEU A 111 -4.76 0.22 -7.35
C LEU A 111 -6.05 -0.49 -7.79
N TYR A 112 -6.50 -0.19 -9.02
CA TYR A 112 -7.78 -0.63 -9.58
C TYR A 112 -7.82 -2.15 -9.83
N ILE A 113 -6.69 -2.69 -10.33
CA ILE A 113 -6.52 -4.14 -10.58
C ILE A 113 -6.68 -4.95 -9.27
N ALA A 114 -5.99 -4.51 -8.20
CA ALA A 114 -6.03 -5.17 -6.87
C ALA A 114 -7.39 -4.99 -6.16
N TRP A 115 -7.98 -3.79 -6.32
CA TRP A 115 -9.31 -3.45 -5.75
C TRP A 115 -10.42 -4.32 -6.40
N ALA A 116 -10.54 -4.24 -7.73
CA ALA A 116 -11.52 -4.99 -8.53
C ALA A 116 -11.32 -6.51 -8.43
N GLY A 117 -10.05 -6.95 -8.36
CA GLY A 117 -9.71 -8.36 -8.17
C GLY A 117 -10.20 -8.91 -6.82
N HIS A 118 -10.05 -8.10 -5.76
CA HIS A 118 -10.56 -8.44 -4.42
C HIS A 118 -12.12 -8.48 -4.40
N LEU A 119 -12.77 -7.47 -4.99
CA LEU A 119 -14.25 -7.38 -5.06
C LEU A 119 -14.85 -8.58 -5.83
N GLU A 120 -14.16 -8.99 -6.91
CA GLU A 120 -14.50 -10.23 -7.66
C GLU A 120 -14.55 -11.46 -6.73
N ALA A 121 -13.53 -11.59 -5.87
CA ALA A 121 -13.41 -12.69 -4.89
C ALA A 121 -14.52 -12.62 -3.79
N GLN A 122 -15.12 -11.42 -3.62
CA GLN A 122 -16.28 -11.20 -2.74
C GLN A 122 -17.62 -11.49 -3.47
N GLY A 123 -17.63 -11.33 -4.81
CA GLY A 123 -18.85 -11.51 -5.64
C GLY A 123 -19.42 -10.19 -6.17
N GLU A 124 -18.65 -9.12 -5.96
CA GLU A 124 -19.00 -7.73 -6.32
C GLU A 124 -18.42 -7.33 -7.70
N LEU A 125 -18.59 -8.20 -8.72
CA LEU A 125 -18.05 -7.96 -10.09
C LEU A 125 -18.66 -6.72 -10.78
N GLN A 126 -19.88 -6.31 -10.38
CA GLN A 126 -20.52 -5.10 -10.96
C GLN A 126 -19.84 -3.82 -10.43
N HIS A 127 -19.59 -3.78 -9.11
CA HIS A 127 -18.86 -2.65 -8.48
C HIS A 127 -17.37 -2.64 -8.92
N ALA A 128 -16.80 -3.84 -9.07
CA ALA A 128 -15.41 -4.07 -9.51
C ALA A 128 -15.17 -3.65 -10.99
N SER A 129 -16.19 -3.87 -11.84
CA SER A 129 -16.22 -3.33 -13.23
C SER A 129 -16.18 -1.79 -13.20
N ALA A 130 -17.01 -1.23 -12.30
CA ALA A 130 -17.10 0.22 -12.04
C ALA A 130 -15.78 0.77 -11.44
N VAL A 131 -14.91 -0.11 -10.92
CA VAL A 131 -13.55 0.23 -10.44
C VAL A 131 -12.52 0.29 -11.61
N LEU A 132 -12.48 -0.76 -12.44
CA LEU A 132 -11.52 -0.84 -13.58
C LEU A 132 -11.76 0.29 -14.61
N GLN A 133 -13.04 0.70 -14.79
CA GLN A 133 -13.40 1.82 -15.68
C GLN A 133 -12.83 3.18 -15.16
N ARG A 134 -12.70 3.31 -13.81
CA ARG A 134 -12.14 4.52 -13.16
C ARG A 134 -10.71 4.78 -13.65
N GLY A 135 -9.86 3.74 -13.64
CA GLY A 135 -8.48 3.84 -14.11
C GLY A 135 -8.37 4.24 -15.59
N ILE A 136 -9.25 3.67 -16.41
CA ILE A 136 -9.32 3.94 -17.85
C ILE A 136 -9.63 5.43 -18.14
N GLN A 137 -10.69 5.96 -17.51
CA GLN A 137 -11.11 7.38 -17.69
C GLN A 137 -10.13 8.38 -17.00
N ASN A 138 -9.41 7.92 -15.94
CA ASN A 138 -8.40 8.75 -15.22
C ASN A 138 -7.00 8.65 -15.89
N GLN A 139 -6.86 7.78 -16.93
CA GLN A 139 -5.60 7.62 -17.70
C GLN A 139 -4.44 7.09 -16.81
N ALA A 140 -4.75 6.08 -15.98
CA ALA A 140 -3.78 5.50 -15.01
C ALA A 140 -2.85 4.47 -15.68
N GLU A 141 -1.52 4.57 -15.41
CA GLU A 141 -0.50 3.69 -16.05
C GLU A 141 -0.31 2.35 -15.26
N PRO A 142 -0.15 1.17 -15.96
CA PRO A 142 -0.33 1.01 -17.43
C PRO A 142 -1.84 1.00 -17.88
N ARG A 143 -2.18 1.88 -18.86
CA ARG A 143 -3.57 2.12 -19.36
C ARG A 143 -4.14 0.90 -20.13
N GLU A 144 -3.36 0.41 -21.12
CA GLU A 144 -3.77 -0.76 -21.96
C GLU A 144 -3.96 -2.04 -21.11
N PHE A 145 -3.19 -2.14 -20.02
CA PHE A 145 -3.35 -3.23 -19.02
C PHE A 145 -4.72 -3.13 -18.29
N LEU A 146 -5.15 -1.89 -17.99
CA LEU A 146 -6.48 -1.62 -17.38
C LEU A 146 -7.61 -2.05 -18.34
N GLN A 147 -7.49 -1.68 -19.62
CA GLN A 147 -8.51 -1.93 -20.64
C GLN A 147 -8.60 -3.43 -21.03
N GLN A 148 -7.44 -4.13 -21.09
CA GLN A 148 -7.41 -5.58 -21.37
C GLN A 148 -8.02 -6.36 -20.17
N GLN A 149 -7.66 -5.96 -18.93
CA GLN A 149 -8.22 -6.59 -17.71
C GLN A 149 -9.70 -6.22 -17.54
N TYR A 150 -10.11 -5.06 -18.06
CA TYR A 150 -11.52 -4.63 -18.06
C TYR A 150 -12.35 -5.58 -18.93
N ARG A 151 -12.00 -5.72 -20.24
CA ARG A 151 -12.77 -6.57 -21.19
C ARG A 151 -12.77 -8.07 -20.80
N LEU A 152 -11.63 -8.56 -20.24
CA LEU A 152 -11.53 -9.95 -19.73
C LEU A 152 -12.41 -10.13 -18.47
N PHE A 153 -12.50 -9.06 -17.66
CA PHE A 153 -13.40 -9.02 -16.49
C PHE A 153 -14.91 -8.96 -16.92
N GLN A 154 -15.20 -8.30 -18.07
CA GLN A 154 -16.58 -8.14 -18.58
C GLN A 154 -17.12 -9.45 -19.15
N THR A 155 -16.24 -10.22 -19.82
CA THR A 155 -16.61 -11.55 -20.37
C THR A 155 -16.91 -12.54 -19.22
N ARG A 156 -16.30 -12.32 -18.03
CA ARG A 156 -16.60 -13.09 -16.80
C ARG A 156 -18.02 -12.76 -16.26
N LEU A 157 -18.27 -11.48 -15.93
CA LEU A 157 -19.52 -11.05 -15.24
C LEU A 157 -20.79 -11.14 -16.13
N THR A 158 -20.62 -11.04 -17.46
CA THR A 158 -21.77 -11.17 -18.42
C THR A 158 -22.27 -12.63 -18.50
N GLU A 159 -21.36 -13.60 -18.30
CA GLU A 159 -21.70 -15.04 -18.27
C GLU A 159 -22.36 -15.42 -16.92
N THR A 160 -21.94 -14.70 -15.84
CA THR A 160 -22.50 -14.81 -14.44
C THR A 160 -22.85 -16.29 -13.98
N MET A 1 23.24 8.52 32.13
CA MET A 1 23.20 8.58 30.65
C MET A 1 24.33 7.73 30.02
N GLY A 2 25.49 7.70 30.71
CA GLY A 2 26.68 6.95 30.24
C GLY A 2 26.54 5.43 30.32
N HIS A 3 25.60 4.94 31.14
CA HIS A 3 25.30 3.49 31.23
C HIS A 3 24.39 3.05 30.06
N HIS A 4 25.01 2.63 28.95
CA HIS A 4 24.30 2.15 27.75
C HIS A 4 23.96 0.64 27.90
N HIS A 5 22.74 0.34 28.41
CA HIS A 5 22.29 -1.04 28.71
C HIS A 5 22.11 -1.90 27.43
N HIS A 6 21.74 -1.23 26.33
CA HIS A 6 21.44 -1.88 25.04
C HIS A 6 22.73 -2.44 24.36
N HIS A 7 22.99 -3.74 24.57
CA HIS A 7 24.09 -4.48 23.90
C HIS A 7 23.60 -5.84 23.33
N HIS A 8 22.39 -6.27 23.72
CA HIS A 8 21.77 -7.52 23.25
C HIS A 8 20.66 -7.24 22.21
N SER A 9 20.54 -8.12 21.20
CA SER A 9 19.42 -8.10 20.23
C SER A 9 18.22 -8.91 20.77
N HIS A 10 17.01 -8.34 20.72
CA HIS A 10 15.78 -8.98 21.23
C HIS A 10 14.51 -8.50 20.48
N MET A 11 13.34 -8.93 20.96
CA MET A 11 12.04 -8.51 20.40
C MET A 11 11.59 -7.16 21.01
N ASP A 12 12.15 -6.06 20.47
CA ASP A 12 11.73 -4.68 20.82
C ASP A 12 10.33 -4.38 20.26
N THR A 13 9.63 -3.39 20.83
CA THR A 13 8.29 -2.99 20.33
C THR A 13 8.38 -2.38 18.90
N PRO A 14 7.46 -2.82 17.96
CA PRO A 14 7.35 -2.27 16.58
C PRO A 14 7.31 -0.71 16.53
N GLU A 15 6.72 -0.12 17.60
CA GLU A 15 6.62 1.33 17.78
C GLU A 15 8.02 2.00 17.79
N ASN A 16 8.92 1.56 18.70
CA ASN A 16 10.31 2.12 18.80
C ASN A 16 11.12 1.88 17.51
N VAL A 17 10.96 0.69 16.90
CA VAL A 17 11.59 0.35 15.59
C VAL A 17 11.26 1.43 14.53
N LEU A 18 9.98 1.78 14.43
CA LEU A 18 9.48 2.86 13.56
C LEU A 18 9.97 4.27 14.05
N GLN A 19 9.95 4.52 15.38
CA GLN A 19 10.39 5.81 15.99
C GLN A 19 11.87 6.14 15.65
N MET A 20 12.67 5.09 15.34
CA MET A 20 14.08 5.26 14.89
C MET A 20 14.16 6.16 13.63
N LEU A 21 13.28 5.94 12.62
CA LEU A 21 13.23 6.83 11.42
C LEU A 21 12.46 8.14 11.72
N GLU A 22 11.41 8.06 12.56
CA GLU A 22 10.51 9.21 12.87
C GLU A 22 11.28 10.39 13.50
N ALA A 23 12.30 10.08 14.33
CA ALA A 23 13.21 11.10 14.90
C ALA A 23 13.86 11.99 13.81
N HIS A 24 14.24 11.34 12.68
CA HIS A 24 14.82 12.03 11.52
C HIS A 24 13.75 12.85 10.76
N MET A 25 12.56 12.23 10.55
CA MET A 25 11.40 12.89 9.90
C MET A 25 10.99 14.23 10.57
N GLN A 26 11.13 14.31 11.91
CA GLN A 26 10.88 15.58 12.66
C GLN A 26 11.69 16.79 12.12
N SER A 27 12.88 16.53 11.54
CA SER A 27 13.79 17.58 11.03
C SER A 27 14.21 17.34 9.56
N TYR A 28 13.59 16.34 8.87
CA TYR A 28 13.98 15.98 7.48
C TYR A 28 13.03 16.62 6.44
N LYS A 29 13.52 17.71 5.80
CA LYS A 29 12.88 18.32 4.61
C LYS A 29 13.97 18.66 3.57
N GLY A 30 14.24 17.72 2.65
CA GLY A 30 15.29 17.91 1.64
C GLY A 30 15.13 17.02 0.40
N ASN A 31 15.54 15.74 0.50
CA ASN A 31 15.58 14.83 -0.68
C ASN A 31 14.34 13.91 -0.73
N ASP A 32 14.38 12.77 -0.02
CA ASP A 32 13.31 11.75 -0.09
C ASP A 32 13.24 10.92 1.23
N PRO A 33 12.16 11.10 2.06
CA PRO A 33 11.97 10.33 3.30
C PRO A 33 11.43 8.89 3.07
N LEU A 34 10.79 8.65 1.89
CA LEU A 34 10.17 7.35 1.56
C LEU A 34 11.21 6.21 1.49
N GLY A 35 12.42 6.53 0.98
CA GLY A 35 13.52 5.56 0.92
C GLY A 35 13.94 5.04 2.30
N GLU A 36 13.90 5.94 3.29
CA GLU A 36 14.16 5.60 4.71
C GLU A 36 13.12 4.59 5.24
N TRP A 37 11.84 4.81 4.90
CA TRP A 37 10.75 3.87 5.22
C TRP A 37 10.99 2.49 4.58
N GLU A 38 11.31 2.48 3.27
CA GLU A 38 11.54 1.24 2.49
C GLU A 38 12.64 0.36 3.12
N ARG A 39 13.67 1.02 3.70
CA ARG A 39 14.75 0.34 4.45
C ARG A 39 14.20 -0.47 5.63
N TYR A 40 13.18 0.07 6.32
CA TYR A 40 12.55 -0.59 7.49
C TYR A 40 11.52 -1.67 7.06
N ILE A 41 10.80 -1.44 5.94
CA ILE A 41 9.87 -2.45 5.36
C ILE A 41 10.63 -3.75 4.97
N GLN A 42 11.76 -3.61 4.23
CA GLN A 42 12.61 -4.77 3.88
C GLN A 42 13.32 -5.34 5.13
N TRP A 43 13.67 -4.45 6.08
CA TRP A 43 14.43 -4.81 7.30
C TRP A 43 13.64 -5.81 8.19
N VAL A 44 12.34 -5.56 8.39
CA VAL A 44 11.46 -6.52 9.09
C VAL A 44 11.28 -7.81 8.25
N GLU A 45 11.14 -7.69 6.92
CA GLU A 45 10.92 -8.86 6.05
C GLU A 45 12.16 -9.80 6.00
N GLU A 46 13.36 -9.27 6.30
CA GLU A 46 14.61 -10.09 6.39
C GLU A 46 14.94 -10.52 7.87
N ASN A 47 14.86 -9.57 8.83
CA ASN A 47 15.24 -9.81 10.26
C ASN A 47 14.11 -10.50 11.07
N PHE A 48 12.86 -10.08 10.84
CA PHE A 48 11.66 -10.60 11.58
C PHE A 48 10.55 -11.06 10.57
N PRO A 49 10.83 -12.05 9.64
CA PRO A 49 9.89 -12.40 8.54
C PRO A 49 8.55 -13.01 9.04
N GLU A 50 8.61 -13.73 10.16
CA GLU A 50 7.44 -14.37 10.79
C GLU A 50 6.72 -13.39 11.77
N ASN A 51 7.33 -12.22 12.01
CA ASN A 51 6.74 -11.14 12.83
C ASN A 51 6.22 -9.98 11.94
N LYS A 52 4.99 -10.12 11.41
CA LYS A 52 4.29 -9.06 10.64
C LYS A 52 3.84 -7.89 11.55
N GLU A 53 3.90 -8.10 12.88
CA GLU A 53 3.64 -7.06 13.90
C GLU A 53 4.47 -5.78 13.67
N TYR A 54 5.77 -5.93 13.27
CA TYR A 54 6.64 -4.79 12.94
C TYR A 54 6.24 -4.18 11.57
N LEU A 55 6.14 -5.05 10.53
CA LEU A 55 5.86 -4.64 9.13
C LEU A 55 4.59 -3.77 9.00
N ILE A 56 3.46 -4.30 9.49
CA ILE A 56 2.15 -3.62 9.42
C ILE A 56 2.20 -2.23 10.08
N THR A 57 2.89 -2.11 11.23
CA THR A 57 3.13 -0.82 11.94
C THR A 57 3.78 0.23 11.00
N LEU A 58 4.78 -0.21 10.24
CA LEU A 58 5.48 0.63 9.24
C LEU A 58 4.56 1.00 8.05
N LEU A 59 3.68 0.06 7.65
CA LEU A 59 2.79 0.22 6.45
C LEU A 59 1.59 1.19 6.71
N GLU A 60 0.88 0.98 7.84
CA GLU A 60 -0.24 1.85 8.25
C GLU A 60 0.23 3.31 8.46
N HIS A 61 1.36 3.48 9.17
CA HIS A 61 1.96 4.81 9.42
C HIS A 61 2.56 5.43 8.14
N LEU A 62 2.91 4.58 7.16
CA LEU A 62 3.43 5.02 5.85
C LEU A 62 2.35 5.81 5.07
N MET A 63 1.15 5.22 4.94
CA MET A 63 0.03 5.86 4.21
C MET A 63 -0.58 7.02 5.02
N LYS A 64 -0.45 7.00 6.36
CA LYS A 64 -0.82 8.14 7.24
C LYS A 64 0.14 9.34 7.03
N GLU A 65 1.45 9.06 7.12
CA GLU A 65 2.52 10.08 7.04
C GLU A 65 2.54 10.78 5.66
N PHE A 66 2.35 10.00 4.59
CA PHE A 66 2.39 10.51 3.20
C PHE A 66 0.99 10.77 2.60
N LEU A 67 -0.10 10.52 3.38
CA LEU A 67 -1.52 10.67 2.91
C LEU A 67 -1.77 11.96 2.10
N ASP A 68 -1.41 13.11 2.66
CA ASP A 68 -1.60 14.43 2.01
C ASP A 68 -0.45 14.79 1.04
N LYS A 69 0.68 14.06 1.08
CA LYS A 69 1.77 14.18 0.07
C LYS A 69 1.31 13.54 -1.27
N LYS A 70 0.55 14.33 -2.08
CA LYS A 70 -0.12 13.84 -3.31
C LYS A 70 0.86 13.28 -4.38
N LYS A 71 2.08 13.83 -4.37
CA LYS A 71 3.20 13.45 -5.27
C LYS A 71 3.61 11.95 -5.13
N TYR A 72 3.57 11.42 -3.88
CA TYR A 72 3.92 9.98 -3.61
C TYR A 72 2.75 9.02 -3.93
N HIS A 73 1.61 9.55 -4.38
CA HIS A 73 0.43 8.74 -4.77
C HIS A 73 0.41 8.40 -6.26
N ASN A 74 1.25 9.08 -7.03
CA ASN A 74 1.64 8.62 -8.38
C ASN A 74 2.70 7.49 -8.32
N ASP A 75 3.41 7.42 -7.17
CA ASP A 75 4.55 6.53 -6.98
C ASP A 75 4.10 5.05 -6.82
N PRO A 76 4.48 4.14 -7.79
CA PRO A 76 4.06 2.71 -7.77
C PRO A 76 4.68 1.90 -6.60
N ARG A 77 5.75 2.43 -5.96
CA ARG A 77 6.41 1.76 -4.81
C ARG A 77 5.56 1.93 -3.55
N PHE A 78 5.14 3.17 -3.27
CA PHE A 78 4.25 3.53 -2.15
C PHE A 78 2.88 2.83 -2.30
N ILE A 79 2.31 2.87 -3.52
CA ILE A 79 1.07 2.12 -3.87
C ILE A 79 1.25 0.61 -3.63
N SER A 80 2.42 0.07 -4.03
CA SER A 80 2.78 -1.35 -3.80
C SER A 80 2.79 -1.72 -2.30
N TYR A 81 3.14 -0.74 -1.42
CA TYR A 81 3.13 -0.94 0.04
C TYR A 81 1.71 -0.86 0.64
N CYS A 82 0.81 -0.10 0.01
CA CYS A 82 -0.63 -0.14 0.35
C CYS A 82 -1.27 -1.47 -0.08
N LEU A 83 -0.84 -2.00 -1.26
CA LEU A 83 -1.28 -3.34 -1.76
C LEU A 83 -0.70 -4.46 -0.86
N LYS A 84 0.54 -4.24 -0.39
CA LYS A 84 1.24 -5.12 0.57
C LYS A 84 0.51 -5.13 1.93
N PHE A 85 0.07 -3.95 2.38
CA PHE A 85 -0.73 -3.80 3.62
C PHE A 85 -2.13 -4.44 3.47
N ALA A 86 -2.67 -4.37 2.24
CA ALA A 86 -4.03 -4.84 1.90
C ALA A 86 -4.24 -6.35 2.15
N GLU A 87 -3.25 -7.18 1.79
CA GLU A 87 -3.34 -8.66 1.97
C GLU A 87 -3.39 -9.08 3.47
N TYR A 88 -3.06 -8.14 4.39
CA TYR A 88 -3.16 -8.34 5.85
C TYR A 88 -4.51 -7.82 6.41
N ASN A 89 -5.46 -7.47 5.50
CA ASN A 89 -6.80 -6.95 5.85
C ASN A 89 -7.92 -7.65 5.03
N SER A 90 -9.12 -7.78 5.64
CA SER A 90 -10.34 -8.30 4.96
C SER A 90 -11.28 -7.15 4.53
N ASP A 91 -11.10 -5.95 5.13
CA ASP A 91 -11.94 -4.75 4.87
C ASP A 91 -11.45 -3.94 3.63
N LEU A 92 -11.10 -4.66 2.54
CA LEU A 92 -10.44 -4.08 1.34
C LEU A 92 -11.34 -3.15 0.52
N HIS A 93 -12.62 -3.49 0.34
CA HIS A 93 -13.58 -2.60 -0.35
C HIS A 93 -13.71 -1.22 0.36
N GLN A 94 -13.47 -1.18 1.69
CA GLN A 94 -13.40 0.08 2.45
C GLN A 94 -11.99 0.73 2.32
N PHE A 95 -10.94 -0.11 2.43
CA PHE A 95 -9.52 0.34 2.39
C PHE A 95 -9.15 1.04 1.07
N PHE A 96 -9.27 0.32 -0.06
CA PHE A 96 -9.00 0.86 -1.41
C PHE A 96 -9.95 2.02 -1.78
N GLU A 97 -11.17 2.04 -1.19
CA GLU A 97 -12.12 3.16 -1.36
C GLU A 97 -11.60 4.43 -0.67
N PHE A 98 -11.12 4.28 0.58
CA PHE A 98 -10.47 5.36 1.36
C PHE A 98 -9.29 5.99 0.57
N LEU A 99 -8.47 5.12 -0.03
CA LEU A 99 -7.37 5.51 -0.90
C LEU A 99 -7.90 6.36 -2.09
N TYR A 100 -8.89 5.82 -2.83
CA TYR A 100 -9.49 6.50 -3.98
C TYR A 100 -10.12 7.88 -3.61
N ASN A 101 -10.77 7.93 -2.44
CA ASN A 101 -11.46 9.14 -1.93
C ASN A 101 -10.46 10.28 -1.61
N HIS A 102 -9.28 9.93 -1.05
CA HIS A 102 -8.22 10.94 -0.79
C HIS A 102 -7.31 11.16 -2.06
N GLY A 103 -7.59 10.44 -3.15
CA GLY A 103 -6.78 10.56 -4.39
C GLY A 103 -5.48 9.75 -4.40
N ILE A 104 -5.35 8.81 -3.45
CA ILE A 104 -4.18 7.91 -3.37
C ILE A 104 -4.25 6.88 -4.53
N GLY A 105 -3.21 6.86 -5.40
CA GLY A 105 -3.09 5.85 -6.45
C GLY A 105 -4.09 6.00 -7.61
N THR A 106 -4.68 7.19 -7.77
CA THR A 106 -5.64 7.47 -8.86
C THR A 106 -4.95 7.57 -10.24
N LEU A 107 -3.62 7.81 -10.24
CA LEU A 107 -2.77 7.72 -11.45
C LEU A 107 -1.97 6.40 -11.48
N SER A 108 -2.32 5.43 -10.62
CA SER A 108 -1.63 4.11 -10.55
C SER A 108 -2.62 2.95 -10.86
N SER A 109 -2.43 2.30 -12.02
CA SER A 109 -3.21 1.10 -12.45
C SER A 109 -3.23 -0.06 -11.39
N PRO A 110 -2.04 -0.53 -10.83
CA PRO A 110 -1.99 -1.67 -9.85
C PRO A 110 -2.98 -1.56 -8.66
N LEU A 111 -3.35 -0.32 -8.28
CA LEU A 111 -4.34 -0.07 -7.21
C LEU A 111 -5.74 -0.62 -7.60
N TYR A 112 -6.23 -0.16 -8.77
CA TYR A 112 -7.56 -0.56 -9.32
C TYR A 112 -7.60 -2.06 -9.66
N ILE A 113 -6.47 -2.58 -10.16
CA ILE A 113 -6.29 -4.02 -10.48
C ILE A 113 -6.44 -4.91 -9.22
N ALA A 114 -5.84 -4.47 -8.10
CA ALA A 114 -5.93 -5.19 -6.80
C ALA A 114 -7.34 -5.06 -6.17
N TRP A 115 -7.93 -3.86 -6.28
CA TRP A 115 -9.28 -3.56 -5.77
C TRP A 115 -10.34 -4.44 -6.47
N ALA A 116 -10.44 -4.31 -7.80
CA ALA A 116 -11.36 -5.09 -8.66
C ALA A 116 -11.08 -6.62 -8.60
N GLY A 117 -9.79 -6.98 -8.48
CA GLY A 117 -9.37 -8.38 -8.29
C GLY A 117 -9.97 -9.02 -7.04
N HIS A 118 -10.00 -8.25 -5.94
CA HIS A 118 -10.65 -8.66 -4.68
C HIS A 118 -12.19 -8.72 -4.83
N LEU A 119 -12.78 -7.64 -5.39
CA LEU A 119 -14.24 -7.45 -5.47
C LEU A 119 -14.95 -8.61 -6.22
N GLU A 120 -14.40 -8.98 -7.40
CA GLU A 120 -14.91 -10.13 -8.21
C GLU A 120 -15.04 -11.43 -7.37
N ALA A 121 -13.97 -11.76 -6.62
CA ALA A 121 -13.91 -12.97 -5.78
C ALA A 121 -14.98 -12.96 -4.66
N GLN A 122 -15.41 -11.74 -4.26
CA GLN A 122 -16.49 -11.55 -3.26
C GLN A 122 -17.89 -11.50 -3.95
N GLY A 123 -17.92 -11.20 -5.27
CA GLY A 123 -19.19 -11.15 -6.04
C GLY A 123 -19.65 -9.72 -6.35
N GLU A 124 -18.74 -8.76 -6.18
CA GLU A 124 -18.97 -7.33 -6.49
C GLU A 124 -18.51 -6.99 -7.93
N LEU A 125 -18.90 -7.87 -8.89
CA LEU A 125 -18.51 -7.78 -10.33
C LEU A 125 -18.81 -6.42 -10.97
N GLN A 126 -20.06 -5.95 -10.86
CA GLN A 126 -20.52 -4.71 -11.55
C GLN A 126 -19.84 -3.44 -10.96
N HIS A 127 -19.46 -3.49 -9.66
CA HIS A 127 -18.71 -2.38 -9.02
C HIS A 127 -17.20 -2.46 -9.37
N ALA A 128 -16.65 -3.67 -9.46
CA ALA A 128 -15.23 -3.92 -9.79
C ALA A 128 -14.86 -3.50 -11.22
N SER A 129 -15.76 -3.77 -12.17
CA SER A 129 -15.68 -3.23 -13.54
C SER A 129 -15.84 -1.69 -13.52
N ALA A 130 -16.76 -1.20 -12.66
CA ALA A 130 -16.95 0.25 -12.41
C ALA A 130 -15.70 0.89 -11.74
N VAL A 131 -14.82 0.05 -11.13
CA VAL A 131 -13.51 0.47 -10.59
C VAL A 131 -12.42 0.54 -11.69
N LEU A 132 -12.35 -0.49 -12.55
CA LEU A 132 -11.36 -0.56 -13.66
C LEU A 132 -11.54 0.59 -14.68
N GLN A 133 -12.82 0.95 -14.94
CA GLN A 133 -13.14 2.11 -15.83
C GLN A 133 -12.75 3.46 -15.17
N ARG A 134 -12.73 3.52 -13.81
CA ARG A 134 -12.24 4.72 -13.08
C ARG A 134 -10.77 4.97 -13.41
N GLY A 135 -9.94 3.91 -13.33
CA GLY A 135 -8.52 4.01 -13.68
C GLY A 135 -8.27 4.53 -15.11
N ILE A 136 -9.03 3.99 -16.06
CA ILE A 136 -9.00 4.43 -17.46
C ILE A 136 -9.29 5.96 -17.60
N GLN A 137 -10.44 6.40 -17.10
CA GLN A 137 -10.91 7.82 -17.24
C GLN A 137 -10.06 8.81 -16.39
N ASN A 138 -9.48 8.31 -15.27
CA ASN A 138 -8.58 9.10 -14.38
C ASN A 138 -7.14 9.15 -14.92
N GLN A 139 -6.88 8.45 -16.06
CA GLN A 139 -5.59 8.45 -16.79
C GLN A 139 -4.49 7.64 -16.06
N ALA A 140 -4.93 6.74 -15.16
CA ALA A 140 -4.04 5.85 -14.39
C ALA A 140 -3.26 4.88 -15.31
N GLU A 141 -1.93 5.03 -15.32
CA GLU A 141 -1.03 4.18 -16.13
C GLU A 141 -0.42 3.04 -15.27
N PRO A 142 -0.11 1.82 -15.86
CA PRO A 142 -0.38 1.44 -17.30
C PRO A 142 -1.89 1.41 -17.72
N ARG A 143 -2.23 2.32 -18.68
CA ARG A 143 -3.60 2.54 -19.20
C ARG A 143 -4.17 1.32 -19.96
N GLU A 144 -3.44 0.87 -21.01
CA GLU A 144 -3.85 -0.27 -21.86
C GLU A 144 -3.96 -1.58 -21.05
N PHE A 145 -3.15 -1.69 -19.97
CA PHE A 145 -3.24 -2.79 -19.00
C PHE A 145 -4.59 -2.77 -18.25
N LEU A 146 -5.06 -1.58 -17.85
CA LEU A 146 -6.39 -1.39 -17.20
C LEU A 146 -7.53 -1.78 -18.16
N GLN A 147 -7.38 -1.40 -19.44
CA GLN A 147 -8.39 -1.64 -20.48
C GLN A 147 -8.47 -3.14 -20.89
N GLN A 148 -7.30 -3.83 -20.94
CA GLN A 148 -7.25 -5.27 -21.25
C GLN A 148 -7.81 -6.09 -20.06
N GLN A 149 -7.51 -5.67 -18.81
CA GLN A 149 -8.05 -6.31 -17.60
C GLN A 149 -9.57 -6.01 -17.44
N TYR A 150 -10.01 -4.84 -17.95
CA TYR A 150 -11.43 -4.45 -17.99
C TYR A 150 -12.24 -5.38 -18.91
N ARG A 151 -11.79 -5.55 -20.17
CA ARG A 151 -12.50 -6.40 -21.18
C ARG A 151 -12.47 -7.91 -20.80
N LEU A 152 -11.34 -8.37 -20.21
CA LEU A 152 -11.23 -9.76 -19.71
C LEU A 152 -12.14 -9.95 -18.47
N PHE A 153 -12.29 -8.89 -17.67
CA PHE A 153 -13.28 -8.85 -16.58
C PHE A 153 -14.73 -8.92 -17.14
N GLN A 154 -14.98 -8.24 -18.28
CA GLN A 154 -16.32 -8.21 -18.93
C GLN A 154 -16.73 -9.60 -19.45
N THR A 155 -15.76 -10.35 -20.02
CA THR A 155 -16.03 -11.71 -20.55
C THR A 155 -16.32 -12.71 -19.39
N ARG A 156 -15.94 -12.34 -18.15
CA ARG A 156 -16.30 -13.08 -16.93
C ARG A 156 -17.75 -12.78 -16.49
N LEU A 157 -18.04 -11.49 -16.19
CA LEU A 157 -19.35 -11.06 -15.63
C LEU A 157 -20.56 -11.37 -16.56
N THR A 158 -20.34 -11.38 -17.90
CA THR A 158 -21.42 -11.75 -18.88
C THR A 158 -21.80 -13.24 -18.77
N GLU A 159 -20.87 -14.07 -18.26
CA GLU A 159 -21.07 -15.53 -18.06
C GLU A 159 -21.42 -15.89 -16.59
N THR A 160 -21.35 -14.90 -15.67
CA THR A 160 -21.76 -15.09 -14.25
C THR A 160 -22.57 -13.86 -13.72
N MET A 1 18.50 -7.73 32.93
CA MET A 1 19.59 -7.09 33.73
C MET A 1 20.97 -7.78 33.50
N GLY A 2 21.01 -9.12 33.66
CA GLY A 2 22.27 -9.90 33.59
C GLY A 2 23.32 -9.47 34.63
N HIS A 3 24.58 -9.85 34.40
CA HIS A 3 25.74 -9.36 35.21
C HIS A 3 26.26 -8.04 34.57
N HIS A 4 25.41 -6.98 34.69
CA HIS A 4 25.62 -5.65 34.05
C HIS A 4 25.88 -5.78 32.52
N HIS A 5 24.88 -6.31 31.80
CA HIS A 5 24.89 -6.41 30.32
C HIS A 5 23.48 -6.18 29.77
N HIS A 6 23.33 -5.18 28.88
CA HIS A 6 22.05 -4.86 28.24
C HIS A 6 21.66 -5.99 27.24
N HIS A 7 20.37 -6.37 27.27
CA HIS A 7 19.80 -7.47 26.44
C HIS A 7 19.95 -7.19 24.92
N HIS A 8 20.27 -8.24 24.15
CA HIS A 8 20.45 -8.16 22.68
C HIS A 8 19.09 -8.20 21.94
N SER A 9 19.15 -8.06 20.59
CA SER A 9 17.94 -8.00 19.73
C SER A 9 17.37 -9.41 19.46
N HIS A 10 16.63 -9.97 20.44
CA HIS A 10 15.93 -11.27 20.29
C HIS A 10 14.58 -11.07 19.57
N MET A 11 13.89 -9.97 19.93
CA MET A 11 12.65 -9.50 19.28
C MET A 11 12.20 -8.16 19.94
N ASP A 12 12.21 -7.05 19.17
CA ASP A 12 11.79 -5.72 19.67
C ASP A 12 10.27 -5.50 19.55
N THR A 13 9.81 -4.28 19.88
CA THR A 13 8.41 -3.84 19.65
C THR A 13 8.34 -2.96 18.36
N PRO A 14 7.22 -3.04 17.55
CA PRO A 14 7.05 -2.21 16.32
C PRO A 14 7.12 -0.69 16.62
N GLU A 15 6.68 -0.34 17.86
CA GLU A 15 6.74 1.02 18.41
C GLU A 15 8.14 1.67 18.26
N ASN A 16 9.19 1.01 18.80
CA ASN A 16 10.58 1.54 18.77
C ASN A 16 11.15 1.55 17.32
N VAL A 17 10.92 0.44 16.58
CA VAL A 17 11.35 0.30 15.16
C VAL A 17 10.83 1.49 14.29
N LEU A 18 9.56 1.82 14.47
CA LEU A 18 8.88 2.93 13.75
C LEU A 18 9.41 4.31 14.19
N GLN A 19 9.53 4.53 15.50
CA GLN A 19 10.05 5.80 16.06
C GLN A 19 11.51 6.08 15.62
N MET A 20 12.26 5.01 15.24
CA MET A 20 13.61 5.15 14.66
C MET A 20 13.61 5.96 13.33
N LEU A 21 12.74 5.58 12.35
CA LEU A 21 12.65 6.35 11.07
C LEU A 21 12.00 7.73 11.28
N GLU A 22 11.13 7.85 12.30
CA GLU A 22 10.51 9.13 12.69
C GLU A 22 11.56 10.10 13.30
N ALA A 23 12.59 9.53 13.95
CA ALA A 23 13.77 10.29 14.42
C ALA A 23 14.55 10.90 13.23
N HIS A 24 14.51 10.21 12.07
CA HIS A 24 14.99 10.75 10.78
C HIS A 24 13.99 11.78 10.21
N MET A 25 12.67 11.53 10.35
CA MET A 25 11.59 12.44 9.84
C MET A 25 11.57 13.80 10.56
N GLN A 26 12.20 13.88 11.75
CA GLN A 26 12.42 15.14 12.48
C GLN A 26 13.10 16.26 11.62
N SER A 27 13.95 15.86 10.65
CA SER A 27 14.57 16.80 9.67
C SER A 27 14.35 16.31 8.22
N TYR A 28 14.66 15.01 8.00
CA TYR A 28 14.69 14.28 6.69
C TYR A 28 15.14 15.14 5.48
N LYS A 29 16.40 14.95 5.01
CA LYS A 29 17.00 15.78 3.93
C LYS A 29 17.62 14.91 2.81
N GLY A 30 17.91 15.54 1.65
CA GLY A 30 18.52 14.86 0.49
C GLY A 30 17.54 14.02 -0.32
N ASN A 31 17.57 12.68 -0.11
CA ASN A 31 16.73 11.70 -0.86
C ASN A 31 15.25 11.70 -0.34
N ASP A 32 14.33 11.10 -1.14
CA ASP A 32 12.89 10.96 -0.80
C ASP A 32 12.66 10.30 0.59
N PRO A 33 11.78 10.89 1.47
CA PRO A 33 11.45 10.31 2.81
C PRO A 33 10.94 8.84 2.75
N LEU A 34 10.27 8.46 1.63
CA LEU A 34 9.85 7.06 1.39
C LEU A 34 11.06 6.11 1.39
N GLY A 35 12.20 6.59 0.83
CA GLY A 35 13.47 5.84 0.87
C GLY A 35 13.88 5.37 2.28
N GLU A 36 13.63 6.23 3.29
CA GLU A 36 13.87 5.91 4.72
C GLU A 36 12.88 4.85 5.25
N TRP A 37 11.60 4.98 4.84
CA TRP A 37 10.54 3.98 5.15
C TRP A 37 10.89 2.58 4.58
N GLU A 38 11.31 2.56 3.30
CA GLU A 38 11.60 1.32 2.55
C GLU A 38 12.72 0.50 3.20
N ARG A 39 13.69 1.19 3.84
CA ARG A 39 14.75 0.56 4.68
C ARG A 39 14.13 -0.35 5.75
N TYR A 40 13.06 0.14 6.39
CA TYR A 40 12.38 -0.53 7.52
C TYR A 40 11.36 -1.58 7.05
N ILE A 41 10.68 -1.33 5.91
CA ILE A 41 9.76 -2.33 5.30
C ILE A 41 10.54 -3.61 4.91
N GLN A 42 11.73 -3.46 4.30
CA GLN A 42 12.60 -4.63 3.99
C GLN A 42 13.30 -5.16 5.28
N TRP A 43 13.61 -4.26 6.24
CA TRP A 43 14.32 -4.64 7.50
C TRP A 43 13.47 -5.64 8.32
N VAL A 44 12.19 -5.32 8.51
CA VAL A 44 11.25 -6.23 9.21
C VAL A 44 11.04 -7.54 8.43
N GLU A 45 11.11 -7.51 7.10
CA GLU A 45 10.95 -8.71 6.27
C GLU A 45 12.16 -9.68 6.40
N GLU A 46 13.38 -9.13 6.51
CA GLU A 46 14.63 -9.93 6.66
C GLU A 46 14.88 -10.36 8.14
N ASN A 47 14.54 -9.50 9.11
CA ASN A 47 14.73 -9.77 10.57
C ASN A 47 13.54 -10.53 11.20
N PHE A 48 12.31 -10.20 10.77
CA PHE A 48 11.04 -10.76 11.35
C PHE A 48 10.08 -11.28 10.24
N PRO A 49 10.49 -12.30 9.39
CA PRO A 49 9.66 -12.78 8.23
C PRO A 49 8.23 -13.28 8.63
N GLU A 50 8.14 -14.02 9.74
CA GLU A 50 6.86 -14.57 10.25
C GLU A 50 6.04 -13.50 11.02
N ASN A 51 6.73 -12.45 11.53
CA ASN A 51 6.10 -11.41 12.38
C ASN A 51 5.61 -10.22 11.51
N LYS A 52 4.41 -10.37 10.92
CA LYS A 52 3.81 -9.36 10.03
C LYS A 52 3.27 -8.13 10.79
N GLU A 53 2.88 -8.30 12.07
CA GLU A 53 2.33 -7.18 12.91
C GLU A 53 3.27 -5.94 12.92
N TYR A 54 4.60 -6.19 12.86
CA TYR A 54 5.62 -5.12 12.76
C TYR A 54 5.53 -4.41 11.40
N LEU A 55 5.69 -5.19 10.31
CA LEU A 55 5.61 -4.71 8.91
C LEU A 55 4.35 -3.85 8.66
N ILE A 56 3.20 -4.40 9.08
CA ILE A 56 1.88 -3.78 8.93
C ILE A 56 1.79 -2.44 9.71
N THR A 57 2.45 -2.35 10.89
CA THR A 57 2.58 -1.09 11.67
C THR A 57 3.28 0.01 10.85
N LEU A 58 4.39 -0.37 10.18
CA LEU A 58 5.16 0.54 9.30
C LEU A 58 4.34 0.93 8.04
N LEU A 59 3.56 -0.02 7.50
CA LEU A 59 2.76 0.17 6.26
C LEU A 59 1.54 1.12 6.47
N GLU A 60 0.76 0.89 7.55
CA GLU A 60 -0.40 1.74 7.90
C GLU A 60 0.05 3.17 8.30
N HIS A 61 1.18 3.28 9.02
CA HIS A 61 1.73 4.60 9.44
C HIS A 61 2.34 5.36 8.23
N LEU A 62 2.79 4.59 7.23
CA LEU A 62 3.32 5.11 5.95
C LEU A 62 2.26 5.94 5.19
N MET A 63 1.05 5.37 5.04
CA MET A 63 -0.05 6.04 4.33
C MET A 63 -0.64 7.22 5.14
N LYS A 64 -0.42 7.24 6.47
CA LYS A 64 -0.75 8.42 7.32
C LYS A 64 0.29 9.55 7.11
N GLU A 65 1.59 9.16 7.06
CA GLU A 65 2.73 10.08 6.90
C GLU A 65 2.66 10.88 5.59
N PHE A 66 2.38 10.16 4.49
CA PHE A 66 2.32 10.75 3.12
C PHE A 66 0.88 11.03 2.63
N LEU A 67 -0.10 10.88 3.53
CA LEU A 67 -1.51 11.20 3.24
C LEU A 67 -1.69 12.67 2.75
N ASP A 68 -1.29 13.65 3.59
CA ASP A 68 -1.37 15.09 3.26
C ASP A 68 -0.14 15.51 2.40
N LYS A 69 0.92 14.65 2.36
CA LYS A 69 2.08 14.86 1.47
C LYS A 69 1.71 14.36 0.06
N LYS A 70 1.02 15.25 -0.69
CA LYS A 70 0.28 14.92 -1.91
C LYS A 70 1.17 14.51 -3.11
N LYS A 71 2.50 14.71 -3.00
CA LYS A 71 3.46 14.28 -4.03
C LYS A 71 3.56 12.73 -4.15
N TYR A 72 3.12 12.02 -3.08
CA TYR A 72 3.07 10.54 -3.07
C TYR A 72 1.70 9.99 -3.50
N HIS A 73 0.75 10.87 -3.90
CA HIS A 73 -0.59 10.45 -4.34
C HIS A 73 -0.54 9.38 -5.45
N ASN A 74 0.27 9.60 -6.47
CA ASN A 74 0.34 8.71 -7.66
C ASN A 74 1.72 8.07 -7.82
N ASP A 75 2.47 7.98 -6.69
CA ASP A 75 3.80 7.36 -6.66
C ASP A 75 3.69 5.81 -6.68
N PRO A 76 4.20 5.12 -7.78
CA PRO A 76 4.02 3.66 -7.94
C PRO A 76 4.56 2.82 -6.75
N ARG A 77 5.67 3.28 -6.12
CA ARG A 77 6.26 2.59 -4.95
C ARG A 77 5.37 2.71 -3.70
N PHE A 78 4.92 3.94 -3.40
CA PHE A 78 4.02 4.23 -2.24
C PHE A 78 2.70 3.40 -2.35
N ILE A 79 2.08 3.42 -3.54
CA ILE A 79 0.86 2.62 -3.85
C ILE A 79 1.15 1.11 -3.73
N SER A 80 2.34 0.67 -4.20
CA SER A 80 2.78 -0.75 -4.11
C SER A 80 2.80 -1.26 -2.65
N TYR A 81 3.16 -0.37 -1.70
CA TYR A 81 3.16 -0.70 -0.25
C TYR A 81 1.75 -0.69 0.35
N CYS A 82 0.83 0.09 -0.24
CA CYS A 82 -0.61 0.03 0.09
C CYS A 82 -1.22 -1.32 -0.38
N LEU A 83 -0.71 -1.87 -1.51
CA LEU A 83 -1.12 -3.21 -2.04
C LEU A 83 -0.53 -4.34 -1.16
N LYS A 84 0.77 -4.20 -0.85
CA LYS A 84 1.52 -5.08 0.08
C LYS A 84 0.78 -5.15 1.44
N PHE A 85 0.32 -4.00 1.92
CA PHE A 85 -0.50 -3.88 3.14
C PHE A 85 -1.91 -4.48 2.96
N ALA A 86 -2.49 -4.29 1.77
CA ALA A 86 -3.88 -4.70 1.45
C ALA A 86 -4.16 -6.19 1.70
N GLU A 87 -3.25 -7.05 1.24
CA GLU A 87 -3.40 -8.52 1.41
C GLU A 87 -3.41 -8.96 2.91
N TYR A 88 -2.93 -8.07 3.81
CA TYR A 88 -2.92 -8.30 5.28
C TYR A 88 -4.22 -7.80 5.96
N ASN A 89 -5.18 -7.32 5.16
CA ASN A 89 -6.49 -6.81 5.64
C ASN A 89 -7.65 -7.43 4.83
N SER A 90 -8.85 -7.48 5.45
CA SER A 90 -10.07 -8.09 4.84
C SER A 90 -11.05 -7.02 4.30
N ASP A 91 -10.96 -5.80 4.87
CA ASP A 91 -11.91 -4.68 4.62
C ASP A 91 -11.49 -3.80 3.40
N LEU A 92 -11.04 -4.44 2.33
CA LEU A 92 -10.38 -3.75 1.20
C LEU A 92 -11.31 -2.86 0.34
N HIS A 93 -12.65 -3.14 0.29
CA HIS A 93 -13.59 -2.20 -0.38
C HIS A 93 -13.71 -0.86 0.39
N GLN A 94 -13.37 -0.88 1.69
CA GLN A 94 -13.29 0.34 2.54
C GLN A 94 -11.90 1.01 2.42
N PHE A 95 -10.85 0.16 2.54
CA PHE A 95 -9.43 0.60 2.48
C PHE A 95 -9.07 1.30 1.14
N PHE A 96 -9.25 0.59 0.02
CA PHE A 96 -8.97 1.14 -1.32
C PHE A 96 -9.89 2.32 -1.70
N GLU A 97 -11.12 2.35 -1.15
CA GLU A 97 -12.06 3.47 -1.34
C GLU A 97 -11.52 4.76 -0.69
N PHE A 98 -10.97 4.61 0.54
CA PHE A 98 -10.26 5.67 1.25
C PHE A 98 -9.08 6.22 0.40
N LEU A 99 -8.26 5.29 -0.15
CA LEU A 99 -7.11 5.64 -1.00
C LEU A 99 -7.54 6.48 -2.24
N TYR A 100 -8.39 5.88 -3.10
CA TYR A 100 -8.86 6.50 -4.35
C TYR A 100 -9.52 7.88 -4.12
N ASN A 101 -10.42 7.95 -3.12
CA ASN A 101 -11.15 9.19 -2.80
C ASN A 101 -10.24 10.26 -2.14
N HIS A 102 -9.10 9.85 -1.53
CA HIS A 102 -8.11 10.81 -1.00
C HIS A 102 -7.08 11.23 -2.10
N GLY A 103 -7.13 10.56 -3.27
CA GLY A 103 -6.21 10.84 -4.39
C GLY A 103 -5.07 9.82 -4.53
N ILE A 104 -4.96 8.90 -3.56
CA ILE A 104 -3.92 7.85 -3.56
C ILE A 104 -4.25 6.77 -4.64
N GLY A 105 -3.41 6.69 -5.68
CA GLY A 105 -3.52 5.67 -6.73
C GLY A 105 -4.40 6.05 -7.92
N THR A 106 -4.79 7.33 -8.06
CA THR A 106 -5.68 7.77 -9.18
C THR A 106 -4.96 7.65 -10.56
N LEU A 107 -3.64 7.90 -10.60
CA LEU A 107 -2.81 7.69 -11.82
C LEU A 107 -1.91 6.42 -11.67
N SER A 108 -2.36 5.48 -10.82
CA SER A 108 -1.66 4.19 -10.62
C SER A 108 -2.64 3.00 -10.86
N SER A 109 -2.49 2.32 -12.02
CA SER A 109 -3.26 1.08 -12.36
C SER A 109 -3.16 -0.04 -11.28
N PRO A 110 -1.94 -0.33 -10.68
CA PRO A 110 -1.78 -1.28 -9.53
C PRO A 110 -2.89 -1.20 -8.43
N LEU A 111 -3.37 0.03 -8.14
CA LEU A 111 -4.46 0.27 -7.16
C LEU A 111 -5.77 -0.45 -7.58
N TYR A 112 -6.22 -0.13 -8.81
CA TYR A 112 -7.51 -0.59 -9.37
C TYR A 112 -7.54 -2.11 -9.59
N ILE A 113 -6.41 -2.66 -10.10
CA ILE A 113 -6.25 -4.11 -10.34
C ILE A 113 -6.40 -4.92 -9.03
N ALA A 114 -5.70 -4.46 -7.97
CA ALA A 114 -5.72 -5.11 -6.64
C ALA A 114 -7.11 -4.99 -5.95
N TRP A 115 -7.75 -3.81 -6.09
CA TRP A 115 -9.10 -3.55 -5.55
C TRP A 115 -10.15 -4.49 -6.22
N ALA A 116 -10.27 -4.35 -7.55
CA ALA A 116 -11.24 -5.09 -8.38
C ALA A 116 -11.10 -6.64 -8.28
N GLY A 117 -9.84 -7.11 -8.25
CA GLY A 117 -9.55 -8.55 -8.04
C GLY A 117 -10.10 -9.09 -6.72
N HIS A 118 -9.93 -8.30 -5.64
CA HIS A 118 -10.49 -8.62 -4.31
C HIS A 118 -12.03 -8.67 -4.36
N LEU A 119 -12.65 -7.64 -4.96
CA LEU A 119 -14.13 -7.50 -5.01
C LEU A 119 -14.80 -8.68 -5.77
N GLU A 120 -14.21 -9.06 -6.91
CA GLU A 120 -14.63 -10.25 -7.70
C GLU A 120 -14.68 -11.54 -6.84
N ALA A 121 -13.60 -11.74 -6.05
CA ALA A 121 -13.48 -12.90 -5.12
C ALA A 121 -14.58 -12.91 -4.04
N GLN A 122 -15.14 -11.72 -3.74
CA GLN A 122 -16.26 -11.56 -2.78
C GLN A 122 -17.64 -11.67 -3.50
N GLY A 123 -17.67 -11.34 -4.80
CA GLY A 123 -18.91 -11.37 -5.61
C GLY A 123 -19.30 -9.98 -6.14
N GLU A 124 -18.56 -8.95 -5.72
CA GLU A 124 -18.74 -7.54 -6.17
C GLU A 124 -18.17 -7.29 -7.59
N LEU A 125 -18.64 -8.08 -8.56
CA LEU A 125 -18.23 -7.99 -9.99
C LEU A 125 -18.59 -6.64 -10.65
N GLN A 126 -19.79 -6.11 -10.41
CA GLN A 126 -20.24 -4.83 -11.01
C GLN A 126 -19.53 -3.62 -10.35
N HIS A 127 -19.26 -3.71 -9.04
CA HIS A 127 -18.51 -2.68 -8.29
C HIS A 127 -17.02 -2.66 -8.73
N ALA A 128 -16.45 -3.84 -8.94
CA ALA A 128 -15.07 -4.03 -9.45
C ALA A 128 -14.90 -3.52 -10.89
N SER A 129 -15.91 -3.76 -11.74
CA SER A 129 -15.99 -3.15 -13.10
C SER A 129 -16.02 -1.61 -13.00
N ALA A 130 -16.82 -1.10 -12.04
CA ALA A 130 -16.95 0.33 -11.74
C ALA A 130 -15.60 0.94 -11.26
N VAL A 131 -14.71 0.10 -10.71
CA VAL A 131 -13.35 0.51 -10.30
C VAL A 131 -12.38 0.58 -11.50
N LEU A 132 -12.36 -0.48 -12.33
CA LEU A 132 -11.42 -0.61 -13.47
C LEU A 132 -11.67 0.48 -14.55
N GLN A 133 -12.96 0.80 -14.80
CA GLN A 133 -13.35 1.89 -15.75
C GLN A 133 -12.83 3.27 -15.27
N ARG A 134 -12.78 3.49 -13.93
CA ARG A 134 -12.23 4.71 -13.32
C ARG A 134 -10.77 4.90 -13.74
N GLY A 135 -9.95 3.86 -13.56
CA GLY A 135 -8.54 3.89 -13.92
C GLY A 135 -8.28 4.18 -15.40
N ILE A 136 -9.09 3.58 -16.27
CA ILE A 136 -9.05 3.83 -17.73
C ILE A 136 -9.27 5.33 -18.06
N GLN A 137 -10.40 5.89 -17.57
CA GLN A 137 -10.76 7.31 -17.85
C GLN A 137 -9.86 8.31 -17.06
N ASN A 138 -9.19 7.83 -15.99
CA ASN A 138 -8.19 8.61 -15.22
C ASN A 138 -6.78 8.53 -15.88
N GLN A 139 -6.61 7.62 -16.87
CA GLN A 139 -5.33 7.38 -17.60
C GLN A 139 -4.25 6.70 -16.70
N ALA A 140 -4.71 6.04 -15.61
CA ALA A 140 -3.85 5.43 -14.58
C ALA A 140 -2.81 4.41 -15.13
N GLU A 141 -1.53 4.70 -14.89
CA GLU A 141 -0.38 3.98 -15.51
C GLU A 141 -0.13 2.59 -14.85
N PRO A 142 0.00 1.47 -15.65
CA PRO A 142 -0.26 1.43 -17.13
C PRO A 142 -1.78 1.30 -17.50
N ARG A 143 -2.27 2.24 -18.34
CA ARG A 143 -3.72 2.34 -18.70
C ARG A 143 -4.17 1.20 -19.65
N GLU A 144 -3.36 0.91 -20.70
CA GLU A 144 -3.67 -0.17 -21.69
C GLU A 144 -3.82 -1.52 -20.96
N PHE A 145 -2.98 -1.74 -19.93
CA PHE A 145 -3.08 -2.90 -19.02
C PHE A 145 -4.44 -2.91 -18.27
N LEU A 146 -4.91 -1.73 -17.85
CA LEU A 146 -6.24 -1.57 -17.19
C LEU A 146 -7.40 -1.89 -18.16
N GLN A 147 -7.21 -1.55 -19.45
CA GLN A 147 -8.23 -1.77 -20.49
C GLN A 147 -8.36 -3.26 -20.88
N GLN A 148 -7.20 -3.95 -21.01
CA GLN A 148 -7.18 -5.40 -21.29
C GLN A 148 -7.71 -6.20 -20.07
N GLN A 149 -7.36 -5.76 -18.84
CA GLN A 149 -7.87 -6.41 -17.60
C GLN A 149 -9.36 -6.10 -17.38
N TYR A 150 -9.83 -4.92 -17.87
CA TYR A 150 -11.27 -4.56 -17.83
C TYR A 150 -12.08 -5.55 -18.70
N ARG A 151 -11.73 -5.66 -19.99
CA ARG A 151 -12.49 -6.49 -20.95
C ARG A 151 -12.45 -8.00 -20.59
N LEU A 152 -11.28 -8.47 -20.08
CA LEU A 152 -11.10 -9.87 -19.62
C LEU A 152 -11.92 -10.12 -18.34
N PHE A 153 -11.98 -9.12 -17.45
CA PHE A 153 -12.87 -9.13 -16.28
C PHE A 153 -14.36 -9.25 -16.69
N GLN A 154 -14.75 -8.50 -17.75
CA GLN A 154 -16.15 -8.47 -18.22
C GLN A 154 -16.57 -9.82 -18.81
N THR A 155 -15.66 -10.46 -19.58
CA THR A 155 -15.98 -11.75 -20.24
C THR A 155 -16.13 -12.89 -19.20
N ARG A 156 -15.59 -12.69 -17.97
CA ARG A 156 -15.80 -13.62 -16.84
C ARG A 156 -17.29 -13.60 -16.39
N LEU A 157 -17.77 -12.38 -16.02
CA LEU A 157 -19.13 -12.20 -15.46
C LEU A 157 -20.26 -12.35 -16.52
N THR A 158 -20.02 -11.87 -17.75
CA THR A 158 -21.06 -11.88 -18.82
C THR A 158 -20.96 -13.13 -19.71
N GLU A 159 -19.70 -13.59 -19.96
CA GLU A 159 -19.37 -14.65 -20.95
C GLU A 159 -19.91 -14.30 -22.36
N THR A 160 -19.12 -13.52 -23.13
CA THR A 160 -19.48 -13.09 -24.50
C THR A 160 -19.17 -14.19 -25.57
N MET A 1 25.87 -3.68 40.28
CA MET A 1 27.02 -3.21 39.45
C MET A 1 26.72 -3.32 37.94
N GLY A 2 25.54 -3.89 37.57
CA GLY A 2 25.13 -4.02 36.16
C GLY A 2 24.76 -5.46 35.79
N HIS A 3 23.51 -5.67 35.37
CA HIS A 3 22.99 -7.00 34.92
C HIS A 3 23.07 -7.14 33.37
N HIS A 4 24.09 -6.51 32.75
CA HIS A 4 24.34 -6.51 31.29
C HIS A 4 23.18 -5.81 30.51
N HIS A 5 23.38 -4.53 30.15
CA HIS A 5 22.40 -3.77 29.33
C HIS A 5 22.42 -4.26 27.86
N HIS A 6 21.26 -4.17 27.20
CA HIS A 6 21.13 -4.42 25.74
C HIS A 6 20.89 -3.09 25.01
N HIS A 7 21.87 -2.69 24.17
CA HIS A 7 21.81 -1.43 23.40
C HIS A 7 20.68 -1.49 22.35
N HIS A 8 19.90 -0.40 22.24
CA HIS A 8 18.72 -0.33 21.34
C HIS A 8 19.08 -0.27 19.83
N SER A 9 20.39 -0.44 19.49
CA SER A 9 20.86 -0.59 18.08
C SER A 9 20.22 -1.83 17.39
N HIS A 10 19.84 -2.84 18.20
CA HIS A 10 18.93 -3.92 17.76
C HIS A 10 17.54 -3.69 18.40
N MET A 11 16.70 -2.89 17.72
CA MET A 11 15.42 -2.40 18.28
C MET A 11 14.34 -3.52 18.31
N ASP A 12 13.62 -3.63 19.44
CA ASP A 12 12.63 -4.72 19.70
C ASP A 12 11.17 -4.30 19.36
N THR A 13 10.60 -3.39 20.18
CA THR A 13 9.19 -2.95 20.07
C THR A 13 8.89 -2.34 18.68
N PRO A 14 7.83 -2.84 17.93
CA PRO A 14 7.52 -2.36 16.54
C PRO A 14 7.25 -0.84 16.47
N GLU A 15 6.70 -0.30 17.58
CA GLU A 15 6.49 1.15 17.76
C GLU A 15 7.83 1.90 17.72
N ASN A 16 8.81 1.44 18.53
CA ASN A 16 10.16 2.04 18.61
C ASN A 16 10.97 1.84 17.30
N VAL A 17 10.84 0.63 16.68
CA VAL A 17 11.42 0.30 15.35
C VAL A 17 11.07 1.40 14.34
N LEU A 18 9.78 1.71 14.28
CA LEU A 18 9.23 2.80 13.47
C LEU A 18 9.70 4.21 13.95
N GLN A 19 9.69 4.45 15.27
CA GLN A 19 10.08 5.76 15.87
C GLN A 19 11.55 6.15 15.55
N MET A 20 12.40 5.14 15.23
CA MET A 20 13.79 5.38 14.78
C MET A 20 13.82 6.24 13.48
N LEU A 21 12.99 5.89 12.46
CA LEU A 21 12.90 6.69 11.21
C LEU A 21 12.11 8.00 11.45
N GLU A 22 11.07 7.95 12.32
CA GLU A 22 10.21 9.13 12.62
C GLU A 22 11.02 10.27 13.23
N ALA A 23 12.03 9.91 14.04
CA ALA A 23 13.00 10.87 14.62
C ALA A 23 13.69 11.73 13.54
N HIS A 24 13.90 11.15 12.34
CA HIS A 24 14.41 11.88 11.16
C HIS A 24 13.27 12.68 10.49
N MET A 25 12.12 11.99 10.24
CA MET A 25 10.96 12.54 9.47
C MET A 25 10.42 13.89 10.01
N GLN A 26 10.50 14.07 11.35
CA GLN A 26 10.10 15.36 12.03
C GLN A 26 10.70 16.61 11.34
N SER A 27 11.98 16.52 10.95
CA SER A 27 12.71 17.63 10.26
C SER A 27 12.87 17.35 8.75
N TYR A 28 13.21 16.11 8.40
CA TYR A 28 13.47 15.67 7.00
C TYR A 28 12.24 15.89 6.08
N LYS A 29 12.28 16.99 5.28
CA LYS A 29 11.16 17.42 4.41
C LYS A 29 11.20 16.69 3.04
N GLY A 30 12.00 17.22 2.08
CA GLY A 30 12.06 16.67 0.71
C GLY A 30 13.14 15.60 0.54
N ASN A 31 13.77 15.59 -0.66
CA ASN A 31 14.93 14.70 -0.97
C ASN A 31 14.59 13.17 -0.89
N ASP A 32 13.28 12.86 -0.90
CA ASP A 32 12.72 11.48 -0.79
C ASP A 32 12.99 10.81 0.60
N PRO A 33 11.99 10.80 1.53
CA PRO A 33 12.05 9.98 2.78
C PRO A 33 11.57 8.51 2.59
N LEU A 34 10.87 8.22 1.47
CA LEU A 34 10.30 6.87 1.18
C LEU A 34 11.38 5.77 1.21
N GLY A 35 12.57 6.11 0.68
CA GLY A 35 13.73 5.21 0.70
C GLY A 35 14.09 4.70 2.10
N GLU A 36 14.11 5.63 3.09
CA GLU A 36 14.42 5.30 4.51
C GLU A 36 13.35 4.37 5.10
N TRP A 37 12.06 4.64 4.80
CA TRP A 37 10.93 3.76 5.17
C TRP A 37 11.18 2.31 4.69
N GLU A 38 11.54 2.17 3.40
CA GLU A 38 11.79 0.85 2.75
C GLU A 38 12.97 0.08 3.39
N ARG A 39 13.98 0.82 3.90
CA ARG A 39 15.12 0.22 4.64
C ARG A 39 14.64 -0.46 5.94
N TYR A 40 13.54 0.05 6.52
CA TYR A 40 12.89 -0.56 7.70
C TYR A 40 11.92 -1.69 7.30
N ILE A 41 11.27 -1.57 6.13
CA ILE A 41 10.42 -2.65 5.57
C ILE A 41 11.25 -3.95 5.36
N GLN A 42 12.49 -3.84 4.83
CA GLN A 42 13.39 -5.01 4.68
C GLN A 42 13.98 -5.46 6.04
N TRP A 43 14.30 -4.47 6.91
CA TRP A 43 14.95 -4.70 8.22
C TRP A 43 14.04 -5.54 9.14
N VAL A 44 12.75 -5.21 9.15
CA VAL A 44 11.75 -5.92 9.98
C VAL A 44 11.44 -7.33 9.41
N GLU A 45 11.70 -7.56 8.11
CA GLU A 45 11.52 -8.88 7.47
C GLU A 45 12.71 -9.83 7.78
N GLU A 46 13.94 -9.28 7.81
CA GLU A 46 15.17 -10.06 8.10
C GLU A 46 15.35 -10.32 9.63
N ASN A 47 15.00 -9.32 10.47
CA ASN A 47 15.11 -9.43 11.95
C ASN A 47 13.84 -10.01 12.59
N PHE A 48 12.66 -9.82 11.97
CA PHE A 48 11.36 -10.34 12.51
C PHE A 48 10.53 -11.05 11.37
N PRO A 49 11.02 -12.20 10.78
CA PRO A 49 10.32 -12.89 9.66
C PRO A 49 8.90 -13.41 10.02
N GLU A 50 8.75 -14.00 11.22
CA GLU A 50 7.46 -14.56 11.70
C GLU A 50 6.60 -13.52 12.47
N ASN A 51 7.13 -12.29 12.64
CA ASN A 51 6.37 -11.17 13.25
C ASN A 51 5.89 -10.20 12.15
N LYS A 52 4.65 -10.44 11.64
CA LYS A 52 4.08 -9.65 10.53
C LYS A 52 3.46 -8.32 10.98
N GLU A 53 2.83 -8.29 12.18
CA GLU A 53 2.18 -7.05 12.71
C GLU A 53 3.22 -5.92 12.90
N TYR A 54 4.49 -6.31 13.10
CA TYR A 54 5.66 -5.40 13.06
C TYR A 54 5.79 -4.69 11.69
N LEU A 55 5.86 -5.49 10.59
CA LEU A 55 5.93 -4.97 9.20
C LEU A 55 4.70 -4.08 8.89
N ILE A 56 3.51 -4.56 9.28
CA ILE A 56 2.23 -3.86 9.10
C ILE A 56 2.24 -2.46 9.78
N THR A 57 2.89 -2.37 10.96
CA THR A 57 3.10 -1.09 11.68
C THR A 57 3.86 -0.07 10.78
N LEU A 58 4.90 -0.54 10.08
CA LEU A 58 5.68 0.30 9.14
C LEU A 58 4.86 0.66 7.85
N LEU A 59 3.97 -0.25 7.42
CA LEU A 59 3.17 -0.09 6.17
C LEU A 59 1.98 0.89 6.33
N GLU A 60 1.20 0.71 7.40
CA GLU A 60 0.03 1.57 7.70
C GLU A 60 0.48 3.02 8.03
N HIS A 61 1.58 3.16 8.80
CA HIS A 61 2.14 4.48 9.14
C HIS A 61 2.87 5.12 7.93
N LEU A 62 3.29 4.29 6.95
CA LEU A 62 3.83 4.77 5.67
C LEU A 62 2.75 5.53 4.86
N MET A 63 1.53 4.94 4.81
CA MET A 63 0.41 5.60 4.10
C MET A 63 -0.18 6.76 4.92
N LYS A 64 0.06 6.79 6.26
CA LYS A 64 -0.23 7.99 7.09
C LYS A 64 0.75 9.14 6.75
N GLU A 65 2.04 8.80 6.56
CA GLU A 65 3.12 9.75 6.20
C GLU A 65 2.76 10.52 4.92
N PHE A 66 2.47 9.78 3.84
CA PHE A 66 2.22 10.38 2.50
C PHE A 66 0.72 10.56 2.18
N LEU A 67 -0.16 10.23 3.15
CA LEU A 67 -1.64 10.35 3.00
C LEU A 67 -2.09 11.71 2.46
N ASP A 68 -1.66 12.78 3.11
CA ASP A 68 -2.04 14.16 2.76
C ASP A 68 -0.91 14.84 1.93
N LYS A 69 0.29 14.22 1.90
CA LYS A 69 1.44 14.66 1.07
C LYS A 69 1.20 14.27 -0.40
N LYS A 70 0.55 15.19 -1.15
CA LYS A 70 0.03 14.95 -2.52
C LYS A 70 1.11 14.50 -3.53
N LYS A 71 2.35 14.93 -3.29
CA LYS A 71 3.53 14.60 -4.13
C LYS A 71 3.83 13.07 -4.26
N TYR A 72 3.30 12.22 -3.34
CA TYR A 72 3.47 10.73 -3.41
C TYR A 72 2.15 9.96 -3.72
N HIS A 73 1.02 10.67 -3.92
CA HIS A 73 -0.28 10.00 -4.17
C HIS A 73 -0.28 9.20 -5.47
N ASN A 74 0.44 9.69 -6.48
CA ASN A 74 0.52 9.02 -7.79
C ASN A 74 1.87 8.28 -7.96
N ASP A 75 2.55 8.01 -6.82
CA ASP A 75 3.85 7.31 -6.82
C ASP A 75 3.60 5.77 -6.77
N PRO A 76 3.92 5.01 -7.88
CA PRO A 76 3.61 3.54 -7.96
C PRO A 76 4.37 2.69 -6.91
N ARG A 77 5.48 3.23 -6.36
CA ARG A 77 6.29 2.56 -5.33
C ARG A 77 5.65 2.70 -3.93
N PHE A 78 5.04 3.88 -3.66
CA PHE A 78 4.24 4.11 -2.44
C PHE A 78 2.97 3.24 -2.46
N ILE A 79 2.27 3.24 -3.62
CA ILE A 79 1.08 2.40 -3.86
C ILE A 79 1.41 0.90 -3.74
N SER A 80 2.62 0.50 -4.19
CA SER A 80 3.12 -0.90 -4.07
C SER A 80 3.07 -1.41 -2.62
N TYR A 81 3.42 -0.55 -1.65
CA TYR A 81 3.40 -0.89 -0.21
C TYR A 81 1.99 -0.81 0.40
N CYS A 82 1.08 -0.05 -0.24
CA CYS A 82 -0.36 -0.11 0.08
C CYS A 82 -0.99 -1.44 -0.40
N LEU A 83 -0.52 -1.95 -1.56
CA LEU A 83 -0.92 -3.27 -2.13
C LEU A 83 -0.34 -4.42 -1.28
N LYS A 84 0.90 -4.22 -0.82
CA LYS A 84 1.60 -5.13 0.10
C LYS A 84 0.85 -5.21 1.45
N PHE A 85 0.43 -4.05 1.96
CA PHE A 85 -0.39 -3.93 3.18
C PHE A 85 -1.79 -4.56 2.98
N ALA A 86 -2.33 -4.40 1.76
CA ALA A 86 -3.71 -4.82 1.40
C ALA A 86 -3.97 -6.32 1.65
N GLU A 87 -3.02 -7.18 1.26
CA GLU A 87 -3.18 -8.65 1.42
C GLU A 87 -3.24 -9.10 2.91
N TYR A 88 -2.87 -8.20 3.84
CA TYR A 88 -2.94 -8.45 5.30
C TYR A 88 -4.28 -7.93 5.92
N ASN A 89 -5.21 -7.48 5.05
CA ASN A 89 -6.53 -6.91 5.46
C ASN A 89 -7.68 -7.52 4.61
N SER A 90 -8.82 -7.84 5.26
CA SER A 90 -10.00 -8.45 4.58
C SER A 90 -10.92 -7.37 3.95
N ASP A 91 -11.18 -6.26 4.67
CA ASP A 91 -12.10 -5.18 4.21
C ASP A 91 -11.41 -4.22 3.21
N LEU A 92 -10.88 -4.77 2.10
CA LEU A 92 -10.23 -3.99 1.03
C LEU A 92 -11.22 -3.11 0.24
N HIS A 93 -12.51 -3.49 0.23
CA HIS A 93 -13.59 -2.63 -0.29
C HIS A 93 -13.65 -1.26 0.44
N GLN A 94 -13.28 -1.25 1.75
CA GLN A 94 -13.16 -0.02 2.56
C GLN A 94 -11.77 0.64 2.37
N PHE A 95 -10.70 -0.19 2.40
CA PHE A 95 -9.29 0.26 2.29
C PHE A 95 -9.02 1.06 0.98
N PHE A 96 -9.16 0.38 -0.17
CA PHE A 96 -8.92 1.00 -1.50
C PHE A 96 -9.93 2.13 -1.81
N GLU A 97 -11.15 2.08 -1.22
CA GLU A 97 -12.13 3.17 -1.31
C GLU A 97 -11.56 4.45 -0.67
N PHE A 98 -11.09 4.32 0.58
CA PHE A 98 -10.44 5.40 1.36
C PHE A 98 -9.23 6.01 0.60
N LEU A 99 -8.42 5.14 -0.02
CA LEU A 99 -7.30 5.56 -0.87
C LEU A 99 -7.78 6.45 -2.04
N TYR A 100 -8.67 5.90 -2.89
CA TYR A 100 -9.23 6.61 -4.07
C TYR A 100 -9.97 7.92 -3.67
N ASN A 101 -10.60 7.93 -2.47
CA ASN A 101 -11.30 9.13 -1.92
C ASN A 101 -10.31 10.26 -1.59
N HIS A 102 -9.10 9.92 -1.06
CA HIS A 102 -8.04 10.94 -0.80
C HIS A 102 -7.01 11.00 -1.97
N GLY A 103 -7.40 10.48 -3.15
CA GLY A 103 -6.57 10.58 -4.36
C GLY A 103 -5.33 9.66 -4.41
N ILE A 104 -5.20 8.75 -3.43
CA ILE A 104 -4.09 7.80 -3.38
C ILE A 104 -4.26 6.74 -4.52
N GLY A 105 -3.31 6.74 -5.46
CA GLY A 105 -3.21 5.73 -6.54
C GLY A 105 -4.12 5.94 -7.73
N THR A 106 -4.55 7.19 -7.97
CA THR A 106 -5.47 7.53 -9.08
C THR A 106 -4.79 7.44 -10.46
N LEU A 107 -3.46 7.65 -10.50
CA LEU A 107 -2.64 7.49 -11.73
C LEU A 107 -1.83 6.17 -11.68
N SER A 108 -2.24 5.24 -10.81
CA SER A 108 -1.60 3.91 -10.66
C SER A 108 -2.61 2.77 -10.92
N SER A 109 -2.49 2.14 -12.10
CA SER A 109 -3.33 0.96 -12.50
C SER A 109 -3.29 -0.24 -11.50
N PRO A 110 -2.09 -0.70 -10.97
CA PRO A 110 -2.02 -1.86 -10.02
C PRO A 110 -2.93 -1.70 -8.76
N LEU A 111 -3.28 -0.45 -8.39
CA LEU A 111 -4.24 -0.16 -7.31
C LEU A 111 -5.65 -0.69 -7.67
N TYR A 112 -6.14 -0.25 -8.85
CA TYR A 112 -7.47 -0.63 -9.38
C TYR A 112 -7.58 -2.14 -9.66
N ILE A 113 -6.47 -2.74 -10.13
CA ILE A 113 -6.39 -4.20 -10.41
C ILE A 113 -6.55 -5.04 -9.11
N ALA A 114 -5.85 -4.63 -8.03
CA ALA A 114 -5.94 -5.29 -6.70
C ALA A 114 -7.33 -5.09 -6.05
N TRP A 115 -7.92 -3.91 -6.27
CA TRP A 115 -9.25 -3.55 -5.75
C TRP A 115 -10.36 -4.39 -6.44
N ALA A 116 -10.42 -4.29 -7.78
CA ALA A 116 -11.40 -5.01 -8.61
C ALA A 116 -11.23 -6.55 -8.52
N GLY A 117 -9.97 -7.01 -8.40
CA GLY A 117 -9.65 -8.43 -8.18
C GLY A 117 -10.21 -8.97 -6.87
N HIS A 118 -10.12 -8.15 -5.79
CA HIS A 118 -10.71 -8.47 -4.49
C HIS A 118 -12.25 -8.57 -4.59
N LEU A 119 -12.87 -7.51 -5.14
CA LEU A 119 -14.34 -7.40 -5.26
C LEU A 119 -14.95 -8.57 -6.08
N GLU A 120 -14.27 -8.92 -7.19
CA GLU A 120 -14.62 -10.09 -8.05
C GLU A 120 -14.76 -11.39 -7.22
N ALA A 121 -13.73 -11.67 -6.40
CA ALA A 121 -13.67 -12.87 -5.53
C ALA A 121 -14.81 -12.86 -4.47
N GLN A 122 -15.23 -11.65 -4.05
CA GLN A 122 -16.33 -11.47 -3.06
C GLN A 122 -17.74 -11.48 -3.72
N GLY A 123 -17.78 -11.21 -5.05
CA GLY A 123 -19.05 -11.22 -5.82
C GLY A 123 -19.47 -9.84 -6.34
N GLU A 124 -18.70 -8.81 -5.96
CA GLU A 124 -18.96 -7.40 -6.33
C GLU A 124 -18.32 -7.00 -7.68
N LEU A 125 -18.55 -7.82 -8.73
CA LEU A 125 -18.02 -7.56 -10.10
C LEU A 125 -18.58 -6.26 -10.73
N GLN A 126 -19.73 -5.79 -10.26
CA GLN A 126 -20.40 -4.57 -10.79
C GLN A 126 -19.66 -3.31 -10.31
N HIS A 127 -19.32 -3.26 -9.01
CA HIS A 127 -18.50 -2.17 -8.45
C HIS A 127 -17.02 -2.30 -8.90
N ALA A 128 -16.55 -3.54 -9.08
CA ALA A 128 -15.20 -3.84 -9.58
C ALA A 128 -14.99 -3.36 -11.05
N SER A 129 -16.03 -3.54 -11.89
CA SER A 129 -16.07 -2.95 -13.25
C SER A 129 -16.08 -1.40 -13.16
N ALA A 130 -16.88 -0.90 -12.20
CA ALA A 130 -16.95 0.55 -11.88
C ALA A 130 -15.61 1.10 -11.32
N VAL A 131 -14.73 0.20 -10.83
CA VAL A 131 -13.35 0.55 -10.38
C VAL A 131 -12.37 0.63 -11.57
N LEU A 132 -12.38 -0.39 -12.44
CA LEU A 132 -11.45 -0.49 -13.60
C LEU A 132 -11.67 0.66 -14.62
N GLN A 133 -12.95 1.04 -14.82
CA GLN A 133 -13.31 2.18 -15.69
C GLN A 133 -12.71 3.51 -15.15
N ARG A 134 -12.66 3.66 -13.78
CA ARG A 134 -12.09 4.85 -13.11
C ARG A 134 -10.63 5.07 -13.52
N GLY A 135 -9.82 4.00 -13.45
CA GLY A 135 -8.43 4.08 -13.85
C GLY A 135 -8.21 4.53 -15.30
N ILE A 136 -9.00 3.94 -16.21
CA ILE A 136 -8.98 4.25 -17.65
C ILE A 136 -9.23 5.76 -17.92
N GLN A 137 -10.35 6.28 -17.37
CA GLN A 137 -10.77 7.69 -17.56
C GLN A 137 -9.84 8.69 -16.82
N ASN A 138 -9.33 8.29 -15.62
CA ASN A 138 -8.41 9.13 -14.80
C ASN A 138 -6.97 9.11 -15.37
N GLN A 139 -6.72 8.29 -16.43
CA GLN A 139 -5.42 8.19 -17.16
C GLN A 139 -4.35 7.40 -16.36
N ALA A 140 -4.79 6.54 -15.43
CA ALA A 140 -3.90 5.66 -14.62
C ALA A 140 -3.04 4.73 -15.50
N GLU A 141 -1.71 4.85 -15.37
CA GLU A 141 -0.74 4.07 -16.17
C GLU A 141 -0.38 2.72 -15.48
N PRO A 142 -0.24 1.58 -16.23
CA PRO A 142 -0.56 1.46 -17.69
C PRO A 142 -2.09 1.37 -18.02
N ARG A 143 -2.59 2.35 -18.81
CA ARG A 143 -4.02 2.43 -19.23
C ARG A 143 -4.46 1.19 -20.05
N GLU A 144 -3.62 0.81 -21.04
CA GLU A 144 -3.86 -0.35 -21.93
C GLU A 144 -4.10 -1.65 -21.13
N PHE A 145 -3.31 -1.82 -20.05
CA PHE A 145 -3.46 -2.96 -19.13
C PHE A 145 -4.83 -2.93 -18.42
N LEU A 146 -5.28 -1.73 -18.02
CA LEU A 146 -6.60 -1.53 -17.38
C LEU A 146 -7.75 -1.86 -18.35
N GLN A 147 -7.55 -1.53 -19.64
CA GLN A 147 -8.59 -1.72 -20.69
C GLN A 147 -8.73 -3.20 -21.11
N GLN A 148 -7.59 -3.93 -21.22
CA GLN A 148 -7.61 -5.37 -21.51
C GLN A 148 -8.18 -6.15 -20.30
N GLN A 149 -7.78 -5.76 -19.07
CA GLN A 149 -8.33 -6.37 -17.84
C GLN A 149 -9.80 -5.99 -17.63
N TYR A 150 -10.21 -4.80 -18.13
CA TYR A 150 -11.62 -4.35 -18.12
C TYR A 150 -12.49 -5.29 -18.97
N ARG A 151 -12.15 -5.44 -20.27
CA ARG A 151 -12.95 -6.27 -21.22
C ARG A 151 -12.90 -7.79 -20.86
N LEU A 152 -11.76 -8.26 -20.29
CA LEU A 152 -11.64 -9.65 -19.79
C LEU A 152 -12.53 -9.84 -18.55
N PHE A 153 -12.60 -8.81 -17.71
CA PHE A 153 -13.52 -8.77 -16.56
C PHE A 153 -15.01 -8.79 -17.02
N GLN A 154 -15.31 -8.07 -18.12
CA GLN A 154 -16.68 -7.97 -18.66
C GLN A 154 -17.13 -9.30 -19.28
N THR A 155 -16.19 -10.00 -19.95
CA THR A 155 -16.50 -11.31 -20.58
C THR A 155 -16.73 -12.40 -19.50
N ARG A 156 -16.17 -12.21 -18.29
CA ARG A 156 -16.42 -13.09 -17.14
C ARG A 156 -17.89 -12.94 -16.64
N LEU A 157 -18.27 -11.72 -16.23
CA LEU A 157 -19.62 -11.45 -15.65
C LEU A 157 -20.77 -11.62 -16.67
N THR A 158 -20.51 -11.39 -17.99
CA THR A 158 -21.55 -11.54 -19.05
C THR A 158 -21.80 -13.03 -19.41
N GLU A 159 -20.74 -13.87 -19.34
CA GLU A 159 -20.85 -15.33 -19.58
C GLU A 159 -21.32 -16.08 -18.30
N THR A 160 -21.24 -15.40 -17.13
CA THR A 160 -21.78 -15.95 -15.85
C THR A 160 -23.27 -15.51 -15.66
#